data_2AN7
#
_entry.id   2AN7
#
_entity_poly.entity_id   1
_entity_poly.type   'polypeptide(L)'
_entity_poly.pdbx_seq_one_letter_code
;MSRLTIDMTDQQHQSLKALAALQGKTIKQYALERLFPGDADADQAWQELKTMLGNRINDGLAGKVSTKSVGEILDEELSG
DRA
;
_entity_poly.pdbx_strand_id   A,B
#
# COMPACT_ATOMS: atom_id res chain seq x y z
N MET A 1 28.30 11.56 -3.76
CA MET A 1 26.84 11.43 -3.54
C MET A 1 26.35 10.04 -3.88
N SER A 2 25.67 9.40 -2.93
CA SER A 2 25.16 8.05 -3.15
C SER A 2 23.87 8.08 -3.97
N ARG A 3 24.03 8.33 -5.28
CA ARG A 3 22.89 8.39 -6.19
C ARG A 3 22.68 7.04 -6.88
N LEU A 4 21.51 6.45 -6.68
CA LEU A 4 21.20 5.15 -7.27
C LEU A 4 20.27 5.30 -8.46
N THR A 5 20.56 4.55 -9.52
CA THR A 5 19.74 4.56 -10.72
C THR A 5 18.79 3.37 -10.70
N ILE A 6 17.52 3.60 -10.98
CA ILE A 6 16.54 2.53 -10.96
C ILE A 6 15.71 2.49 -12.24
N ASP A 7 15.46 1.28 -12.73
CA ASP A 7 14.66 1.11 -13.94
C ASP A 7 13.22 0.79 -13.59
N MET A 8 12.31 1.61 -14.09
CA MET A 8 10.88 1.43 -13.83
C MET A 8 10.10 1.45 -15.13
N THR A 9 8.86 0.95 -15.08
CA THR A 9 8.02 0.93 -16.28
C THR A 9 7.32 2.29 -16.45
N ASP A 10 7.21 2.71 -17.70
CA ASP A 10 6.60 4.00 -18.04
C ASP A 10 5.33 4.30 -17.24
N GLN A 11 4.33 3.44 -17.37
CA GLN A 11 3.05 3.64 -16.68
C GLN A 11 3.21 3.70 -15.17
N GLN A 12 3.92 2.73 -14.60
CA GLN A 12 4.11 2.68 -13.15
C GLN A 12 4.92 3.87 -12.64
N HIS A 13 6.06 4.13 -13.28
CA HIS A 13 6.92 5.24 -12.88
C HIS A 13 6.14 6.54 -12.75
N GLN A 14 5.08 6.67 -13.55
CA GLN A 14 4.26 7.87 -13.53
C GLN A 14 3.43 7.93 -12.26
N SER A 15 3.08 6.76 -11.73
CA SER A 15 2.30 6.70 -10.52
C SER A 15 3.06 7.29 -9.34
N LEU A 16 4.31 6.83 -9.17
CA LEU A 16 5.16 7.33 -8.09
C LEU A 16 5.82 8.64 -8.46
N LYS A 17 6.22 8.79 -9.73
CA LYS A 17 6.85 10.02 -10.17
C LYS A 17 5.90 11.20 -10.00
N ALA A 18 4.68 11.04 -10.49
CA ALA A 18 3.67 12.08 -10.39
C ALA A 18 3.33 12.40 -8.94
N LEU A 19 3.25 11.37 -8.10
CA LEU A 19 2.94 11.54 -6.69
C LEU A 19 3.96 12.45 -6.02
N ALA A 20 5.20 12.36 -6.47
CA ALA A 20 6.26 13.18 -5.92
C ALA A 20 5.95 14.67 -6.06
N ALA A 21 5.60 15.06 -7.29
CA ALA A 21 5.27 16.45 -7.59
C ALA A 21 3.91 16.80 -6.98
N LEU A 22 3.01 15.82 -6.98
CA LEU A 22 1.69 16.03 -6.42
C LEU A 22 1.79 16.41 -4.95
N GLN A 23 2.75 15.82 -4.27
CA GLN A 23 2.98 16.09 -2.86
C GLN A 23 3.69 17.42 -2.66
N GLY A 24 4.46 17.84 -3.67
CA GLY A 24 5.16 19.11 -3.59
C GLY A 24 6.67 18.94 -3.64
N LYS A 25 7.13 17.91 -4.33
CA LYS A 25 8.57 17.65 -4.44
C LYS A 25 8.87 16.75 -5.63
N THR A 26 10.14 16.37 -5.78
CA THR A 26 10.55 15.49 -6.86
C THR A 26 10.62 14.05 -6.38
N ILE A 27 10.29 13.10 -7.25
CA ILE A 27 10.29 11.69 -6.86
C ILE A 27 11.64 11.29 -6.27
N LYS A 28 12.70 12.01 -6.65
CA LYS A 28 14.02 11.72 -6.09
C LYS A 28 14.00 11.89 -4.58
N GLN A 29 12.96 12.54 -4.09
CA GLN A 29 12.78 12.78 -2.66
C GLN A 29 11.68 11.87 -2.12
N TYR A 30 10.54 11.89 -2.82
CA TYR A 30 9.39 11.11 -2.42
C TYR A 30 9.67 9.61 -2.52
N ALA A 31 10.17 9.18 -3.67
CA ALA A 31 10.50 7.77 -3.86
C ALA A 31 11.63 7.37 -2.95
N LEU A 32 12.51 8.32 -2.69
CA LEU A 32 13.66 8.10 -1.85
C LEU A 32 13.23 7.69 -0.43
N GLU A 33 12.35 8.47 0.16
CA GLU A 33 11.87 8.20 1.50
C GLU A 33 11.02 6.94 1.53
N ARG A 34 10.38 6.64 0.40
CA ARG A 34 9.53 5.46 0.30
C ARG A 34 10.35 4.19 0.51
N LEU A 35 11.64 4.27 0.22
CA LEU A 35 12.53 3.15 0.40
C LEU A 35 12.91 3.00 1.87
N PHE A 36 12.77 4.09 2.62
CA PHE A 36 13.09 4.09 4.04
C PHE A 36 11.89 4.48 4.92
N PRO A 37 10.70 3.87 4.70
CA PRO A 37 9.52 4.17 5.49
C PRO A 37 9.40 3.28 6.72
N GLY A 38 9.10 3.90 7.86
CA GLY A 38 8.97 3.13 9.09
C GLY A 38 8.00 3.78 10.07
N ASP A 39 6.72 3.41 9.97
CA ASP A 39 5.70 3.96 10.84
C ASP A 39 4.47 3.06 10.86
N ALA A 40 3.78 3.03 12.00
CA ALA A 40 2.59 2.21 12.14
C ALA A 40 1.47 2.96 12.88
N ASP A 41 1.67 4.26 13.09
CA ASP A 41 0.69 5.08 13.78
C ASP A 41 -0.14 5.89 12.79
N ALA A 42 0.54 6.69 11.97
CA ALA A 42 -0.14 7.51 10.97
C ALA A 42 -0.79 6.65 9.89
N ASP A 43 -0.25 5.46 9.68
CA ASP A 43 -0.78 4.55 8.68
C ASP A 43 -2.25 4.23 8.95
N GLN A 44 -2.59 4.07 10.23
CA GLN A 44 -3.96 3.76 10.62
C GLN A 44 -4.68 5.01 11.11
N ALA A 45 -3.94 5.91 11.74
CA ALA A 45 -4.52 7.15 12.25
C ALA A 45 -4.96 8.06 11.12
N TRP A 46 -4.04 8.34 10.19
CA TRP A 46 -4.35 9.20 9.04
C TRP A 46 -5.28 8.50 8.06
N GLN A 47 -5.35 7.18 8.15
CA GLN A 47 -6.22 6.40 7.26
C GLN A 47 -7.69 6.64 7.58
N GLU A 48 -7.97 7.06 8.80
CA GLU A 48 -9.34 7.32 9.23
C GLU A 48 -9.56 8.80 9.50
N LEU A 49 -8.49 9.52 9.80
CA LEU A 49 -8.59 10.95 10.09
C LEU A 49 -9.13 11.69 8.87
N LYS A 50 -8.83 11.16 7.67
CA LYS A 50 -9.30 11.75 6.43
C LYS A 50 -10.61 11.10 5.99
N THR A 51 -10.84 9.89 6.48
CA THR A 51 -12.06 9.14 6.13
C THR A 51 -13.30 9.94 6.53
N MET A 52 -13.14 10.87 7.47
CA MET A 52 -14.26 11.69 7.93
C MET A 52 -14.35 12.99 7.13
N LEU A 53 -13.54 13.97 7.50
CA LEU A 53 -13.53 15.26 6.82
C LEU A 53 -12.57 15.24 5.65
N GLY A 54 -13.09 14.99 4.45
CA GLY A 54 -12.26 14.94 3.26
C GLY A 54 -11.81 16.32 2.82
N ASN A 55 -11.43 16.44 1.56
CA ASN A 55 -10.97 17.71 1.00
C ASN A 55 -11.80 18.10 -0.22
N ARG A 56 -12.03 17.13 -1.10
CA ARG A 56 -12.80 17.37 -2.31
C ARG A 56 -13.96 16.39 -2.43
N ILE A 57 -15.17 16.86 -2.12
CA ILE A 57 -16.36 16.01 -2.19
C ILE A 57 -17.26 16.44 -3.34
N ASN A 58 -17.16 17.70 -3.74
CA ASN A 58 -17.98 18.24 -4.83
C ASN A 58 -19.46 18.18 -4.48
N ASP A 59 -20.10 19.35 -4.47
CA ASP A 59 -21.52 19.45 -4.15
C ASP A 59 -22.37 18.68 -5.16
N GLY A 60 -21.78 18.38 -6.33
CA GLY A 60 -22.50 17.66 -7.36
C GLY A 60 -23.16 16.39 -6.84
N LEU A 61 -22.33 15.41 -6.49
CA LEU A 61 -22.83 14.14 -5.97
C LEU A 61 -23.63 14.35 -4.70
N ALA A 62 -24.31 13.29 -4.25
CA ALA A 62 -25.11 13.35 -3.03
C ALA A 62 -25.70 11.99 -2.69
N GLY A 63 -26.22 11.31 -3.70
CA GLY A 63 -26.80 10.00 -3.50
C GLY A 63 -25.76 8.91 -3.37
N LYS A 64 -24.62 9.11 -4.01
CA LYS A 64 -23.53 8.14 -3.97
C LYS A 64 -23.95 6.83 -4.65
N VAL A 65 -23.09 6.33 -5.52
CA VAL A 65 -23.36 5.09 -6.23
C VAL A 65 -22.07 4.33 -6.54
N SER A 66 -21.12 4.40 -5.62
CA SER A 66 -19.84 3.73 -5.77
C SER A 66 -19.08 4.25 -6.99
N THR A 67 -17.89 4.77 -6.76
CA THR A 67 -17.07 5.30 -7.84
C THR A 67 -15.70 5.73 -7.33
N LYS A 68 -15.69 6.44 -6.20
CA LYS A 68 -14.45 6.91 -5.60
C LYS A 68 -13.92 5.90 -4.58
N SER A 69 -14.84 5.27 -3.84
CA SER A 69 -14.47 4.29 -2.82
C SER A 69 -13.92 4.95 -1.56
N VAL A 70 -13.87 6.28 -1.56
CA VAL A 70 -13.36 7.02 -0.40
C VAL A 70 -14.23 8.24 -0.11
N GLY A 71 -14.56 8.43 1.16
CA GLY A 71 -15.38 9.56 1.55
C GLY A 71 -16.75 9.13 2.06
N GLU A 72 -17.10 9.57 3.27
CA GLU A 72 -18.38 9.23 3.86
C GLU A 72 -18.91 10.38 4.71
N ILE A 73 -20.21 10.35 5.00
CA ILE A 73 -20.84 11.39 5.80
C ILE A 73 -21.22 10.87 7.18
N LEU A 74 -20.50 11.33 8.21
CA LEU A 74 -20.77 10.91 9.57
C LEU A 74 -22.18 11.30 10.00
N ASP A 75 -22.55 10.94 11.22
CA ASP A 75 -23.87 11.26 11.76
C ASP A 75 -24.97 10.85 10.79
N GLU A 76 -25.13 9.55 10.58
CA GLU A 76 -26.14 9.03 9.68
C GLU A 76 -26.16 7.50 9.68
N GLU A 77 -27.30 6.93 10.03
CA GLU A 77 -27.44 5.48 10.08
C GLU A 77 -27.23 4.87 8.70
N LEU A 78 -26.10 4.19 8.53
CA LEU A 78 -25.78 3.55 7.26
C LEU A 78 -25.47 2.07 7.45
N SER A 79 -25.31 1.36 6.34
CA SER A 79 -25.01 -0.07 6.39
C SER A 79 -23.58 -0.32 6.87
N GLY A 80 -23.20 -1.59 6.93
CA GLY A 80 -21.86 -1.93 7.37
C GLY A 80 -20.81 -1.66 6.31
N ASP A 81 -19.99 -2.65 6.02
CA ASP A 81 -18.93 -2.52 5.03
C ASP A 81 -17.86 -1.53 5.50
N ARG A 82 -18.23 -0.25 5.55
CA ARG A 82 -17.32 0.79 5.99
C ARG A 82 -17.55 1.13 7.46
N ALA A 83 -18.71 0.75 7.98
CA ALA A 83 -19.06 1.02 9.36
C ALA A 83 -19.11 2.52 9.64
N MET B 1 11.90 2.31 -21.48
CA MET B 1 12.20 1.94 -20.08
C MET B 1 12.26 3.18 -19.18
N SER B 2 11.28 3.32 -18.30
CA SER B 2 11.22 4.46 -17.40
C SER B 2 12.20 4.29 -16.24
N ARG B 3 13.46 4.63 -16.49
CA ARG B 3 14.50 4.51 -15.48
C ARG B 3 14.68 5.84 -14.76
N LEU B 4 14.53 5.82 -13.43
CA LEU B 4 14.68 7.04 -12.64
C LEU B 4 15.96 7.01 -11.82
N THR B 5 16.64 8.14 -11.77
CA THR B 5 17.86 8.25 -10.98
C THR B 5 17.56 8.98 -9.68
N ILE B 6 17.80 8.32 -8.57
CA ILE B 6 17.53 8.90 -7.26
C ILE B 6 18.81 9.15 -6.49
N ASP B 7 18.88 10.30 -5.83
CA ASP B 7 20.07 10.66 -5.05
C ASP B 7 19.86 10.30 -3.59
N MET B 8 20.77 9.51 -3.05
CA MET B 8 20.70 9.07 -1.66
C MET B 8 22.01 9.33 -0.93
N THR B 9 21.95 9.30 0.40
CA THR B 9 23.14 9.52 1.21
C THR B 9 23.92 8.22 1.36
N ASP B 10 25.23 8.31 1.23
CA ASP B 10 26.11 7.15 1.32
C ASP B 10 25.74 6.23 2.49
N GLN B 11 25.42 6.81 3.64
CA GLN B 11 25.07 6.03 4.81
C GLN B 11 23.72 5.33 4.65
N GLN B 12 22.70 6.06 4.23
CA GLN B 12 21.37 5.49 4.05
C GLN B 12 21.35 4.46 2.92
N HIS B 13 22.05 4.75 1.83
CA HIS B 13 22.08 3.85 0.68
C HIS B 13 22.47 2.43 1.10
N GLN B 14 23.27 2.32 2.14
CA GLN B 14 23.72 1.03 2.64
C GLN B 14 22.57 0.32 3.35
N SER B 15 21.67 1.11 3.93
CA SER B 15 20.53 0.56 4.64
C SER B 15 19.56 -0.09 3.65
N LEU B 16 19.22 0.63 2.59
CA LEU B 16 18.30 0.13 1.59
C LEU B 16 19.00 -0.80 0.60
N LYS B 17 20.24 -0.47 0.22
CA LYS B 17 20.99 -1.30 -0.71
C LYS B 17 21.18 -2.70 -0.12
N ALA B 18 21.65 -2.74 1.13
CA ALA B 18 21.86 -4.00 1.82
C ALA B 18 20.55 -4.75 1.99
N LEU B 19 19.50 -4.03 2.34
CA LEU B 19 18.18 -4.62 2.54
C LEU B 19 17.70 -5.32 1.26
N ALA B 20 17.94 -4.69 0.11
CA ALA B 20 17.53 -5.27 -1.16
C ALA B 20 18.15 -6.65 -1.34
N ALA B 21 19.45 -6.73 -1.08
CA ALA B 21 20.18 -7.98 -1.18
C ALA B 21 19.79 -8.92 -0.06
N LEU B 22 19.50 -8.35 1.10
CA LEU B 22 19.10 -9.14 2.26
C LEU B 22 17.80 -9.87 1.99
N GLN B 23 16.85 -9.17 1.37
CA GLN B 23 15.55 -9.76 1.04
C GLN B 23 15.70 -10.89 0.03
N GLY B 24 16.76 -10.82 -0.79
CA GLY B 24 17.00 -11.86 -1.78
C GLY B 24 16.92 -11.32 -3.20
N LYS B 25 17.25 -10.05 -3.37
CA LYS B 25 17.23 -9.43 -4.69
C LYS B 25 18.08 -8.17 -4.71
N THR B 26 18.08 -7.46 -5.83
CA THR B 26 18.86 -6.24 -5.96
C THR B 26 17.97 -5.02 -5.74
N ILE B 27 18.52 -3.96 -5.13
CA ILE B 27 17.75 -2.75 -4.87
C ILE B 27 16.98 -2.32 -6.12
N LYS B 28 17.57 -2.56 -7.29
CA LYS B 28 16.92 -2.22 -8.54
C LYS B 28 15.49 -2.73 -8.57
N GLN B 29 15.24 -3.78 -7.79
CA GLN B 29 13.92 -4.39 -7.68
C GLN B 29 13.29 -4.04 -6.35
N TYR B 30 14.05 -4.26 -5.28
CA TYR B 30 13.58 -4.02 -3.94
C TYR B 30 13.15 -2.58 -3.72
N ALA B 31 14.01 -1.63 -4.07
CA ALA B 31 13.70 -0.22 -3.91
C ALA B 31 12.56 0.16 -4.85
N LEU B 32 12.58 -0.46 -6.02
CA LEU B 32 11.58 -0.20 -7.02
C LEU B 32 10.18 -0.53 -6.50
N GLU B 33 10.02 -1.72 -5.94
CA GLU B 33 8.74 -2.16 -5.40
C GLU B 33 8.37 -1.36 -4.16
N ARG B 34 9.38 -0.87 -3.46
CA ARG B 34 9.15 -0.09 -2.26
C ARG B 34 8.37 1.18 -2.57
N LEU B 35 8.52 1.67 -3.79
CA LEU B 35 7.81 2.87 -4.22
C LEU B 35 6.36 2.52 -4.56
N PHE B 36 6.13 1.24 -4.90
CA PHE B 36 4.80 0.76 -5.23
C PHE B 36 4.44 -0.49 -4.44
N PRO B 37 4.54 -0.45 -3.09
CA PRO B 37 4.22 -1.59 -2.25
C PRO B 37 2.75 -1.63 -1.84
N GLY B 38 2.00 -2.52 -2.47
CA GLY B 38 0.59 -2.65 -2.17
C GLY B 38 0.32 -3.59 -1.02
N ASP B 39 -0.86 -4.23 -1.03
CA ASP B 39 -1.23 -5.17 0.03
C ASP B 39 -1.30 -6.59 -0.51
N ALA B 40 -0.29 -7.39 -0.17
CA ALA B 40 -0.24 -8.77 -0.61
C ALA B 40 -1.15 -9.67 0.23
N ASP B 41 -1.82 -9.09 1.22
CA ASP B 41 -2.72 -9.85 2.09
C ASP B 41 -3.93 -10.35 1.32
N ALA B 42 -4.57 -9.45 0.57
CA ALA B 42 -5.75 -9.80 -0.21
C ALA B 42 -5.43 -10.89 -1.23
N ASP B 43 -4.21 -10.88 -1.73
CA ASP B 43 -3.78 -11.86 -2.72
C ASP B 43 -3.07 -13.04 -2.05
N GLN B 44 -3.33 -13.24 -0.77
CA GLN B 44 -2.71 -14.34 -0.03
C GLN B 44 -3.75 -15.38 0.38
N ALA B 45 -4.79 -14.93 1.06
CA ALA B 45 -5.86 -15.82 1.50
C ALA B 45 -6.55 -16.49 0.32
N TRP B 46 -6.90 -15.70 -0.68
CA TRP B 46 -7.57 -16.22 -1.88
C TRP B 46 -6.62 -17.07 -2.71
N GLN B 47 -5.32 -16.89 -2.50
CA GLN B 47 -4.32 -17.65 -3.25
C GLN B 47 -4.49 -19.14 -3.03
N GLU B 48 -5.03 -19.51 -1.88
CA GLU B 48 -5.25 -20.91 -1.54
C GLU B 48 -6.72 -21.20 -1.29
N LEU B 49 -7.47 -20.17 -0.88
CA LEU B 49 -8.90 -20.33 -0.61
C LEU B 49 -9.63 -20.78 -1.87
N LYS B 50 -9.12 -20.38 -3.02
CA LYS B 50 -9.72 -20.74 -4.30
C LYS B 50 -8.90 -21.81 -4.99
N THR B 51 -7.60 -21.84 -4.69
CA THR B 51 -6.71 -22.82 -5.29
C THR B 51 -5.50 -23.09 -4.38
N MET B 52 -5.61 -24.13 -3.56
CA MET B 52 -4.54 -24.49 -2.64
C MET B 52 -3.63 -25.56 -3.26
N LEU B 53 -2.35 -25.24 -3.38
CA LEU B 53 -1.39 -26.16 -3.96
C LEU B 53 -0.95 -27.21 -2.93
N GLY B 54 -0.93 -26.81 -1.66
CA GLY B 54 -0.53 -27.71 -0.60
C GLY B 54 0.90 -27.49 -0.16
N ASN B 55 1.56 -28.57 0.26
CA ASN B 55 2.95 -28.49 0.71
C ASN B 55 3.67 -29.80 0.48
N ARG B 56 3.29 -30.51 -0.58
CA ARG B 56 3.91 -31.79 -0.91
C ARG B 56 4.84 -31.64 -2.10
N ILE B 57 5.53 -32.73 -2.45
CA ILE B 57 6.46 -32.72 -3.57
C ILE B 57 5.80 -33.26 -4.83
N ASN B 58 6.52 -33.19 -5.94
CA ASN B 58 6.01 -33.68 -7.22
C ASN B 58 5.66 -35.16 -7.15
N ASP B 59 4.92 -35.64 -8.13
CA ASP B 59 4.53 -37.04 -8.19
C ASP B 59 4.12 -37.44 -9.60
N GLY B 60 5.07 -37.37 -10.53
CA GLY B 60 4.79 -37.72 -11.91
C GLY B 60 5.45 -36.78 -12.90
N LEU B 61 5.20 -35.49 -12.74
CA LEU B 61 5.78 -34.48 -13.61
C LEU B 61 5.45 -34.77 -15.08
N ALA B 62 4.57 -33.95 -15.65
CA ALA B 62 4.18 -34.12 -17.04
C ALA B 62 3.42 -32.90 -17.55
N GLY B 63 4.03 -31.73 -17.39
CA GLY B 63 3.39 -30.50 -17.84
C GLY B 63 2.49 -29.89 -16.78
N LYS B 64 1.22 -30.27 -16.81
CA LYS B 64 0.25 -29.77 -15.85
C LYS B 64 -0.95 -30.70 -15.76
N VAL B 65 -1.25 -31.15 -14.54
CA VAL B 65 -2.38 -32.04 -14.30
C VAL B 65 -3.60 -31.27 -13.81
N SER B 66 -4.71 -31.42 -14.53
CA SER B 66 -5.95 -30.74 -14.16
C SER B 66 -6.54 -31.34 -12.89
N THR B 67 -6.29 -30.68 -11.76
CA THR B 67 -6.80 -31.15 -10.49
C THR B 67 -8.33 -31.19 -10.49
N LYS B 68 -8.89 -32.33 -10.09
CA LYS B 68 -10.33 -32.51 -10.05
C LYS B 68 -10.89 -32.10 -8.69
N SER B 69 -10.04 -32.12 -7.66
CA SER B 69 -10.46 -31.77 -6.31
C SER B 69 -10.35 -30.25 -6.09
N VAL B 70 -9.12 -29.76 -5.98
CA VAL B 70 -8.87 -28.34 -5.76
C VAL B 70 -9.71 -27.47 -6.69
N GLY B 71 -10.13 -26.31 -6.20
CA GLY B 71 -10.93 -25.41 -7.01
C GLY B 71 -12.28 -25.10 -6.37
N GLU B 72 -12.83 -26.09 -5.68
CA GLU B 72 -14.13 -25.92 -5.02
C GLU B 72 -13.98 -26.02 -3.51
N ILE B 73 -13.72 -24.89 -2.86
CA ILE B 73 -13.56 -24.85 -1.42
C ILE B 73 -14.60 -23.93 -0.78
N LEU B 74 -14.97 -24.25 0.46
CA LEU B 74 -15.96 -23.45 1.19
C LEU B 74 -15.45 -23.11 2.58
N ASP B 75 -16.20 -22.26 3.29
CA ASP B 75 -15.82 -21.85 4.63
C ASP B 75 -15.73 -23.05 5.57
N GLU B 76 -14.69 -23.09 6.39
CA GLU B 76 -14.49 -24.18 7.33
C GLU B 76 -13.25 -23.94 8.19
N GLU B 77 -12.20 -23.41 7.56
CA GLU B 77 -10.96 -23.12 8.27
C GLU B 77 -10.18 -22.01 7.58
N LEU B 78 -9.03 -21.66 8.16
CA LEU B 78 -8.19 -20.60 7.59
C LEU B 78 -6.90 -21.20 7.03
N SER B 79 -6.37 -22.21 7.70
CA SER B 79 -5.15 -22.86 7.27
C SER B 79 -5.22 -24.36 7.49
N GLY B 80 -5.42 -25.11 6.41
CA GLY B 80 -5.52 -26.55 6.51
C GLY B 80 -6.22 -27.18 5.32
N ASP B 81 -7.39 -27.73 5.56
CA ASP B 81 -8.17 -28.38 4.49
C ASP B 81 -7.48 -29.65 4.02
N ARG B 82 -6.34 -29.48 3.35
CA ARG B 82 -5.57 -30.62 2.85
C ARG B 82 -4.13 -30.56 3.35
N ALA B 83 -3.93 -29.85 4.47
CA ALA B 83 -2.60 -29.72 5.06
C ALA B 83 -1.60 -29.14 4.07
N MET A 1 27.16 11.54 -4.40
CA MET A 1 27.61 10.15 -4.11
C MET A 1 26.42 9.25 -3.79
N SER A 2 26.70 7.95 -3.65
CA SER A 2 25.66 6.96 -3.34
C SER A 2 24.40 7.20 -4.16
N ARG A 3 24.57 7.45 -5.46
CA ARG A 3 23.45 7.68 -6.36
C ARG A 3 23.20 6.44 -7.21
N LEU A 4 22.01 5.86 -7.10
CA LEU A 4 21.68 4.66 -7.86
C LEU A 4 20.68 4.96 -8.96
N THR A 5 20.90 4.39 -10.14
CA THR A 5 19.99 4.57 -11.25
C THR A 5 19.01 3.40 -11.28
N ILE A 6 17.73 3.70 -11.17
CA ILE A 6 16.71 2.67 -11.13
C ILE A 6 15.89 2.63 -12.42
N ASP A 7 15.44 1.42 -12.77
CA ASP A 7 14.63 1.25 -13.97
C ASP A 7 13.18 0.98 -13.57
N MET A 8 12.29 1.80 -14.09
CA MET A 8 10.86 1.66 -13.79
C MET A 8 10.04 1.64 -15.07
N THR A 9 8.80 1.17 -14.96
CA THR A 9 7.90 1.13 -16.11
C THR A 9 7.21 2.48 -16.29
N ASP A 10 7.09 2.91 -17.54
CA ASP A 10 6.47 4.19 -17.86
C ASP A 10 5.20 4.46 -17.07
N GLN A 11 4.19 3.60 -17.23
CA GLN A 11 2.92 3.77 -16.55
C GLN A 11 3.05 3.81 -15.03
N GLN A 12 3.76 2.83 -14.47
CA GLN A 12 3.93 2.77 -13.02
C GLN A 12 4.74 3.95 -12.49
N HIS A 13 5.88 4.22 -13.13
CA HIS A 13 6.74 5.33 -12.72
C HIS A 13 5.95 6.61 -12.57
N GLN A 14 4.86 6.73 -13.33
CA GLN A 14 4.01 7.91 -13.28
C GLN A 14 3.19 7.93 -12.00
N SER A 15 2.84 6.75 -11.50
CA SER A 15 2.06 6.65 -10.29
C SER A 15 2.81 7.28 -9.12
N LEU A 16 4.08 6.89 -8.97
CA LEU A 16 4.91 7.43 -7.90
C LEU A 16 5.50 8.79 -8.30
N LYS A 17 5.97 8.90 -9.54
CA LYS A 17 6.56 10.14 -10.01
C LYS A 17 5.54 11.28 -9.94
N ALA A 18 4.31 11.00 -10.38
CA ALA A 18 3.26 12.00 -10.34
C ALA A 18 2.92 12.35 -8.90
N LEU A 19 2.90 11.33 -8.05
CA LEU A 19 2.60 11.52 -6.63
C LEU A 19 3.65 12.41 -5.99
N ALA A 20 4.91 12.19 -6.36
CA ALA A 20 6.01 12.99 -5.82
C ALA A 20 5.77 14.47 -6.10
N ALA A 21 5.40 14.77 -7.34
CA ALA A 21 5.12 16.14 -7.75
C ALA A 21 3.82 16.64 -7.14
N LEU A 22 2.89 15.70 -6.95
CA LEU A 22 1.60 16.05 -6.38
C LEU A 22 1.73 16.43 -4.90
N GLN A 23 2.49 15.65 -4.16
CA GLN A 23 2.70 15.91 -2.74
C GLN A 23 3.29 17.30 -2.52
N GLY A 24 3.98 17.82 -3.53
CA GLY A 24 4.59 19.13 -3.42
C GLY A 24 6.10 19.08 -3.42
N LYS A 25 6.65 18.09 -4.10
CA LYS A 25 8.10 17.92 -4.18
C LYS A 25 8.47 17.04 -5.38
N THR A 26 9.74 16.65 -5.46
CA THR A 26 10.20 15.81 -6.56
C THR A 26 10.41 14.38 -6.08
N ILE A 27 10.12 13.44 -6.96
CA ILE A 27 10.27 12.02 -6.64
C ILE A 27 11.58 11.75 -5.90
N LYS A 28 12.62 12.47 -6.28
CA LYS A 28 13.92 12.30 -5.64
C LYS A 28 13.79 12.36 -4.11
N GLN A 29 12.70 12.96 -3.65
CA GLN A 29 12.43 13.07 -2.22
C GLN A 29 11.37 12.06 -1.80
N TYR A 30 10.27 12.05 -2.53
CA TYR A 30 9.15 11.15 -2.25
C TYR A 30 9.53 9.69 -2.43
N ALA A 31 10.08 9.36 -3.60
CA ALA A 31 10.50 7.99 -3.90
C ALA A 31 11.66 7.59 -3.00
N LEU A 32 12.53 8.55 -2.76
CA LEU A 32 13.70 8.33 -1.94
C LEU A 32 13.32 7.78 -0.56
N GLU A 33 12.39 8.46 0.09
CA GLU A 33 11.94 8.05 1.42
C GLU A 33 11.13 6.76 1.36
N ARG A 34 10.48 6.52 0.24
CA ARG A 34 9.67 5.33 0.08
C ARG A 34 10.51 4.10 -0.22
N LEU A 35 11.80 4.31 -0.47
CA LEU A 35 12.71 3.21 -0.74
C LEU A 35 13.07 2.51 0.55
N PHE A 36 12.94 3.23 1.66
CA PHE A 36 13.25 2.67 2.97
C PHE A 36 12.10 2.91 3.94
N PRO A 37 10.91 2.36 3.65
CA PRO A 37 9.73 2.52 4.50
C PRO A 37 9.67 1.48 5.63
N GLY A 38 9.89 0.22 5.27
CA GLY A 38 9.86 -0.85 6.26
C GLY A 38 8.44 -1.13 6.75
N ASP A 39 7.80 -2.12 6.14
CA ASP A 39 6.44 -2.50 6.53
C ASP A 39 6.26 -4.02 6.47
N ALA A 40 6.17 -4.63 7.65
CA ALA A 40 5.99 -6.08 7.74
C ALA A 40 4.57 -6.49 7.36
N ASP A 41 3.69 -5.52 7.18
CA ASP A 41 2.30 -5.80 6.81
C ASP A 41 2.23 -6.64 5.54
N ALA A 42 3.21 -6.47 4.66
CA ALA A 42 3.25 -7.22 3.40
C ALA A 42 3.37 -8.71 3.66
N ASP A 43 4.17 -9.08 4.65
CA ASP A 43 4.37 -10.48 5.00
C ASP A 43 3.05 -11.15 5.38
N GLN A 44 2.14 -10.36 5.94
CA GLN A 44 0.83 -10.87 6.35
C GLN A 44 -0.19 -10.76 5.22
N ALA A 45 0.04 -9.82 4.31
CA ALA A 45 -0.86 -9.60 3.18
C ALA A 45 -1.10 -10.90 2.41
N TRP A 46 -0.02 -11.62 2.11
CA TRP A 46 -0.12 -12.87 1.37
C TRP A 46 -0.69 -13.98 2.25
N GLN A 47 -0.65 -13.78 3.57
CA GLN A 47 -1.17 -14.78 4.50
C GLN A 47 -2.69 -14.80 4.50
N GLU A 48 -3.30 -13.71 4.06
CA GLU A 48 -4.75 -13.60 4.01
C GLU A 48 -5.29 -13.94 2.62
N LEU A 49 -4.38 -14.17 1.67
CA LEU A 49 -4.78 -14.50 0.31
C LEU A 49 -5.58 -15.79 0.31
N LYS A 50 -5.25 -16.68 1.24
CA LYS A 50 -5.95 -17.95 1.38
C LYS A 50 -6.81 -17.96 2.64
N THR A 51 -6.43 -17.12 3.60
CA THR A 51 -7.17 -17.03 4.86
C THR A 51 -8.15 -15.87 4.83
N MET A 52 -9.43 -16.19 4.70
CA MET A 52 -10.49 -15.19 4.65
C MET A 52 -11.87 -15.84 4.71
N LEU A 53 -12.85 -15.07 5.16
CA LEU A 53 -14.22 -15.57 5.26
C LEU A 53 -15.01 -15.24 4.00
N GLY A 54 -15.42 -16.28 3.28
CA GLY A 54 -16.18 -16.09 2.06
C GLY A 54 -17.68 -16.24 2.27
N ASN A 55 -18.06 -17.21 3.09
CA ASN A 55 -19.47 -17.47 3.38
C ASN A 55 -19.95 -16.60 4.54
N ARG A 56 -21.19 -16.82 4.96
CA ARG A 56 -21.76 -16.05 6.06
C ARG A 56 -22.20 -16.98 7.20
N ILE A 57 -22.48 -16.39 8.35
CA ILE A 57 -22.90 -17.16 9.53
C ILE A 57 -24.41 -17.33 9.55
N ASN A 58 -24.87 -18.39 10.20
CA ASN A 58 -26.30 -18.67 10.30
C ASN A 58 -26.62 -19.51 11.53
N ASP A 59 -27.61 -19.09 12.29
CA ASP A 59 -28.02 -19.80 13.49
C ASP A 59 -28.41 -21.23 13.17
N GLY A 60 -28.34 -22.11 14.17
CA GLY A 60 -28.71 -23.49 13.98
C GLY A 60 -27.83 -24.44 14.78
N LEU A 61 -27.93 -24.35 16.10
CA LEU A 61 -27.14 -25.20 16.99
C LEU A 61 -27.44 -26.67 16.73
N ALA A 62 -26.42 -27.42 16.31
CA ALA A 62 -26.58 -28.84 16.04
C ALA A 62 -25.24 -29.49 15.67
N GLY A 63 -24.51 -28.85 14.76
CA GLY A 63 -23.22 -29.37 14.35
C GLY A 63 -22.06 -28.74 15.09
N LYS A 64 -22.33 -28.27 16.30
CA LYS A 64 -21.30 -27.63 17.13
C LYS A 64 -20.83 -26.32 16.49
N VAL A 65 -20.05 -26.43 15.42
CA VAL A 65 -19.54 -25.26 14.73
C VAL A 65 -19.54 -25.47 13.21
N SER A 66 -18.41 -25.87 12.66
CA SER A 66 -18.30 -26.10 11.22
C SER A 66 -17.04 -26.90 10.88
N THR A 67 -16.85 -28.02 11.56
CA THR A 67 -15.69 -28.87 11.32
C THR A 67 -14.41 -28.13 11.64
N LYS A 68 -13.27 -28.71 11.25
CA LYS A 68 -11.97 -28.10 11.50
C LYS A 68 -11.93 -26.66 11.00
N SER A 69 -11.75 -26.49 9.69
CA SER A 69 -11.70 -25.16 9.09
C SER A 69 -10.58 -24.32 9.71
N VAL A 70 -10.65 -23.01 9.51
CA VAL A 70 -9.63 -22.10 10.05
C VAL A 70 -8.24 -22.48 9.56
N GLY A 71 -7.97 -22.24 8.27
CA GLY A 71 -6.68 -22.56 7.70
C GLY A 71 -6.27 -23.99 7.95
N GLU A 72 -5.00 -24.29 7.68
CA GLU A 72 -4.47 -25.63 7.88
C GLU A 72 -3.10 -25.59 8.53
N ILE A 73 -2.99 -26.23 9.69
CA ILE A 73 -1.72 -26.26 10.42
C ILE A 73 -1.30 -24.85 10.84
N LEU A 74 -1.26 -24.62 12.14
CA LEU A 74 -0.87 -23.31 12.67
C LEU A 74 0.54 -23.35 13.26
N ASP A 75 1.27 -22.25 13.11
CA ASP A 75 2.62 -22.16 13.63
C ASP A 75 2.63 -21.82 15.12
N GLU A 76 1.47 -21.42 15.65
CA GLU A 76 1.35 -21.07 17.07
C GLU A 76 1.81 -22.22 17.95
N GLU A 77 1.55 -22.09 19.25
CA GLU A 77 1.93 -23.12 20.21
C GLU A 77 1.24 -24.44 19.90
N LEU A 78 1.24 -25.34 20.86
CA LEU A 78 0.62 -26.65 20.70
C LEU A 78 -0.83 -26.63 21.22
N SER A 79 -1.67 -27.45 20.60
CA SER A 79 -3.08 -27.53 21.01
C SER A 79 -3.76 -28.71 20.33
N GLY A 80 -3.47 -28.91 19.04
CA GLY A 80 -4.07 -30.01 18.30
C GLY A 80 -4.87 -29.53 17.11
N ASP A 81 -4.44 -28.43 16.50
CA ASP A 81 -5.12 -27.88 15.34
C ASP A 81 -6.63 -27.78 15.58
N ARG A 82 -7.03 -26.74 16.29
CA ARG A 82 -8.44 -26.54 16.61
C ARG A 82 -8.97 -27.70 17.45
N ALA A 83 -8.06 -28.40 18.12
CA ALA A 83 -8.43 -29.53 18.97
C ALA A 83 -9.21 -30.57 18.18
N MET B 1 11.73 1.07 -19.51
CA MET B 1 12.18 2.31 -20.20
C MET B 1 12.24 3.48 -19.24
N SER B 2 11.23 3.62 -18.40
CA SER B 2 11.17 4.69 -17.43
C SER B 2 12.21 4.50 -16.34
N ARG B 3 13.45 4.86 -16.64
CA ARG B 3 14.56 4.72 -15.69
C ARG B 3 14.78 6.01 -14.91
N LEU B 4 14.68 5.94 -13.58
CA LEU B 4 14.88 7.11 -12.74
C LEU B 4 16.20 7.01 -12.00
N THR B 5 17.00 8.08 -12.08
CA THR B 5 18.27 8.11 -11.38
C THR B 5 18.13 8.88 -10.08
N ILE B 6 18.42 8.23 -8.97
CA ILE B 6 18.29 8.85 -7.66
C ILE B 6 19.63 8.98 -6.95
N ASP B 7 19.82 10.12 -6.29
CA ASP B 7 21.04 10.36 -5.53
C ASP B 7 20.77 10.04 -4.07
N MET B 8 21.59 9.18 -3.51
CA MET B 8 21.41 8.74 -2.13
C MET B 8 22.67 8.96 -1.30
N THR B 9 22.50 8.95 0.01
CA THR B 9 23.62 9.14 0.93
C THR B 9 24.30 7.82 1.22
N ASP B 10 25.59 7.89 1.55
CA ASP B 10 26.37 6.70 1.86
C ASP B 10 25.72 5.86 2.96
N GLN B 11 25.37 6.52 4.06
CA GLN B 11 24.74 5.83 5.19
C GLN B 11 23.33 5.35 4.86
N GLN B 12 22.51 6.23 4.32
CA GLN B 12 21.13 5.88 3.98
C GLN B 12 21.07 4.85 2.86
N HIS B 13 21.81 5.10 1.78
CA HIS B 13 21.83 4.20 0.62
C HIS B 13 22.07 2.75 1.04
N GLN B 14 23.06 2.54 1.89
CA GLN B 14 23.39 1.20 2.36
C GLN B 14 22.24 0.62 3.16
N SER B 15 21.52 1.51 3.83
CA SER B 15 20.39 1.10 4.65
C SER B 15 19.34 0.41 3.78
N LEU B 16 18.98 1.05 2.67
CA LEU B 16 18.00 0.51 1.74
C LEU B 16 18.65 -0.53 0.82
N LYS B 17 19.93 -0.31 0.52
CA LYS B 17 20.68 -1.22 -0.35
C LYS B 17 20.77 -2.60 0.28
N ALA B 18 21.14 -2.63 1.56
CA ALA B 18 21.27 -3.87 2.30
C ALA B 18 19.96 -4.64 2.37
N LEU B 19 18.86 -3.91 2.59
CA LEU B 19 17.55 -4.54 2.65
C LEU B 19 17.24 -5.28 1.37
N ALA B 20 17.73 -4.76 0.26
CA ALA B 20 17.52 -5.39 -1.04
C ALA B 20 18.15 -6.76 -1.09
N ALA B 21 19.42 -6.83 -0.70
CA ALA B 21 20.16 -8.08 -0.68
C ALA B 21 19.67 -8.97 0.44
N LEU B 22 19.25 -8.34 1.54
CA LEU B 22 18.74 -9.07 2.69
C LEU B 22 17.53 -9.92 2.29
N GLN B 23 16.61 -9.28 1.57
CA GLN B 23 15.40 -9.96 1.12
C GLN B 23 15.75 -11.08 0.14
N GLY B 24 16.84 -10.90 -0.61
CA GLY B 24 17.25 -11.90 -1.57
C GLY B 24 17.29 -11.38 -2.99
N LYS B 25 17.60 -10.09 -3.15
CA LYS B 25 17.67 -9.48 -4.47
C LYS B 25 18.47 -8.19 -4.43
N THR B 26 18.53 -7.50 -5.55
CA THR B 26 19.26 -6.24 -5.64
C THR B 26 18.30 -5.06 -5.46
N ILE B 27 18.79 -3.97 -4.87
CA ILE B 27 17.95 -2.79 -4.64
C ILE B 27 17.19 -2.42 -5.91
N LYS B 28 17.82 -2.61 -7.06
CA LYS B 28 17.17 -2.29 -8.33
C LYS B 28 15.79 -2.95 -8.40
N GLN B 29 15.60 -4.02 -7.63
CA GLN B 29 14.34 -4.73 -7.56
C GLN B 29 13.58 -4.32 -6.31
N TYR B 30 14.28 -4.38 -5.19
CA TYR B 30 13.71 -4.05 -3.89
C TYR B 30 13.26 -2.58 -3.84
N ALA B 31 14.15 -1.67 -4.24
CA ALA B 31 13.83 -0.26 -4.25
C ALA B 31 12.73 0.04 -5.24
N LEU B 32 12.71 -0.74 -6.30
CA LEU B 32 11.72 -0.57 -7.35
C LEU B 32 10.31 -0.74 -6.82
N GLU B 33 10.08 -1.85 -6.13
CA GLU B 33 8.76 -2.15 -5.57
C GLU B 33 8.43 -1.27 -4.38
N ARG B 34 9.45 -0.88 -3.64
CA ARG B 34 9.26 -0.05 -2.44
C ARG B 34 8.58 1.27 -2.78
N LEU B 35 8.81 1.76 -3.98
CA LEU B 35 8.21 3.01 -4.43
C LEU B 35 6.75 2.81 -4.81
N PHE B 36 6.38 1.56 -5.08
CA PHE B 36 5.01 1.25 -5.46
C PHE B 36 4.48 0.04 -4.68
N PRO B 37 4.52 0.10 -3.33
CA PRO B 37 4.03 -0.99 -2.48
C PRO B 37 2.55 -0.85 -2.15
N GLY B 38 2.15 0.33 -1.69
CA GLY B 38 0.76 0.57 -1.35
C GLY B 38 0.60 1.70 -0.35
N ASP B 39 0.01 2.80 -0.81
CA ASP B 39 -0.21 3.97 0.04
C ASP B 39 -0.94 3.59 1.33
N ALA B 40 -0.83 4.46 2.33
CA ALA B 40 -1.48 4.22 3.61
C ALA B 40 -2.99 4.06 3.45
N ASP B 41 -3.57 4.86 2.56
CA ASP B 41 -5.01 4.80 2.31
C ASP B 41 -5.41 3.42 1.80
N ALA B 42 -4.56 2.84 0.94
CA ALA B 42 -4.84 1.52 0.39
C ALA B 42 -4.74 0.44 1.45
N ASP B 43 -3.89 0.66 2.45
CA ASP B 43 -3.71 -0.30 3.53
C ASP B 43 -5.03 -0.57 4.25
N GLN B 44 -5.93 0.40 4.21
CA GLN B 44 -7.23 0.26 4.86
C GLN B 44 -8.34 0.11 3.82
N ALA B 45 -8.20 0.82 2.71
CA ALA B 45 -9.20 0.77 1.64
C ALA B 45 -9.32 -0.65 1.08
N TRP B 46 -8.20 -1.18 0.59
CA TRP B 46 -8.18 -2.53 0.02
C TRP B 46 -8.41 -3.58 1.09
N GLN B 47 -8.28 -3.19 2.35
CA GLN B 47 -8.46 -4.11 3.48
C GLN B 47 -9.87 -3.99 4.04
N GLU B 48 -10.82 -3.62 3.19
CA GLU B 48 -12.21 -3.47 3.62
C GLU B 48 -13.16 -3.81 2.47
N LEU B 49 -12.83 -3.37 1.27
CA LEU B 49 -13.66 -3.63 0.10
C LEU B 49 -13.77 -5.14 -0.14
N LYS B 50 -12.74 -5.87 0.24
CA LYS B 50 -12.72 -7.32 0.09
C LYS B 50 -13.00 -8.02 1.42
N THR B 51 -13.15 -7.23 2.48
CA THR B 51 -13.42 -7.79 3.81
C THR B 51 -14.82 -8.39 3.86
N MET B 52 -15.74 -7.83 3.09
CA MET B 52 -17.11 -8.32 3.05
C MET B 52 -17.21 -9.62 2.27
N LEU B 53 -16.97 -9.55 0.96
CA LEU B 53 -17.04 -10.72 0.11
C LEU B 53 -15.66 -11.36 -0.06
N GLY B 54 -15.60 -12.43 -0.83
CA GLY B 54 -14.34 -13.13 -1.05
C GLY B 54 -13.91 -13.08 -2.51
N ASN B 55 -12.61 -13.20 -2.74
CA ASN B 55 -12.07 -13.18 -4.10
C ASN B 55 -11.06 -14.29 -4.30
N ARG B 56 -10.97 -14.80 -5.53
CA ARG B 56 -10.04 -15.87 -5.85
C ARG B 56 -10.31 -17.11 -5.01
N ILE B 57 -9.60 -18.19 -5.30
CA ILE B 57 -9.76 -19.44 -4.57
C ILE B 57 -8.68 -19.59 -3.50
N ASN B 58 -8.95 -20.44 -2.52
CA ASN B 58 -8.01 -20.67 -1.43
C ASN B 58 -6.67 -21.19 -1.97
N ASP B 59 -5.78 -20.26 -2.31
CA ASP B 59 -4.47 -20.61 -2.84
C ASP B 59 -3.64 -21.33 -1.79
N GLY B 60 -3.45 -22.63 -1.97
CA GLY B 60 -2.68 -23.41 -1.03
C GLY B 60 -1.28 -23.70 -1.54
N LEU B 61 -0.37 -22.75 -1.35
CA LEU B 61 1.02 -22.91 -1.80
C LEU B 61 1.68 -24.09 -1.09
N ALA B 62 1.41 -24.23 0.20
CA ALA B 62 1.99 -25.31 1.00
C ALA B 62 1.47 -25.29 2.42
N GLY B 63 0.16 -25.05 2.57
CA GLY B 63 -0.43 -25.01 3.89
C GLY B 63 -0.19 -23.69 4.60
N LYS B 64 -1.01 -22.69 4.29
CA LYS B 64 -0.88 -21.38 4.90
C LYS B 64 -1.04 -21.46 6.42
N VAL B 65 -0.89 -20.32 7.08
CA VAL B 65 -1.02 -20.26 8.53
C VAL B 65 -2.34 -19.61 8.94
N SER B 66 -2.98 -20.18 9.95
CA SER B 66 -4.26 -19.66 10.44
C SER B 66 -4.12 -18.21 10.87
N THR B 67 -4.33 -17.29 9.92
CA THR B 67 -4.23 -15.87 10.21
C THR B 67 -5.26 -15.46 11.25
N LYS B 68 -6.53 -15.69 10.96
CA LYS B 68 -7.61 -15.34 11.87
C LYS B 68 -7.63 -13.83 12.14
N SER B 69 -8.31 -13.10 11.26
CA SER B 69 -8.41 -11.64 11.40
C SER B 69 -9.31 -11.06 10.32
N VAL B 70 -9.52 -9.75 10.38
CA VAL B 70 -10.36 -9.06 9.42
C VAL B 70 -11.78 -9.62 9.42
N GLY B 71 -12.73 -8.81 8.96
CA GLY B 71 -14.11 -9.24 8.92
C GLY B 71 -15.03 -8.33 9.72
N GLU B 72 -16.33 -8.47 9.49
CA GLU B 72 -17.32 -7.66 10.19
C GLU B 72 -17.80 -8.35 11.47
N ILE B 73 -17.43 -7.78 12.61
CA ILE B 73 -17.82 -8.34 13.90
C ILE B 73 -18.25 -7.26 14.87
N LEU B 74 -18.97 -7.65 15.91
CA LEU B 74 -19.44 -6.70 16.91
C LEU B 74 -18.81 -6.98 18.27
N ASP B 75 -18.96 -8.19 18.75
CA ASP B 75 -18.39 -8.59 20.04
C ASP B 75 -16.88 -8.48 20.03
N GLU B 76 -16.33 -7.77 21.01
CA GLU B 76 -14.89 -7.59 21.11
C GLU B 76 -14.53 -6.82 22.37
N GLU B 77 -13.94 -7.53 23.34
CA GLU B 77 -13.55 -6.92 24.61
C GLU B 77 -12.46 -5.86 24.39
N LEU B 78 -12.88 -4.60 24.38
CA LEU B 78 -11.94 -3.49 24.20
C LEU B 78 -11.36 -3.50 22.78
N SER B 79 -10.51 -4.47 22.51
CA SER B 79 -9.87 -4.59 21.19
C SER B 79 -10.85 -5.17 20.18
N GLY B 80 -11.12 -4.40 19.12
CA GLY B 80 -12.04 -4.85 18.09
C GLY B 80 -12.28 -3.80 17.02
N ASP B 81 -11.25 -3.02 16.70
CA ASP B 81 -11.36 -1.98 15.69
C ASP B 81 -11.57 -2.59 14.31
N ARG B 82 -10.72 -3.56 13.97
CA ARG B 82 -10.81 -4.24 12.69
C ARG B 82 -11.06 -5.73 12.87
N ALA B 83 -11.48 -6.12 14.08
CA ALA B 83 -11.75 -7.52 14.39
C ALA B 83 -10.54 -8.39 14.10
N MET A 1 26.95 12.61 -3.41
CA MET A 1 25.57 12.15 -3.14
C MET A 1 25.31 10.76 -3.72
N SER A 2 25.12 9.79 -2.85
CA SER A 2 24.87 8.41 -3.28
C SER A 2 23.62 8.34 -4.13
N ARG A 3 23.78 8.51 -5.44
CA ARG A 3 22.65 8.45 -6.37
C ARG A 3 22.56 7.08 -7.03
N LEU A 4 21.44 6.40 -6.84
CA LEU A 4 21.24 5.08 -7.43
C LEU A 4 20.22 5.14 -8.56
N THR A 5 20.48 4.43 -9.64
CA THR A 5 19.57 4.39 -10.78
C THR A 5 18.59 3.24 -10.65
N ILE A 6 17.37 3.47 -11.09
CA ILE A 6 16.31 2.46 -11.02
C ILE A 6 15.63 2.28 -12.36
N ASP A 7 15.32 1.04 -12.72
CA ASP A 7 14.61 0.80 -13.97
C ASP A 7 13.14 0.65 -13.66
N MET A 8 12.33 1.49 -14.28
CA MET A 8 10.89 1.50 -14.03
C MET A 8 10.09 1.48 -15.32
N THR A 9 8.82 1.12 -15.21
CA THR A 9 7.94 1.08 -16.38
C THR A 9 7.27 2.45 -16.56
N ASP A 10 6.91 2.77 -17.79
CA ASP A 10 6.28 4.05 -18.12
C ASP A 10 5.01 4.29 -17.32
N GLN A 11 4.05 3.38 -17.43
CA GLN A 11 2.77 3.53 -16.73
C GLN A 11 2.93 3.62 -15.22
N GLN A 12 3.69 2.70 -14.63
CA GLN A 12 3.90 2.71 -13.18
C GLN A 12 4.65 3.94 -12.71
N HIS A 13 5.77 4.26 -13.36
CA HIS A 13 6.58 5.41 -12.99
C HIS A 13 5.73 6.68 -12.87
N GLN A 14 4.59 6.70 -13.55
CA GLN A 14 3.71 7.86 -13.50
C GLN A 14 3.01 7.92 -12.15
N SER A 15 2.80 6.75 -11.55
CA SER A 15 2.15 6.66 -10.26
C SER A 15 3.03 7.29 -9.18
N LEU A 16 4.29 6.90 -9.15
CA LEU A 16 5.24 7.41 -8.18
C LEU A 16 5.78 8.78 -8.60
N LYS A 17 6.11 8.92 -9.88
CA LYS A 17 6.63 10.19 -10.38
C LYS A 17 5.63 11.30 -10.13
N ALA A 18 4.38 11.07 -10.52
CA ALA A 18 3.32 12.04 -10.31
C ALA A 18 3.12 12.31 -8.82
N LEU A 19 3.07 11.25 -8.03
CA LEU A 19 2.89 11.39 -6.59
C LEU A 19 4.01 12.21 -5.97
N ALA A 20 5.22 12.06 -6.52
CA ALA A 20 6.37 12.80 -6.04
C ALA A 20 6.16 14.30 -6.17
N ALA A 21 5.72 14.72 -7.35
CA ALA A 21 5.47 16.13 -7.61
C ALA A 21 4.23 16.60 -6.87
N LEU A 22 3.29 15.68 -6.68
CA LEU A 22 2.05 16.00 -5.99
C LEU A 22 2.30 16.20 -4.50
N GLN A 23 3.21 15.39 -3.95
CA GLN A 23 3.55 15.48 -2.53
C GLN A 23 4.13 16.85 -2.19
N GLY A 24 4.75 17.49 -3.18
CA GLY A 24 5.33 18.80 -2.96
C GLY A 24 6.84 18.81 -3.13
N LYS A 25 7.37 17.83 -3.86
CA LYS A 25 8.80 17.74 -4.08
C LYS A 25 9.11 16.88 -5.32
N THR A 26 10.40 16.64 -5.56
CA THR A 26 10.82 15.83 -6.70
C THR A 26 10.93 14.37 -6.30
N ILE A 27 10.55 13.49 -7.22
CA ILE A 27 10.60 12.05 -6.98
C ILE A 27 11.93 11.63 -6.36
N LYS A 28 13.03 12.24 -6.80
CA LYS A 28 14.33 11.92 -6.24
C LYS A 28 14.25 11.93 -4.71
N GLN A 29 13.34 12.75 -4.21
CA GLN A 29 13.11 12.87 -2.77
C GLN A 29 11.99 11.94 -2.33
N TYR A 30 10.86 12.04 -3.01
CA TYR A 30 9.69 11.24 -2.70
C TYR A 30 9.97 9.74 -2.80
N ALA A 31 10.56 9.32 -3.91
CA ALA A 31 10.89 7.92 -4.11
C ALA A 31 11.94 7.50 -3.11
N LEU A 32 12.85 8.42 -2.84
CA LEU A 32 13.92 8.17 -1.89
C LEU A 32 13.36 7.81 -0.52
N GLU A 33 12.45 8.64 -0.02
CA GLU A 33 11.83 8.41 1.27
C GLU A 33 10.92 7.19 1.24
N ARG A 34 10.38 6.90 0.07
CA ARG A 34 9.49 5.75 -0.09
C ARG A 34 10.23 4.44 0.13
N LEU A 35 11.53 4.43 -0.11
CA LEU A 35 12.36 3.25 0.09
C LEU A 35 12.67 3.06 1.57
N PHE A 36 12.52 4.15 2.34
CA PHE A 36 12.78 4.12 3.77
C PHE A 36 11.54 4.47 4.59
N PRO A 37 10.38 3.87 4.29
CA PRO A 37 9.13 4.16 5.01
C PRO A 37 8.99 3.33 6.28
N GLY A 38 9.24 2.02 6.16
CA GLY A 38 9.12 1.14 7.31
C GLY A 38 8.81 -0.29 6.90
N ASP A 39 8.24 -1.05 7.84
CA ASP A 39 7.89 -2.44 7.58
C ASP A 39 6.41 -2.56 7.20
N ALA A 40 6.09 -3.61 6.46
CA ALA A 40 4.71 -3.85 6.03
C ALA A 40 4.39 -5.34 5.97
N ASP A 41 5.26 -6.16 6.56
CA ASP A 41 5.05 -7.61 6.58
C ASP A 41 4.10 -8.01 7.69
N ALA A 42 4.44 -7.67 8.92
CA ALA A 42 3.62 -7.99 10.08
C ALA A 42 2.23 -7.39 9.95
N ASP A 43 2.16 -6.11 9.62
CA ASP A 43 0.88 -5.42 9.47
C ASP A 43 0.06 -6.04 8.36
N GLN A 44 0.66 -6.15 7.17
CA GLN A 44 -0.03 -6.73 6.02
C GLN A 44 -0.39 -8.19 6.26
N ALA A 45 0.35 -8.85 7.15
CA ALA A 45 0.11 -10.25 7.47
C ALA A 45 -1.32 -10.47 7.94
N TRP A 46 -1.70 -9.78 9.01
CA TRP A 46 -3.05 -9.91 9.57
C TRP A 46 -4.09 -9.28 8.65
N GLN A 47 -3.64 -8.37 7.79
CA GLN A 47 -4.54 -7.70 6.85
C GLN A 47 -4.99 -8.64 5.75
N GLU A 48 -4.21 -9.68 5.50
CA GLU A 48 -4.52 -10.65 4.47
C GLU A 48 -5.34 -11.81 5.04
N LEU A 49 -5.27 -12.00 6.35
CA LEU A 49 -6.04 -13.06 7.00
C LEU A 49 -7.52 -12.85 6.77
N LYS A 50 -7.92 -11.58 6.63
CA LYS A 50 -9.31 -11.23 6.39
C LYS A 50 -9.51 -10.80 4.94
N THR A 51 -8.41 -10.44 4.27
CA THR A 51 -8.47 -10.01 2.87
C THR A 51 -7.25 -10.48 2.10
N MET A 52 -7.30 -11.72 1.63
CA MET A 52 -6.20 -12.30 0.87
C MET A 52 -6.66 -12.77 -0.51
N LEU A 53 -7.86 -13.35 -0.56
CA LEU A 53 -8.42 -13.84 -1.83
C LEU A 53 -8.54 -12.71 -2.84
N GLY A 54 -8.15 -13.00 -4.08
CA GLY A 54 -8.24 -12.00 -5.13
C GLY A 54 -7.89 -12.57 -6.50
N ASN A 55 -8.90 -12.71 -7.35
CA ASN A 55 -8.69 -13.24 -8.70
C ASN A 55 -8.78 -12.13 -9.74
N ARG A 56 -8.65 -12.51 -11.01
CA ARG A 56 -8.72 -11.57 -12.12
C ARG A 56 -7.98 -10.26 -11.82
N ILE A 57 -8.24 -9.24 -12.63
CA ILE A 57 -7.59 -7.94 -12.43
C ILE A 57 -8.38 -6.83 -13.12
N ASN A 58 -9.56 -6.53 -12.58
CA ASN A 58 -10.41 -5.48 -13.15
C ASN A 58 -9.89 -4.10 -12.78
N ASP A 59 -10.16 -3.12 -13.63
CA ASP A 59 -9.71 -1.75 -13.40
C ASP A 59 -10.36 -1.17 -12.15
N GLY A 60 -9.81 -0.07 -11.66
CA GLY A 60 -10.35 0.56 -10.47
C GLY A 60 -10.91 1.95 -10.75
N LEU A 61 -10.56 2.50 -11.91
CA LEU A 61 -11.03 3.83 -12.31
C LEU A 61 -10.53 4.90 -11.35
N ALA A 62 -11.09 4.93 -10.14
CA ALA A 62 -10.70 5.91 -9.14
C ALA A 62 -11.42 5.68 -7.82
N GLY A 63 -11.61 4.41 -7.47
CA GLY A 63 -12.28 4.08 -6.23
C GLY A 63 -13.74 3.71 -6.44
N LYS A 64 -14.42 4.43 -7.33
CA LYS A 64 -15.82 4.19 -7.62
C LYS A 64 -16.70 4.52 -6.42
N VAL A 65 -16.58 3.71 -5.37
CA VAL A 65 -17.37 3.93 -4.16
C VAL A 65 -16.47 4.18 -2.96
N SER A 66 -17.00 4.88 -1.96
CA SER A 66 -16.23 5.19 -0.75
C SER A 66 -17.10 5.04 0.49
N THR A 67 -17.30 3.79 0.92
CA THR A 67 -18.11 3.50 2.10
C THR A 67 -17.25 2.98 3.25
N LYS A 68 -16.04 2.52 2.92
CA LYS A 68 -15.13 1.99 3.94
C LYS A 68 -15.72 0.76 4.62
N SER A 69 -15.03 -0.36 4.50
CA SER A 69 -15.49 -1.62 5.10
C SER A 69 -14.34 -2.60 5.26
N VAL A 70 -13.69 -2.92 4.15
CA VAL A 70 -12.56 -3.84 4.17
C VAL A 70 -12.98 -5.21 4.69
N GLY A 71 -12.23 -6.24 4.30
CA GLY A 71 -12.54 -7.60 4.73
C GLY A 71 -13.67 -8.22 3.94
N GLU A 72 -13.32 -9.14 3.04
CA GLU A 72 -14.31 -9.81 2.21
C GLU A 72 -13.70 -11.03 1.52
N ILE A 73 -14.48 -12.11 1.44
CA ILE A 73 -14.02 -13.34 0.79
C ILE A 73 -15.21 -14.22 0.38
N LEU A 74 -15.74 -13.96 -0.80
CA LEU A 74 -16.87 -14.72 -1.31
C LEU A 74 -16.68 -15.08 -2.78
N ASP A 75 -17.31 -16.16 -3.21
CA ASP A 75 -17.20 -16.61 -4.59
C ASP A 75 -17.83 -15.60 -5.54
N GLU A 76 -17.62 -15.81 -6.84
CA GLU A 76 -18.17 -14.93 -7.86
C GLU A 76 -17.66 -13.50 -7.67
N GLU A 77 -16.68 -13.12 -8.49
CA GLU A 77 -16.10 -11.79 -8.42
C GLU A 77 -16.78 -10.84 -9.40
N LEU A 78 -18.11 -10.92 -9.48
CA LEU A 78 -18.87 -10.06 -10.38
C LEU A 78 -18.65 -8.59 -10.05
N SER A 79 -18.41 -8.30 -8.78
CA SER A 79 -18.17 -6.93 -8.35
C SER A 79 -19.41 -6.07 -8.56
N GLY A 80 -19.65 -5.15 -7.64
CA GLY A 80 -20.81 -4.26 -7.74
C GLY A 80 -21.02 -3.44 -6.50
N ASP A 81 -21.06 -4.10 -5.34
CA ASP A 81 -21.25 -3.41 -4.07
C ASP A 81 -20.23 -2.30 -3.89
N ARG A 82 -19.00 -2.56 -4.36
CA ARG A 82 -17.93 -1.59 -4.28
C ARG A 82 -17.58 -1.03 -5.65
N ALA A 83 -18.10 -1.66 -6.70
CA ALA A 83 -17.84 -1.23 -8.07
C ALA A 83 -16.36 -1.36 -8.41
N MET B 1 11.22 1.78 -20.38
CA MET B 1 12.30 2.79 -20.51
C MET B 1 12.13 3.91 -19.49
N SER B 2 11.53 3.58 -18.35
CA SER B 2 11.30 4.56 -17.29
C SER B 2 12.35 4.41 -16.19
N ARG B 3 13.57 4.84 -16.49
CA ARG B 3 14.66 4.76 -15.54
C ARG B 3 14.85 6.09 -14.81
N LEU B 4 14.77 6.06 -13.48
CA LEU B 4 14.93 7.26 -12.68
C LEU B 4 16.07 7.10 -11.68
N THR B 5 16.86 8.16 -11.51
CA THR B 5 17.99 8.11 -10.58
C THR B 5 17.58 8.70 -9.22
N ILE B 6 17.71 7.88 -8.18
CA ILE B 6 17.38 8.31 -6.83
C ILE B 6 18.62 8.82 -6.12
N ASP B 7 18.51 9.99 -5.50
CA ASP B 7 19.65 10.53 -4.77
C ASP B 7 19.50 10.19 -3.30
N MET B 8 20.48 9.49 -2.76
CA MET B 8 20.46 9.09 -1.37
C MET B 8 21.78 9.43 -0.68
N THR B 9 21.79 9.46 0.64
CA THR B 9 23.01 9.77 1.38
C THR B 9 23.81 8.48 1.61
N ASP B 10 25.12 8.63 1.71
CA ASP B 10 26.03 7.49 1.92
C ASP B 10 25.44 6.41 2.82
N GLN B 11 25.03 6.78 4.03
CA GLN B 11 24.49 5.82 4.98
C GLN B 11 23.13 5.28 4.55
N GLN B 12 22.21 6.17 4.19
CA GLN B 12 20.86 5.76 3.79
C GLN B 12 20.88 4.75 2.65
N HIS B 13 21.63 5.06 1.59
CA HIS B 13 21.72 4.17 0.44
C HIS B 13 22.12 2.76 0.86
N GLN B 14 23.01 2.67 1.83
CA GLN B 14 23.48 1.39 2.33
C GLN B 14 22.40 0.69 3.12
N SER B 15 21.49 1.46 3.71
CA SER B 15 20.42 0.90 4.49
C SER B 15 19.49 0.08 3.60
N LEU B 16 19.04 0.67 2.50
CA LEU B 16 18.17 -0.03 1.58
C LEU B 16 18.97 -0.90 0.61
N LYS B 17 20.15 -0.43 0.21
CA LYS B 17 21.00 -1.19 -0.72
C LYS B 17 21.29 -2.57 -0.13
N ALA B 18 21.74 -2.59 1.12
CA ALA B 18 22.05 -3.84 1.80
C ALA B 18 20.78 -4.65 2.00
N LEU B 19 19.70 -3.97 2.38
CA LEU B 19 18.42 -4.64 2.61
C LEU B 19 17.95 -5.33 1.34
N ALA B 20 18.12 -4.66 0.20
CA ALA B 20 17.73 -5.23 -1.08
C ALA B 20 18.43 -6.56 -1.31
N ALA B 21 19.73 -6.59 -0.99
CA ALA B 21 20.52 -7.79 -1.14
C ALA B 21 20.15 -8.81 -0.08
N LEU B 22 19.73 -8.30 1.08
CA LEU B 22 19.34 -9.16 2.18
C LEU B 22 17.97 -9.78 1.96
N GLN B 23 17.17 -9.14 1.11
CA GLN B 23 15.83 -9.63 0.81
C GLN B 23 15.83 -10.59 -0.38
N GLY B 24 16.88 -11.41 -0.48
CA GLY B 24 16.98 -12.36 -1.57
C GLY B 24 16.78 -11.74 -2.93
N LYS B 25 17.22 -10.50 -3.09
CA LYS B 25 17.08 -9.78 -4.35
C LYS B 25 18.07 -8.63 -4.44
N THR B 26 17.84 -7.72 -5.39
CA THR B 26 18.71 -6.56 -5.57
C THR B 26 17.91 -5.28 -5.42
N ILE B 27 18.58 -4.19 -5.02
CA ILE B 27 17.89 -2.92 -4.84
C ILE B 27 17.10 -2.56 -6.11
N LYS B 28 17.65 -2.88 -7.27
CA LYS B 28 16.94 -2.61 -8.52
C LYS B 28 15.54 -3.23 -8.47
N GLN B 29 15.36 -4.18 -7.55
CA GLN B 29 14.09 -4.85 -7.36
C GLN B 29 13.40 -4.34 -6.10
N TYR B 30 14.14 -4.43 -5.00
CA TYR B 30 13.64 -4.00 -3.69
C TYR B 30 13.21 -2.54 -3.69
N ALA B 31 14.11 -1.67 -4.15
CA ALA B 31 13.82 -0.24 -4.21
C ALA B 31 12.72 0.04 -5.20
N LEU B 32 12.67 -0.79 -6.23
CA LEU B 32 11.69 -0.64 -7.27
C LEU B 32 10.26 -0.80 -6.75
N GLU B 33 10.01 -1.90 -6.03
CA GLU B 33 8.69 -2.19 -5.49
C GLU B 33 8.33 -1.28 -4.31
N ARG B 34 9.33 -0.82 -3.58
CA ARG B 34 9.08 0.03 -2.43
C ARG B 34 8.42 1.36 -2.82
N LEU B 35 8.69 1.82 -4.03
CA LEU B 35 8.12 3.06 -4.52
C LEU B 35 6.67 2.85 -4.94
N PHE B 36 6.32 1.58 -5.20
CA PHE B 36 4.96 1.25 -5.61
C PHE B 36 4.43 0.05 -4.82
N PRO B 37 4.39 0.15 -3.48
CA PRO B 37 3.91 -0.92 -2.61
C PRO B 37 2.42 -0.79 -2.28
N GLY B 38 1.63 -1.72 -2.81
CA GLY B 38 0.20 -1.71 -2.54
C GLY B 38 -0.59 -0.91 -3.56
N ASP B 39 -1.36 -1.62 -4.39
CA ASP B 39 -2.18 -0.98 -5.42
C ASP B 39 -3.30 -1.92 -5.88
N ALA B 40 -4.23 -1.39 -6.67
CA ALA B 40 -5.33 -2.18 -7.19
C ALA B 40 -5.07 -2.54 -8.64
N ASP B 41 -3.83 -2.88 -8.86
CA ASP B 41 -3.33 -3.36 -10.11
C ASP B 41 -2.82 -4.72 -9.76
N ALA B 42 -1.98 -4.73 -8.73
CA ALA B 42 -1.50 -5.95 -8.17
C ALA B 42 -2.70 -6.71 -7.64
N ASP B 43 -3.39 -7.38 -8.56
CA ASP B 43 -4.58 -8.13 -8.23
C ASP B 43 -5.64 -7.22 -7.68
N GLN B 44 -5.83 -6.07 -8.30
CA GLN B 44 -6.77 -5.15 -7.72
C GLN B 44 -6.56 -5.27 -6.21
N ALA B 45 -5.26 -5.51 -5.85
CA ALA B 45 -4.85 -5.73 -4.45
C ALA B 45 -5.57 -4.78 -3.56
N TRP B 46 -5.46 -3.54 -3.94
CA TRP B 46 -6.08 -2.47 -3.19
C TRP B 46 -7.51 -2.23 -3.68
N GLN B 47 -8.06 -3.16 -4.47
CA GLN B 47 -9.43 -3.01 -4.94
C GLN B 47 -10.37 -3.96 -4.21
N GLU B 48 -9.79 -5.01 -3.62
CA GLU B 48 -10.56 -6.00 -2.87
C GLU B 48 -10.23 -5.92 -1.39
N LEU B 49 -9.23 -5.11 -1.05
CA LEU B 49 -8.87 -4.96 0.34
C LEU B 49 -9.94 -4.18 1.07
N LYS B 50 -10.53 -3.22 0.37
CA LYS B 50 -11.61 -2.42 0.93
C LYS B 50 -12.93 -3.10 0.62
N THR B 51 -12.96 -4.41 0.86
CA THR B 51 -14.13 -5.23 0.60
C THR B 51 -14.38 -5.33 -0.90
N MET B 52 -14.79 -6.52 -1.33
CA MET B 52 -15.03 -6.77 -2.74
C MET B 52 -15.74 -8.09 -2.95
N LEU B 53 -17.06 -8.04 -3.16
CA LEU B 53 -17.85 -9.24 -3.37
C LEU B 53 -18.40 -9.27 -4.80
N GLY B 54 -19.22 -10.28 -5.09
CA GLY B 54 -19.80 -10.42 -6.41
C GLY B 54 -20.94 -11.42 -6.45
N ASN B 55 -21.65 -11.54 -5.34
CA ASN B 55 -22.77 -12.47 -5.26
C ASN B 55 -24.10 -11.73 -5.13
N ARG B 56 -24.13 -10.76 -4.21
CA ARG B 56 -25.33 -9.97 -3.98
C ARG B 56 -26.50 -10.85 -3.58
N ILE B 57 -26.81 -10.86 -2.29
CA ILE B 57 -27.91 -11.66 -1.77
C ILE B 57 -28.86 -10.82 -0.91
N ASN B 58 -30.14 -10.88 -1.23
CA ASN B 58 -31.15 -10.11 -0.50
C ASN B 58 -31.17 -10.50 0.97
N ASP B 59 -30.76 -9.57 1.83
CA ASP B 59 -30.72 -9.80 3.27
C ASP B 59 -32.12 -10.10 3.80
N GLY B 60 -32.99 -9.08 3.77
CA GLY B 60 -34.34 -9.25 4.26
C GLY B 60 -34.40 -9.49 5.75
N LEU B 61 -33.55 -8.79 6.50
CA LEU B 61 -33.50 -8.93 7.95
C LEU B 61 -34.01 -7.67 8.63
N ALA B 62 -34.88 -6.93 7.95
CA ALA B 62 -35.44 -5.70 8.50
C ALA B 62 -34.34 -4.67 8.75
N GLY B 63 -34.12 -3.81 7.77
CA GLY B 63 -33.09 -2.78 7.90
C GLY B 63 -32.03 -2.90 6.82
N LYS B 64 -31.86 -4.11 6.30
CA LYS B 64 -30.88 -4.37 5.25
C LYS B 64 -29.46 -4.22 5.79
N VAL B 65 -28.49 -4.76 5.06
CA VAL B 65 -27.08 -4.70 5.45
C VAL B 65 -26.90 -4.95 6.95
N SER B 66 -26.68 -6.21 7.30
CA SER B 66 -26.48 -6.59 8.70
C SER B 66 -25.10 -7.21 8.91
N THR B 67 -24.71 -8.11 8.00
CA THR B 67 -23.42 -8.76 8.09
C THR B 67 -23.20 -9.68 6.89
N LYS B 68 -23.42 -9.15 5.69
CA LYS B 68 -23.24 -9.92 4.47
C LYS B 68 -22.27 -9.23 3.53
N SER B 69 -21.20 -8.68 4.09
CA SER B 69 -20.19 -7.98 3.30
C SER B 69 -19.02 -7.56 4.18
N VAL B 70 -19.30 -6.73 5.18
CA VAL B 70 -18.30 -6.23 6.09
C VAL B 70 -17.52 -7.38 6.73
N GLY B 71 -16.33 -7.64 6.20
CA GLY B 71 -15.51 -8.71 6.73
C GLY B 71 -16.20 -10.06 6.71
N GLU B 72 -15.78 -10.96 7.60
CA GLU B 72 -16.37 -12.30 7.66
C GLU B 72 -16.21 -12.89 9.05
N ILE B 73 -16.48 -14.19 9.18
CA ILE B 73 -16.37 -14.87 10.46
C ILE B 73 -15.04 -15.62 10.57
N LEU B 74 -14.63 -15.92 11.79
CA LEU B 74 -13.38 -16.62 12.03
C LEU B 74 -13.59 -18.14 11.92
N ASP B 75 -12.53 -18.85 11.53
CA ASP B 75 -12.59 -20.29 11.38
C ASP B 75 -12.78 -20.96 12.74
N GLU B 76 -13.70 -21.92 12.79
CA GLU B 76 -13.98 -22.65 14.02
C GLU B 76 -14.47 -21.71 15.13
N GLU B 77 -13.54 -21.02 15.77
CA GLU B 77 -13.88 -20.09 16.86
C GLU B 77 -14.87 -19.03 16.38
N LEU B 78 -16.10 -19.12 16.87
CA LEU B 78 -17.14 -18.16 16.49
C LEU B 78 -17.15 -16.97 17.43
N SER B 79 -17.26 -15.77 16.86
CA SER B 79 -17.28 -14.54 17.66
C SER B 79 -18.42 -13.63 17.21
N GLY B 80 -18.89 -12.80 18.14
CA GLY B 80 -19.97 -11.87 17.82
C GLY B 80 -19.47 -10.57 17.24
N ASP B 81 -19.67 -9.48 17.98
CA ASP B 81 -19.25 -8.16 17.52
C ASP B 81 -20.00 -7.79 16.25
N ARG B 82 -19.58 -8.38 15.13
CA ARG B 82 -20.23 -8.16 13.86
C ARG B 82 -21.10 -9.37 13.52
N ALA B 83 -21.73 -9.92 14.56
CA ALA B 83 -22.59 -11.09 14.44
C ALA B 83 -23.30 -11.14 13.09
N MET A 1 28.15 11.27 -2.01
CA MET A 1 26.70 11.05 -2.30
C MET A 1 26.45 9.63 -2.79
N SER A 2 25.19 9.23 -2.77
CA SER A 2 24.80 7.89 -3.22
C SER A 2 23.56 7.95 -4.09
N ARG A 3 23.76 8.08 -5.40
CA ARG A 3 22.65 8.14 -6.34
C ARG A 3 22.35 6.76 -6.92
N LEU A 4 21.10 6.32 -6.78
CA LEU A 4 20.70 5.01 -7.29
C LEU A 4 19.92 5.14 -8.59
N THR A 5 20.26 4.31 -9.56
CA THR A 5 19.57 4.31 -10.85
C THR A 5 18.61 3.14 -10.91
N ILE A 6 17.32 3.45 -11.10
CA ILE A 6 16.30 2.42 -11.15
C ILE A 6 15.58 2.41 -12.49
N ASP A 7 15.33 1.22 -13.02
CA ASP A 7 14.62 1.09 -14.28
C ASP A 7 13.14 0.82 -14.01
N MET A 8 12.29 1.65 -14.57
CA MET A 8 10.85 1.54 -14.38
C MET A 8 10.12 1.57 -15.72
N THR A 9 8.88 1.13 -15.70
CA THR A 9 8.07 1.11 -16.92
C THR A 9 7.38 2.46 -17.11
N ASP A 10 6.95 2.73 -18.34
CA ASP A 10 6.30 4.00 -18.67
C ASP A 10 5.25 4.42 -17.63
N GLN A 11 4.16 3.65 -17.54
CA GLN A 11 3.08 3.97 -16.62
C GLN A 11 3.54 4.00 -15.16
N GLN A 12 4.42 3.08 -14.80
CA GLN A 12 4.93 3.00 -13.43
C GLN A 12 5.75 4.24 -13.04
N HIS A 13 6.69 4.61 -13.90
CA HIS A 13 7.55 5.77 -13.63
C HIS A 13 6.74 7.05 -13.50
N GLN A 14 5.64 7.13 -14.22
CA GLN A 14 4.79 8.31 -14.18
C GLN A 14 3.89 8.29 -12.96
N SER A 15 3.44 7.10 -12.58
CA SER A 15 2.58 6.95 -11.42
C SER A 15 3.28 7.44 -10.16
N LEU A 16 4.53 7.03 -9.99
CA LEU A 16 5.32 7.41 -8.83
C LEU A 16 5.91 8.81 -9.00
N LYS A 17 6.39 9.11 -10.20
CA LYS A 17 6.97 10.42 -10.48
C LYS A 17 5.89 11.50 -10.41
N ALA A 18 4.69 11.13 -10.82
CA ALA A 18 3.54 12.04 -10.81
C ALA A 18 3.09 12.35 -9.41
N LEU A 19 2.95 11.31 -8.60
CA LEU A 19 2.49 11.46 -7.23
C LEU A 19 3.55 12.12 -6.36
N ALA A 20 4.82 11.88 -6.68
CA ALA A 20 5.92 12.48 -5.94
C ALA A 20 5.80 13.99 -5.96
N ALA A 21 5.37 14.53 -7.11
CA ALA A 21 5.19 15.96 -7.28
C ALA A 21 4.00 16.46 -6.49
N LEU A 22 3.00 15.60 -6.33
CA LEU A 22 1.79 15.94 -5.61
C LEU A 22 2.10 16.30 -4.15
N GLN A 23 3.17 15.74 -3.62
CA GLN A 23 3.58 16.00 -2.24
C GLN A 23 4.54 17.17 -2.15
N GLY A 24 4.42 18.12 -3.06
CA GLY A 24 5.29 19.29 -3.06
C GLY A 24 6.76 18.92 -3.05
N LYS A 25 7.10 17.81 -3.68
CA LYS A 25 8.48 17.35 -3.75
C LYS A 25 8.72 16.53 -5.02
N THR A 26 9.97 16.17 -5.26
CA THR A 26 10.33 15.38 -6.44
C THR A 26 10.44 13.90 -6.09
N ILE A 27 10.29 13.05 -7.09
CA ILE A 27 10.38 11.61 -6.87
C ILE A 27 11.68 11.25 -6.15
N LYS A 28 12.71 12.06 -6.35
CA LYS A 28 13.99 11.80 -5.70
C LYS A 28 13.84 11.99 -4.18
N GLN A 29 12.69 12.52 -3.77
CA GLN A 29 12.40 12.75 -2.37
C GLN A 29 11.38 11.73 -1.88
N TYR A 30 10.21 11.78 -2.51
CA TYR A 30 9.12 10.90 -2.18
C TYR A 30 9.50 9.42 -2.33
N ALA A 31 10.08 9.08 -3.48
CA ALA A 31 10.50 7.71 -3.73
C ALA A 31 11.60 7.33 -2.78
N LEU A 32 12.52 8.24 -2.60
CA LEU A 32 13.65 8.03 -1.73
C LEU A 32 13.19 7.67 -0.32
N GLU A 33 12.28 8.49 0.22
CA GLU A 33 11.75 8.26 1.55
C GLU A 33 10.97 6.96 1.62
N ARG A 34 10.40 6.56 0.49
CA ARG A 34 9.62 5.33 0.43
C ARG A 34 10.48 4.14 0.82
N LEU A 35 11.77 4.21 0.50
CA LEU A 35 12.71 3.16 0.85
C LEU A 35 13.09 3.27 2.32
N PHE A 36 12.92 4.47 2.88
CA PHE A 36 13.24 4.72 4.28
C PHE A 36 12.08 5.41 5.00
N PRO A 37 10.85 4.85 4.93
CA PRO A 37 9.69 5.43 5.58
C PRO A 37 9.50 4.89 7.01
N GLY A 38 9.13 5.77 7.93
CA GLY A 38 8.93 5.37 9.31
C GLY A 38 7.67 5.94 9.90
N ASP A 39 7.71 7.22 10.28
CA ASP A 39 6.56 7.88 10.87
C ASP A 39 5.76 8.64 9.82
N ALA A 40 4.48 8.86 10.09
CA ALA A 40 3.61 9.58 9.17
C ALA A 40 2.52 10.35 9.92
N ASP A 41 2.72 10.54 11.21
CA ASP A 41 1.75 11.26 12.04
C ASP A 41 1.41 12.62 11.43
N ALA A 42 2.40 13.27 10.85
CA ALA A 42 2.19 14.57 10.23
C ALA A 42 1.14 14.49 9.13
N ASP A 43 1.22 13.44 8.31
CA ASP A 43 0.29 13.25 7.22
C ASP A 43 -1.05 12.71 7.74
N GLN A 44 -0.97 11.74 8.65
CA GLN A 44 -2.18 11.14 9.22
C GLN A 44 -3.04 12.19 9.91
N ALA A 45 -2.40 13.20 10.48
CA ALA A 45 -3.11 14.27 11.17
C ALA A 45 -4.08 14.98 10.24
N TRP A 46 -3.56 15.46 9.11
CA TRP A 46 -4.38 16.17 8.13
C TRP A 46 -4.96 15.20 7.10
N GLN A 47 -5.08 13.94 7.46
CA GLN A 47 -5.63 12.92 6.56
C GLN A 47 -7.01 12.49 6.99
N GLU A 48 -7.32 12.67 8.27
CA GLU A 48 -8.63 12.30 8.82
C GLU A 48 -9.56 13.50 8.86
N LEU A 49 -8.98 14.70 8.90
CA LEU A 49 -9.78 15.92 8.94
C LEU A 49 -10.64 16.03 7.69
N LYS A 50 -10.16 15.47 6.59
CA LYS A 50 -10.88 15.49 5.32
C LYS A 50 -11.59 14.16 5.08
N THR A 51 -11.02 13.09 5.63
CA THR A 51 -11.61 11.76 5.48
C THR A 51 -11.03 10.79 6.51
N MET A 52 -11.88 10.40 7.47
CA MET A 52 -11.46 9.47 8.52
C MET A 52 -11.96 8.06 8.20
N LEU A 53 -11.16 7.06 8.56
CA LEU A 53 -11.52 5.67 8.33
C LEU A 53 -12.18 5.06 9.56
N GLY A 54 -13.49 4.80 9.46
CA GLY A 54 -14.21 4.21 10.57
C GLY A 54 -15.64 4.69 10.64
N ASN A 55 -16.56 3.88 10.11
CA ASN A 55 -17.98 4.24 10.12
C ASN A 55 -18.82 3.06 10.59
N ARG A 56 -18.57 2.62 11.82
CA ARG A 56 -19.31 1.50 12.40
C ARG A 56 -19.22 1.52 13.92
N ILE A 57 -19.74 0.47 14.55
CA ILE A 57 -19.71 0.36 16.00
C ILE A 57 -18.28 0.46 16.53
N ASN A 58 -18.15 0.90 17.79
CA ASN A 58 -16.84 1.03 18.42
C ASN A 58 -16.97 1.46 19.87
N ASP A 59 -16.06 0.98 20.71
CA ASP A 59 -16.08 1.32 22.13
C ASP A 59 -15.79 2.80 22.36
N GLY A 60 -16.78 3.64 22.08
CA GLY A 60 -16.60 5.06 22.24
C GLY A 60 -17.36 5.87 21.21
N LEU A 61 -18.69 5.81 21.26
CA LEU A 61 -19.54 6.54 20.32
C LEU A 61 -19.03 6.40 18.89
N ALA A 62 -19.54 7.26 18.00
CA ALA A 62 -19.13 7.24 16.60
C ALA A 62 -17.68 7.70 16.46
N GLY A 63 -17.46 9.00 16.59
CA GLY A 63 -16.12 9.54 16.46
C GLY A 63 -15.84 10.62 17.49
N LYS A 64 -16.63 10.62 18.56
CA LYS A 64 -16.47 11.59 19.63
C LYS A 64 -16.65 13.02 19.11
N VAL A 65 -15.60 13.57 18.51
CA VAL A 65 -15.65 14.92 17.97
C VAL A 65 -15.69 14.90 16.44
N SER A 66 -15.90 16.08 15.85
CA SER A 66 -15.97 16.19 14.40
C SER A 66 -17.08 15.31 13.82
N THR A 67 -18.33 15.70 14.09
CA THR A 67 -19.47 14.94 13.60
C THR A 67 -19.51 14.93 12.08
N LYS A 68 -19.16 16.06 11.48
CA LYS A 68 -19.15 16.19 10.02
C LYS A 68 -17.77 15.88 9.45
N SER A 69 -17.65 14.73 8.80
CA SER A 69 -16.38 14.31 8.21
C SER A 69 -16.62 13.46 6.96
N VAL A 70 -15.55 12.82 6.48
CA VAL A 70 -15.64 11.97 5.30
C VAL A 70 -16.37 12.68 4.17
N GLY A 71 -15.61 13.34 3.30
CA GLY A 71 -16.20 14.05 2.18
C GLY A 71 -15.60 15.42 1.98
N GLU A 72 -15.85 16.03 0.82
CA GLU A 72 -15.33 17.34 0.50
C GLU A 72 -16.45 18.29 0.08
N ILE A 73 -16.97 19.05 1.05
CA ILE A 73 -18.05 19.99 0.79
C ILE A 73 -19.30 19.27 0.32
N LEU A 74 -20.12 18.83 1.27
CA LEU A 74 -21.35 18.12 0.95
C LEU A 74 -22.35 19.05 0.28
N ASP A 75 -23.28 18.47 -0.49
CA ASP A 75 -24.30 19.25 -1.17
C ASP A 75 -25.44 18.36 -1.64
N GLU A 76 -26.66 18.85 -1.51
CA GLU A 76 -27.84 18.10 -1.92
C GLU A 76 -27.96 16.79 -1.14
N GLU A 77 -29.10 16.13 -1.25
CA GLU A 77 -29.33 14.87 -0.56
C GLU A 77 -28.33 13.81 -1.01
N LEU A 78 -27.42 13.45 -0.12
CA LEU A 78 -26.41 12.44 -0.42
C LEU A 78 -26.82 11.07 0.11
N SER A 79 -26.90 10.95 1.43
CA SER A 79 -27.29 9.69 2.06
C SER A 79 -26.34 8.57 1.67
N GLY A 80 -25.08 8.92 1.44
CA GLY A 80 -24.09 7.93 1.06
C GLY A 80 -23.04 8.49 0.12
N ASP A 81 -23.17 8.17 -1.17
CA ASP A 81 -22.24 8.64 -2.18
C ASP A 81 -20.85 8.03 -1.97
N ARG A 82 -20.18 8.46 -0.92
CA ARG A 82 -18.84 7.95 -0.59
C ARG A 82 -18.84 7.32 0.80
N ALA A 83 -20.02 6.95 1.29
CA ALA A 83 -20.16 6.34 2.60
C ALA A 83 -19.52 7.21 3.68
N MET B 1 12.84 2.55 -20.81
CA MET B 1 12.97 4.02 -20.99
C MET B 1 12.55 4.77 -19.74
N SER B 2 11.65 4.18 -18.96
CA SER B 2 11.17 4.80 -17.73
C SER B 2 12.09 4.47 -16.56
N ARG B 3 13.38 4.76 -16.72
CA ARG B 3 14.36 4.52 -15.68
C ARG B 3 14.63 5.79 -14.90
N LEU B 4 14.37 5.75 -13.60
CA LEU B 4 14.57 6.91 -12.75
C LEU B 4 15.90 6.83 -12.00
N THR B 5 16.57 7.96 -11.90
CA THR B 5 17.81 8.04 -11.16
C THR B 5 17.54 8.84 -9.90
N ILE B 6 17.73 8.23 -8.75
CA ILE B 6 17.45 8.90 -7.49
C ILE B 6 18.72 9.17 -6.68
N ASP B 7 18.74 10.31 -5.99
CA ASP B 7 19.89 10.66 -5.17
C ASP B 7 19.63 10.30 -3.72
N MET B 8 20.53 9.51 -3.16
CA MET B 8 20.42 9.07 -1.77
C MET B 8 21.72 9.32 -1.03
N THR B 9 21.67 9.28 0.30
CA THR B 9 22.86 9.52 1.11
C THR B 9 23.67 8.23 1.22
N ASP B 10 25.00 8.38 1.32
CA ASP B 10 25.90 7.24 1.41
C ASP B 10 25.38 6.15 2.35
N GLN B 11 25.40 6.43 3.64
CA GLN B 11 24.93 5.46 4.64
C GLN B 11 23.48 5.06 4.41
N GLN B 12 22.66 6.02 3.98
CA GLN B 12 21.24 5.76 3.73
C GLN B 12 21.05 4.76 2.59
N HIS B 13 21.72 5.00 1.48
CA HIS B 13 21.61 4.12 0.31
C HIS B 13 22.06 2.71 0.64
N GLN B 14 23.05 2.60 1.52
CA GLN B 14 23.57 1.30 1.93
C GLN B 14 22.60 0.59 2.83
N SER B 15 21.85 1.36 3.61
CA SER B 15 20.87 0.78 4.52
C SER B 15 19.79 0.05 3.75
N LEU B 16 19.23 0.71 2.74
CA LEU B 16 18.19 0.12 1.91
C LEU B 16 18.79 -0.78 0.84
N LYS B 17 19.88 -0.33 0.22
CA LYS B 17 20.53 -1.12 -0.82
C LYS B 17 20.97 -2.47 -0.26
N ALA B 18 21.45 -2.46 0.98
CA ALA B 18 21.88 -3.68 1.63
C ALA B 18 20.68 -4.56 1.95
N LEU B 19 19.55 -3.90 2.28
CA LEU B 19 18.32 -4.61 2.60
C LEU B 19 17.83 -5.40 1.39
N ALA B 20 17.95 -4.82 0.20
CA ALA B 20 17.53 -5.48 -1.01
C ALA B 20 18.24 -6.82 -1.16
N ALA B 21 19.56 -6.79 -1.01
CA ALA B 21 20.38 -8.00 -1.10
C ALA B 21 20.18 -8.88 0.11
N LEU B 22 19.89 -8.27 1.24
CA LEU B 22 19.69 -9.00 2.49
C LEU B 22 18.53 -10.00 2.38
N GLN B 23 17.40 -9.55 1.85
CA GLN B 23 16.23 -10.40 1.71
C GLN B 23 16.47 -11.48 0.65
N GLY B 24 17.36 -11.19 -0.30
CA GLY B 24 17.66 -12.13 -1.36
C GLY B 24 17.33 -11.60 -2.75
N LYS B 25 17.60 -10.31 -2.96
CA LYS B 25 17.32 -9.68 -4.24
C LYS B 25 18.13 -8.40 -4.39
N THR B 26 17.97 -7.72 -5.51
CA THR B 26 18.67 -6.47 -5.76
C THR B 26 17.76 -5.28 -5.54
N ILE B 27 18.31 -4.21 -4.99
CA ILE B 27 17.52 -3.00 -4.73
C ILE B 27 16.68 -2.64 -5.95
N LYS B 28 17.24 -2.85 -7.13
CA LYS B 28 16.53 -2.56 -8.37
C LYS B 28 15.14 -3.21 -8.38
N GLN B 29 14.96 -4.19 -7.50
CA GLN B 29 13.70 -4.90 -7.37
C GLN B 29 13.01 -4.53 -6.06
N TYR B 30 13.78 -4.60 -4.98
CA TYR B 30 13.27 -4.31 -3.65
C TYR B 30 12.87 -2.85 -3.49
N ALA B 31 13.76 -1.93 -3.82
CA ALA B 31 13.48 -0.51 -3.72
C ALA B 31 12.42 -0.11 -4.72
N LEU B 32 12.47 -0.76 -5.88
CA LEU B 32 11.54 -0.48 -6.95
C LEU B 32 10.09 -0.60 -6.49
N GLU B 33 9.78 -1.73 -5.86
CA GLU B 33 8.45 -1.99 -5.35
C GLU B 33 8.18 -1.15 -4.11
N ARG B 34 9.24 -0.84 -3.38
CA ARG B 34 9.12 -0.03 -2.16
C ARG B 34 8.93 1.44 -2.49
N LEU B 35 9.15 1.80 -3.75
CA LEU B 35 8.97 3.18 -4.18
C LEU B 35 7.48 3.50 -4.23
N PHE B 36 6.68 2.46 -4.42
CA PHE B 36 5.23 2.62 -4.47
C PHE B 36 4.53 1.59 -3.59
N PRO B 37 4.72 1.67 -2.27
CA PRO B 37 4.09 0.73 -1.32
C PRO B 37 2.57 0.75 -1.42
N GLY B 38 1.98 1.89 -1.08
CA GLY B 38 0.53 2.01 -1.13
C GLY B 38 -0.11 1.88 0.23
N ASP B 39 -1.42 2.07 0.28
CA ASP B 39 -2.16 1.98 1.54
C ASP B 39 -2.89 0.65 1.65
N ALA B 40 -3.24 0.27 2.87
CA ALA B 40 -3.95 -0.99 3.12
C ALA B 40 -5.29 -1.01 2.39
N ASP B 41 -5.85 0.17 2.14
CA ASP B 41 -7.14 0.28 1.45
C ASP B 41 -7.09 -0.43 0.10
N ALA B 42 -5.94 -0.40 -0.55
CA ALA B 42 -5.77 -1.04 -1.85
C ALA B 42 -5.99 -2.55 -1.74
N ASP B 43 -5.67 -3.11 -0.59
CA ASP B 43 -5.83 -4.54 -0.36
C ASP B 43 -7.28 -4.96 -0.54
N GLN B 44 -8.20 -4.03 -0.30
CA GLN B 44 -9.63 -4.31 -0.45
C GLN B 44 -9.95 -4.82 -1.85
N ALA B 45 -9.32 -4.21 -2.85
CA ALA B 45 -9.54 -4.60 -4.24
C ALA B 45 -9.10 -6.03 -4.47
N TRP B 46 -8.05 -6.45 -3.77
CA TRP B 46 -7.53 -7.82 -3.91
C TRP B 46 -8.23 -8.77 -2.95
N GLN B 47 -9.27 -8.30 -2.28
CA GLN B 47 -10.02 -9.13 -1.33
C GLN B 47 -11.31 -9.64 -1.95
N GLU B 48 -11.80 -8.91 -2.95
CA GLU B 48 -13.04 -9.28 -3.64
C GLU B 48 -12.76 -9.67 -5.09
N LEU B 49 -11.54 -9.40 -5.56
CA LEU B 49 -11.17 -9.73 -6.93
C LEU B 49 -11.28 -11.23 -7.15
N LYS B 50 -11.02 -11.99 -6.10
CA LYS B 50 -11.11 -13.44 -6.15
C LYS B 50 -12.27 -13.94 -5.31
N THR B 51 -12.80 -13.07 -4.45
CA THR B 51 -13.92 -13.43 -3.59
C THR B 51 -15.11 -12.52 -3.84
N MET B 52 -15.46 -12.33 -5.11
CA MET B 52 -16.58 -11.48 -5.48
C MET B 52 -17.90 -12.24 -5.38
N LEU B 53 -19.01 -11.51 -5.46
CA LEU B 53 -20.33 -12.12 -5.39
C LEU B 53 -20.69 -12.80 -6.70
N GLY B 54 -21.68 -13.70 -6.63
CA GLY B 54 -22.10 -14.41 -7.82
C GLY B 54 -23.50 -14.99 -7.68
N ASN B 55 -23.71 -15.75 -6.61
CA ASN B 55 -25.02 -16.37 -6.37
C ASN B 55 -25.68 -15.76 -5.13
N ARG B 56 -26.80 -16.34 -4.74
CA ARG B 56 -27.54 -15.85 -3.57
C ARG B 56 -27.35 -16.78 -2.38
N ILE B 57 -27.31 -18.09 -2.65
CA ILE B 57 -27.14 -19.09 -1.61
C ILE B 57 -26.23 -20.22 -2.07
N ASN B 58 -25.52 -20.82 -1.13
CA ASN B 58 -24.61 -21.93 -1.44
C ASN B 58 -25.38 -23.10 -2.04
N ASP B 59 -24.69 -23.87 -2.88
CA ASP B 59 -25.30 -25.03 -3.54
C ASP B 59 -25.64 -26.11 -2.52
N GLY B 60 -24.85 -26.20 -1.45
CA GLY B 60 -25.09 -27.20 -0.43
C GLY B 60 -25.20 -26.60 0.96
N LEU B 61 -26.34 -26.02 1.26
CA LEU B 61 -26.58 -25.41 2.57
C LEU B 61 -26.66 -26.48 3.65
N ALA B 62 -26.05 -26.20 4.81
CA ALA B 62 -26.05 -27.14 5.92
C ALA B 62 -25.38 -26.53 7.15
N GLY B 63 -25.83 -25.35 7.55
CA GLY B 63 -25.25 -24.70 8.71
C GLY B 63 -23.76 -24.45 8.56
N LYS B 64 -23.41 -23.31 7.99
CA LYS B 64 -22.01 -22.96 7.78
C LYS B 64 -21.28 -22.82 9.12
N VAL B 65 -21.93 -22.16 10.07
CA VAL B 65 -21.34 -21.96 11.39
C VAL B 65 -20.01 -21.20 11.30
N SER B 66 -19.87 -20.40 10.24
CA SER B 66 -18.66 -19.62 10.03
C SER B 66 -18.76 -18.79 8.76
N THR B 67 -18.33 -17.54 8.85
CA THR B 67 -18.38 -16.63 7.70
C THR B 67 -17.55 -17.18 6.55
N LYS B 68 -17.50 -16.43 5.45
CA LYS B 68 -16.74 -16.84 4.27
C LYS B 68 -17.29 -18.14 3.70
N SER B 69 -17.78 -18.08 2.46
CA SER B 69 -18.33 -19.25 1.80
C SER B 69 -17.55 -19.59 0.54
N VAL B 70 -17.17 -18.55 -0.22
CA VAL B 70 -16.41 -18.74 -1.45
C VAL B 70 -15.05 -18.05 -1.36
N GLY B 71 -14.12 -18.48 -2.19
CA GLY B 71 -12.80 -17.90 -2.20
C GLY B 71 -11.75 -18.84 -1.63
N GLU B 72 -11.59 -19.99 -2.24
CA GLU B 72 -10.61 -20.98 -1.79
C GLU B 72 -9.92 -21.65 -2.97
N ILE B 73 -10.68 -22.45 -3.72
CA ILE B 73 -10.14 -23.15 -4.87
C ILE B 73 -10.12 -22.24 -6.10
N LEU B 74 -9.17 -22.49 -6.99
CA LEU B 74 -9.04 -21.71 -8.21
C LEU B 74 -8.61 -22.57 -9.39
N ASP B 75 -7.41 -23.15 -9.27
CA ASP B 75 -6.87 -24.01 -10.33
C ASP B 75 -7.77 -25.21 -10.57
N GLU B 76 -8.21 -25.38 -11.82
CA GLU B 76 -9.08 -26.49 -12.18
C GLU B 76 -10.37 -26.48 -11.36
N GLU B 77 -11.25 -25.53 -11.66
CA GLU B 77 -12.51 -25.40 -10.96
C GLU B 77 -13.45 -26.56 -11.32
N LEU B 78 -13.07 -27.77 -10.92
CA LEU B 78 -13.87 -28.95 -11.20
C LEU B 78 -13.74 -29.97 -10.08
N SER B 79 -14.80 -30.74 -9.86
CA SER B 79 -14.80 -31.77 -8.81
C SER B 79 -14.54 -31.15 -7.44
N GLY B 80 -14.97 -29.90 -7.28
CA GLY B 80 -14.79 -29.20 -6.01
C GLY B 80 -15.57 -27.91 -5.93
N ASP B 81 -14.87 -26.78 -6.06
CA ASP B 81 -15.50 -25.48 -6.01
C ASP B 81 -16.05 -25.20 -4.61
N ARG B 82 -17.12 -25.91 -4.25
CA ARG B 82 -17.73 -25.74 -2.95
C ARG B 82 -17.63 -27.03 -2.12
N ALA B 83 -16.77 -27.95 -2.56
CA ALA B 83 -16.58 -29.22 -1.87
C ALA B 83 -17.90 -29.96 -1.69
N MET A 1 26.91 11.47 -1.69
CA MET A 1 26.69 11.47 -3.17
C MET A 1 26.28 10.08 -3.66
N SER A 2 25.60 9.34 -2.80
CA SER A 2 25.15 7.99 -3.15
C SER A 2 23.92 8.04 -4.05
N ARG A 3 24.15 8.19 -5.35
CA ARG A 3 23.07 8.26 -6.32
C ARG A 3 22.80 6.89 -6.93
N LEU A 4 21.57 6.40 -6.80
CA LEU A 4 21.21 5.11 -7.34
C LEU A 4 20.26 5.25 -8.53
N THR A 5 20.56 4.52 -9.60
CA THR A 5 19.71 4.55 -10.79
C THR A 5 18.74 3.39 -10.76
N ILE A 6 17.48 3.67 -11.06
CA ILE A 6 16.46 2.64 -11.02
C ILE A 6 15.64 2.62 -12.31
N ASP A 7 15.31 1.42 -12.78
CA ASP A 7 14.51 1.26 -13.98
C ASP A 7 13.05 1.03 -13.61
N MET A 8 12.18 1.85 -14.16
CA MET A 8 10.75 1.75 -13.87
C MET A 8 9.93 1.69 -15.16
N THR A 9 8.69 1.23 -15.04
CA THR A 9 7.82 1.13 -16.20
C THR A 9 7.14 2.47 -16.49
N ASP A 10 6.78 2.68 -17.76
CA ASP A 10 6.14 3.93 -18.18
C ASP A 10 5.01 4.33 -17.23
N GLN A 11 3.93 3.56 -17.23
CA GLN A 11 2.78 3.85 -16.38
C GLN A 11 3.15 3.82 -14.90
N GLN A 12 3.83 2.77 -14.48
CA GLN A 12 4.23 2.62 -13.08
C GLN A 12 5.04 3.83 -12.60
N HIS A 13 6.04 4.22 -13.39
CA HIS A 13 6.89 5.36 -13.04
C HIS A 13 6.06 6.62 -12.87
N GLN A 14 5.02 6.75 -13.67
CA GLN A 14 4.15 7.91 -13.62
C GLN A 14 3.30 7.88 -12.36
N SER A 15 2.98 6.68 -11.90
CA SER A 15 2.18 6.52 -10.70
C SER A 15 2.89 7.17 -9.51
N LEU A 16 4.16 6.83 -9.34
CA LEU A 16 4.96 7.38 -8.24
C LEU A 16 5.49 8.75 -8.61
N LYS A 17 5.89 8.93 -9.88
CA LYS A 17 6.41 10.22 -10.32
C LYS A 17 5.38 11.32 -10.08
N ALA A 18 4.15 11.07 -10.51
CA ALA A 18 3.07 12.02 -10.32
C ALA A 18 2.83 12.26 -8.83
N LEU A 19 2.90 11.19 -8.04
CA LEU A 19 2.70 11.28 -6.60
C LEU A 19 3.80 12.11 -5.98
N ALA A 20 5.02 11.95 -6.48
CA ALA A 20 6.17 12.69 -5.97
C ALA A 20 5.92 14.19 -6.07
N ALA A 21 5.48 14.63 -7.25
CA ALA A 21 5.18 16.03 -7.50
C ALA A 21 3.93 16.45 -6.76
N LEU A 22 3.01 15.50 -6.60
CA LEU A 22 1.76 15.77 -5.92
C LEU A 22 2.00 16.03 -4.43
N GLN A 23 2.81 15.18 -3.81
CA GLN A 23 3.12 15.31 -2.40
C GLN A 23 3.70 16.69 -2.09
N GLY A 24 4.33 17.31 -3.09
CA GLY A 24 4.91 18.62 -2.90
C GLY A 24 6.42 18.62 -3.03
N LYS A 25 6.94 17.68 -3.81
CA LYS A 25 8.39 17.58 -4.02
C LYS A 25 8.69 16.79 -5.28
N THR A 26 9.97 16.56 -5.55
CA THR A 26 10.38 15.81 -6.72
C THR A 26 10.59 14.34 -6.37
N ILE A 27 10.26 13.45 -7.29
CA ILE A 27 10.41 12.01 -7.06
C ILE A 27 11.78 11.69 -6.46
N LYS A 28 12.81 12.42 -6.87
CA LYS A 28 14.14 12.21 -6.32
C LYS A 28 14.10 12.21 -4.80
N GLN A 29 13.06 12.85 -4.25
CA GLN A 29 12.86 12.94 -2.80
C GLN A 29 11.84 11.90 -2.35
N TYR A 30 10.68 11.96 -2.98
CA TYR A 30 9.58 11.08 -2.65
C TYR A 30 9.95 9.60 -2.83
N ALA A 31 10.52 9.27 -3.98
CA ALA A 31 10.92 7.91 -4.27
C ALA A 31 12.02 7.48 -3.33
N LEU A 32 12.84 8.45 -2.94
CA LEU A 32 13.95 8.20 -2.06
C LEU A 32 13.47 7.81 -0.66
N GLU A 33 12.58 8.63 -0.10
CA GLU A 33 12.06 8.38 1.24
C GLU A 33 11.17 7.15 1.28
N ARG A 34 10.50 6.86 0.19
CA ARG A 34 9.62 5.71 0.12
C ARG A 34 10.39 4.42 0.41
N LEU A 35 11.67 4.44 0.10
CA LEU A 35 12.54 3.30 0.33
C LEU A 35 12.92 3.22 1.81
N PHE A 36 12.78 4.35 2.50
CA PHE A 36 13.10 4.41 3.92
C PHE A 36 11.97 5.07 4.72
N PRO A 37 10.74 4.52 4.64
CA PRO A 37 9.59 5.06 5.35
C PRO A 37 9.42 4.46 6.73
N GLY A 38 10.53 4.32 7.46
CA GLY A 38 10.48 3.76 8.80
C GLY A 38 9.95 2.33 8.81
N ASP A 39 10.35 1.57 9.83
CA ASP A 39 9.92 0.19 9.97
C ASP A 39 9.62 -0.15 11.42
N ALA A 40 8.73 -1.11 11.64
CA ALA A 40 8.36 -1.53 12.97
C ALA A 40 8.09 -3.02 13.05
N ASP A 41 8.48 -3.75 12.02
CA ASP A 41 8.28 -5.20 11.96
C ASP A 41 8.96 -5.88 13.15
N ALA A 42 10.21 -5.49 13.41
CA ALA A 42 10.97 -6.07 14.52
C ALA A 42 10.28 -5.82 15.85
N ASP A 43 9.95 -4.56 16.11
CA ASP A 43 9.29 -4.18 17.35
C ASP A 43 7.91 -4.82 17.47
N GLN A 44 7.26 -5.04 16.33
CA GLN A 44 5.93 -5.64 16.29
C GLN A 44 6.02 -7.17 16.22
N ALA A 45 7.23 -7.69 16.04
CA ALA A 45 7.43 -9.13 15.95
C ALA A 45 7.15 -9.82 17.28
N TRP A 46 7.82 -9.34 18.34
CA TRP A 46 7.64 -9.93 19.67
C TRP A 46 6.46 -9.31 20.40
N GLN A 47 6.19 -8.05 20.09
CA GLN A 47 5.08 -7.32 20.72
C GLN A 47 3.78 -8.13 20.68
N GLU A 48 3.69 -9.05 19.72
CA GLU A 48 2.50 -9.88 19.57
C GLU A 48 2.65 -11.22 20.28
N LEU A 49 3.90 -11.62 20.54
CA LEU A 49 4.15 -12.89 21.22
C LEU A 49 3.51 -12.89 22.60
N LYS A 50 3.42 -11.71 23.20
CA LYS A 50 2.82 -11.56 24.52
C LYS A 50 1.53 -10.74 24.44
N THR A 51 1.53 -9.75 23.54
CA THR A 51 0.36 -8.91 23.35
C THR A 51 -0.06 -8.86 21.89
N MET A 52 -0.91 -9.79 21.49
CA MET A 52 -1.39 -9.87 20.12
C MET A 52 -2.70 -9.11 19.94
N LEU A 53 -2.80 -7.96 20.61
CA LEU A 53 -4.01 -7.14 20.52
C LEU A 53 -3.77 -5.94 19.62
N GLY A 54 -4.77 -5.61 18.81
CA GLY A 54 -4.66 -4.47 17.91
C GLY A 54 -5.60 -3.34 18.27
N ASN A 55 -5.69 -2.35 17.38
CA ASN A 55 -6.55 -1.21 17.60
C ASN A 55 -7.01 -0.60 16.28
N ARG A 56 -6.08 -0.44 15.35
CA ARG A 56 -6.38 0.13 14.03
C ARG A 56 -6.80 1.58 14.14
N ILE A 57 -5.80 2.48 14.17
CA ILE A 57 -6.06 3.91 14.28
C ILE A 57 -6.85 4.23 15.54
N ASN A 58 -6.16 4.21 16.68
CA ASN A 58 -6.79 4.50 17.96
C ASN A 58 -6.52 5.94 18.39
N ASP A 59 -7.57 6.73 18.51
CA ASP A 59 -7.44 8.13 18.91
C ASP A 59 -6.80 8.24 20.29
N GLY A 60 -5.64 8.90 20.36
CA GLY A 60 -4.95 9.05 21.62
C GLY A 60 -4.62 10.50 21.93
N LEU A 61 -3.55 11.00 21.32
CA LEU A 61 -3.12 12.38 21.52
C LEU A 61 -3.01 12.70 23.02
N ALA A 62 -2.04 12.08 23.67
CA ALA A 62 -1.83 12.30 25.10
C ALA A 62 -0.60 11.54 25.60
N GLY A 63 -0.52 10.25 25.25
CA GLY A 63 0.59 9.44 25.67
C GLY A 63 0.92 8.35 24.66
N LYS A 64 0.62 8.61 23.40
CA LYS A 64 0.89 7.64 22.33
C LYS A 64 0.22 6.30 22.63
N VAL A 65 -1.06 6.20 22.27
CA VAL A 65 -1.82 4.97 22.49
C VAL A 65 -1.88 4.63 23.99
N SER A 66 -2.86 3.82 24.36
CA SER A 66 -3.04 3.42 25.76
C SER A 66 -2.76 1.93 25.93
N THR A 67 -2.08 1.60 27.02
CA THR A 67 -1.74 0.21 27.31
C THR A 67 -1.04 0.09 28.66
N LYS A 68 -1.43 -0.89 29.45
CA LYS A 68 -0.83 -1.11 30.77
C LYS A 68 -0.73 -2.60 31.09
N SER A 69 0.43 -3.03 31.56
CA SER A 69 0.65 -4.42 31.92
C SER A 69 0.42 -5.34 30.71
N VAL A 70 0.80 -6.61 30.86
CA VAL A 70 0.62 -7.58 29.79
C VAL A 70 0.50 -8.99 30.35
N GLY A 71 -0.33 -9.81 29.70
CA GLY A 71 -0.51 -11.17 30.16
C GLY A 71 -1.72 -11.33 31.06
N GLU A 72 -1.64 -12.27 32.00
CA GLU A 72 -2.74 -12.52 32.92
C GLU A 72 -2.34 -12.13 34.34
N ILE A 73 -1.43 -11.18 34.47
CA ILE A 73 -0.98 -10.72 35.78
C ILE A 73 -1.02 -9.19 35.87
N LEU A 74 -1.87 -8.68 36.76
CA LEU A 74 -2.01 -7.24 36.94
C LEU A 74 -1.94 -6.88 38.42
N ASP A 75 -1.72 -5.60 38.70
CA ASP A 75 -1.63 -5.11 40.06
C ASP A 75 -2.95 -5.31 40.80
N GLU A 76 -4.06 -5.13 40.08
CA GLU A 76 -5.38 -5.29 40.67
C GLU A 76 -6.46 -5.15 39.60
N GLU A 77 -7.53 -5.94 39.75
CA GLU A 77 -8.64 -5.90 38.80
C GLU A 77 -9.34 -4.54 38.82
N LEU A 78 -9.20 -3.79 37.74
CA LEU A 78 -9.81 -2.47 37.64
C LEU A 78 -9.69 -1.92 36.22
N SER A 79 -8.52 -2.11 35.62
CA SER A 79 -8.28 -1.63 34.25
C SER A 79 -7.24 -2.50 33.56
N GLY A 80 -7.64 -3.12 32.46
CA GLY A 80 -6.72 -3.97 31.71
C GLY A 80 -7.36 -4.57 30.48
N ASP A 81 -6.57 -4.73 29.42
CA ASP A 81 -7.07 -5.30 28.18
C ASP A 81 -7.69 -6.69 28.42
N ARG A 82 -7.04 -7.46 29.28
CA ARG A 82 -7.51 -8.80 29.62
C ARG A 82 -8.07 -8.85 31.04
N ALA A 83 -7.68 -7.87 31.85
CA ALA A 83 -8.14 -7.79 33.23
C ALA A 83 -7.69 -9.02 34.02
N MET B 1 12.41 1.02 -19.53
CA MET B 1 12.12 2.19 -20.41
C MET B 1 12.16 3.49 -19.62
N SER B 2 11.48 3.50 -18.47
CA SER B 2 11.44 4.68 -17.63
C SER B 2 12.36 4.52 -16.42
N ARG B 3 13.63 4.85 -16.62
CA ARG B 3 14.63 4.74 -15.56
C ARG B 3 14.80 6.07 -14.84
N LEU B 4 14.78 6.05 -13.51
CA LEU B 4 14.94 7.25 -12.72
C LEU B 4 16.18 7.17 -11.85
N THR B 5 17.06 8.15 -11.97
CA THR B 5 18.25 8.18 -11.15
C THR B 5 17.98 9.02 -9.92
N ILE B 6 18.12 8.41 -8.75
CA ILE B 6 17.85 9.08 -7.50
C ILE B 6 19.13 9.30 -6.69
N ASP B 7 19.22 10.46 -6.06
CA ASP B 7 20.39 10.77 -5.24
C ASP B 7 20.10 10.49 -3.78
N MET B 8 20.93 9.66 -3.17
CA MET B 8 20.77 9.28 -1.78
C MET B 8 22.08 9.47 -1.02
N THR B 9 22.00 9.52 0.31
CA THR B 9 23.18 9.68 1.13
C THR B 9 23.86 8.32 1.36
N ASP B 10 25.15 8.35 1.65
CA ASP B 10 25.91 7.13 1.88
C ASP B 10 25.17 6.15 2.80
N GLN B 11 24.45 6.70 3.77
CA GLN B 11 23.71 5.87 4.73
C GLN B 11 22.53 5.16 4.06
N GLN B 12 21.75 5.91 3.29
CA GLN B 12 20.58 5.36 2.61
C GLN B 12 20.98 4.23 1.67
N HIS B 13 21.99 4.46 0.84
CA HIS B 13 22.45 3.45 -0.11
C HIS B 13 22.91 2.18 0.62
N GLN B 14 23.16 2.30 1.92
CA GLN B 14 23.58 1.16 2.71
C GLN B 14 22.40 0.36 3.27
N SER B 15 21.47 1.09 3.88
CA SER B 15 20.30 0.49 4.52
C SER B 15 19.30 -0.15 3.56
N LEU B 16 18.91 0.58 2.53
CA LEU B 16 17.92 0.06 1.58
C LEU B 16 18.52 -1.03 0.70
N LYS B 17 19.78 -0.86 0.31
CA LYS B 17 20.45 -1.87 -0.51
C LYS B 17 20.71 -3.11 0.32
N ALA B 18 21.02 -2.87 1.59
CA ALA B 18 21.28 -3.96 2.51
C ALA B 18 20.05 -4.84 2.63
N LEU B 19 18.90 -4.20 2.70
CA LEU B 19 17.64 -4.92 2.76
C LEU B 19 17.36 -5.56 1.41
N ALA B 20 17.80 -4.89 0.34
CA ALA B 20 17.62 -5.39 -1.01
C ALA B 20 18.26 -6.77 -1.15
N ALA B 21 19.53 -6.88 -0.75
CA ALA B 21 20.25 -8.14 -0.82
C ALA B 21 19.73 -9.11 0.23
N LEU B 22 19.30 -8.57 1.36
CA LEU B 22 18.79 -9.40 2.44
C LEU B 22 17.49 -10.09 2.03
N GLN B 23 16.62 -9.36 1.35
CA GLN B 23 15.35 -9.90 0.90
C GLN B 23 15.56 -11.00 -0.15
N GLY B 24 16.77 -11.08 -0.69
CA GLY B 24 17.06 -12.10 -1.69
C GLY B 24 16.99 -11.55 -3.11
N LYS B 25 17.39 -10.28 -3.25
CA LYS B 25 17.36 -9.63 -4.55
C LYS B 25 18.29 -8.42 -4.57
N THR B 26 18.30 -7.69 -5.67
CA THR B 26 19.15 -6.51 -5.80
C THR B 26 18.34 -5.24 -5.54
N ILE B 27 18.98 -4.26 -4.93
CA ILE B 27 18.35 -2.98 -4.61
C ILE B 27 17.52 -2.47 -5.80
N LYS B 28 18.08 -2.56 -6.99
CA LYS B 28 17.38 -2.12 -8.20
C LYS B 28 15.97 -2.69 -8.24
N GLN B 29 15.78 -3.83 -7.59
CA GLN B 29 14.49 -4.50 -7.53
C GLN B 29 13.77 -4.16 -6.23
N TYR B 30 14.51 -4.29 -5.14
CA TYR B 30 13.98 -4.04 -3.81
C TYR B 30 13.44 -2.63 -3.66
N ALA B 31 14.24 -1.64 -4.03
CA ALA B 31 13.83 -0.25 -3.94
C ALA B 31 12.65 0.00 -4.86
N LEU B 32 12.64 -0.74 -5.97
CA LEU B 32 11.60 -0.63 -6.96
C LEU B 32 10.22 -0.83 -6.34
N GLU B 33 10.09 -1.90 -5.55
CA GLU B 33 8.83 -2.21 -4.90
C GLU B 33 8.51 -1.21 -3.79
N ARG B 34 9.55 -0.62 -3.21
CA ARG B 34 9.39 0.35 -2.14
C ARG B 34 9.07 1.73 -2.69
N LEU B 35 9.35 1.94 -3.97
CA LEU B 35 9.07 3.22 -4.62
C LEU B 35 7.59 3.36 -4.91
N PHE B 36 6.90 2.21 -4.95
CA PHE B 36 5.46 2.21 -5.22
C PHE B 36 4.72 1.32 -4.22
N PRO B 37 4.77 1.65 -2.92
CA PRO B 37 4.09 0.88 -1.87
C PRO B 37 2.58 1.07 -1.91
N GLY B 38 1.92 0.73 -0.80
CA GLY B 38 0.48 0.88 -0.72
C GLY B 38 -0.26 -0.01 -1.70
N ASP B 39 -1.52 -0.28 -1.41
CA ASP B 39 -2.35 -1.13 -2.26
C ASP B 39 -3.81 -0.76 -2.15
N ALA B 40 -4.34 -0.11 -3.18
CA ALA B 40 -5.74 0.31 -3.19
C ALA B 40 -6.66 -0.81 -3.65
N ASP B 41 -6.11 -2.01 -3.84
CA ASP B 41 -6.91 -3.15 -4.27
C ASP B 41 -8.06 -3.43 -3.31
N ALA B 42 -7.83 -3.14 -2.03
CA ALA B 42 -8.85 -3.36 -1.00
C ALA B 42 -10.08 -2.49 -1.26
N ASP B 43 -9.87 -1.33 -1.87
CA ASP B 43 -10.96 -0.40 -2.17
C ASP B 43 -12.04 -1.08 -3.01
N GLN B 44 -11.63 -2.06 -3.82
CA GLN B 44 -12.57 -2.77 -4.68
C GLN B 44 -12.94 -4.12 -4.07
N ALA B 45 -11.92 -4.93 -3.75
CA ALA B 45 -12.14 -6.24 -3.16
C ALA B 45 -13.16 -6.19 -2.03
N TRP B 46 -12.75 -5.61 -0.91
CA TRP B 46 -13.60 -5.49 0.26
C TRP B 46 -14.95 -4.86 -0.09
N GLN B 47 -14.88 -3.75 -0.80
CA GLN B 47 -16.08 -3.04 -1.22
C GLN B 47 -17.01 -3.94 -2.03
N GLU B 48 -16.44 -5.00 -2.61
CA GLU B 48 -17.21 -5.95 -3.41
C GLU B 48 -17.64 -7.15 -2.57
N LEU B 49 -17.13 -7.26 -1.36
CA LEU B 49 -17.46 -8.37 -0.48
C LEU B 49 -18.97 -8.38 -0.20
N LYS B 50 -19.57 -7.20 -0.21
CA LYS B 50 -21.00 -7.07 0.03
C LYS B 50 -21.75 -6.98 -1.30
N THR B 51 -21.06 -6.52 -2.34
CA THR B 51 -21.66 -6.39 -3.67
C THR B 51 -22.12 -7.75 -4.19
N MET B 52 -21.41 -8.80 -3.80
CA MET B 52 -21.75 -10.15 -4.23
C MET B 52 -21.93 -11.08 -3.03
N LEU B 53 -23.16 -11.53 -2.82
CA LEU B 53 -23.48 -12.42 -1.71
C LEU B 53 -23.81 -13.82 -2.21
N GLY B 54 -24.02 -14.74 -1.28
CA GLY B 54 -24.35 -16.10 -1.65
C GLY B 54 -25.46 -16.68 -0.79
N ASN B 55 -25.18 -17.81 -0.15
CA ASN B 55 -26.16 -18.47 0.70
C ASN B 55 -25.65 -18.59 2.14
N ARG B 56 -24.45 -19.15 2.29
CA ARG B 56 -23.85 -19.32 3.59
C ARG B 56 -22.69 -18.34 3.80
N ILE B 57 -22.48 -17.93 5.05
CA ILE B 57 -21.42 -16.99 5.37
C ILE B 57 -21.65 -15.64 4.71
N ASN B 58 -21.40 -14.57 5.45
CA ASN B 58 -21.58 -13.21 4.93
C ASN B 58 -21.13 -12.17 5.95
N ASP B 59 -19.83 -11.87 5.94
CA ASP B 59 -19.27 -10.89 6.86
C ASP B 59 -19.83 -9.50 6.60
N GLY B 60 -20.35 -8.87 7.63
CA GLY B 60 -20.92 -7.55 7.49
C GLY B 60 -21.20 -6.89 8.83
N LEU B 61 -20.31 -7.07 9.78
CA LEU B 61 -20.48 -6.49 11.11
C LEU B 61 -20.42 -4.97 11.06
N ALA B 62 -21.53 -4.36 10.64
CA ALA B 62 -21.61 -2.91 10.55
C ALA B 62 -23.00 -2.46 10.14
N GLY B 63 -23.93 -2.51 11.09
CA GLY B 63 -25.30 -2.11 10.81
C GLY B 63 -25.94 -2.96 9.72
N LYS B 64 -26.01 -2.41 8.52
CA LYS B 64 -26.58 -3.11 7.38
C LYS B 64 -26.06 -2.55 6.07
N VAL B 65 -26.09 -1.23 5.94
CA VAL B 65 -25.62 -0.54 4.74
C VAL B 65 -26.07 -1.26 3.47
N SER B 66 -27.28 -0.95 3.02
CA SER B 66 -27.83 -1.56 1.81
C SER B 66 -28.19 -0.51 0.78
N THR B 67 -27.17 0.17 0.26
CA THR B 67 -27.38 1.21 -0.75
C THR B 67 -28.02 0.63 -2.01
N LYS B 68 -27.25 -0.18 -2.74
CA LYS B 68 -27.74 -0.79 -3.96
C LYS B 68 -28.18 -2.23 -3.72
N SER B 69 -28.64 -2.90 -4.76
CA SER B 69 -29.08 -4.28 -4.66
C SER B 69 -28.01 -5.24 -5.17
N VAL B 70 -27.91 -6.40 -4.54
CA VAL B 70 -26.92 -7.40 -4.93
C VAL B 70 -27.34 -8.11 -6.22
N GLY B 71 -26.35 -8.44 -7.05
CA GLY B 71 -26.63 -9.11 -8.31
C GLY B 71 -25.38 -9.50 -9.06
N GLU B 72 -25.15 -10.80 -9.19
CA GLU B 72 -23.98 -11.31 -9.89
C GLU B 72 -24.21 -12.73 -10.40
N ILE B 73 -23.23 -13.26 -11.12
CA ILE B 73 -23.32 -14.61 -11.67
C ILE B 73 -24.46 -14.71 -12.69
N LEU B 74 -24.11 -14.56 -13.97
CA LEU B 74 -25.09 -14.63 -15.04
C LEU B 74 -26.20 -13.61 -14.84
N ASP B 75 -26.97 -13.37 -15.91
CA ASP B 75 -28.06 -12.40 -15.86
C ASP B 75 -29.23 -12.94 -15.03
N GLU B 76 -29.96 -12.03 -14.41
CA GLU B 76 -31.12 -12.42 -13.59
C GLU B 76 -31.82 -11.19 -13.01
N GLU B 77 -31.15 -10.50 -12.10
CA GLU B 77 -31.70 -9.31 -11.48
C GLU B 77 -31.66 -8.13 -12.45
N LEU B 78 -31.94 -6.94 -11.93
CA LEU B 78 -31.93 -5.73 -12.74
C LEU B 78 -30.50 -5.32 -13.09
N SER B 79 -30.37 -4.38 -14.02
CA SER B 79 -29.06 -3.90 -14.44
C SER B 79 -29.13 -2.44 -14.88
N GLY B 80 -28.21 -1.63 -14.35
CA GLY B 80 -28.18 -0.22 -14.70
C GLY B 80 -28.71 0.66 -13.60
N ASP B 81 -29.76 0.22 -12.94
CA ASP B 81 -30.36 0.98 -11.85
C ASP B 81 -29.33 1.29 -10.77
N ARG B 82 -28.42 0.36 -10.56
CA ARG B 82 -27.36 0.53 -9.56
C ARG B 82 -26.00 0.70 -10.24
N ALA B 83 -25.91 0.32 -11.51
CA ALA B 83 -24.66 0.45 -12.26
C ALA B 83 -23.58 -0.43 -11.65
N MET A 1 28.05 9.58 -4.92
CA MET A 1 28.51 8.17 -4.88
C MET A 1 27.40 7.23 -4.42
N SER A 2 26.45 7.77 -3.65
CA SER A 2 25.34 6.98 -3.15
C SER A 2 24.08 7.19 -3.99
N ARG A 3 24.28 7.58 -5.25
CA ARG A 3 23.18 7.80 -6.17
C ARG A 3 22.94 6.54 -7.00
N LEU A 4 21.75 5.97 -6.91
CA LEU A 4 21.44 4.75 -7.63
C LEU A 4 20.50 4.99 -8.80
N THR A 5 20.76 4.32 -9.92
CA THR A 5 19.91 4.43 -11.09
C THR A 5 18.85 3.33 -11.03
N ILE A 6 17.60 3.72 -11.19
CA ILE A 6 16.50 2.76 -11.10
C ILE A 6 15.66 2.74 -12.36
N ASP A 7 15.40 1.53 -12.87
CA ASP A 7 14.58 1.37 -14.07
C ASP A 7 13.15 1.03 -13.67
N MET A 8 12.21 1.83 -14.18
CA MET A 8 10.80 1.64 -13.86
C MET A 8 9.97 1.59 -15.14
N THR A 9 8.74 1.09 -15.02
CA THR A 9 7.84 0.98 -16.16
C THR A 9 7.13 2.31 -16.41
N ASP A 10 6.89 2.62 -17.68
CA ASP A 10 6.24 3.87 -18.06
C ASP A 10 5.03 4.19 -17.17
N GLN A 11 4.00 3.36 -17.26
CA GLN A 11 2.77 3.57 -16.50
C GLN A 11 3.03 3.61 -14.98
N GLN A 12 3.77 2.61 -14.49
CA GLN A 12 4.07 2.54 -13.06
C GLN A 12 4.88 3.75 -12.59
N HIS A 13 5.93 4.07 -13.32
CA HIS A 13 6.80 5.21 -12.99
C HIS A 13 5.99 6.49 -12.84
N GLN A 14 4.88 6.58 -13.57
CA GLN A 14 4.02 7.75 -13.53
C GLN A 14 3.21 7.76 -12.25
N SER A 15 2.89 6.58 -11.74
CA SER A 15 2.12 6.45 -10.53
C SER A 15 2.88 7.02 -9.34
N LEU A 16 4.14 6.61 -9.20
CA LEU A 16 4.98 7.09 -8.11
C LEU A 16 5.58 8.46 -8.42
N LYS A 17 5.88 8.70 -9.70
CA LYS A 17 6.46 9.98 -10.11
C LYS A 17 5.45 11.10 -9.92
N ALA A 18 4.19 10.80 -10.23
CA ALA A 18 3.12 11.78 -10.10
C ALA A 18 2.90 12.15 -8.63
N LEU A 19 2.95 11.14 -7.76
CA LEU A 19 2.75 11.35 -6.33
C LEU A 19 3.80 12.33 -5.79
N ALA A 20 5.01 12.25 -6.34
CA ALA A 20 6.08 13.13 -5.92
C ALA A 20 5.68 14.59 -6.09
N ALA A 21 5.18 14.93 -7.27
CA ALA A 21 4.75 16.28 -7.57
C ALA A 21 3.46 16.60 -6.84
N LEU A 22 2.62 15.59 -6.69
CA LEU A 22 1.35 15.75 -6.00
C LEU A 22 1.57 16.22 -4.56
N GLN A 23 2.62 15.70 -3.95
CA GLN A 23 2.97 16.05 -2.58
C GLN A 23 3.59 17.45 -2.51
N GLY A 24 4.19 17.87 -3.61
CA GLY A 24 4.82 19.19 -3.65
C GLY A 24 6.32 19.11 -3.86
N LYS A 25 6.78 18.06 -4.55
CA LYS A 25 8.21 17.89 -4.80
C LYS A 25 8.42 16.94 -5.98
N THR A 26 9.67 16.59 -6.24
CA THR A 26 10.01 15.68 -7.32
C THR A 26 10.28 14.28 -6.77
N ILE A 27 10.00 13.26 -7.57
CA ILE A 27 10.22 11.88 -7.14
C ILE A 27 11.61 11.73 -6.52
N LYS A 28 12.55 12.55 -6.98
CA LYS A 28 13.91 12.51 -6.44
C LYS A 28 13.88 12.59 -4.92
N GLN A 29 12.82 13.18 -4.39
CA GLN A 29 12.64 13.33 -2.95
C GLN A 29 11.62 12.32 -2.44
N TYR A 30 10.48 12.29 -3.10
CA TYR A 30 9.40 11.39 -2.73
C TYR A 30 9.83 9.92 -2.76
N ALA A 31 10.42 9.51 -3.87
CA ALA A 31 10.89 8.14 -4.01
C ALA A 31 12.03 7.87 -3.05
N LEU A 32 12.82 8.89 -2.80
CA LEU A 32 13.95 8.77 -1.93
C LEU A 32 13.54 8.26 -0.55
N GLU A 33 12.53 8.91 0.03
CA GLU A 33 12.04 8.55 1.36
C GLU A 33 11.23 7.25 1.32
N ARG A 34 10.45 7.08 0.27
CA ARG A 34 9.60 5.89 0.13
C ARG A 34 10.38 4.61 0.33
N LEU A 35 11.66 4.62 0.01
CA LEU A 35 12.52 3.45 0.18
C LEU A 35 12.91 3.29 1.64
N PHE A 36 12.81 4.37 2.41
CA PHE A 36 13.15 4.34 3.82
C PHE A 36 12.04 4.96 4.68
N PRO A 37 10.79 4.44 4.55
CA PRO A 37 9.66 4.95 5.31
C PRO A 37 9.53 4.29 6.68
N GLY A 38 9.75 2.98 6.73
CA GLY A 38 9.64 2.25 7.99
C GLY A 38 8.40 1.38 8.04
N ASP A 39 8.41 0.41 8.95
CA ASP A 39 7.27 -0.50 9.11
C ASP A 39 6.87 -0.64 10.56
N ALA A 40 7.15 0.40 11.34
CA ALA A 40 6.83 0.40 12.76
C ALA A 40 7.42 -0.81 13.49
N ASP A 41 8.32 -1.53 12.82
CA ASP A 41 8.94 -2.71 13.41
C ASP A 41 9.52 -2.40 14.79
N ALA A 42 10.10 -1.22 14.93
CA ALA A 42 10.68 -0.80 16.20
C ALA A 42 9.62 -0.71 17.30
N ASP A 43 8.48 -0.12 16.96
CA ASP A 43 7.38 0.03 17.91
C ASP A 43 6.72 -1.31 18.19
N GLN A 44 6.34 -2.01 17.13
CA GLN A 44 5.68 -3.32 17.27
C GLN A 44 6.54 -4.29 18.08
N ALA A 45 7.85 -4.11 18.00
CA ALA A 45 8.79 -4.96 18.71
C ALA A 45 8.52 -4.94 20.22
N TRP A 46 8.64 -3.75 20.81
CA TRP A 46 8.42 -3.59 22.24
C TRP A 46 6.95 -3.26 22.56
N GLN A 47 6.06 -3.66 21.65
CA GLN A 47 4.63 -3.40 21.85
C GLN A 47 3.86 -4.70 22.06
N GLU A 48 4.46 -5.82 21.66
CA GLU A 48 3.82 -7.12 21.80
C GLU A 48 4.50 -7.95 22.89
N LEU A 49 5.62 -7.46 23.41
CA LEU A 49 6.35 -8.17 24.46
C LEU A 49 5.46 -8.33 25.68
N LYS A 50 4.62 -7.34 25.92
CA LYS A 50 3.69 -7.37 27.05
C LYS A 50 2.26 -7.58 26.56
N THR A 51 2.00 -7.20 25.32
CA THR A 51 0.68 -7.35 24.72
C THR A 51 0.73 -8.28 23.52
N MET A 52 0.85 -9.58 23.79
CA MET A 52 0.91 -10.57 22.72
C MET A 52 -0.44 -10.71 22.02
N LEU A 53 -0.40 -10.84 20.70
CA LEU A 53 -1.62 -10.98 19.92
C LEU A 53 -2.19 -12.39 20.03
N GLY A 54 -3.29 -12.64 19.32
CA GLY A 54 -3.91 -13.95 19.36
C GLY A 54 -4.68 -14.27 18.07
N ASN A 55 -3.95 -14.31 16.96
CA ASN A 55 -4.56 -14.61 15.67
C ASN A 55 -4.16 -16.00 15.18
N ARG A 56 -3.93 -16.90 16.12
CA ARG A 56 -3.53 -18.26 15.78
C ARG A 56 -4.37 -19.28 16.54
N ILE A 57 -5.48 -19.69 15.94
CA ILE A 57 -6.39 -20.65 16.57
C ILE A 57 -6.21 -22.03 15.96
N ASN A 58 -4.95 -22.48 15.85
CA ASN A 58 -4.65 -23.79 15.30
C ASN A 58 -5.37 -24.90 16.06
N ASP A 59 -5.25 -24.86 17.38
CA ASP A 59 -5.89 -25.85 18.24
C ASP A 59 -5.93 -25.37 19.67
N GLY A 60 -4.77 -25.34 20.32
CA GLY A 60 -4.70 -24.90 21.70
C GLY A 60 -4.96 -26.01 22.69
N LEU A 61 -6.09 -26.69 22.52
CA LEU A 61 -6.47 -27.79 23.40
C LEU A 61 -6.70 -27.31 24.83
N ALA A 62 -5.62 -26.94 25.50
CA ALA A 62 -5.71 -26.46 26.88
C ALA A 62 -4.35 -25.98 27.39
N GLY A 63 -3.33 -26.83 27.23
CA GLY A 63 -1.99 -26.48 27.68
C GLY A 63 -0.92 -27.15 26.86
N LYS A 64 -0.95 -26.93 25.54
CA LYS A 64 0.03 -27.52 24.65
C LYS A 64 1.44 -27.07 25.00
N VAL A 65 1.70 -25.78 24.81
CA VAL A 65 3.01 -25.20 25.11
C VAL A 65 2.91 -23.71 25.39
N SER A 66 2.96 -23.34 26.67
CA SER A 66 2.88 -21.94 27.06
C SER A 66 3.34 -21.76 28.50
N THR A 67 3.39 -20.51 28.95
CA THR A 67 3.80 -20.18 30.31
C THR A 67 3.41 -18.76 30.68
N LYS A 68 2.28 -18.30 30.13
CA LYS A 68 1.80 -16.96 30.41
C LYS A 68 0.42 -16.74 29.78
N SER A 69 -0.07 -15.51 29.88
CA SER A 69 -1.38 -15.17 29.31
C SER A 69 -1.38 -13.74 28.77
N VAL A 70 -2.52 -13.31 28.26
CA VAL A 70 -2.65 -11.97 27.70
C VAL A 70 -3.88 -11.25 28.27
N GLY A 71 -3.70 -10.00 28.65
CA GLY A 71 -4.81 -9.23 29.20
C GLY A 71 -4.64 -8.96 30.68
N GLU A 72 -5.75 -8.70 31.37
CA GLU A 72 -5.72 -8.43 32.80
C GLU A 72 -7.00 -8.92 33.47
N ILE A 73 -7.53 -10.03 32.98
CA ILE A 73 -8.75 -10.60 33.53
C ILE A 73 -8.53 -12.05 33.97
N LEU A 74 -9.39 -12.53 34.86
CA LEU A 74 -9.29 -13.89 35.35
C LEU A 74 -9.44 -14.91 34.23
N ASP A 75 -8.81 -16.07 34.39
CA ASP A 75 -8.86 -17.12 33.38
C ASP A 75 -10.31 -17.56 33.14
N GLU A 76 -11.08 -17.64 34.21
CA GLU A 76 -12.49 -18.04 34.12
C GLU A 76 -13.27 -17.08 33.24
N GLU A 77 -13.48 -17.46 31.99
CA GLU A 77 -14.22 -16.63 31.05
C GLU A 77 -14.89 -17.50 29.98
N LEU A 78 -15.57 -16.84 29.04
CA LEU A 78 -16.25 -17.54 27.96
C LEU A 78 -15.91 -16.92 26.60
N SER A 79 -15.30 -17.70 25.73
CA SER A 79 -14.93 -17.23 24.40
C SER A 79 -13.97 -16.05 24.50
N GLY A 80 -12.99 -16.15 25.39
CA GLY A 80 -12.01 -15.09 25.56
C GLY A 80 -11.52 -14.99 26.98
N ASP A 81 -10.21 -15.12 27.16
CA ASP A 81 -9.61 -15.03 28.49
C ASP A 81 -9.85 -13.66 29.11
N ARG A 82 -9.89 -12.64 28.25
CA ARG A 82 -10.11 -11.27 28.72
C ARG A 82 -11.45 -10.72 28.22
N ALA A 83 -11.98 -11.34 27.17
CA ALA A 83 -13.26 -10.92 26.60
C ALA A 83 -13.19 -9.48 26.11
N MET B 1 10.99 2.56 -21.63
CA MET B 1 12.21 2.75 -20.80
C MET B 1 12.07 3.97 -19.89
N SER B 2 11.67 3.73 -18.64
CA SER B 2 11.51 4.79 -17.67
C SER B 2 12.39 4.57 -16.45
N ARG B 3 13.65 4.94 -16.57
CA ARG B 3 14.62 4.78 -15.49
C ARG B 3 14.97 6.13 -14.86
N LEU B 4 14.99 6.17 -13.53
CA LEU B 4 15.30 7.41 -12.82
C LEU B 4 16.53 7.25 -11.93
N THR B 5 17.37 8.26 -11.91
CA THR B 5 18.56 8.26 -11.07
C THR B 5 18.30 9.07 -9.82
N ILE B 6 18.41 8.44 -8.65
CA ILE B 6 18.13 9.11 -7.39
C ILE B 6 19.40 9.28 -6.56
N ASP B 7 19.48 10.40 -5.85
CA ASP B 7 20.62 10.68 -4.99
C ASP B 7 20.28 10.29 -3.57
N MET B 8 21.11 9.44 -2.99
CA MET B 8 20.89 8.95 -1.64
C MET B 8 22.12 9.13 -0.78
N THR B 9 21.93 9.05 0.54
CA THR B 9 23.04 9.19 1.48
C THR B 9 23.75 7.87 1.66
N ASP B 10 25.08 7.92 1.65
CA ASP B 10 25.91 6.73 1.79
C ASP B 10 25.41 5.82 2.92
N GLN B 11 25.22 6.39 4.10
CA GLN B 11 24.76 5.62 5.26
C GLN B 11 23.41 4.96 5.00
N GLN B 12 22.45 5.74 4.50
CA GLN B 12 21.11 5.21 4.23
C GLN B 12 21.14 4.18 3.11
N HIS B 13 21.88 4.47 2.04
CA HIS B 13 21.97 3.55 0.91
C HIS B 13 22.33 2.14 1.35
N GLN B 14 23.01 2.04 2.48
CA GLN B 14 23.41 0.75 3.02
C GLN B 14 22.19 0.03 3.58
N SER B 15 21.26 0.80 4.10
CA SER B 15 20.04 0.24 4.67
C SER B 15 19.15 -0.35 3.59
N LEU B 16 18.93 0.43 2.52
CA LEU B 16 18.10 -0.02 1.40
C LEU B 16 18.86 -0.93 0.45
N LYS B 17 20.10 -0.56 0.12
CA LYS B 17 20.89 -1.38 -0.80
C LYS B 17 21.08 -2.77 -0.21
N ALA B 18 21.48 -2.82 1.05
CA ALA B 18 21.71 -4.08 1.74
C ALA B 18 20.43 -4.88 1.90
N LEU B 19 19.33 -4.22 2.26
CA LEU B 19 18.06 -4.90 2.44
C LEU B 19 17.64 -5.62 1.17
N ALA B 20 17.99 -5.06 0.03
CA ALA B 20 17.67 -5.66 -1.26
C ALA B 20 18.32 -7.03 -1.37
N ALA B 21 19.63 -7.07 -1.13
CA ALA B 21 20.39 -8.31 -1.19
C ALA B 21 20.04 -9.21 -0.02
N LEU B 22 19.75 -8.59 1.12
CA LEU B 22 19.41 -9.34 2.32
C LEU B 22 18.17 -10.20 2.08
N GLN B 23 17.23 -9.66 1.32
CA GLN B 23 16.00 -10.36 1.00
C GLN B 23 16.24 -11.43 -0.07
N GLY B 24 17.27 -11.22 -0.89
CA GLY B 24 17.60 -12.18 -1.93
C GLY B 24 17.45 -11.58 -3.32
N LYS B 25 17.71 -10.29 -3.45
CA LYS B 25 17.60 -9.60 -4.73
C LYS B 25 18.41 -8.30 -4.72
N THR B 26 18.26 -7.51 -5.78
CA THR B 26 18.97 -6.24 -5.89
C THR B 26 18.03 -5.09 -5.58
N ILE B 27 18.58 -4.00 -5.05
CA ILE B 27 17.77 -2.84 -4.71
C ILE B 27 16.88 -2.44 -5.88
N LYS B 28 17.37 -2.66 -7.10
CA LYS B 28 16.60 -2.33 -8.28
C LYS B 28 15.19 -2.93 -8.19
N GLN B 29 15.06 -3.99 -7.39
CA GLN B 29 13.78 -4.64 -7.18
C GLN B 29 13.18 -4.20 -5.86
N TYR B 30 13.96 -4.33 -4.81
CA TYR B 30 13.53 -3.98 -3.46
C TYR B 30 13.14 -2.51 -3.36
N ALA B 31 14.00 -1.62 -3.84
CA ALA B 31 13.74 -0.20 -3.81
C ALA B 31 12.58 0.13 -4.72
N LEU B 32 12.57 -0.53 -5.86
CA LEU B 32 11.54 -0.33 -6.86
C LEU B 32 10.16 -0.57 -6.27
N GLU B 33 10.01 -1.71 -5.60
CA GLU B 33 8.74 -2.08 -4.99
C GLU B 33 8.37 -1.10 -3.88
N ARG B 34 9.38 -0.50 -3.28
CA ARG B 34 9.17 0.45 -2.19
C ARG B 34 8.78 1.83 -2.72
N LEU B 35 9.16 2.12 -3.96
CA LEU B 35 8.84 3.40 -4.57
C LEU B 35 7.38 3.41 -5.00
N PHE B 36 6.83 2.20 -5.22
CA PHE B 36 5.44 2.07 -5.63
C PHE B 36 4.69 1.08 -4.72
N PRO B 37 4.69 1.32 -3.39
CA PRO B 37 4.02 0.43 -2.44
C PRO B 37 2.55 0.82 -2.23
N GLY B 38 1.66 0.14 -2.94
CA GLY B 38 0.24 0.42 -2.81
C GLY B 38 -0.59 -0.84 -2.72
N ASP B 39 -0.31 -1.66 -1.71
CA ASP B 39 -1.05 -2.90 -1.51
C ASP B 39 -0.91 -3.39 -0.07
N ALA B 40 -1.90 -4.14 0.39
CA ALA B 40 -1.89 -4.67 1.74
C ALA B 40 -2.47 -6.08 1.80
N ASP B 41 -2.67 -6.69 0.64
CA ASP B 41 -3.23 -8.04 0.57
C ASP B 41 -2.13 -9.05 0.23
N ALA B 42 -1.41 -8.80 -0.86
CA ALA B 42 -0.34 -9.68 -1.29
C ALA B 42 0.96 -9.38 -0.56
N ASP B 43 1.11 -8.15 -0.10
CA ASP B 43 2.31 -7.72 0.60
C ASP B 43 2.32 -8.22 2.05
N GLN B 44 1.25 -8.90 2.46
CA GLN B 44 1.17 -9.43 3.82
C GLN B 44 1.03 -10.95 3.83
N ALA B 45 0.96 -11.55 2.64
CA ALA B 45 0.83 -13.00 2.52
C ALA B 45 2.06 -13.71 3.08
N TRP B 46 3.20 -13.53 2.42
CA TRP B 46 4.44 -14.15 2.84
C TRP B 46 5.20 -13.29 3.84
N GLN B 47 4.89 -11.99 3.84
CA GLN B 47 5.54 -11.05 4.74
C GLN B 47 5.19 -11.35 6.20
N GLU B 48 4.06 -12.01 6.42
CA GLU B 48 3.62 -12.36 7.76
C GLU B 48 4.20 -13.70 8.19
N LEU B 49 4.44 -14.57 7.22
CA LEU B 49 5.00 -15.89 7.49
C LEU B 49 6.36 -15.77 8.17
N LYS B 50 7.09 -14.70 7.85
CA LYS B 50 8.40 -14.45 8.42
C LYS B 50 8.35 -13.34 9.46
N THR B 51 7.42 -12.41 9.28
CA THR B 51 7.26 -11.29 10.21
C THR B 51 5.87 -10.70 10.11
N MET B 52 4.97 -11.15 10.98
CA MET B 52 3.60 -10.65 11.00
C MET B 52 3.52 -9.31 11.72
N LEU B 53 3.72 -8.23 10.96
CA LEU B 53 3.66 -6.89 11.53
C LEU B 53 2.27 -6.28 11.36
N GLY B 54 1.90 -6.02 10.13
CA GLY B 54 0.58 -5.44 9.85
C GLY B 54 0.65 -4.27 8.89
N ASN B 55 0.22 -3.11 9.36
CA ASN B 55 0.23 -1.91 8.53
C ASN B 55 1.34 -0.95 8.98
N ARG B 56 1.40 0.22 8.34
CA ARG B 56 2.40 1.22 8.68
C ARG B 56 1.76 2.59 8.88
N ILE B 57 1.97 3.17 10.05
CA ILE B 57 1.41 4.48 10.36
C ILE B 57 2.14 5.12 11.54
N ASN B 58 2.36 4.34 12.60
CA ASN B 58 3.04 4.83 13.78
C ASN B 58 4.55 4.70 13.65
N ASP B 59 5.26 5.79 13.89
CA ASP B 59 6.71 5.80 13.78
C ASP B 59 7.33 4.81 14.76
N GLY B 60 8.62 4.51 14.57
CA GLY B 60 9.30 3.58 15.44
C GLY B 60 9.92 4.26 16.65
N LEU B 61 10.89 5.13 16.40
CA LEU B 61 11.57 5.86 17.46
C LEU B 61 12.21 7.13 16.93
N ALA B 62 13.13 6.97 15.99
CA ALA B 62 13.82 8.12 15.40
C ALA B 62 14.76 7.67 14.27
N GLY B 63 14.33 6.67 13.52
CA GLY B 63 15.13 6.16 12.42
C GLY B 63 16.24 5.25 12.90
N LYS B 64 15.92 4.39 13.87
CA LYS B 64 16.89 3.45 14.41
C LYS B 64 17.39 2.50 13.32
N VAL B 65 18.40 1.71 13.66
CA VAL B 65 18.98 0.76 12.71
C VAL B 65 18.89 -0.66 13.25
N SER B 66 17.82 -1.36 12.91
CA SER B 66 17.63 -2.73 13.36
C SER B 66 16.59 -3.45 12.50
N THR B 67 15.31 -3.20 12.75
CA THR B 67 14.24 -3.81 11.99
C THR B 67 14.35 -5.33 12.01
N LYS B 68 14.19 -5.91 13.19
CA LYS B 68 14.28 -7.36 13.34
C LYS B 68 13.06 -8.05 12.75
N SER B 69 13.04 -9.39 12.81
CA SER B 69 11.93 -10.15 12.27
C SER B 69 11.01 -10.63 13.39
N VAL B 70 9.88 -11.24 13.02
CA VAL B 70 8.92 -11.73 13.98
C VAL B 70 8.52 -13.18 13.66
N GLY B 71 9.22 -14.13 14.25
CA GLY B 71 8.91 -15.53 14.01
C GLY B 71 9.56 -16.05 12.75
N GLU B 72 10.89 -16.18 12.78
CA GLU B 72 11.63 -16.68 11.62
C GLU B 72 12.47 -17.89 12.00
N ILE B 73 13.31 -18.35 11.07
CA ILE B 73 14.16 -19.50 11.31
C ILE B 73 15.47 -19.09 11.98
N LEU B 74 15.96 -19.93 12.88
CA LEU B 74 17.19 -19.65 13.60
C LEU B 74 18.30 -20.61 13.17
N ASP B 75 19.47 -20.49 13.79
CA ASP B 75 20.60 -21.34 13.48
C ASP B 75 21.65 -21.28 14.58
N GLU B 76 21.19 -21.14 15.82
CA GLU B 76 22.08 -21.07 16.98
C GLU B 76 23.04 -19.89 16.84
N GLU B 77 22.62 -18.74 17.36
CA GLU B 77 23.42 -17.53 17.31
C GLU B 77 23.02 -16.55 18.40
N LEU B 78 23.76 -15.45 18.51
CA LEU B 78 23.47 -14.43 19.51
C LEU B 78 22.07 -13.86 19.33
N SER B 79 21.59 -13.14 20.33
CA SER B 79 20.26 -12.54 20.28
C SER B 79 19.18 -13.60 20.13
N GLY B 80 17.98 -13.29 20.63
CA GLY B 80 16.88 -14.24 20.54
C GLY B 80 15.84 -14.02 21.61
N ASP B 81 15.51 -12.76 21.86
CA ASP B 81 14.50 -12.42 22.87
C ASP B 81 13.19 -13.10 22.57
N ARG B 82 12.78 -13.05 21.31
CA ARG B 82 11.53 -13.66 20.87
C ARG B 82 11.81 -14.90 20.00
N ALA B 83 13.03 -15.00 19.50
CA ALA B 83 13.43 -16.13 18.66
C ALA B 83 12.62 -16.15 17.37
N MET A 1 27.60 11.46 -5.41
CA MET A 1 26.90 11.04 -4.16
C MET A 1 26.25 9.68 -4.33
N SER A 2 25.71 9.15 -3.23
CA SER A 2 25.05 7.84 -3.26
C SER A 2 23.71 7.92 -3.99
N ARG A 3 23.77 8.04 -5.31
CA ARG A 3 22.57 8.12 -6.13
C ARG A 3 22.18 6.74 -6.65
N LEU A 4 20.89 6.40 -6.52
CA LEU A 4 20.41 5.11 -6.96
C LEU A 4 19.75 5.16 -8.34
N THR A 5 20.04 4.17 -9.16
CA THR A 5 19.45 4.08 -10.49
C THR A 5 18.62 2.81 -10.58
N ILE A 6 17.32 2.96 -10.86
CA ILE A 6 16.43 1.81 -10.94
C ILE A 6 15.60 1.83 -12.22
N ASP A 7 15.33 0.64 -12.75
CA ASP A 7 14.52 0.54 -13.97
C ASP A 7 13.08 0.23 -13.62
N MET A 8 12.17 1.07 -14.12
CA MET A 8 10.75 0.90 -13.87
C MET A 8 9.97 0.95 -15.18
N THR A 9 8.73 0.47 -15.16
CA THR A 9 7.91 0.47 -16.36
C THR A 9 7.23 1.83 -16.52
N ASP A 10 7.29 2.36 -17.75
CA ASP A 10 6.72 3.67 -18.07
C ASP A 10 5.49 4.03 -17.22
N GLN A 11 4.62 3.05 -17.01
CA GLN A 11 3.41 3.28 -16.22
C GLN A 11 3.72 3.52 -14.74
N GLN A 12 4.52 2.64 -14.17
CA GLN A 12 4.89 2.74 -12.76
C GLN A 12 5.74 3.99 -12.49
N HIS A 13 6.78 4.19 -13.30
CA HIS A 13 7.66 5.32 -13.14
C HIS A 13 6.90 6.64 -13.13
N GLN A 14 5.90 6.76 -13.98
CA GLN A 14 5.10 7.97 -14.05
C GLN A 14 4.16 8.05 -12.86
N SER A 15 3.69 6.89 -12.43
CA SER A 15 2.79 6.81 -11.29
C SER A 15 3.46 7.35 -10.03
N LEU A 16 4.67 6.88 -9.76
CA LEU A 16 5.41 7.33 -8.58
C LEU A 16 6.10 8.66 -8.84
N LYS A 17 6.58 8.87 -10.07
CA LYS A 17 7.25 10.13 -10.41
C LYS A 17 6.25 11.28 -10.38
N ALA A 18 5.05 11.02 -10.86
CA ALA A 18 4.00 12.04 -10.89
C ALA A 18 3.54 12.36 -9.48
N LEU A 19 3.31 11.31 -8.68
CA LEU A 19 2.88 11.49 -7.30
C LEU A 19 3.90 12.31 -6.52
N ALA A 20 5.18 12.06 -6.79
CA ALA A 20 6.25 12.79 -6.13
C ALA A 20 6.12 14.28 -6.39
N ALA A 21 5.89 14.64 -7.65
CA ALA A 21 5.73 16.03 -8.05
C ALA A 21 4.40 16.57 -7.54
N LEU A 22 3.40 15.70 -7.48
CA LEU A 22 2.09 16.08 -7.02
C LEU A 22 2.04 16.22 -5.50
N GLN A 23 3.00 15.60 -4.82
CA GLN A 23 3.06 15.66 -3.37
C GLN A 23 3.95 16.81 -2.90
N GLY A 24 3.97 17.90 -3.66
CA GLY A 24 4.78 19.05 -3.30
C GLY A 24 6.25 18.70 -3.08
N LYS A 25 6.75 17.76 -3.87
CA LYS A 25 8.14 17.33 -3.76
C LYS A 25 8.59 16.65 -5.04
N THR A 26 9.72 15.95 -4.97
CA THR A 26 10.25 15.25 -6.13
C THR A 26 10.43 13.77 -5.84
N ILE A 27 10.36 12.93 -6.87
CA ILE A 27 10.52 11.48 -6.71
C ILE A 27 11.81 11.18 -5.96
N LYS A 28 12.85 11.98 -6.20
CA LYS A 28 14.13 11.77 -5.52
C LYS A 28 13.97 12.01 -4.01
N GLN A 29 12.85 12.62 -3.64
CA GLN A 29 12.55 12.89 -2.23
C GLN A 29 11.48 11.94 -1.74
N TYR A 30 10.34 12.01 -2.40
CA TYR A 30 9.19 11.18 -2.07
C TYR A 30 9.53 9.70 -2.14
N ALA A 31 10.12 9.28 -3.26
CA ALA A 31 10.50 7.90 -3.45
C ALA A 31 11.61 7.53 -2.48
N LEU A 32 12.49 8.48 -2.26
CA LEU A 32 13.60 8.29 -1.35
C LEU A 32 13.11 7.88 0.03
N GLU A 33 12.18 8.66 0.57
CA GLU A 33 11.63 8.39 1.89
C GLU A 33 10.86 7.08 1.93
N ARG A 34 10.31 6.69 0.80
CA ARG A 34 9.55 5.45 0.72
C ARG A 34 10.43 4.25 1.11
N LEU A 35 11.72 4.36 0.80
CA LEU A 35 12.66 3.31 1.14
C LEU A 35 13.01 3.39 2.63
N PHE A 36 12.79 4.58 3.21
CA PHE A 36 13.07 4.79 4.63
C PHE A 36 11.91 5.52 5.32
N PRO A 37 10.68 4.99 5.23
CA PRO A 37 9.51 5.59 5.85
C PRO A 37 9.27 5.08 7.26
N GLY A 38 10.26 5.29 8.13
CA GLY A 38 10.15 4.84 9.51
C GLY A 38 9.20 5.70 10.32
N ASP A 39 7.90 5.59 10.02
CA ASP A 39 6.89 6.37 10.72
C ASP A 39 5.51 5.74 10.56
N ALA A 40 5.04 5.08 11.63
CA ALA A 40 3.74 4.43 11.61
C ALA A 40 2.60 5.45 11.66
N ASP A 41 2.95 6.72 11.85
CA ASP A 41 1.94 7.78 11.93
C ASP A 41 1.06 7.79 10.68
N ALA A 42 1.66 8.10 9.54
CA ALA A 42 0.93 8.15 8.27
C ALA A 42 0.29 6.79 7.95
N ASP A 43 0.91 5.73 8.45
CA ASP A 43 0.41 4.38 8.22
C ASP A 43 -1.02 4.23 8.75
N GLN A 44 -1.36 5.03 9.76
CA GLN A 44 -2.69 4.97 10.35
C GLN A 44 -3.49 6.24 10.03
N ALA A 45 -2.85 7.39 10.17
CA ALA A 45 -3.49 8.66 9.89
C ALA A 45 -4.00 8.72 8.46
N TRP A 46 -3.07 8.75 7.50
CA TRP A 46 -3.43 8.80 6.09
C TRP A 46 -4.30 7.60 5.69
N GLN A 47 -4.24 6.55 6.48
CA GLN A 47 -5.01 5.35 6.20
C GLN A 47 -6.51 5.62 6.34
N GLU A 48 -6.84 6.64 7.12
CA GLU A 48 -8.24 7.02 7.33
C GLU A 48 -8.65 8.18 6.44
N LEU A 49 -7.69 8.75 5.71
CA LEU A 49 -7.98 9.87 4.82
C LEU A 49 -8.98 9.45 3.74
N LYS A 50 -8.94 8.16 3.40
CA LYS A 50 -9.85 7.61 2.39
C LYS A 50 -10.79 6.60 3.03
N THR A 51 -10.92 6.65 4.36
CA THR A 51 -11.79 5.73 5.09
C THR A 51 -12.95 6.48 5.73
N MET A 52 -12.63 7.47 6.54
CA MET A 52 -13.64 8.26 7.22
C MET A 52 -14.34 9.21 6.24
N LEU A 53 -15.17 10.10 6.78
CA LEU A 53 -15.90 11.05 5.97
C LEU A 53 -14.96 12.05 5.32
N GLY A 54 -15.47 12.77 4.32
CA GLY A 54 -14.66 13.75 3.62
C GLY A 54 -14.04 13.20 2.36
N ASN A 55 -13.10 13.95 1.78
CA ASN A 55 -12.43 13.54 0.56
C ASN A 55 -13.43 13.34 -0.58
N ARG A 56 -12.92 13.26 -1.80
CA ARG A 56 -13.77 13.08 -2.98
C ARG A 56 -14.24 11.63 -3.10
N ILE A 57 -13.42 10.70 -2.59
CA ILE A 57 -13.76 9.28 -2.63
C ILE A 57 -13.75 8.77 -4.07
N ASN A 58 -12.68 8.09 -4.44
CA ASN A 58 -12.55 7.54 -5.79
C ASN A 58 -13.66 6.53 -6.08
N ASP A 59 -14.65 6.95 -6.85
CA ASP A 59 -15.76 6.08 -7.20
C ASP A 59 -15.29 4.86 -7.98
N GLY A 60 -14.96 3.79 -7.25
CA GLY A 60 -14.48 2.58 -7.89
C GLY A 60 -15.58 1.54 -8.06
N LEU A 61 -16.83 2.01 -8.12
CA LEU A 61 -17.97 1.12 -8.28
C LEU A 61 -17.90 0.39 -9.63
N ALA A 62 -17.71 -0.92 -9.58
CA ALA A 62 -17.63 -1.73 -10.79
C ALA A 62 -17.49 -3.21 -10.46
N GLY A 63 -18.18 -3.64 -9.41
CA GLY A 63 -18.13 -5.03 -8.99
C GLY A 63 -18.42 -5.22 -7.52
N LYS A 64 -17.69 -4.48 -6.68
CA LYS A 64 -17.87 -4.58 -5.23
C LYS A 64 -17.60 -5.99 -4.74
N VAL A 65 -16.45 -6.20 -4.12
CA VAL A 65 -16.08 -7.50 -3.59
C VAL A 65 -15.06 -7.37 -2.46
N SER A 66 -15.35 -6.49 -1.51
CA SER A 66 -14.46 -6.26 -0.38
C SER A 66 -15.26 -6.04 0.90
N THR A 67 -15.41 -7.09 1.70
CA THR A 67 -16.15 -7.01 2.94
C THR A 67 -15.51 -5.98 3.88
N LYS A 68 -16.14 -4.82 4.01
CA LYS A 68 -15.64 -3.76 4.87
C LYS A 68 -14.25 -3.32 4.43
N SER A 69 -14.18 -2.16 3.78
CA SER A 69 -12.92 -1.63 3.31
C SER A 69 -12.87 -0.12 3.46
N VAL A 70 -13.94 0.56 3.03
CA VAL A 70 -14.02 2.00 3.12
C VAL A 70 -15.20 2.43 3.99
N GLY A 71 -14.90 2.97 5.16
CA GLY A 71 -15.95 3.41 6.07
C GLY A 71 -16.63 4.68 5.60
N GLU A 72 -17.33 4.58 4.47
CA GLU A 72 -18.03 5.73 3.91
C GLU A 72 -19.34 5.30 3.24
N ILE A 73 -19.23 4.40 2.26
CA ILE A 73 -20.40 3.91 1.56
C ILE A 73 -20.54 2.39 1.69
N LEU A 74 -21.57 1.97 2.40
CA LEU A 74 -21.83 0.55 2.62
C LEU A 74 -23.15 0.33 3.35
N ASP A 75 -23.20 0.74 4.61
CA ASP A 75 -24.40 0.60 5.42
C ASP A 75 -25.42 1.67 5.06
N GLU A 76 -26.44 1.82 5.90
CA GLU A 76 -27.48 2.81 5.68
C GLU A 76 -28.07 3.30 7.00
N GLU A 77 -27.29 3.17 8.07
CA GLU A 77 -27.73 3.60 9.39
C GLU A 77 -27.57 5.12 9.55
N LEU A 78 -27.66 5.59 10.79
CA LEU A 78 -27.52 7.01 11.07
C LEU A 78 -26.24 7.29 11.86
N SER A 79 -25.88 6.37 12.75
CA SER A 79 -24.69 6.51 13.56
C SER A 79 -24.30 5.18 14.21
N GLY A 80 -23.38 4.47 13.57
CA GLY A 80 -22.95 3.18 14.09
C GLY A 80 -21.44 3.04 14.14
N ASP A 81 -20.73 4.12 13.79
CA ASP A 81 -19.27 4.10 13.80
C ASP A 81 -18.74 2.92 12.99
N ARG A 82 -18.72 3.06 11.67
CA ARG A 82 -18.24 2.00 10.79
C ARG A 82 -19.15 0.77 10.90
N ALA A 83 -20.40 1.00 11.30
CA ALA A 83 -21.35 -0.09 11.45
C ALA A 83 -20.84 -1.16 12.41
N MET B 1 11.68 2.27 -22.06
CA MET B 1 11.63 1.91 -20.61
C MET B 1 11.46 3.15 -19.75
N SER B 2 11.58 2.97 -18.43
CA SER B 2 11.43 4.07 -17.49
C SER B 2 12.34 3.89 -16.28
N ARG B 3 13.57 4.38 -16.39
CA ARG B 3 14.54 4.26 -15.31
C ARG B 3 14.53 5.52 -14.44
N LEU B 4 14.51 5.32 -13.12
CA LEU B 4 14.48 6.44 -12.19
C LEU B 4 15.86 6.68 -11.58
N THR B 5 16.23 7.95 -11.48
CA THR B 5 17.49 8.32 -10.87
C THR B 5 17.24 9.15 -9.63
N ILE B 6 17.71 8.67 -8.49
CA ILE B 6 17.51 9.36 -7.23
C ILE B 6 18.81 9.54 -6.47
N ASP B 7 18.92 10.63 -5.72
CA ASP B 7 20.11 10.90 -4.95
C ASP B 7 19.92 10.46 -3.49
N MET B 8 20.83 9.63 -3.03
CA MET B 8 20.78 9.11 -1.67
C MET B 8 22.11 9.32 -0.96
N THR B 9 22.11 9.22 0.36
CA THR B 9 23.33 9.40 1.14
C THR B 9 24.13 8.10 1.20
N ASP B 10 25.41 8.21 1.52
CA ASP B 10 26.29 7.04 1.58
C ASP B 10 25.68 5.91 2.40
N GLN B 11 25.69 6.06 3.72
CA GLN B 11 25.13 5.06 4.62
C GLN B 11 23.66 4.81 4.33
N GLN B 12 22.93 5.88 4.05
CA GLN B 12 21.50 5.78 3.76
C GLN B 12 21.23 4.87 2.57
N HIS B 13 21.96 5.11 1.48
CA HIS B 13 21.81 4.31 0.27
C HIS B 13 22.15 2.85 0.52
N GLN B 14 23.12 2.62 1.40
CA GLN B 14 23.54 1.27 1.73
C GLN B 14 22.52 0.56 2.61
N SER B 15 21.77 1.33 3.38
CA SER B 15 20.77 0.76 4.25
C SER B 15 19.67 0.09 3.43
N LEU B 16 19.14 0.80 2.46
CA LEU B 16 18.10 0.26 1.60
C LEU B 16 18.70 -0.59 0.48
N LYS B 17 19.88 -0.19 0.00
CA LYS B 17 20.55 -0.94 -1.06
C LYS B 17 20.98 -2.31 -0.56
N ALA B 18 21.41 -2.37 0.69
CA ALA B 18 21.85 -3.62 1.30
C ALA B 18 20.65 -4.54 1.53
N LEU B 19 19.56 -3.98 2.05
CA LEU B 19 18.36 -4.75 2.30
C LEU B 19 17.85 -5.40 1.02
N ALA B 20 18.03 -4.69 -0.10
CA ALA B 20 17.61 -5.21 -1.39
C ALA B 20 18.26 -6.57 -1.66
N ALA B 21 19.58 -6.61 -1.48
CA ALA B 21 20.35 -7.83 -1.68
C ALA B 21 20.08 -8.84 -0.56
N LEU B 22 19.83 -8.32 0.63
CA LEU B 22 19.56 -9.17 1.78
C LEU B 22 18.28 -9.98 1.62
N GLN B 23 17.41 -9.54 0.72
CA GLN B 23 16.15 -10.25 0.49
C GLN B 23 16.14 -10.97 -0.85
N GLY B 24 17.34 -11.37 -1.30
CA GLY B 24 17.47 -12.10 -2.55
C GLY B 24 17.08 -11.30 -3.78
N LYS B 25 17.41 -10.02 -3.80
CA LYS B 25 17.10 -9.17 -4.94
C LYS B 25 17.96 -7.92 -4.95
N THR B 26 17.74 -7.05 -5.93
CA THR B 26 18.49 -5.80 -6.03
C THR B 26 17.60 -4.61 -5.70
N ILE B 27 18.21 -3.52 -5.23
CA ILE B 27 17.45 -2.34 -4.88
C ILE B 27 16.56 -1.91 -6.05
N LYS B 28 16.98 -2.25 -7.27
CA LYS B 28 16.20 -1.91 -8.45
C LYS B 28 14.84 -2.60 -8.39
N GLN B 29 14.73 -3.61 -7.54
CA GLN B 29 13.50 -4.36 -7.36
C GLN B 29 12.92 -4.06 -6.00
N TYR B 30 13.77 -4.17 -4.99
CA TYR B 30 13.36 -3.94 -3.62
C TYR B 30 12.81 -2.53 -3.43
N ALA B 31 13.57 -1.54 -3.88
CA ALA B 31 13.14 -0.14 -3.78
C ALA B 31 11.93 0.08 -4.68
N LEU B 32 11.90 -0.65 -5.78
CA LEU B 32 10.81 -0.55 -6.73
C LEU B 32 9.47 -0.78 -6.07
N GLU B 33 9.37 -1.87 -5.33
CA GLU B 33 8.14 -2.22 -4.62
C GLU B 33 7.86 -1.24 -3.49
N ARG B 34 8.91 -0.66 -2.94
CA ARG B 34 8.78 0.28 -1.83
C ARG B 34 8.55 1.70 -2.32
N LEU B 35 8.91 1.99 -3.57
CA LEU B 35 8.72 3.31 -4.13
C LEU B 35 7.24 3.50 -4.47
N PHE B 36 6.54 2.39 -4.69
CA PHE B 36 5.12 2.43 -5.02
C PHE B 36 4.33 1.47 -4.13
N PRO B 37 4.36 1.67 -2.79
CA PRO B 37 3.64 0.82 -1.86
C PRO B 37 2.22 1.30 -1.60
N GLY B 38 1.28 0.80 -2.39
CA GLY B 38 -0.12 1.19 -2.24
C GLY B 38 -0.99 0.05 -1.75
N ASP B 39 -0.65 -1.17 -2.17
CA ASP B 39 -1.41 -2.35 -1.77
C ASP B 39 -0.96 -2.85 -0.39
N ALA B 40 -1.62 -3.90 0.09
CA ALA B 40 -1.30 -4.48 1.39
C ALA B 40 -1.30 -6.01 1.34
N ASP B 41 -1.40 -6.57 0.14
CA ASP B 41 -1.40 -8.01 -0.03
C ASP B 41 -0.14 -8.64 0.54
N ALA B 42 0.97 -7.89 0.49
CA ALA B 42 2.24 -8.38 1.00
C ALA B 42 2.14 -8.70 2.49
N ASP B 43 1.40 -7.88 3.22
CA ASP B 43 1.22 -8.08 4.65
C ASP B 43 0.59 -9.43 4.94
N GLN B 44 -0.46 -9.76 4.17
CA GLN B 44 -1.15 -11.03 4.35
C GLN B 44 -0.32 -12.19 3.82
N ALA B 45 0.56 -11.91 2.86
CA ALA B 45 1.41 -12.93 2.26
C ALA B 45 2.20 -13.68 3.34
N TRP B 46 2.92 -12.93 4.16
CA TRP B 46 3.72 -13.51 5.23
C TRP B 46 2.84 -14.18 6.29
N GLN B 47 1.56 -13.85 6.28
CA GLN B 47 0.62 -14.43 7.24
C GLN B 47 -0.24 -15.52 6.59
N GLU B 48 -0.09 -15.69 5.28
CA GLU B 48 -0.87 -16.71 4.56
C GLU B 48 0.05 -17.81 4.02
N LEU B 49 1.34 -17.52 3.90
CA LEU B 49 2.29 -18.51 3.41
C LEU B 49 2.29 -19.72 4.33
N LYS B 50 1.99 -19.47 5.60
CA LYS B 50 1.92 -20.53 6.60
C LYS B 50 0.48 -20.99 6.78
N THR B 51 -0.46 -20.13 6.42
CA THR B 51 -1.88 -20.44 6.53
C THR B 51 -2.36 -21.23 5.30
N MET B 52 -1.97 -22.49 5.23
CA MET B 52 -2.36 -23.34 4.11
C MET B 52 -3.17 -24.53 4.60
N LEU B 53 -4.45 -24.57 4.25
CA LEU B 53 -5.34 -25.65 4.65
C LEU B 53 -5.56 -26.62 3.50
N GLY B 54 -4.94 -27.80 3.58
CA GLY B 54 -5.09 -28.78 2.53
C GLY B 54 -4.03 -29.88 2.61
N ASN B 55 -2.78 -29.50 2.40
CA ASN B 55 -1.68 -30.46 2.44
C ASN B 55 -1.17 -30.65 3.87
N ARG B 56 -1.47 -31.80 4.45
CA ARG B 56 -1.05 -32.10 5.81
C ARG B 56 -0.68 -33.58 5.95
N ILE B 57 0.21 -33.87 6.90
CA ILE B 57 0.65 -35.24 7.14
C ILE B 57 -0.54 -36.20 7.25
N ASN B 58 -1.64 -35.71 7.80
CA ASN B 58 -2.84 -36.52 7.94
C ASN B 58 -3.51 -36.77 6.60
N ASP B 59 -4.47 -37.70 6.58
CA ASP B 59 -5.17 -38.02 5.35
C ASP B 59 -6.50 -38.71 5.67
N GLY B 60 -7.44 -37.95 6.25
CA GLY B 60 -8.73 -38.50 6.59
C GLY B 60 -9.81 -37.43 6.67
N LEU B 61 -9.60 -36.33 5.96
CA LEU B 61 -10.56 -35.23 5.95
C LEU B 61 -11.87 -35.66 5.28
N ALA B 62 -12.82 -34.75 5.21
CA ALA B 62 -14.11 -35.02 4.58
C ALA B 62 -14.98 -33.78 4.55
N GLY B 63 -15.53 -33.42 5.71
CA GLY B 63 -16.38 -32.25 5.80
C GLY B 63 -15.88 -31.23 6.81
N LYS B 64 -14.82 -30.52 6.46
CA LYS B 64 -14.24 -29.52 7.35
C LYS B 64 -13.80 -30.15 8.66
N VAL B 65 -13.30 -29.31 9.58
CA VAL B 65 -12.83 -29.80 10.87
C VAL B 65 -13.01 -28.73 11.95
N SER B 66 -13.44 -29.16 13.13
CA SER B 66 -13.64 -28.25 14.25
C SER B 66 -12.88 -28.71 15.49
N THR B 67 -11.56 -28.68 15.41
CA THR B 67 -10.71 -29.09 16.51
C THR B 67 -9.28 -28.62 16.30
N LYS B 68 -8.78 -28.77 15.08
CA LYS B 68 -7.42 -28.37 14.75
C LYS B 68 -7.19 -26.90 15.09
N SER B 69 -8.16 -26.05 14.73
CA SER B 69 -8.07 -24.62 15.00
C SER B 69 -6.99 -23.97 14.14
N VAL B 70 -5.74 -24.33 14.38
CA VAL B 70 -4.61 -23.80 13.64
C VAL B 70 -4.78 -24.02 12.14
N GLY B 71 -4.46 -23.01 11.35
CA GLY B 71 -4.59 -23.11 9.90
C GLY B 71 -6.04 -23.01 9.45
N GLU B 72 -6.84 -22.27 10.18
CA GLU B 72 -8.25 -22.10 9.85
C GLU B 72 -8.67 -20.64 9.96
N ILE B 73 -8.56 -19.91 8.85
CA ILE B 73 -8.93 -18.50 8.82
C ILE B 73 -10.05 -18.25 7.83
N LEU B 74 -10.93 -17.30 8.15
CA LEU B 74 -12.06 -16.97 7.29
C LEU B 74 -11.89 -15.57 6.70
N ASP B 75 -11.26 -14.69 7.46
CA ASP B 75 -11.04 -13.32 7.00
C ASP B 75 -9.88 -12.67 7.77
N GLU B 76 -9.32 -11.62 7.19
CA GLU B 76 -8.21 -10.92 7.82
C GLU B 76 -8.62 -10.34 9.17
N GLU B 77 -9.48 -9.33 9.14
CA GLU B 77 -9.96 -8.69 10.35
C GLU B 77 -10.70 -9.68 11.25
N LEU B 78 -10.01 -10.19 12.26
CA LEU B 78 -10.59 -11.16 13.19
C LEU B 78 -10.59 -10.62 14.62
N SER B 79 -9.78 -9.61 14.88
CA SER B 79 -9.69 -9.01 16.21
C SER B 79 -9.13 -10.01 17.22
N GLY B 80 -9.98 -10.92 17.69
CA GLY B 80 -9.55 -11.91 18.64
C GLY B 80 -8.96 -13.15 17.98
N ASP B 81 -9.37 -14.32 18.45
CA ASP B 81 -8.87 -15.59 17.91
C ASP B 81 -7.39 -15.75 18.20
N ARG B 82 -6.57 -14.98 17.50
CA ARG B 82 -5.12 -15.02 17.69
C ARG B 82 -4.60 -13.68 18.18
N ALA B 83 -5.48 -12.90 18.80
CA ALA B 83 -5.11 -11.58 19.32
C ALA B 83 -4.52 -10.70 18.21
N MET A 1 25.11 12.22 -2.44
CA MET A 1 26.36 11.48 -2.76
C MET A 1 26.05 10.10 -3.34
N SER A 2 25.47 9.24 -2.53
CA SER A 2 25.12 7.89 -2.97
C SER A 2 23.88 7.90 -3.86
N ARG A 3 24.11 8.15 -5.16
CA ARG A 3 23.01 8.19 -6.12
C ARG A 3 22.85 6.83 -6.79
N LEU A 4 21.62 6.30 -6.77
CA LEU A 4 21.34 5.01 -7.36
C LEU A 4 20.33 5.13 -8.49
N THR A 5 20.56 4.41 -9.57
CA THR A 5 19.65 4.43 -10.71
C THR A 5 18.81 3.16 -10.72
N ILE A 6 17.50 3.34 -10.65
CA ILE A 6 16.57 2.22 -10.64
C ILE A 6 15.77 2.16 -11.92
N ASP A 7 15.41 0.95 -12.35
CA ASP A 7 14.63 0.78 -13.57
C ASP A 7 13.15 0.62 -13.22
N MET A 8 12.32 1.47 -13.82
CA MET A 8 10.89 1.44 -13.57
C MET A 8 10.10 1.40 -14.88
N THR A 9 8.83 1.01 -14.79
CA THR A 9 7.98 0.93 -15.97
C THR A 9 7.38 2.29 -16.30
N ASP A 10 7.06 2.48 -17.59
CA ASP A 10 6.50 3.74 -18.06
C ASP A 10 5.36 4.24 -17.18
N GLN A 11 4.20 3.58 -17.27
CA GLN A 11 3.03 3.97 -16.50
C GLN A 11 3.30 3.94 -15.00
N GLN A 12 3.88 2.84 -14.51
CA GLN A 12 4.17 2.70 -13.09
C GLN A 12 5.04 3.85 -12.58
N HIS A 13 6.11 4.16 -13.33
CA HIS A 13 7.02 5.24 -12.96
C HIS A 13 6.26 6.54 -12.75
N GLN A 14 5.39 6.87 -13.70
CA GLN A 14 4.60 8.08 -13.62
C GLN A 14 3.64 8.01 -12.45
N SER A 15 3.27 6.79 -12.07
CA SER A 15 2.36 6.59 -10.95
C SER A 15 2.99 7.15 -9.68
N LEU A 16 4.24 6.78 -9.43
CA LEU A 16 4.97 7.25 -8.26
C LEU A 16 5.54 8.65 -8.52
N LYS A 17 5.88 8.92 -9.78
CA LYS A 17 6.43 10.20 -10.18
C LYS A 17 5.46 11.33 -9.86
N ALA A 18 4.20 11.14 -10.24
CA ALA A 18 3.17 12.14 -10.02
C ALA A 18 2.97 12.38 -8.53
N LEU A 19 3.01 11.31 -7.73
CA LEU A 19 2.84 11.43 -6.30
C LEU A 19 3.90 12.36 -5.70
N ALA A 20 5.10 12.31 -6.28
CA ALA A 20 6.19 13.16 -5.82
C ALA A 20 5.83 14.63 -5.98
N ALA A 21 5.40 15.00 -7.19
CA ALA A 21 5.01 16.36 -7.49
C ALA A 21 3.70 16.70 -6.81
N LEU A 22 2.83 15.70 -6.71
CA LEU A 22 1.54 15.89 -6.07
C LEU A 22 1.71 16.35 -4.63
N GLN A 23 2.71 15.80 -3.97
CA GLN A 23 3.00 16.13 -2.59
C GLN A 23 3.66 17.51 -2.49
N GLY A 24 4.34 17.91 -3.55
CA GLY A 24 5.01 19.21 -3.57
C GLY A 24 6.51 19.09 -3.70
N LYS A 25 6.98 18.05 -4.37
CA LYS A 25 8.41 17.83 -4.56
C LYS A 25 8.66 16.88 -5.73
N THR A 26 9.93 16.56 -5.96
CA THR A 26 10.31 15.65 -7.03
C THR A 26 10.48 14.23 -6.49
N ILE A 27 10.18 13.23 -7.32
CA ILE A 27 10.31 11.84 -6.88
C ILE A 27 11.66 11.59 -6.24
N LYS A 28 12.70 12.25 -6.74
CA LYS A 28 14.04 12.11 -6.17
C LYS A 28 13.98 12.24 -4.65
N GLN A 29 12.97 12.97 -4.18
CA GLN A 29 12.77 13.18 -2.74
C GLN A 29 11.71 12.24 -2.22
N TYR A 30 10.56 12.25 -2.90
CA TYR A 30 9.42 11.41 -2.53
C TYR A 30 9.79 9.93 -2.55
N ALA A 31 10.38 9.49 -3.65
CA ALA A 31 10.80 8.10 -3.79
C ALA A 31 11.88 7.78 -2.78
N LEU A 32 12.68 8.79 -2.47
CA LEU A 32 13.78 8.65 -1.53
C LEU A 32 13.29 8.11 -0.19
N GLU A 33 12.26 8.76 0.35
CA GLU A 33 11.70 8.37 1.63
C GLU A 33 10.90 7.07 1.52
N ARG A 34 10.36 6.82 0.34
CA ARG A 34 9.56 5.62 0.10
C ARG A 34 10.43 4.39 -0.09
N LEU A 35 11.67 4.58 -0.51
CA LEU A 35 12.58 3.48 -0.71
C LEU A 35 13.02 2.90 0.63
N PHE A 36 12.87 3.70 1.68
CA PHE A 36 13.23 3.26 3.02
C PHE A 36 12.12 3.62 4.01
N PRO A 37 10.93 3.01 3.85
CA PRO A 37 9.79 3.26 4.71
C PRO A 37 9.69 2.28 5.88
N GLY A 38 8.63 2.39 6.66
CA GLY A 38 8.44 1.50 7.79
C GLY A 38 7.31 0.50 7.54
N ASP A 39 6.15 1.01 7.16
CA ASP A 39 5.00 0.16 6.89
C ASP A 39 4.05 0.85 5.92
N ALA A 40 3.21 0.05 5.26
CA ALA A 40 2.24 0.57 4.31
C ALA A 40 1.09 -0.39 4.09
N ASP A 41 0.90 -1.30 5.04
CA ASP A 41 -0.18 -2.29 4.95
C ASP A 41 -1.36 -1.91 5.84
N ALA A 42 -1.14 -1.87 7.15
CA ALA A 42 -2.18 -1.55 8.10
C ALA A 42 -2.37 -0.04 8.24
N ASP A 43 -1.39 0.63 8.84
CA ASP A 43 -1.45 2.07 9.04
C ASP A 43 -1.79 2.82 7.76
N GLN A 44 -1.44 2.23 6.62
CA GLN A 44 -1.70 2.84 5.33
C GLN A 44 -3.07 2.43 4.78
N ALA A 45 -3.52 1.25 5.18
CA ALA A 45 -4.82 0.74 4.72
C ALA A 45 -5.96 1.61 5.21
N TRP A 46 -6.02 1.86 6.51
CA TRP A 46 -7.07 2.67 7.10
C TRP A 46 -6.69 4.15 7.16
N GLN A 47 -5.81 4.58 6.25
CA GLN A 47 -5.37 5.97 6.21
C GLN A 47 -5.66 6.61 4.84
N GLU A 48 -5.92 5.78 3.84
CA GLU A 48 -6.19 6.29 2.50
C GLU A 48 -7.59 5.87 2.00
N LEU A 49 -8.12 4.80 2.56
CA LEU A 49 -9.44 4.33 2.17
C LEU A 49 -10.49 5.41 2.45
N LYS A 50 -10.23 6.21 3.48
CA LYS A 50 -11.14 7.29 3.86
C LYS A 50 -10.46 8.65 3.67
N THR A 51 -9.14 8.65 3.53
CA THR A 51 -8.40 9.89 3.34
C THR A 51 -7.33 9.73 2.27
N MET A 52 -7.76 9.76 1.01
CA MET A 52 -6.84 9.63 -0.12
C MET A 52 -6.39 11.00 -0.62
N LEU A 53 -5.07 11.17 -0.72
CA LEU A 53 -4.50 12.42 -1.18
C LEU A 53 -4.84 12.68 -2.65
N GLY A 54 -4.32 13.78 -3.18
CA GLY A 54 -4.58 14.13 -4.57
C GLY A 54 -5.62 15.21 -4.71
N ASN A 55 -5.38 16.15 -5.63
CA ASN A 55 -6.30 17.24 -5.86
C ASN A 55 -6.17 17.78 -7.29
N ARG A 56 -7.29 17.81 -8.00
CA ARG A 56 -7.30 18.30 -9.38
C ARG A 56 -8.70 18.75 -9.78
N ILE A 57 -9.61 17.79 -9.89
CA ILE A 57 -10.98 18.09 -10.27
C ILE A 57 -11.05 18.69 -11.67
N ASN A 58 -11.73 17.99 -12.57
CA ASN A 58 -11.87 18.45 -13.95
C ASN A 58 -12.66 19.75 -14.01
N ASP A 59 -13.89 19.72 -13.50
CA ASP A 59 -14.74 20.89 -13.49
C ASP A 59 -15.91 20.72 -12.51
N GLY A 60 -16.90 19.94 -12.91
CA GLY A 60 -18.04 19.70 -12.06
C GLY A 60 -19.36 19.78 -12.81
N LEU A 61 -19.62 20.93 -13.43
CA LEU A 61 -20.84 21.13 -14.19
C LEU A 61 -20.96 20.11 -15.31
N ALA A 62 -21.77 19.08 -15.09
CA ALA A 62 -21.97 18.03 -16.08
C ALA A 62 -23.00 17.00 -15.60
N GLY A 63 -24.23 17.47 -15.37
CA GLY A 63 -25.27 16.58 -14.91
C GLY A 63 -25.57 16.75 -13.43
N LYS A 64 -24.56 17.16 -12.68
CA LYS A 64 -24.71 17.36 -11.24
C LYS A 64 -25.05 16.04 -10.54
N VAL A 65 -24.07 15.15 -10.46
CA VAL A 65 -24.26 13.86 -9.82
C VAL A 65 -24.07 13.96 -8.31
N SER A 66 -24.20 12.83 -7.62
CA SER A 66 -24.04 12.78 -6.18
C SER A 66 -23.81 11.35 -5.69
N THR A 67 -22.55 11.01 -5.45
CA THR A 67 -22.19 9.68 -4.98
C THR A 67 -20.78 9.67 -4.41
N LYS A 68 -20.37 10.79 -3.82
CA LYS A 68 -19.05 10.90 -3.23
C LYS A 68 -19.12 11.51 -1.84
N SER A 69 -18.22 11.08 -0.96
CA SER A 69 -18.18 11.57 0.41
C SER A 69 -16.81 12.19 0.73
N VAL A 70 -16.71 12.80 1.91
CA VAL A 70 -15.46 13.42 2.33
C VAL A 70 -15.09 12.99 3.74
N GLY A 71 -13.81 13.14 4.07
CA GLY A 71 -13.34 12.76 5.40
C GLY A 71 -14.09 13.47 6.51
N GLU A 72 -14.26 14.77 6.37
CA GLU A 72 -14.96 15.57 7.37
C GLU A 72 -15.68 16.75 6.73
N ILE A 73 -16.74 17.21 7.38
CA ILE A 73 -17.52 18.34 6.88
C ILE A 73 -17.64 19.44 7.93
N LEU A 74 -17.36 20.68 7.52
CA LEU A 74 -17.44 21.82 8.43
C LEU A 74 -17.47 23.13 7.65
N ASP A 75 -17.83 24.21 8.34
CA ASP A 75 -17.91 25.52 7.73
C ASP A 75 -18.72 25.48 6.42
N GLU A 76 -20.04 25.44 6.56
CA GLU A 76 -20.93 25.40 5.42
C GLU A 76 -20.87 26.71 4.63
N GLU A 77 -19.85 26.87 3.80
CA GLU A 77 -19.68 28.07 3.01
C GLU A 77 -20.81 28.20 1.98
N LEU A 78 -20.62 29.07 1.00
CA LEU A 78 -21.61 29.29 -0.05
C LEU A 78 -21.57 28.17 -1.08
N SER A 79 -20.38 27.63 -1.32
CA SER A 79 -20.21 26.56 -2.29
C SER A 79 -20.26 25.20 -1.61
N GLY A 80 -20.71 24.18 -2.35
CA GLY A 80 -20.80 22.85 -1.80
C GLY A 80 -19.89 21.86 -2.50
N ASP A 81 -18.83 22.37 -3.13
CA ASP A 81 -17.88 21.53 -3.84
C ASP A 81 -17.27 20.49 -2.91
N ARG A 82 -17.10 20.88 -1.64
CA ARG A 82 -16.53 19.98 -0.64
C ARG A 82 -17.29 20.08 0.68
N ALA A 83 -18.57 20.49 0.59
CA ALA A 83 -19.41 20.63 1.77
C ALA A 83 -18.78 21.57 2.78
N MET B 1 12.67 0.87 -19.54
CA MET B 1 11.86 1.93 -20.19
C MET B 1 11.80 3.20 -19.34
N SER B 2 11.26 3.06 -18.13
CA SER B 2 11.14 4.19 -17.21
C SER B 2 12.11 4.05 -16.06
N ARG B 3 13.38 4.33 -16.31
CA ARG B 3 14.42 4.23 -15.30
C ARG B 3 14.76 5.61 -14.73
N LEU B 4 14.57 5.78 -13.42
CA LEU B 4 14.86 7.05 -12.77
C LEU B 4 16.12 6.96 -11.92
N THR B 5 16.96 7.99 -12.00
CA THR B 5 18.17 8.04 -11.20
C THR B 5 17.88 8.80 -9.92
N ILE B 6 18.06 8.13 -8.79
CA ILE B 6 17.78 8.75 -7.50
C ILE B 6 19.05 9.07 -6.72
N ASP B 7 19.02 10.17 -5.99
CA ASP B 7 20.16 10.57 -5.18
C ASP B 7 19.92 10.13 -3.74
N MET B 8 20.86 9.34 -3.21
CA MET B 8 20.74 8.83 -1.85
C MET B 8 22.00 9.10 -1.04
N THR B 9 21.88 9.01 0.28
CA THR B 9 23.01 9.22 1.16
C THR B 9 23.85 7.95 1.29
N ASP B 10 25.12 8.11 1.63
CA ASP B 10 26.03 6.98 1.78
C ASP B 10 25.44 5.89 2.66
N GLN B 11 25.36 6.16 3.95
CA GLN B 11 24.83 5.20 4.92
C GLN B 11 23.40 4.81 4.58
N GLN B 12 22.57 5.81 4.29
CA GLN B 12 21.16 5.57 3.96
C GLN B 12 21.01 4.61 2.79
N HIS B 13 21.75 4.87 1.72
CA HIS B 13 21.70 4.02 0.53
C HIS B 13 22.03 2.57 0.87
N GLN B 14 22.97 2.38 1.78
CA GLN B 14 23.38 1.04 2.20
C GLN B 14 22.29 0.39 3.03
N SER B 15 21.51 1.21 3.71
CA SER B 15 20.44 0.70 4.54
C SER B 15 19.34 0.08 3.68
N LEU B 16 18.90 0.82 2.67
CA LEU B 16 17.86 0.34 1.77
C LEU B 16 18.45 -0.58 0.70
N LYS B 17 19.69 -0.30 0.28
CA LYS B 17 20.35 -1.14 -0.73
C LYS B 17 20.63 -2.53 -0.17
N ALA B 18 21.13 -2.56 1.07
CA ALA B 18 21.46 -3.80 1.74
C ALA B 18 20.23 -4.68 1.92
N LEU B 19 19.09 -4.06 2.21
CA LEU B 19 17.85 -4.80 2.38
C LEU B 19 17.52 -5.60 1.13
N ALA B 20 17.90 -5.05 -0.02
CA ALA B 20 17.66 -5.71 -1.29
C ALA B 20 18.37 -7.06 -1.34
N ALA B 21 19.67 -7.04 -1.05
CA ALA B 21 20.48 -8.24 -1.05
C ALA B 21 20.12 -9.12 0.13
N LEU B 22 19.75 -8.49 1.24
CA LEU B 22 19.39 -9.21 2.45
C LEU B 22 18.20 -10.14 2.17
N GLN B 23 17.26 -9.65 1.39
CA GLN B 23 16.08 -10.42 1.04
C GLN B 23 16.42 -11.46 -0.03
N GLY B 24 17.45 -11.18 -0.82
CA GLY B 24 17.85 -12.11 -1.87
C GLY B 24 17.67 -11.53 -3.27
N LYS B 25 17.93 -10.24 -3.41
CA LYS B 25 17.79 -9.58 -4.70
C LYS B 25 18.57 -8.27 -4.73
N THR B 26 18.46 -7.54 -5.84
CA THR B 26 19.15 -6.27 -6.01
C THR B 26 18.22 -5.12 -5.62
N ILE B 27 18.79 -4.06 -5.06
CA ILE B 27 17.98 -2.92 -4.64
C ILE B 27 17.18 -2.34 -5.80
N LYS B 28 17.69 -2.48 -7.02
CA LYS B 28 16.96 -1.98 -8.18
C LYS B 28 15.58 -2.62 -8.25
N GLN B 29 15.41 -3.72 -7.50
CA GLN B 29 14.14 -4.43 -7.43
C GLN B 29 13.43 -4.08 -6.13
N TYR B 30 14.15 -4.28 -5.03
CA TYR B 30 13.63 -4.02 -3.71
C TYR B 30 13.22 -2.56 -3.55
N ALA B 31 14.12 -1.65 -3.91
CA ALA B 31 13.84 -0.22 -3.83
C ALA B 31 12.70 0.12 -4.76
N LEU B 32 12.62 -0.63 -5.85
CA LEU B 32 11.60 -0.44 -6.88
C LEU B 32 10.20 -0.59 -6.33
N GLU B 33 9.97 -1.70 -5.63
CA GLU B 33 8.65 -2.01 -5.07
C GLU B 33 8.23 -0.97 -4.04
N ARG B 34 9.21 -0.34 -3.40
CA ARG B 34 8.92 0.65 -2.36
C ARG B 34 8.22 1.88 -2.90
N LEU B 35 8.60 2.36 -4.08
CA LEU B 35 7.96 3.51 -4.65
C LEU B 35 6.48 3.22 -4.80
N PHE B 36 6.20 1.95 -5.08
CA PHE B 36 4.84 1.50 -5.22
C PHE B 36 4.61 0.22 -4.42
N PRO B 37 4.47 0.35 -3.08
CA PRO B 37 4.25 -0.80 -2.19
C PRO B 37 2.87 -1.43 -2.39
N GLY B 38 1.83 -0.63 -2.24
CA GLY B 38 0.48 -1.13 -2.40
C GLY B 38 0.16 -1.46 -3.84
N ASP B 39 -0.86 -2.29 -4.03
CA ASP B 39 -1.28 -2.70 -5.38
C ASP B 39 -2.08 -1.59 -6.06
N ALA B 40 -2.40 -1.80 -7.33
CA ALA B 40 -3.16 -0.83 -8.09
C ALA B 40 -4.19 -1.50 -9.00
N ASP B 41 -4.38 -2.79 -8.83
CA ASP B 41 -5.34 -3.54 -9.64
C ASP B 41 -6.64 -3.76 -8.88
N ALA B 42 -6.55 -4.45 -7.75
CA ALA B 42 -7.73 -4.73 -6.94
C ALA B 42 -8.32 -3.45 -6.36
N ASP B 43 -7.47 -2.44 -6.18
CA ASP B 43 -7.90 -1.16 -5.64
C ASP B 43 -9.01 -0.54 -6.50
N GLN B 44 -9.10 -0.97 -7.75
CA GLN B 44 -10.12 -0.45 -8.66
C GLN B 44 -11.25 -1.46 -8.86
N ALA B 45 -10.88 -2.69 -9.18
CA ALA B 45 -11.86 -3.75 -9.40
C ALA B 45 -12.69 -4.01 -8.14
N TRP B 46 -12.03 -4.42 -7.07
CA TRP B 46 -12.71 -4.70 -5.81
C TRP B 46 -13.48 -3.49 -5.31
N GLN B 47 -13.09 -2.30 -5.77
CA GLN B 47 -13.74 -1.07 -5.36
C GLN B 47 -15.12 -0.94 -6.00
N GLU B 48 -15.34 -1.66 -7.10
CA GLU B 48 -16.61 -1.62 -7.81
C GLU B 48 -17.41 -2.90 -7.57
N LEU B 49 -16.76 -3.91 -6.98
CA LEU B 49 -17.43 -5.18 -6.71
C LEU B 49 -18.60 -4.97 -5.76
N LYS B 50 -18.48 -3.99 -4.87
CA LYS B 50 -19.54 -3.67 -3.92
C LYS B 50 -20.32 -2.45 -4.36
N THR B 51 -19.65 -1.55 -5.07
CA THR B 51 -20.29 -0.33 -5.57
C THR B 51 -19.55 0.22 -6.78
N MET B 52 -20.07 -0.06 -7.97
CA MET B 52 -19.47 0.40 -9.20
C MET B 52 -20.03 1.76 -9.61
N LEU B 53 -21.31 1.98 -9.33
CA LEU B 53 -21.97 3.23 -9.66
C LEU B 53 -21.44 4.37 -8.79
N GLY B 54 -21.07 5.47 -9.42
CA GLY B 54 -20.56 6.62 -8.69
C GLY B 54 -19.04 6.62 -8.62
N ASN B 55 -18.39 6.73 -9.77
CA ASN B 55 -16.93 6.75 -9.83
C ASN B 55 -16.45 7.14 -11.22
N ARG B 56 -16.61 8.41 -11.56
CA ARG B 56 -16.19 8.92 -12.86
C ARG B 56 -15.69 10.35 -12.77
N ILE B 57 -15.31 10.76 -11.55
CA ILE B 57 -14.80 12.12 -11.33
C ILE B 57 -15.80 13.18 -11.80
N ASN B 58 -16.47 13.81 -10.84
CA ASN B 58 -17.46 14.84 -11.15
C ASN B 58 -17.97 15.50 -9.87
N ASP B 59 -17.16 16.40 -9.31
CA ASP B 59 -17.54 17.11 -8.10
C ASP B 59 -18.77 17.98 -8.33
N GLY B 60 -19.92 17.51 -7.87
CA GLY B 60 -21.15 18.26 -8.03
C GLY B 60 -21.71 18.77 -6.71
N LEU B 61 -22.43 17.90 -6.01
CA LEU B 61 -23.02 18.26 -4.72
C LEU B 61 -23.80 19.57 -4.82
N ALA B 62 -25.00 19.50 -5.40
CA ALA B 62 -25.84 20.67 -5.55
C ALA B 62 -26.69 20.89 -4.31
N GLY B 63 -27.53 19.90 -3.99
CA GLY B 63 -28.38 20.00 -2.82
C GLY B 63 -28.92 18.65 -2.39
N LYS B 64 -28.16 17.61 -2.66
CA LYS B 64 -28.55 16.25 -2.31
C LYS B 64 -29.85 15.87 -3.01
N VAL B 65 -30.06 16.42 -4.19
CA VAL B 65 -31.26 16.14 -4.98
C VAL B 65 -30.96 15.17 -6.12
N SER B 66 -31.99 14.48 -6.59
CA SER B 66 -31.83 13.52 -7.68
C SER B 66 -30.85 12.42 -7.31
N THR B 67 -30.92 11.30 -8.02
CA THR B 67 -30.03 10.18 -7.76
C THR B 67 -30.26 9.06 -8.78
N LYS B 68 -29.17 8.42 -9.20
CA LYS B 68 -29.25 7.33 -10.17
C LYS B 68 -29.71 6.03 -9.50
N SER B 69 -28.83 5.45 -8.69
CA SER B 69 -29.15 4.22 -7.99
C SER B 69 -28.02 3.81 -7.05
N VAL B 70 -28.29 2.87 -6.16
CA VAL B 70 -27.28 2.39 -5.21
C VAL B 70 -26.83 0.97 -5.54
N GLY B 71 -25.70 0.57 -4.98
CA GLY B 71 -25.18 -0.76 -5.23
C GLY B 71 -26.16 -1.85 -4.85
N GLU B 72 -25.86 -2.57 -3.76
CA GLU B 72 -26.72 -3.64 -3.30
C GLU B 72 -27.03 -3.50 -1.82
N ILE B 73 -26.07 -3.85 -0.97
CA ILE B 73 -26.24 -3.75 0.48
C ILE B 73 -25.70 -2.43 1.01
N LEU B 74 -26.42 -1.84 1.95
CA LEU B 74 -26.01 -0.57 2.54
C LEU B 74 -25.57 -0.76 4.00
N ASP B 75 -26.22 -1.68 4.69
CA ASP B 75 -25.89 -1.97 6.08
C ASP B 75 -25.83 -0.69 6.90
N GLU B 76 -26.98 -0.07 7.12
CA GLU B 76 -27.06 1.16 7.90
C GLU B 76 -28.51 1.61 8.05
N GLU B 77 -28.75 2.44 9.06
CA GLU B 77 -30.09 2.95 9.32
C GLU B 77 -30.53 3.93 8.24
N LEU B 78 -30.73 3.40 7.03
CA LEU B 78 -31.16 4.22 5.90
C LEU B 78 -32.50 3.75 5.35
N SER B 79 -33.43 4.69 5.20
CA SER B 79 -34.76 4.37 4.69
C SER B 79 -35.02 5.09 3.38
N GLY B 80 -35.03 6.42 3.42
CA GLY B 80 -35.27 7.21 2.23
C GLY B 80 -34.05 7.99 1.79
N ASP B 81 -34.22 9.29 1.60
CA ASP B 81 -33.13 10.16 1.17
C ASP B 81 -32.67 9.79 -0.23
N ARG B 82 -31.93 8.69 -0.34
CA ARG B 82 -31.43 8.22 -1.63
C ARG B 82 -32.35 7.15 -2.21
N ALA B 83 -33.17 6.55 -1.36
CA ALA B 83 -34.09 5.51 -1.79
C ALA B 83 -33.34 4.28 -2.29
N MET A 1 25.26 12.03 -2.22
CA MET A 1 26.56 11.33 -2.41
C MET A 1 26.35 9.91 -2.93
N SER A 2 25.22 9.32 -2.58
CA SER A 2 24.91 7.97 -3.03
C SER A 2 23.67 7.96 -3.91
N ARG A 3 23.87 8.24 -5.20
CA ARG A 3 22.77 8.27 -6.16
C ARG A 3 22.66 6.92 -6.88
N LEU A 4 21.48 6.32 -6.81
CA LEU A 4 21.27 5.02 -7.44
C LEU A 4 20.28 5.14 -8.61
N THR A 5 20.58 4.46 -9.70
CA THR A 5 19.72 4.46 -10.87
C THR A 5 18.79 3.25 -10.83
N ILE A 6 17.52 3.49 -11.11
CA ILE A 6 16.53 2.41 -11.08
C ILE A 6 15.69 2.38 -12.35
N ASP A 7 15.34 1.17 -12.78
CA ASP A 7 14.52 0.99 -13.97
C ASP A 7 13.07 0.81 -13.54
N MET A 8 12.20 1.65 -14.08
CA MET A 8 10.79 1.62 -13.72
C MET A 8 9.90 1.57 -14.96
N THR A 9 8.64 1.18 -14.76
CA THR A 9 7.70 1.08 -15.86
C THR A 9 7.08 2.44 -16.17
N ASP A 10 6.66 2.62 -17.42
CA ASP A 10 6.07 3.88 -17.86
C ASP A 10 4.91 4.32 -16.95
N GLN A 11 3.81 3.59 -17.00
CA GLN A 11 2.64 3.91 -16.19
C GLN A 11 2.98 3.91 -14.70
N GLN A 12 3.68 2.87 -14.26
CA GLN A 12 4.06 2.75 -12.85
C GLN A 12 4.86 3.97 -12.40
N HIS A 13 5.88 4.33 -13.18
CA HIS A 13 6.73 5.47 -12.86
C HIS A 13 5.92 6.75 -12.83
N GLN A 14 4.87 6.80 -13.64
CA GLN A 14 4.01 7.99 -13.70
C GLN A 14 3.16 8.08 -12.45
N SER A 15 2.81 6.93 -11.90
CA SER A 15 2.00 6.89 -10.69
C SER A 15 2.76 7.48 -9.51
N LEU A 16 4.02 7.06 -9.37
CA LEU A 16 4.86 7.54 -8.28
C LEU A 16 5.47 8.90 -8.62
N LYS A 17 5.86 9.09 -9.88
CA LYS A 17 6.45 10.35 -10.31
C LYS A 17 5.49 11.50 -10.03
N ALA A 18 4.23 11.31 -10.43
CA ALA A 18 3.21 12.32 -10.23
C ALA A 18 2.99 12.60 -8.74
N LEU A 19 2.95 11.53 -7.95
CA LEU A 19 2.76 11.66 -6.51
C LEU A 19 3.88 12.49 -5.90
N ALA A 20 5.08 12.35 -6.44
CA ALA A 20 6.23 13.10 -5.96
C ALA A 20 5.97 14.59 -6.03
N ALA A 21 5.54 15.05 -7.21
CA ALA A 21 5.25 16.46 -7.43
C ALA A 21 3.96 16.84 -6.72
N LEU A 22 3.02 15.91 -6.66
CA LEU A 22 1.74 16.15 -6.01
C LEU A 22 1.96 16.49 -4.54
N GLN A 23 2.94 15.84 -3.93
CA GLN A 23 3.27 16.06 -2.53
C GLN A 23 3.94 17.42 -2.35
N GLY A 24 4.60 17.90 -3.39
CA GLY A 24 5.28 19.19 -3.32
C GLY A 24 6.78 19.07 -3.49
N LYS A 25 7.22 18.03 -4.19
CA LYS A 25 8.65 17.82 -4.41
C LYS A 25 8.88 16.87 -5.59
N THR A 26 10.15 16.55 -5.86
CA THR A 26 10.48 15.66 -6.95
C THR A 26 10.60 14.22 -6.43
N ILE A 27 10.30 13.26 -7.29
CA ILE A 27 10.36 11.86 -6.89
C ILE A 27 11.73 11.54 -6.30
N LYS A 28 12.75 12.25 -6.75
CA LYS A 28 14.11 12.05 -6.25
C LYS A 28 14.11 12.04 -4.72
N GLN A 29 13.14 12.74 -4.14
CA GLN A 29 13.01 12.82 -2.69
C GLN A 29 11.89 11.91 -2.22
N TYR A 30 10.75 12.02 -2.89
CA TYR A 30 9.59 11.22 -2.55
C TYR A 30 9.89 9.72 -2.65
N ALA A 31 10.42 9.30 -3.80
CA ALA A 31 10.78 7.91 -4.00
C ALA A 31 11.91 7.54 -3.06
N LEU A 32 12.84 8.46 -2.93
CA LEU A 32 14.00 8.26 -2.08
C LEU A 32 13.54 7.91 -0.67
N GLU A 33 12.65 8.72 -0.12
CA GLU A 33 12.13 8.49 1.21
C GLU A 33 11.18 7.31 1.25
N ARG A 34 10.51 7.05 0.13
CA ARG A 34 9.57 5.95 0.04
C ARG A 34 10.26 4.62 0.31
N LEU A 35 11.53 4.53 -0.08
CA LEU A 35 12.31 3.32 0.15
C LEU A 35 12.62 3.19 1.64
N PHE A 36 12.51 4.32 2.35
CA PHE A 36 12.75 4.37 3.77
C PHE A 36 11.53 4.90 4.53
N PRO A 37 10.38 4.20 4.45
CA PRO A 37 9.16 4.64 5.14
C PRO A 37 9.33 4.63 6.66
N GLY A 38 9.48 3.45 7.23
CA GLY A 38 9.65 3.32 8.67
C GLY A 38 8.65 2.38 9.30
N ASP A 39 7.52 2.93 9.74
CA ASP A 39 6.47 2.12 10.36
C ASP A 39 5.22 2.09 9.50
N ALA A 40 4.39 1.07 9.70
CA ALA A 40 3.17 0.92 8.95
C ALA A 40 2.05 0.30 9.78
N ASP A 41 2.26 0.24 11.10
CA ASP A 41 1.27 -0.33 12.01
C ASP A 41 -0.09 0.34 11.83
N ALA A 42 -0.10 1.56 11.33
CA ALA A 42 -1.34 2.31 11.10
C ALA A 42 -2.29 1.52 10.20
N ASP A 43 -1.74 0.62 9.39
CA ASP A 43 -2.54 -0.19 8.48
C ASP A 43 -3.63 -0.95 9.23
N GLN A 44 -3.36 -1.24 10.50
CA GLN A 44 -4.32 -1.97 11.34
C GLN A 44 -4.90 -1.07 12.42
N ALA A 45 -4.12 -0.07 12.83
CA ALA A 45 -4.54 0.86 13.87
C ALA A 45 -5.88 1.50 13.53
N TRP A 46 -5.84 2.36 12.52
CA TRP A 46 -7.02 3.09 12.08
C TRP A 46 -7.97 2.20 11.28
N GLN A 47 -7.54 0.98 10.98
CA GLN A 47 -8.37 0.05 10.21
C GLN A 47 -9.20 -0.84 11.13
N GLU A 48 -8.75 -0.97 12.37
CA GLU A 48 -9.45 -1.80 13.35
C GLU A 48 -10.73 -1.12 13.82
N LEU A 49 -10.90 0.16 13.48
CA LEU A 49 -12.10 0.90 13.87
C LEU A 49 -13.34 0.24 13.28
N LYS A 50 -13.17 -0.39 12.13
CA LYS A 50 -14.28 -1.07 11.46
C LYS A 50 -14.21 -2.58 11.73
N THR A 51 -13.00 -3.08 12.01
CA THR A 51 -12.80 -4.50 12.28
C THR A 51 -13.57 -4.92 13.54
N MET A 52 -13.33 -4.19 14.63
CA MET A 52 -13.99 -4.50 15.90
C MET A 52 -15.50 -4.42 15.76
N LEU A 53 -16.22 -5.04 16.69
CA LEU A 53 -17.67 -5.03 16.66
C LEU A 53 -18.23 -3.94 17.58
N GLY A 54 -17.88 -4.01 18.85
CA GLY A 54 -18.35 -3.03 19.80
C GLY A 54 -17.56 -3.03 21.10
N ASN A 55 -17.45 -4.21 21.71
CA ASN A 55 -16.71 -4.35 22.96
C ASN A 55 -17.32 -3.48 24.06
N ARG A 56 -18.63 -3.30 23.99
CA ARG A 56 -19.34 -2.48 24.97
C ARG A 56 -20.53 -3.25 25.55
N ILE A 57 -21.34 -3.83 24.67
CA ILE A 57 -22.50 -4.59 25.10
C ILE A 57 -22.10 -5.91 25.73
N ASN A 58 -20.92 -6.41 25.37
CA ASN A 58 -20.42 -7.67 25.90
C ASN A 58 -18.95 -7.87 25.53
N ASP A 59 -18.37 -8.94 26.04
CA ASP A 59 -16.96 -9.26 25.77
C ASP A 59 -16.73 -9.42 24.27
N GLY A 60 -16.29 -8.35 23.62
CA GLY A 60 -16.03 -8.39 22.20
C GLY A 60 -14.86 -9.29 21.85
N LEU A 61 -13.87 -9.34 22.74
CA LEU A 61 -12.70 -10.17 22.52
C LEU A 61 -13.07 -11.64 22.40
N ALA A 62 -12.36 -12.35 21.52
CA ALA A 62 -12.63 -13.77 21.30
C ALA A 62 -11.64 -14.38 20.32
N GLY A 63 -11.51 -13.75 19.16
CA GLY A 63 -10.57 -14.24 18.15
C GLY A 63 -9.16 -13.76 18.39
N LYS A 64 -8.97 -12.44 18.39
CA LYS A 64 -7.66 -11.85 18.61
C LYS A 64 -6.69 -12.27 17.50
N VAL A 65 -6.20 -11.28 16.75
CA VAL A 65 -5.28 -11.54 15.66
C VAL A 65 -5.94 -12.37 14.56
N SER A 66 -6.86 -11.74 13.83
CA SER A 66 -7.57 -12.42 12.75
C SER A 66 -8.51 -11.44 12.04
N THR A 67 -7.94 -10.51 11.28
CA THR A 67 -8.72 -9.53 10.55
C THR A 67 -9.65 -10.21 9.54
N LYS A 68 -9.25 -11.39 9.07
CA LYS A 68 -10.05 -12.14 8.11
C LYS A 68 -10.92 -13.17 8.80
N SER A 69 -11.50 -12.78 9.93
CA SER A 69 -12.37 -13.67 10.71
C SER A 69 -13.50 -12.90 11.37
N VAL A 70 -13.15 -11.78 12.01
CA VAL A 70 -14.14 -10.96 12.69
C VAL A 70 -13.93 -9.48 12.37
N GLY A 71 -14.51 -9.03 11.26
CA GLY A 71 -14.37 -7.64 10.86
C GLY A 71 -15.70 -7.00 10.50
N GLU A 72 -15.93 -6.82 9.21
CA GLU A 72 -17.17 -6.22 8.72
C GLU A 72 -18.04 -7.26 8.02
N ILE A 73 -19.35 -7.10 8.14
CA ILE A 73 -20.30 -8.03 7.53
C ILE A 73 -20.49 -7.69 6.05
N LEU A 74 -20.27 -8.69 5.19
CA LEU A 74 -20.41 -8.51 3.75
C LEU A 74 -21.46 -9.46 3.19
N ASP A 75 -21.65 -9.42 1.88
CA ASP A 75 -22.61 -10.29 1.20
C ASP A 75 -23.99 -10.18 1.84
N GLU A 76 -24.98 -10.81 1.21
CA GLU A 76 -26.35 -10.78 1.71
C GLU A 76 -27.16 -11.93 1.12
N GLU A 77 -26.49 -13.03 0.78
CA GLU A 77 -27.13 -14.20 0.21
C GLU A 77 -26.94 -15.42 1.10
N LEU A 78 -28.00 -16.19 1.27
CA LEU A 78 -27.94 -17.40 2.10
C LEU A 78 -27.65 -17.04 3.55
N SER A 79 -28.15 -17.85 4.48
CA SER A 79 -27.93 -17.62 5.90
C SER A 79 -27.54 -18.91 6.61
N GLY A 80 -26.35 -18.91 7.21
CA GLY A 80 -25.88 -20.08 7.92
C GLY A 80 -24.89 -19.74 9.02
N ASP A 81 -24.95 -18.50 9.50
CA ASP A 81 -24.04 -18.04 10.56
C ASP A 81 -22.60 -18.42 10.23
N ARG A 82 -22.04 -17.78 9.22
CA ARG A 82 -20.68 -18.05 8.80
C ARG A 82 -20.55 -19.49 8.28
N ALA A 83 -21.65 -20.03 7.78
CA ALA A 83 -21.67 -21.39 7.26
C ALA A 83 -21.24 -22.39 8.33
N MET B 1 11.85 2.78 -21.37
CA MET B 1 12.30 2.33 -20.04
C MET B 1 12.25 3.46 -19.02
N SER B 2 11.22 3.46 -18.19
CA SER B 2 11.05 4.50 -17.18
C SER B 2 12.09 4.34 -16.08
N ARG B 3 13.35 4.58 -16.42
CA ARG B 3 14.45 4.48 -15.47
C ARG B 3 14.75 5.83 -14.85
N LEU B 4 14.63 5.94 -13.53
CA LEU B 4 14.88 7.18 -12.83
C LEU B 4 16.11 7.08 -11.94
N THR B 5 17.02 8.04 -12.08
CA THR B 5 18.20 8.07 -11.24
C THR B 5 17.86 8.82 -9.95
N ILE B 6 18.00 8.14 -8.82
CA ILE B 6 17.67 8.74 -7.53
C ILE B 6 18.91 9.06 -6.72
N ASP B 7 18.84 10.16 -5.97
CA ASP B 7 19.95 10.56 -5.11
C ASP B 7 19.71 10.10 -3.69
N MET B 8 20.66 9.35 -3.15
CA MET B 8 20.53 8.83 -1.79
C MET B 8 21.78 9.14 -0.97
N THR B 9 21.65 9.05 0.35
CA THR B 9 22.77 9.32 1.24
C THR B 9 23.68 8.10 1.37
N ASP B 10 24.93 8.32 1.73
CA ASP B 10 25.90 7.25 1.89
C ASP B 10 25.38 6.13 2.78
N GLN B 11 25.16 6.44 4.06
CA GLN B 11 24.67 5.44 5.00
C GLN B 11 23.23 5.04 4.69
N GLN B 12 22.44 6.00 4.22
CA GLN B 12 21.04 5.74 3.88
C GLN B 12 20.92 4.72 2.75
N HIS B 13 21.67 4.94 1.68
CA HIS B 13 21.65 4.06 0.53
C HIS B 13 22.00 2.62 0.91
N GLN B 14 22.90 2.48 1.87
CA GLN B 14 23.35 1.16 2.31
C GLN B 14 22.30 0.49 3.17
N SER B 15 21.49 1.29 3.86
CA SER B 15 20.46 0.75 4.72
C SER B 15 19.41 0.00 3.90
N LEU B 16 18.91 0.66 2.86
CA LEU B 16 17.91 0.06 1.98
C LEU B 16 18.56 -0.84 0.94
N LYS B 17 19.76 -0.46 0.50
CA LYS B 17 20.48 -1.24 -0.50
C LYS B 17 20.88 -2.59 0.08
N ALA B 18 21.17 -2.60 1.39
CA ALA B 18 21.55 -3.82 2.08
C ALA B 18 20.35 -4.75 2.19
N LEU B 19 19.19 -4.18 2.53
CA LEU B 19 17.97 -4.95 2.68
C LEU B 19 17.63 -5.65 1.37
N ALA B 20 17.97 -5.02 0.26
CA ALA B 20 17.71 -5.58 -1.06
C ALA B 20 18.36 -6.96 -1.18
N ALA B 21 19.66 -7.01 -0.87
CA ALA B 21 20.41 -8.26 -0.92
C ALA B 21 20.00 -9.19 0.21
N LEU B 22 19.67 -8.60 1.35
CA LEU B 22 19.26 -9.37 2.51
C LEU B 22 18.02 -10.19 2.20
N GLN B 23 17.15 -9.62 1.36
CA GLN B 23 15.92 -10.30 0.97
C GLN B 23 16.19 -11.36 -0.09
N GLY B 24 17.28 -11.20 -0.83
CA GLY B 24 17.63 -12.15 -1.87
C GLY B 24 17.60 -11.55 -3.26
N LYS B 25 17.88 -10.24 -3.35
CA LYS B 25 17.87 -9.55 -4.63
C LYS B 25 18.67 -8.25 -4.53
N THR B 26 18.65 -7.47 -5.60
CA THR B 26 19.36 -6.20 -5.63
C THR B 26 18.38 -5.05 -5.41
N ILE B 27 18.84 -3.97 -4.79
CA ILE B 27 17.97 -2.83 -4.53
C ILE B 27 17.22 -2.43 -5.79
N LYS B 28 17.83 -2.69 -6.94
CA LYS B 28 17.19 -2.38 -8.22
C LYS B 28 15.78 -2.98 -8.26
N GLN B 29 15.59 -4.04 -7.48
CA GLN B 29 14.29 -4.71 -7.39
C GLN B 29 13.57 -4.28 -6.13
N TYR B 30 14.27 -4.39 -5.00
CA TYR B 30 13.72 -4.03 -3.71
C TYR B 30 13.28 -2.57 -3.68
N ALA B 31 14.17 -1.67 -4.07
CA ALA B 31 13.84 -0.24 -4.12
C ALA B 31 12.77 0.01 -5.17
N LEU B 32 12.87 -0.73 -6.25
CA LEU B 32 11.94 -0.61 -7.35
C LEU B 32 10.51 -0.89 -6.90
N GLU B 33 10.33 -2.02 -6.23
CA GLU B 33 9.00 -2.42 -5.76
C GLU B 33 8.55 -1.59 -4.56
N ARG B 34 9.51 -1.08 -3.80
CA ARG B 34 9.19 -0.28 -2.62
C ARG B 34 8.43 0.99 -2.99
N LEU B 35 8.83 1.63 -4.08
CA LEU B 35 8.15 2.82 -4.54
C LEU B 35 6.81 2.45 -5.14
N PHE B 36 6.67 1.18 -5.51
CA PHE B 36 5.43 0.69 -6.10
C PHE B 36 4.99 -0.63 -5.45
N PRO B 37 4.74 -0.62 -4.12
CA PRO B 37 4.30 -1.81 -3.41
C PRO B 37 2.79 -2.00 -3.45
N GLY B 38 2.06 -0.98 -3.00
CA GLY B 38 0.61 -1.05 -2.99
C GLY B 38 0.04 -1.09 -1.59
N ASP B 39 -1.20 -1.55 -1.47
CA ASP B 39 -1.87 -1.63 -0.17
C ASP B 39 -1.64 -3.00 0.46
N ALA B 40 -1.29 -2.99 1.74
CA ALA B 40 -1.04 -4.23 2.48
C ALA B 40 -2.26 -5.14 2.46
N ASP B 41 -3.44 -4.53 2.33
CA ASP B 41 -4.69 -5.29 2.31
C ASP B 41 -4.69 -6.31 1.18
N ALA B 42 -4.63 -5.82 -0.05
CA ALA B 42 -4.62 -6.70 -1.22
C ALA B 42 -3.44 -7.65 -1.18
N ASP B 43 -2.32 -7.17 -0.64
CA ASP B 43 -1.11 -7.98 -0.55
C ASP B 43 -1.35 -9.24 0.28
N GLN B 44 -2.26 -9.14 1.24
CA GLN B 44 -2.58 -10.27 2.11
C GLN B 44 -3.62 -11.18 1.45
N ALA B 45 -4.43 -10.60 0.56
CA ALA B 45 -5.46 -11.37 -0.13
C ALA B 45 -4.86 -12.56 -0.88
N TRP B 46 -3.81 -12.30 -1.66
CA TRP B 46 -3.16 -13.36 -2.42
C TRP B 46 -2.46 -14.35 -1.50
N GLN B 47 -2.15 -13.91 -0.29
CA GLN B 47 -1.48 -14.75 0.69
C GLN B 47 -2.49 -15.60 1.47
N GLU B 48 -3.78 -15.39 1.21
CA GLU B 48 -4.83 -16.13 1.89
C GLU B 48 -5.59 -17.03 0.92
N LEU B 49 -5.24 -16.97 -0.35
CA LEU B 49 -5.90 -17.79 -1.37
C LEU B 49 -5.70 -19.27 -1.06
N LYS B 50 -4.56 -19.59 -0.46
CA LYS B 50 -4.25 -20.97 -0.10
C LYS B 50 -4.65 -21.26 1.35
N THR B 51 -4.70 -20.20 2.16
CA THR B 51 -5.07 -20.32 3.56
C THR B 51 -6.43 -21.00 3.71
N MET B 52 -7.36 -20.64 2.83
CA MET B 52 -8.71 -21.21 2.87
C MET B 52 -9.02 -21.95 1.57
N LEU B 53 -10.07 -22.76 1.60
CA LEU B 53 -10.47 -23.53 0.42
C LEU B 53 -11.10 -22.63 -0.63
N GLY B 54 -10.99 -23.03 -1.88
CA GLY B 54 -11.56 -22.24 -2.97
C GLY B 54 -13.04 -22.49 -3.15
N ASN B 55 -13.77 -21.42 -3.46
CA ASN B 55 -15.22 -21.53 -3.66
C ASN B 55 -15.67 -20.67 -4.84
N ARG B 56 -15.17 -19.44 -4.91
CA ARG B 56 -15.51 -18.53 -6.00
C ARG B 56 -17.00 -18.18 -5.97
N ILE B 57 -17.66 -18.47 -4.85
CA ILE B 57 -19.09 -18.18 -4.71
C ILE B 57 -19.42 -17.72 -3.30
N ASN B 58 -18.40 -17.32 -2.54
CA ASN B 58 -18.60 -16.85 -1.17
C ASN B 58 -17.26 -16.58 -0.49
N ASP B 59 -16.97 -15.31 -0.23
CA ASP B 59 -15.73 -14.91 0.41
C ASP B 59 -15.54 -15.63 1.74
N GLY B 60 -16.65 -16.03 2.36
CA GLY B 60 -16.59 -16.74 3.62
C GLY B 60 -17.38 -16.04 4.71
N LEU B 61 -17.18 -14.73 4.83
CA LEU B 61 -17.89 -13.94 5.84
C LEU B 61 -19.39 -13.93 5.57
N ALA B 62 -20.18 -13.82 6.63
CA ALA B 62 -21.63 -13.80 6.51
C ALA B 62 -22.29 -13.55 7.87
N GLY B 63 -22.04 -14.44 8.81
CA GLY B 63 -22.61 -14.31 10.14
C GLY B 63 -21.58 -13.83 11.14
N LYS B 64 -21.11 -14.75 11.98
CA LYS B 64 -20.11 -14.44 13.00
C LYS B 64 -19.72 -15.68 13.79
N VAL B 65 -18.51 -15.67 14.33
CA VAL B 65 -18.03 -16.80 15.12
C VAL B 65 -17.86 -18.05 14.25
N SER B 66 -17.14 -19.03 14.77
CA SER B 66 -16.89 -20.28 14.05
C SER B 66 -15.89 -20.07 12.92
N THR B 67 -15.07 -21.09 12.66
CA THR B 67 -14.06 -21.02 11.62
C THR B 67 -13.02 -19.94 11.92
N LYS B 68 -11.75 -20.31 11.84
CA LYS B 68 -10.66 -19.38 12.11
C LYS B 68 -9.62 -19.41 11.00
N SER B 69 -10.01 -19.93 9.83
CA SER B 69 -9.09 -20.01 8.69
C SER B 69 -7.82 -20.77 9.05
N VAL B 70 -6.89 -20.82 8.12
CA VAL B 70 -5.62 -21.51 8.34
C VAL B 70 -5.85 -22.99 8.66
N GLY B 71 -4.82 -23.81 8.41
CA GLY B 71 -4.93 -25.23 8.68
C GLY B 71 -3.69 -25.98 8.25
N GLU B 72 -3.14 -26.79 9.15
CA GLU B 72 -1.95 -27.57 8.86
C GLU B 72 -1.99 -28.93 9.55
N ILE B 73 -1.03 -29.79 9.23
CA ILE B 73 -0.97 -31.12 9.82
C ILE B 73 -0.23 -31.09 11.15
N LEU B 74 -0.63 -31.98 12.07
CA LEU B 74 -0.01 -32.05 13.39
C LEU B 74 -0.37 -30.83 14.24
N ASP B 75 0.02 -29.65 13.78
CA ASP B 75 -0.26 -28.41 14.50
C ASP B 75 0.23 -28.48 15.93
N GLU B 76 1.31 -29.23 16.16
CA GLU B 76 1.88 -29.38 17.49
C GLU B 76 2.38 -28.04 18.01
N GLU B 77 2.82 -27.18 17.10
CA GLU B 77 3.33 -25.86 17.46
C GLU B 77 2.27 -25.05 18.20
N LEU B 78 2.45 -24.89 19.50
CA LEU B 78 1.51 -24.14 20.33
C LEU B 78 2.04 -22.74 20.61
N SER B 79 2.68 -22.13 19.61
CA SER B 79 3.23 -20.79 19.76
C SER B 79 2.41 -19.77 18.98
N GLY B 80 2.45 -19.86 17.66
CA GLY B 80 1.71 -18.94 16.82
C GLY B 80 1.40 -19.53 15.46
N ASP B 81 2.24 -19.22 14.48
CA ASP B 81 2.04 -19.70 13.12
C ASP B 81 0.64 -19.37 12.63
N ARG B 82 0.43 -18.11 12.26
CA ARG B 82 -0.88 -17.66 11.79
C ARG B 82 -1.93 -17.83 12.87
N ALA B 83 -1.48 -17.85 14.13
CA ALA B 83 -2.38 -18.02 15.27
C ALA B 83 -3.21 -19.29 15.14
N MET A 1 28.23 11.44 -3.31
CA MET A 1 27.42 11.25 -4.54
C MET A 1 26.77 9.87 -4.58
N SER A 2 26.07 9.52 -3.50
CA SER A 2 25.40 8.23 -3.41
C SER A 2 24.06 8.25 -4.14
N ARG A 3 24.11 8.30 -5.46
CA ARG A 3 22.89 8.31 -6.27
C ARG A 3 22.63 6.93 -6.86
N LEU A 4 21.36 6.52 -6.87
CA LEU A 4 20.99 5.22 -7.42
C LEU A 4 20.14 5.36 -8.67
N THR A 5 20.51 4.61 -9.71
CA THR A 5 19.76 4.64 -10.96
C THR A 5 18.83 3.41 -11.01
N ILE A 6 17.54 3.68 -11.14
CA ILE A 6 16.56 2.60 -11.18
C ILE A 6 15.79 2.61 -12.49
N ASP A 7 15.51 1.42 -13.02
CA ASP A 7 14.77 1.29 -14.26
C ASP A 7 13.31 1.01 -13.96
N MET A 8 12.43 1.85 -14.50
CA MET A 8 11.00 1.70 -14.28
C MET A 8 10.24 1.73 -15.61
N THR A 9 9.01 1.25 -15.59
CA THR A 9 8.19 1.23 -16.79
C THR A 9 7.50 2.58 -16.99
N ASP A 10 7.25 2.93 -18.25
CA ASP A 10 6.61 4.20 -18.58
C ASP A 10 5.41 4.50 -17.69
N GLN A 11 4.34 3.71 -17.84
CA GLN A 11 3.13 3.90 -17.07
C GLN A 11 3.37 3.81 -15.57
N GLN A 12 4.07 2.74 -15.15
CA GLN A 12 4.36 2.53 -13.74
C GLN A 12 5.15 3.70 -13.14
N HIS A 13 6.23 4.10 -13.82
CA HIS A 13 7.06 5.20 -13.33
C HIS A 13 6.21 6.42 -12.98
N GLN A 14 5.16 6.64 -13.76
CA GLN A 14 4.27 7.77 -13.53
C GLN A 14 3.45 7.56 -12.27
N SER A 15 3.23 6.29 -11.90
CA SER A 15 2.47 5.98 -10.71
C SER A 15 3.17 6.58 -9.49
N LEU A 16 4.45 6.31 -9.36
CA LEU A 16 5.24 6.83 -8.26
C LEU A 16 5.70 8.25 -8.54
N LYS A 17 6.05 8.51 -9.81
CA LYS A 17 6.49 9.84 -10.21
C LYS A 17 5.41 10.87 -9.89
N ALA A 18 4.17 10.54 -10.24
CA ALA A 18 3.04 11.41 -9.99
C ALA A 18 2.86 11.66 -8.49
N LEU A 19 2.96 10.59 -7.70
CA LEU A 19 2.82 10.71 -6.25
C LEU A 19 3.86 11.68 -5.70
N ALA A 20 5.03 11.67 -6.31
CA ALA A 20 6.11 12.56 -5.90
C ALA A 20 5.68 14.01 -6.07
N ALA A 21 5.10 14.31 -7.23
CA ALA A 21 4.63 15.64 -7.56
C ALA A 21 3.38 15.97 -6.75
N LEU A 22 2.50 14.99 -6.63
CA LEU A 22 1.26 15.18 -5.90
C LEU A 22 1.55 15.53 -4.44
N GLN A 23 2.75 15.18 -3.99
CA GLN A 23 3.15 15.46 -2.61
C GLN A 23 3.92 16.77 -2.51
N GLY A 24 3.72 17.66 -3.48
CA GLY A 24 4.39 18.95 -3.49
C GLY A 24 5.91 18.81 -3.54
N LYS A 25 6.40 17.82 -4.28
CA LYS A 25 7.83 17.60 -4.39
C LYS A 25 8.16 16.77 -5.63
N THR A 26 9.43 16.39 -5.78
CA THR A 26 9.86 15.58 -6.91
C THR A 26 10.19 14.18 -6.44
N ILE A 27 10.04 13.19 -7.33
CA ILE A 27 10.32 11.81 -6.96
C ILE A 27 11.68 11.70 -6.28
N LYS A 28 12.62 12.54 -6.66
CA LYS A 28 13.94 12.53 -6.04
C LYS A 28 13.80 12.59 -4.53
N GLN A 29 12.69 13.14 -4.06
CA GLN A 29 12.39 13.26 -2.63
C GLN A 29 11.50 12.12 -2.19
N TYR A 30 10.39 11.96 -2.90
CA TYR A 30 9.41 10.92 -2.60
C TYR A 30 10.03 9.52 -2.67
N ALA A 31 10.73 9.25 -3.76
CA ALA A 31 11.37 7.95 -3.95
C ALA A 31 12.43 7.74 -2.89
N LEU A 32 13.03 8.84 -2.46
CA LEU A 32 14.08 8.77 -1.47
C LEU A 32 13.51 8.51 -0.08
N GLU A 33 12.46 9.24 0.28
CA GLU A 33 11.82 9.14 1.58
C GLU A 33 11.01 7.85 1.74
N ARG A 34 10.54 7.30 0.64
CA ARG A 34 9.71 6.10 0.68
C ARG A 34 10.50 4.79 0.83
N LEU A 35 11.70 4.76 0.25
CA LEU A 35 12.55 3.58 0.29
C LEU A 35 13.25 3.39 1.63
N PHE A 36 13.31 4.43 2.43
CA PHE A 36 14.01 4.35 3.70
C PHE A 36 13.16 3.83 4.87
N PRO A 37 11.88 4.22 4.97
CA PRO A 37 10.99 3.79 6.06
C PRO A 37 10.65 2.30 6.00
N GLY A 38 9.58 1.94 5.28
CA GLY A 38 9.19 0.54 5.19
C GLY A 38 8.25 0.26 4.03
N ASP A 39 8.01 -1.02 3.76
CA ASP A 39 7.13 -1.43 2.68
C ASP A 39 5.73 -1.74 3.20
N ALA A 40 4.86 -2.20 2.29
CA ALA A 40 3.50 -2.54 2.64
C ALA A 40 2.91 -3.59 1.71
N ASP A 41 3.76 -4.21 0.89
CA ASP A 41 3.32 -5.24 -0.05
C ASP A 41 3.88 -6.60 0.31
N ALA A 42 5.08 -6.61 0.88
CA ALA A 42 5.73 -7.86 1.27
C ALA A 42 4.82 -8.71 2.16
N ASP A 43 4.19 -8.06 3.14
CA ASP A 43 3.30 -8.74 4.06
C ASP A 43 2.09 -9.32 3.32
N GLN A 44 1.70 -8.68 2.23
CA GLN A 44 0.56 -9.13 1.44
C GLN A 44 0.99 -10.15 0.38
N ALA A 45 2.27 -10.13 0.01
CA ALA A 45 2.80 -11.04 -0.98
C ALA A 45 2.42 -12.48 -0.67
N TRP A 46 3.02 -13.03 0.39
CA TRP A 46 2.74 -14.40 0.80
C TRP A 46 1.29 -14.57 1.24
N GLN A 47 0.62 -13.46 1.52
CA GLN A 47 -0.77 -13.50 1.96
C GLN A 47 -1.73 -13.49 0.76
N GLU A 48 -1.23 -13.11 -0.40
CA GLU A 48 -2.04 -13.07 -1.61
C GLU A 48 -1.56 -14.07 -2.65
N LEU A 49 -0.33 -14.56 -2.49
CA LEU A 49 0.21 -15.54 -3.43
C LEU A 49 -0.65 -16.80 -3.44
N LYS A 50 -1.28 -17.08 -2.31
CA LYS A 50 -2.15 -18.24 -2.18
C LYS A 50 -3.58 -17.81 -1.83
N THR A 51 -3.85 -16.52 -1.99
CA THR A 51 -5.17 -15.98 -1.69
C THR A 51 -5.69 -15.15 -2.86
N MET A 52 -4.91 -14.16 -3.28
CA MET A 52 -5.28 -13.30 -4.40
C MET A 52 -6.57 -12.56 -4.10
N LEU A 53 -6.75 -11.40 -4.72
CA LEU A 53 -7.94 -10.59 -4.51
C LEU A 53 -9.18 -11.32 -4.98
N GLY A 54 -9.92 -11.89 -4.04
CA GLY A 54 -11.13 -12.63 -4.38
C GLY A 54 -12.39 -11.81 -4.11
N ASN A 55 -13.23 -11.69 -5.13
CA ASN A 55 -14.47 -10.94 -5.00
C ASN A 55 -15.68 -11.88 -4.98
N ARG A 56 -16.58 -11.64 -4.03
CA ARG A 56 -17.78 -12.46 -3.90
C ARG A 56 -18.79 -12.14 -5.00
N ILE A 57 -18.98 -13.09 -5.91
CA ILE A 57 -19.91 -12.91 -7.02
C ILE A 57 -21.22 -13.65 -6.76
N ASN A 58 -21.12 -14.79 -6.09
CA ASN A 58 -22.31 -15.58 -5.78
C ASN A 58 -21.93 -16.80 -4.92
N ASP A 59 -21.90 -16.60 -3.61
CA ASP A 59 -21.55 -17.68 -2.69
C ASP A 59 -22.66 -18.74 -2.66
N GLY A 60 -22.78 -19.48 -3.75
CA GLY A 60 -23.80 -20.52 -3.83
C GLY A 60 -24.43 -20.61 -5.20
N LEU A 61 -24.58 -19.46 -5.85
CA LEU A 61 -25.17 -19.39 -7.18
C LEU A 61 -26.61 -19.90 -7.18
N ALA A 62 -26.78 -21.22 -7.06
CA ALA A 62 -28.11 -21.82 -7.04
C ALA A 62 -28.01 -23.33 -6.84
N GLY A 63 -27.26 -23.99 -7.70
CA GLY A 63 -27.11 -25.44 -7.60
C GLY A 63 -25.95 -25.83 -6.71
N LYS A 64 -24.79 -25.23 -6.95
CA LYS A 64 -23.60 -25.53 -6.16
C LYS A 64 -22.43 -24.65 -6.58
N VAL A 65 -21.49 -24.45 -5.67
CA VAL A 65 -20.32 -23.63 -5.93
C VAL A 65 -19.05 -24.30 -5.44
N SER A 66 -17.93 -24.00 -6.10
CA SER A 66 -16.65 -24.58 -5.72
C SER A 66 -16.17 -24.03 -4.38
N THR A 67 -16.15 -24.89 -3.37
CA THR A 67 -15.71 -24.50 -2.04
C THR A 67 -14.27 -23.99 -2.06
N LYS A 68 -13.52 -24.38 -3.09
CA LYS A 68 -12.13 -23.97 -3.22
C LYS A 68 -12.01 -22.45 -3.21
N SER A 69 -11.24 -21.93 -2.25
CA SER A 69 -11.03 -20.49 -2.13
C SER A 69 -9.81 -20.03 -2.92
N VAL A 70 -8.79 -20.88 -2.96
CA VAL A 70 -7.56 -20.56 -3.69
C VAL A 70 -7.77 -20.71 -5.19
N GLY A 71 -7.16 -19.81 -5.96
CA GLY A 71 -7.29 -19.86 -7.40
C GLY A 71 -8.65 -19.39 -7.88
N GLU A 72 -9.02 -18.17 -7.51
CA GLU A 72 -10.31 -17.61 -7.90
C GLU A 72 -10.21 -16.90 -9.25
N ILE A 73 -9.71 -17.62 -10.25
CA ILE A 73 -9.55 -17.06 -11.59
C ILE A 73 -10.03 -18.04 -12.64
N LEU A 74 -10.44 -17.51 -13.80
CA LEU A 74 -10.91 -18.35 -14.90
C LEU A 74 -9.92 -18.34 -16.05
N ASP A 75 -9.40 -17.15 -16.37
CA ASP A 75 -8.45 -17.01 -17.46
C ASP A 75 -7.18 -17.82 -17.18
N GLU A 76 -7.21 -19.09 -17.55
CA GLU A 76 -6.08 -19.98 -17.35
C GLU A 76 -4.91 -19.61 -18.27
N GLU A 77 -4.36 -18.42 -18.06
CA GLU A 77 -3.25 -17.95 -18.86
C GLU A 77 -1.91 -18.24 -18.19
N LEU A 78 -1.81 -19.43 -17.60
CA LEU A 78 -0.57 -19.83 -16.92
C LEU A 78 -0.45 -21.35 -16.88
N SER A 79 0.78 -21.84 -16.80
CA SER A 79 1.03 -23.28 -16.74
C SER A 79 1.60 -23.69 -15.39
N GLY A 80 2.43 -22.81 -14.81
CA GLY A 80 3.04 -23.09 -13.53
C GLY A 80 2.01 -23.33 -12.44
N ASP A 81 0.79 -22.82 -12.64
CA ASP A 81 -0.28 -22.98 -11.66
C ASP A 81 0.17 -22.46 -10.30
N ARG A 82 -0.03 -21.17 -10.08
CA ARG A 82 0.36 -20.55 -8.82
C ARG A 82 1.87 -20.65 -8.62
N ALA A 83 2.60 -20.84 -9.72
CA ALA A 83 4.05 -20.95 -9.68
C ALA A 83 4.49 -22.06 -8.73
N MET B 1 11.78 2.03 -21.97
CA MET B 1 11.95 1.96 -20.49
C MET B 1 12.20 3.34 -19.89
N SER B 2 11.84 3.50 -18.63
CA SER B 2 12.02 4.78 -17.94
C SER B 2 12.91 4.62 -16.71
N ARG B 3 14.17 5.00 -16.84
CA ARG B 3 15.13 4.90 -15.75
C ARG B 3 15.21 6.22 -14.98
N LEU B 4 15.29 6.14 -13.66
CA LEU B 4 15.37 7.33 -12.83
C LEU B 4 16.56 7.25 -11.88
N THR B 5 17.25 8.37 -11.71
CA THR B 5 18.39 8.43 -10.80
C THR B 5 18.01 9.17 -9.53
N ILE B 6 18.13 8.50 -8.40
CA ILE B 6 17.79 9.08 -7.11
C ILE B 6 19.04 9.35 -6.28
N ASP B 7 18.97 10.36 -5.42
CA ASP B 7 20.10 10.69 -4.57
C ASP B 7 19.88 10.15 -3.16
N MET B 8 20.84 9.36 -2.70
CA MET B 8 20.76 8.76 -1.38
C MET B 8 22.05 9.03 -0.59
N THR B 9 21.98 8.86 0.73
CA THR B 9 23.15 9.07 1.56
C THR B 9 24.04 7.84 1.57
N ASP B 10 25.34 8.06 1.71
CA ASP B 10 26.31 6.96 1.72
C ASP B 10 25.84 5.77 2.55
N GLN B 11 25.52 6.02 3.82
CA GLN B 11 25.06 4.97 4.70
C GLN B 11 23.68 4.46 4.32
N GLN B 12 22.75 5.39 4.11
CA GLN B 12 21.38 5.03 3.74
C GLN B 12 21.35 4.18 2.47
N HIS B 13 22.16 4.57 1.49
CA HIS B 13 22.24 3.85 0.23
C HIS B 13 22.44 2.36 0.47
N GLN B 14 23.57 2.01 1.09
CA GLN B 14 23.89 0.64 1.41
C GLN B 14 22.81 0.07 2.30
N SER B 15 22.15 0.95 3.04
CA SER B 15 21.08 0.53 3.92
C SER B 15 19.93 -0.02 3.08
N LEU B 16 19.72 0.61 1.92
CA LEU B 16 18.67 0.19 1.02
C LEU B 16 19.11 -1.00 0.16
N LYS B 17 20.37 -0.98 -0.30
CA LYS B 17 20.87 -2.09 -1.11
C LYS B 17 20.94 -3.32 -0.23
N ALA B 18 21.41 -3.09 0.99
CA ALA B 18 21.55 -4.16 1.97
C ALA B 18 20.20 -4.78 2.25
N LEU B 19 19.20 -3.93 2.45
CA LEU B 19 17.85 -4.40 2.70
C LEU B 19 17.33 -5.10 1.44
N ALA B 20 17.77 -4.59 0.28
CA ALA B 20 17.38 -5.16 -1.00
C ALA B 20 17.91 -6.58 -1.11
N ALA B 21 19.19 -6.76 -0.80
CA ALA B 21 19.83 -8.06 -0.84
C ALA B 21 19.34 -8.94 0.28
N LEU B 22 19.09 -8.32 1.43
CA LEU B 22 18.61 -9.04 2.59
C LEU B 22 17.23 -9.64 2.32
N GLN B 23 16.40 -8.88 1.62
CA GLN B 23 15.06 -9.32 1.27
C GLN B 23 15.10 -10.51 0.30
N GLY B 24 16.22 -10.66 -0.41
CA GLY B 24 16.36 -11.76 -1.35
C GLY B 24 16.39 -11.30 -2.80
N LYS B 25 16.79 -10.05 -3.01
CA LYS B 25 16.87 -9.50 -4.36
C LYS B 25 17.78 -8.28 -4.41
N THR B 26 17.82 -7.61 -5.56
CA THR B 26 18.66 -6.43 -5.71
C THR B 26 17.85 -5.16 -5.47
N ILE B 27 18.52 -4.10 -5.02
CA ILE B 27 17.84 -2.83 -4.76
C ILE B 27 16.93 -2.44 -5.92
N LYS B 28 17.42 -2.65 -7.14
CA LYS B 28 16.65 -2.32 -8.33
C LYS B 28 15.23 -2.88 -8.22
N GLN B 29 15.09 -3.95 -7.44
CA GLN B 29 13.80 -4.58 -7.22
C GLN B 29 13.20 -4.12 -5.90
N TYR B 30 14.02 -4.20 -4.87
CA TYR B 30 13.61 -3.81 -3.53
C TYR B 30 13.15 -2.36 -3.46
N ALA B 31 13.96 -1.46 -3.99
CA ALA B 31 13.62 -0.05 -4.00
C ALA B 31 12.38 0.17 -4.83
N LEU B 32 12.26 -0.63 -5.88
CA LEU B 32 11.13 -0.55 -6.78
C LEU B 32 9.80 -0.77 -6.05
N GLU B 33 9.73 -1.84 -5.27
CA GLU B 33 8.51 -2.17 -4.53
C GLU B 33 8.22 -1.11 -3.48
N ARG B 34 9.26 -0.52 -2.93
CA ARG B 34 9.10 0.50 -1.90
C ARG B 34 9.01 1.90 -2.52
N LEU B 35 9.37 2.01 -3.80
CA LEU B 35 9.28 3.28 -4.49
C LEU B 35 7.82 3.62 -4.71
N PHE B 36 7.01 2.58 -4.86
CA PHE B 36 5.57 2.74 -5.05
C PHE B 36 4.78 1.82 -4.13
N PRO B 37 4.84 2.07 -2.80
CA PRO B 37 4.13 1.27 -1.82
C PRO B 37 2.75 1.84 -1.49
N GLY B 38 2.15 1.34 -0.41
CA GLY B 38 0.84 1.82 -0.01
C GLY B 38 -0.13 0.68 0.28
N ASP B 39 -0.12 0.20 1.52
CA ASP B 39 -1.01 -0.89 1.92
C ASP B 39 -1.17 -0.93 3.43
N ALA B 40 -2.39 -0.68 3.91
CA ALA B 40 -2.66 -0.68 5.34
C ALA B 40 -2.55 -2.10 5.91
N ASP B 41 -2.51 -3.10 5.05
CA ASP B 41 -2.40 -4.49 5.49
C ASP B 41 -1.14 -4.70 6.32
N ALA B 42 -0.08 -3.98 5.97
CA ALA B 42 1.19 -4.09 6.69
C ALA B 42 1.01 -3.79 8.17
N ASP B 43 0.23 -2.77 8.47
CA ASP B 43 -0.02 -2.37 9.86
C ASP B 43 -0.79 -3.46 10.60
N GLN B 44 -1.65 -4.17 9.88
CA GLN B 44 -2.45 -5.23 10.47
C GLN B 44 -1.57 -6.40 10.91
N ALA B 45 -0.43 -6.57 10.25
CA ALA B 45 0.50 -7.65 10.57
C ALA B 45 0.91 -7.60 12.04
N TRP B 46 1.35 -6.43 12.48
CA TRP B 46 1.78 -6.25 13.87
C TRP B 46 0.60 -6.33 14.82
N GLN B 47 -0.60 -6.12 14.30
CA GLN B 47 -1.81 -6.16 15.11
C GLN B 47 -2.11 -7.59 15.59
N GLU B 48 -1.55 -8.57 14.89
CA GLU B 48 -1.76 -9.97 15.24
C GLU B 48 -0.52 -10.57 15.89
N LEU B 49 0.58 -9.80 15.92
CA LEU B 49 1.82 -10.27 16.52
C LEU B 49 1.61 -10.59 18.00
N LYS B 50 0.73 -9.82 18.63
CA LYS B 50 0.42 -10.02 20.05
C LYS B 50 -0.97 -10.62 20.21
N THR B 51 -1.53 -11.14 19.12
CA THR B 51 -2.86 -11.74 19.15
C THR B 51 -2.76 -13.27 19.14
N MET B 52 -1.66 -13.78 19.66
CA MET B 52 -1.44 -15.23 19.71
C MET B 52 -0.25 -15.57 20.61
N LEU B 53 0.87 -14.92 20.34
CA LEU B 53 2.09 -15.16 21.12
C LEU B 53 1.91 -14.68 22.55
N GLY B 54 2.70 -15.24 23.46
CA GLY B 54 2.62 -14.85 24.87
C GLY B 54 3.72 -15.47 25.70
N ASN B 55 3.34 -16.25 26.70
CA ASN B 55 4.30 -16.91 27.58
C ASN B 55 3.63 -18.03 28.38
N ARG B 56 2.74 -17.64 29.29
CA ARG B 56 2.04 -18.61 30.12
C ARG B 56 0.54 -18.33 30.11
N ILE B 57 -0.18 -19.03 29.24
CA ILE B 57 -1.62 -18.86 29.13
C ILE B 57 -2.32 -19.26 30.43
N ASN B 58 -3.04 -18.31 31.02
CA ASN B 58 -3.75 -18.55 32.27
C ASN B 58 -4.55 -17.32 32.68
N ASP B 59 -5.86 -17.50 32.85
CA ASP B 59 -6.74 -16.41 33.24
C ASP B 59 -6.32 -15.84 34.59
N GLY B 60 -6.19 -14.51 34.65
CA GLY B 60 -5.80 -13.87 35.89
C GLY B 60 -6.93 -13.83 36.90
N LEU B 61 -8.16 -13.83 36.42
CA LEU B 61 -9.33 -13.79 37.29
C LEU B 61 -10.58 -14.26 36.54
N ALA B 62 -10.99 -13.50 35.54
CA ALA B 62 -12.16 -13.84 34.74
C ALA B 62 -12.36 -12.84 33.61
N GLY B 63 -12.54 -11.57 33.96
CA GLY B 63 -12.73 -10.55 32.95
C GLY B 63 -11.53 -9.65 32.79
N LYS B 64 -10.37 -10.25 32.58
CA LYS B 64 -9.13 -9.49 32.41
C LYS B 64 -9.22 -8.56 31.20
N VAL B 65 -8.38 -7.53 31.20
CA VAL B 65 -8.36 -6.57 30.10
C VAL B 65 -8.04 -7.26 28.77
N SER B 66 -8.58 -6.73 27.68
CA SER B 66 -8.36 -7.29 26.35
C SER B 66 -8.97 -8.69 26.23
N THR B 67 -8.31 -9.67 26.82
CA THR B 67 -8.79 -11.06 26.77
C THR B 67 -8.79 -11.57 25.34
N LYS B 68 -7.75 -12.35 24.99
CA LYS B 68 -7.64 -12.91 23.66
C LYS B 68 -7.24 -14.38 23.72
N SER B 69 -6.28 -14.69 24.59
CA SER B 69 -5.80 -16.06 24.75
C SER B 69 -5.15 -16.56 23.47
N VAL B 70 -5.97 -16.98 22.51
CA VAL B 70 -5.47 -17.48 21.23
C VAL B 70 -6.40 -17.08 20.08
N GLY B 71 -6.64 -15.79 19.95
CA GLY B 71 -7.49 -15.30 18.88
C GLY B 71 -8.95 -15.67 19.10
N GLU B 72 -9.85 -14.78 18.72
CA GLU B 72 -11.28 -15.01 18.87
C GLU B 72 -11.92 -15.35 17.53
N ILE B 73 -11.22 -15.03 16.44
CA ILE B 73 -11.72 -15.29 15.10
C ILE B 73 -11.82 -16.78 14.82
N LEU B 74 -12.79 -17.16 14.00
CA LEU B 74 -12.99 -18.57 13.65
C LEU B 74 -12.07 -18.98 12.50
N ASP B 75 -12.10 -20.27 12.18
CA ASP B 75 -11.28 -20.80 11.10
C ASP B 75 -11.75 -22.19 10.67
N GLU B 76 -12.09 -23.01 11.66
CA GLU B 76 -12.57 -24.37 11.38
C GLU B 76 -11.49 -25.21 10.70
N GLU B 77 -10.24 -24.76 10.78
CA GLU B 77 -9.13 -25.46 10.17
C GLU B 77 -8.73 -26.68 11.00
N LEU B 78 -9.16 -27.86 10.58
CA LEU B 78 -8.84 -29.08 11.28
C LEU B 78 -9.41 -29.05 12.70
N SER B 79 -9.11 -30.10 13.48
CA SER B 79 -9.60 -30.19 14.85
C SER B 79 -9.15 -28.98 15.67
N GLY B 80 -7.83 -28.82 15.82
CA GLY B 80 -7.31 -27.71 16.58
C GLY B 80 -7.47 -27.89 18.07
N ASP B 81 -6.37 -27.79 18.80
CA ASP B 81 -6.39 -27.93 20.25
C ASP B 81 -7.30 -26.89 20.89
N ARG B 82 -7.09 -25.63 20.51
CA ARG B 82 -7.88 -24.52 21.06
C ARG B 82 -8.98 -24.10 20.07
N ALA B 83 -8.81 -24.48 18.81
CA ALA B 83 -9.78 -24.13 17.78
C ALA B 83 -9.91 -22.62 17.63
N MET A 1 27.19 10.57 -0.99
CA MET A 1 27.19 10.65 -2.48
C MET A 1 26.81 9.32 -3.11
N SER A 2 25.79 8.67 -2.55
CA SER A 2 25.32 7.38 -3.06
C SER A 2 24.07 7.55 -3.90
N ARG A 3 24.25 7.65 -5.22
CA ARG A 3 23.14 7.80 -6.15
C ARG A 3 22.89 6.50 -6.90
N LEU A 4 21.67 5.97 -6.78
CA LEU A 4 21.33 4.72 -7.46
C LEU A 4 20.40 4.98 -8.64
N THR A 5 20.69 4.34 -9.76
CA THR A 5 19.86 4.47 -10.94
C THR A 5 18.93 3.26 -11.02
N ILE A 6 17.63 3.51 -11.00
CA ILE A 6 16.65 2.44 -11.03
C ILE A 6 15.88 2.41 -12.34
N ASP A 7 15.64 1.20 -12.85
CA ASP A 7 14.87 1.04 -14.08
C ASP A 7 13.43 0.73 -13.74
N MET A 8 12.51 1.53 -14.26
CA MET A 8 11.09 1.35 -13.99
C MET A 8 10.28 1.34 -15.28
N THR A 9 9.06 0.85 -15.20
CA THR A 9 8.19 0.80 -16.36
C THR A 9 7.49 2.15 -16.56
N ASP A 10 7.15 2.46 -17.79
CA ASP A 10 6.51 3.74 -18.12
C ASP A 10 5.26 3.99 -17.30
N GLN A 11 4.44 2.97 -17.11
CA GLN A 11 3.19 3.11 -16.36
C GLN A 11 3.41 3.36 -14.87
N GLN A 12 4.22 2.54 -14.22
CA GLN A 12 4.46 2.69 -12.78
C GLN A 12 5.19 4.01 -12.46
N HIS A 13 6.22 4.34 -13.23
CA HIS A 13 6.98 5.57 -13.00
C HIS A 13 6.05 6.77 -12.91
N GLN A 14 4.89 6.68 -13.54
CA GLN A 14 3.92 7.77 -13.53
C GLN A 14 3.16 7.79 -12.21
N SER A 15 2.92 6.61 -11.67
CA SER A 15 2.20 6.47 -10.41
C SER A 15 3.01 7.02 -9.25
N LEU A 16 4.28 6.64 -9.18
CA LEU A 16 5.16 7.09 -8.10
C LEU A 16 5.70 8.50 -8.38
N LYS A 17 6.00 8.80 -9.64
CA LYS A 17 6.52 10.12 -10.00
C LYS A 17 5.43 11.18 -9.79
N ALA A 18 4.21 10.83 -10.16
CA ALA A 18 3.08 11.74 -10.00
C ALA A 18 2.87 12.06 -8.52
N LEU A 19 2.95 11.04 -7.68
CA LEU A 19 2.78 11.20 -6.24
C LEU A 19 3.88 12.11 -5.69
N ALA A 20 5.07 12.00 -6.27
CA ALA A 20 6.20 12.82 -5.84
C ALA A 20 5.85 14.30 -5.93
N ALA A 21 5.38 14.71 -7.10
CA ALA A 21 4.99 16.09 -7.35
C ALA A 21 3.72 16.43 -6.59
N LEU A 22 2.81 15.45 -6.53
CA LEU A 22 1.54 15.64 -5.85
C LEU A 22 1.76 15.96 -4.38
N GLN A 23 2.76 15.31 -3.79
CA GLN A 23 3.08 15.54 -2.38
C GLN A 23 3.63 16.94 -2.16
N GLY A 24 4.22 17.51 -3.21
CA GLY A 24 4.77 18.85 -3.11
C GLY A 24 6.28 18.85 -3.24
N LYS A 25 6.81 17.88 -3.97
CA LYS A 25 8.25 17.78 -4.17
C LYS A 25 8.57 16.92 -5.40
N THR A 26 9.85 16.66 -5.61
CA THR A 26 10.28 15.84 -6.74
C THR A 26 10.52 14.41 -6.29
N ILE A 27 10.23 13.45 -7.17
CA ILE A 27 10.41 12.04 -6.84
C ILE A 27 11.78 11.80 -6.21
N LYS A 28 12.76 12.61 -6.58
CA LYS A 28 14.10 12.46 -6.02
C LYS A 28 14.04 12.41 -4.50
N GLN A 29 13.00 13.00 -3.93
CA GLN A 29 12.80 13.02 -2.48
C GLN A 29 11.76 11.97 -2.11
N TYR A 30 10.65 12.00 -2.83
CA TYR A 30 9.55 11.08 -2.59
C TYR A 30 9.99 9.62 -2.74
N ALA A 31 10.67 9.32 -3.85
CA ALA A 31 11.14 7.97 -4.10
C ALA A 31 12.17 7.60 -3.06
N LEU A 32 13.08 8.54 -2.81
CA LEU A 32 14.13 8.35 -1.85
C LEU A 32 13.56 7.97 -0.48
N GLU A 33 12.55 8.70 -0.06
CA GLU A 33 11.91 8.46 1.23
C GLU A 33 11.10 7.17 1.22
N ARG A 34 10.64 6.77 0.05
CA ARG A 34 9.82 5.55 -0.09
C ARG A 34 10.68 4.29 -0.22
N LEU A 35 11.98 4.45 -0.46
CA LEU A 35 12.88 3.30 -0.61
C LEU A 35 13.21 2.69 0.74
N PHE A 36 13.05 3.46 1.80
CA PHE A 36 13.38 3.01 3.13
C PHE A 36 12.22 2.30 3.85
N PRO A 37 11.05 2.95 3.92
CA PRO A 37 9.87 2.38 4.59
C PRO A 37 9.18 1.31 3.75
N GLY A 38 8.09 0.77 4.30
CA GLY A 38 7.35 -0.26 3.59
C GLY A 38 5.93 -0.38 4.09
N ASP A 39 5.11 0.62 3.79
CA ASP A 39 3.71 0.63 4.21
C ASP A 39 2.98 -0.61 3.71
N ALA A 40 2.09 -1.14 4.53
CA ALA A 40 1.32 -2.32 4.18
C ALA A 40 0.41 -2.06 2.98
N ASP A 41 0.18 -0.79 2.68
CA ASP A 41 -0.66 -0.40 1.55
C ASP A 41 -0.25 -1.12 0.27
N ALA A 42 1.04 -1.48 0.20
CA ALA A 42 1.57 -2.18 -0.97
C ALA A 42 0.80 -3.48 -1.24
N ASP A 43 0.20 -4.03 -0.19
CA ASP A 43 -0.56 -5.26 -0.31
C ASP A 43 -1.65 -5.14 -1.38
N GLN A 44 -2.15 -3.92 -1.56
CA GLN A 44 -3.20 -3.67 -2.54
C GLN A 44 -2.66 -3.79 -3.97
N ALA A 45 -1.36 -3.53 -4.12
CA ALA A 45 -0.72 -3.60 -5.44
C ALA A 45 -0.90 -4.99 -6.05
N TRP A 46 -0.76 -6.02 -5.22
CA TRP A 46 -0.90 -7.39 -5.68
C TRP A 46 -2.37 -7.78 -5.83
N GLN A 47 -3.27 -6.93 -5.34
CA GLN A 47 -4.70 -7.20 -5.43
C GLN A 47 -5.25 -6.86 -6.80
N GLU A 48 -4.39 -6.36 -7.69
CA GLU A 48 -4.81 -5.99 -9.03
C GLU A 48 -4.14 -6.88 -10.09
N LEU A 49 -3.09 -7.59 -9.70
CA LEU A 49 -2.39 -8.47 -10.61
C LEU A 49 -3.32 -9.55 -11.13
N LYS A 50 -4.29 -9.93 -10.30
CA LYS A 50 -5.27 -10.94 -10.67
C LYS A 50 -6.69 -10.42 -10.48
N THR A 51 -6.82 -9.12 -10.26
CA THR A 51 -8.13 -8.49 -10.07
C THR A 51 -8.10 -7.02 -10.47
N MET A 52 -8.04 -6.76 -11.77
CA MET A 52 -8.01 -5.40 -12.28
C MET A 52 -9.03 -5.21 -13.40
N LEU A 53 -9.11 -6.20 -14.29
CA LEU A 53 -10.05 -6.14 -15.41
C LEU A 53 -11.49 -6.17 -14.92
N GLY A 54 -12.01 -5.01 -14.56
CA GLY A 54 -13.38 -4.93 -14.07
C GLY A 54 -13.90 -3.51 -14.03
N ASN A 55 -14.42 -3.11 -12.88
CA ASN A 55 -14.96 -1.76 -12.70
C ASN A 55 -14.15 -0.98 -11.67
N ARG A 56 -13.26 -0.12 -12.15
CA ARG A 56 -12.42 0.68 -11.27
C ARG A 56 -12.89 2.14 -11.26
N ILE A 57 -13.46 2.58 -12.38
CA ILE A 57 -13.94 3.95 -12.50
C ILE A 57 -14.97 4.27 -11.43
N ASN A 58 -14.70 5.32 -10.65
CA ASN A 58 -15.60 5.73 -9.58
C ASN A 58 -15.10 7.00 -8.90
N ASP A 59 -15.64 7.29 -7.72
CA ASP A 59 -15.24 8.48 -6.97
C ASP A 59 -13.72 8.53 -6.77
N GLY A 60 -13.11 7.34 -6.68
CA GLY A 60 -11.68 7.27 -6.48
C GLY A 60 -11.21 8.01 -5.24
N LEU A 61 -11.99 7.90 -4.17
CA LEU A 61 -11.66 8.57 -2.92
C LEU A 61 -10.32 8.06 -2.38
N ALA A 62 -10.28 6.78 -2.03
CA ALA A 62 -9.06 6.18 -1.50
C ALA A 62 -9.25 4.68 -1.26
N GLY A 63 -10.06 4.34 -0.26
CA GLY A 63 -10.31 2.95 0.05
C GLY A 63 -11.70 2.50 -0.37
N LYS A 64 -11.79 1.86 -1.53
CA LYS A 64 -13.06 1.37 -2.04
C LYS A 64 -13.64 0.31 -1.13
N VAL A 65 -14.96 0.39 -0.88
CA VAL A 65 -15.64 -0.56 -0.01
C VAL A 65 -17.00 -0.93 -0.59
N SER A 66 -17.45 -2.15 -0.28
CA SER A 66 -18.75 -2.63 -0.76
C SER A 66 -18.71 -2.89 -2.26
N THR A 67 -18.51 -1.82 -3.04
CA THR A 67 -18.45 -1.94 -4.49
C THR A 67 -17.51 -3.06 -4.93
N LYS A 68 -17.98 -3.91 -5.83
CA LYS A 68 -17.18 -5.02 -6.32
C LYS A 68 -16.50 -4.66 -7.64
N SER A 69 -15.77 -5.63 -8.21
CA SER A 69 -15.08 -5.42 -9.47
C SER A 69 -14.76 -6.74 -10.15
N VAL A 70 -13.77 -7.46 -9.64
CA VAL A 70 -13.37 -8.74 -10.20
C VAL A 70 -13.02 -9.74 -9.11
N GLY A 71 -13.04 -11.02 -9.45
CA GLY A 71 -12.71 -12.05 -8.48
C GLY A 71 -11.59 -12.95 -8.95
N GLU A 72 -10.50 -12.99 -8.16
CA GLU A 72 -9.35 -13.80 -8.50
C GLU A 72 -9.49 -15.21 -7.90
N ILE A 73 -10.09 -15.29 -6.72
CA ILE A 73 -10.29 -16.56 -6.05
C ILE A 73 -11.75 -17.00 -6.08
N LEU A 74 -11.98 -18.30 -6.13
CA LEU A 74 -13.33 -18.85 -6.17
C LEU A 74 -13.33 -20.31 -5.77
N ASP A 75 -12.62 -21.13 -6.54
CA ASP A 75 -12.55 -22.56 -6.27
C ASP A 75 -11.37 -23.19 -7.01
N GLU A 76 -11.41 -23.12 -8.34
CA GLU A 76 -10.35 -23.67 -9.17
C GLU A 76 -10.62 -23.41 -10.64
N GLU A 77 -11.56 -24.16 -11.21
CA GLU A 77 -11.91 -24.02 -12.61
C GLU A 77 -12.96 -22.92 -12.80
N LEU A 78 -12.55 -21.83 -13.44
CA LEU A 78 -13.46 -20.71 -13.69
C LEU A 78 -13.83 -20.63 -15.16
N SER A 79 -15.03 -20.14 -15.44
CA SER A 79 -15.51 -20.01 -16.81
C SER A 79 -16.82 -19.23 -16.86
N GLY A 80 -17.77 -19.62 -16.02
CA GLY A 80 -19.05 -18.94 -15.98
C GLY A 80 -19.08 -17.81 -14.98
N ASP A 81 -20.15 -17.77 -14.17
CA ASP A 81 -20.30 -16.72 -13.17
C ASP A 81 -20.41 -15.35 -13.82
N ARG A 82 -19.26 -14.79 -14.21
CA ARG A 82 -19.22 -13.49 -14.86
C ARG A 82 -19.32 -13.63 -16.38
N ALA A 83 -19.06 -14.85 -16.87
CA ALA A 83 -19.11 -15.11 -18.31
C ALA A 83 -18.05 -14.31 -19.05
N MET B 1 11.68 0.60 -19.45
CA MET B 1 11.64 1.74 -20.40
C MET B 1 11.78 3.07 -19.68
N SER B 2 11.25 3.13 -18.45
CA SER B 2 11.31 4.35 -17.65
C SER B 2 12.30 4.19 -16.50
N ARG B 3 13.54 4.58 -16.73
CA ARG B 3 14.57 4.49 -15.71
C ARG B 3 14.85 5.85 -15.09
N LEU B 4 14.84 5.92 -13.76
CA LEU B 4 15.09 7.18 -13.06
C LEU B 4 16.28 7.07 -12.14
N THR B 5 17.10 8.12 -12.11
CA THR B 5 18.28 8.15 -11.24
C THR B 5 17.95 8.83 -9.92
N ILE B 6 18.46 8.26 -8.84
CA ILE B 6 18.19 8.82 -7.51
C ILE B 6 19.48 9.00 -6.72
N ASP B 7 19.69 10.20 -6.17
CA ASP B 7 20.87 10.48 -5.38
C ASP B 7 20.54 10.35 -3.90
N MET B 8 21.30 9.51 -3.21
CA MET B 8 21.10 9.26 -1.79
C MET B 8 22.41 9.42 -1.02
N THR B 9 22.30 9.55 0.30
CA THR B 9 23.47 9.69 1.15
C THR B 9 24.05 8.31 1.45
N ASP B 10 25.35 8.17 1.19
CA ASP B 10 26.09 6.92 1.39
C ASP B 10 25.51 6.05 2.51
N GLN B 11 25.45 6.59 3.72
CA GLN B 11 24.95 5.85 4.86
C GLN B 11 23.52 5.37 4.65
N GLN B 12 22.63 6.28 4.23
CA GLN B 12 21.23 5.94 4.03
C GLN B 12 21.02 4.93 2.90
N HIS B 13 21.76 5.06 1.80
CA HIS B 13 21.61 4.15 0.67
C HIS B 13 21.98 2.72 1.06
N GLN B 14 22.67 2.57 2.17
CA GLN B 14 23.07 1.25 2.65
C GLN B 14 21.96 0.56 3.42
N SER B 15 21.16 1.37 4.11
CA SER B 15 20.06 0.82 4.90
C SER B 15 19.01 0.16 4.02
N LEU B 16 18.56 0.88 2.99
CA LEU B 16 17.55 0.35 2.09
C LEU B 16 18.15 -0.57 1.02
N LYS B 17 19.34 -0.22 0.54
CA LYS B 17 20.00 -1.04 -0.47
C LYS B 17 20.35 -2.41 0.10
N ALA B 18 20.74 -2.43 1.37
CA ALA B 18 21.09 -3.67 2.05
C ALA B 18 19.89 -4.59 2.14
N LEU B 19 18.72 -4.01 2.44
CA LEU B 19 17.49 -4.78 2.54
C LEU B 19 17.21 -5.50 1.23
N ALA B 20 17.60 -4.88 0.12
CA ALA B 20 17.41 -5.46 -1.19
C ALA B 20 18.10 -6.81 -1.28
N ALA B 21 19.38 -6.84 -0.94
CA ALA B 21 20.17 -8.06 -0.96
C ALA B 21 19.75 -9.00 0.16
N LEU B 22 19.36 -8.41 1.29
CA LEU B 22 18.93 -9.19 2.43
C LEU B 22 17.74 -10.07 2.07
N GLN B 23 16.85 -9.52 1.24
CA GLN B 23 15.67 -10.23 0.80
C GLN B 23 16.04 -11.30 -0.24
N GLY B 24 17.13 -11.06 -0.96
CA GLY B 24 17.57 -12.01 -1.97
C GLY B 24 17.56 -11.42 -3.38
N LYS B 25 17.76 -10.12 -3.48
CA LYS B 25 17.77 -9.45 -4.78
C LYS B 25 18.49 -8.11 -4.69
N THR B 26 18.49 -7.37 -5.80
CA THR B 26 19.13 -6.06 -5.85
C THR B 26 18.11 -4.98 -5.55
N ILE B 27 18.55 -3.87 -4.96
CA ILE B 27 17.64 -2.78 -4.64
C ILE B 27 16.87 -2.33 -5.87
N LYS B 28 17.49 -2.47 -7.04
CA LYS B 28 16.82 -2.09 -8.30
C LYS B 28 15.43 -2.69 -8.36
N GLN B 29 15.25 -3.83 -7.70
CA GLN B 29 13.95 -4.51 -7.65
C GLN B 29 13.24 -4.18 -6.36
N TYR B 30 13.96 -4.33 -5.26
CA TYR B 30 13.42 -4.09 -3.94
C TYR B 30 12.90 -2.66 -3.81
N ALA B 31 13.74 -1.69 -4.19
CA ALA B 31 13.38 -0.29 -4.13
C ALA B 31 12.23 -0.01 -5.09
N LEU B 32 12.20 -0.77 -6.17
CA LEU B 32 11.17 -0.62 -7.18
C LEU B 32 9.78 -0.73 -6.58
N GLU B 33 9.56 -1.77 -5.80
CA GLU B 33 8.27 -2.01 -5.17
C GLU B 33 8.01 -1.03 -4.04
N ARG B 34 9.08 -0.54 -3.43
CA ARG B 34 8.97 0.40 -2.31
C ARG B 34 8.73 1.83 -2.78
N LEU B 35 8.94 2.07 -4.07
CA LEU B 35 8.73 3.41 -4.63
C LEU B 35 7.24 3.67 -4.81
N PHE B 36 6.46 2.61 -4.89
CA PHE B 36 5.03 2.73 -5.04
C PHE B 36 4.29 1.85 -4.03
N PRO B 37 4.47 2.13 -2.73
CA PRO B 37 3.84 1.37 -1.65
C PRO B 37 2.43 1.87 -1.35
N GLY B 38 2.29 3.18 -1.22
CA GLY B 38 0.98 3.76 -0.92
C GLY B 38 1.02 5.27 -0.82
N ASP B 39 0.10 5.83 -0.04
CA ASP B 39 0.04 7.28 0.14
C ASP B 39 0.58 7.68 1.51
N ALA B 40 0.49 8.96 1.83
CA ALA B 40 0.96 9.48 3.10
C ALA B 40 -0.09 10.33 3.80
N ASP B 41 -1.30 10.37 3.23
CA ASP B 41 -2.39 11.16 3.80
C ASP B 41 -2.90 10.53 5.09
N ALA B 42 -2.82 9.20 5.17
CA ALA B 42 -3.28 8.47 6.34
C ALA B 42 -2.54 8.93 7.59
N ASP B 43 -1.34 9.47 7.41
CA ASP B 43 -0.54 9.95 8.55
C ASP B 43 -1.31 10.98 9.36
N GLN B 44 -2.20 11.72 8.70
CA GLN B 44 -3.00 12.73 9.37
C GLN B 44 -4.39 12.21 9.71
N ALA B 45 -4.99 11.50 8.75
CA ALA B 45 -6.32 10.94 8.94
C ALA B 45 -6.34 9.94 10.09
N TRP B 46 -5.37 9.03 10.10
CA TRP B 46 -5.27 8.02 11.14
C TRP B 46 -4.82 8.63 12.47
N GLN B 47 -4.13 9.77 12.40
CA GLN B 47 -3.64 10.44 13.58
C GLN B 47 -4.79 10.89 14.47
N GLU B 48 -5.98 11.01 13.88
CA GLU B 48 -7.16 11.42 14.63
C GLU B 48 -7.94 10.22 15.14
N LEU B 49 -7.85 9.11 14.41
CA LEU B 49 -8.54 7.91 14.82
C LEU B 49 -8.03 7.47 16.19
N LYS B 50 -6.73 7.72 16.42
CA LYS B 50 -6.11 7.40 17.70
C LYS B 50 -6.15 8.64 18.59
N THR B 51 -7.34 9.24 18.65
CA THR B 51 -7.56 10.45 19.44
C THR B 51 -6.87 11.65 18.80
N MET B 52 -7.66 12.69 18.56
CA MET B 52 -7.17 13.91 17.93
C MET B 52 -7.48 15.12 18.81
N LEU B 53 -6.44 15.69 19.40
CA LEU B 53 -6.60 16.86 20.26
C LEU B 53 -5.99 18.10 19.60
N GLY B 54 -6.77 19.18 19.59
CA GLY B 54 -6.29 20.42 19.00
C GLY B 54 -7.33 21.52 19.07
N ASN B 55 -7.66 21.94 20.28
CA ASN B 55 -8.65 23.01 20.49
C ASN B 55 -8.01 24.38 20.29
N ARG B 56 -8.83 25.36 19.90
CA ARG B 56 -8.34 26.71 19.68
C ARG B 56 -9.44 27.74 19.97
N ILE B 57 -9.17 28.64 20.91
CA ILE B 57 -10.14 29.67 21.27
C ILE B 57 -11.40 29.05 21.86
N ASN B 58 -12.15 29.84 22.62
CA ASN B 58 -13.39 29.37 23.24
C ASN B 58 -14.36 28.83 22.19
N ASP B 59 -15.24 27.93 22.61
CA ASP B 59 -16.22 27.35 21.70
C ASP B 59 -17.11 28.42 21.10
N GLY B 60 -17.64 29.30 21.94
CA GLY B 60 -18.50 30.36 21.47
C GLY B 60 -19.73 29.84 20.75
N LEU B 61 -20.20 28.67 21.18
CA LEU B 61 -21.37 28.05 20.57
C LEU B 61 -21.90 26.91 21.44
N ALA B 62 -21.02 25.98 21.79
CA ALA B 62 -21.39 24.85 22.62
C ALA B 62 -20.18 23.98 22.95
N GLY B 63 -19.49 23.50 21.92
CA GLY B 63 -18.33 22.67 22.13
C GLY B 63 -17.20 22.99 21.16
N LYS B 64 -17.56 23.17 19.88
CA LYS B 64 -16.58 23.47 18.86
C LYS B 64 -17.25 23.70 17.50
N VAL B 65 -18.35 22.99 17.26
CA VAL B 65 -19.09 23.12 16.00
C VAL B 65 -18.15 23.10 14.79
N SER B 66 -17.21 22.16 14.79
CA SER B 66 -16.26 22.04 13.70
C SER B 66 -16.55 20.80 12.87
N THR B 67 -15.70 20.55 11.86
CA THR B 67 -15.87 19.39 10.99
C THR B 67 -15.88 18.09 11.80
N LYS B 68 -16.33 17.02 11.16
CA LYS B 68 -16.40 15.72 11.82
C LYS B 68 -15.03 15.31 12.37
N SER B 69 -14.99 14.99 13.66
CA SER B 69 -13.75 14.58 14.31
C SER B 69 -14.03 13.69 15.51
N VAL B 70 -13.01 12.95 15.95
CA VAL B 70 -13.14 12.06 17.10
C VAL B 70 -14.23 11.01 16.85
N GLY B 71 -14.12 9.89 17.55
CA GLY B 71 -15.09 8.82 17.40
C GLY B 71 -16.33 9.05 18.24
N GLU B 72 -17.50 8.90 17.61
CA GLU B 72 -18.76 9.09 18.31
C GLU B 72 -19.46 7.75 18.58
N ILE B 73 -20.64 7.81 19.17
CA ILE B 73 -21.40 6.60 19.48
C ILE B 73 -22.49 6.36 18.45
N LEU B 74 -22.84 5.10 18.24
CA LEU B 74 -23.88 4.73 17.29
C LEU B 74 -23.49 5.17 15.88
N ASP B 75 -24.46 5.18 14.97
CA ASP B 75 -24.23 5.57 13.60
C ASP B 75 -25.52 6.01 12.92
N GLU B 76 -25.87 7.28 13.11
CA GLU B 76 -27.08 7.84 12.52
C GLU B 76 -27.02 7.79 11.00
N GLU B 77 -25.82 7.88 10.45
CA GLU B 77 -25.62 7.85 9.01
C GLU B 77 -24.21 7.42 8.65
N LEU B 78 -24.07 6.72 7.53
CA LEU B 78 -22.77 6.25 7.08
C LEU B 78 -22.16 5.28 8.10
N SER B 79 -21.99 4.03 7.69
CA SER B 79 -21.42 3.01 8.57
C SER B 79 -19.92 3.26 8.78
N GLY B 80 -19.27 3.82 7.77
CA GLY B 80 -17.85 4.10 7.87
C GLY B 80 -17.55 5.58 8.01
N ASP B 81 -16.84 6.13 7.03
CA ASP B 81 -16.48 7.54 7.06
C ASP B 81 -15.56 7.85 8.23
N ARG B 82 -16.15 7.97 9.42
CA ARG B 82 -15.39 8.26 10.63
C ARG B 82 -15.05 6.97 11.37
N ALA B 83 -15.76 5.90 11.05
CA ALA B 83 -15.52 4.61 11.70
C ALA B 83 -15.78 4.68 13.19
N MET A 1 26.71 11.18 -2.35
CA MET A 1 27.32 10.47 -3.50
C MET A 1 26.64 9.14 -3.77
N SER A 2 25.98 8.60 -2.74
CA SER A 2 25.28 7.33 -2.87
C SER A 2 24.03 7.47 -3.74
N ARG A 3 24.24 7.79 -5.01
CA ARG A 3 23.14 7.96 -5.96
C ARG A 3 22.99 6.70 -6.80
N LEU A 4 21.81 6.07 -6.73
CA LEU A 4 21.57 4.85 -7.48
C LEU A 4 20.56 5.08 -8.60
N THR A 5 20.82 4.48 -9.75
CA THR A 5 19.93 4.59 -10.89
C THR A 5 18.95 3.43 -10.89
N ILE A 6 17.66 3.73 -10.82
CA ILE A 6 16.64 2.70 -10.79
C ILE A 6 15.86 2.63 -12.09
N ASP A 7 15.44 1.43 -12.47
CA ASP A 7 14.65 1.23 -13.67
C ASP A 7 13.20 0.97 -13.30
N MET A 8 12.31 1.77 -13.85
CA MET A 8 10.88 1.62 -13.57
C MET A 8 10.08 1.57 -14.86
N THR A 9 8.85 1.10 -14.76
CA THR A 9 7.99 1.00 -15.94
C THR A 9 7.29 2.33 -16.21
N ASP A 10 6.97 2.57 -17.48
CA ASP A 10 6.31 3.81 -17.89
C ASP A 10 5.12 4.16 -17.00
N GLN A 11 4.09 3.33 -17.05
CA GLN A 11 2.88 3.56 -16.26
C GLN A 11 3.17 3.59 -14.76
N GLN A 12 3.89 2.58 -14.28
CA GLN A 12 4.22 2.47 -12.86
C GLN A 12 5.02 3.70 -12.39
N HIS A 13 6.06 4.04 -13.13
CA HIS A 13 6.89 5.20 -12.78
C HIS A 13 6.05 6.46 -12.66
N GLN A 14 4.99 6.54 -13.45
CA GLN A 14 4.11 7.70 -13.45
C GLN A 14 3.30 7.74 -12.16
N SER A 15 3.03 6.57 -11.60
CA SER A 15 2.27 6.48 -10.37
C SER A 15 3.03 7.14 -9.23
N LEU A 16 4.30 6.80 -9.11
CA LEU A 16 5.17 7.36 -8.06
C LEU A 16 5.69 8.72 -8.49
N LYS A 17 6.00 8.85 -9.78
CA LYS A 17 6.52 10.11 -10.31
C LYS A 17 5.46 11.20 -10.15
N ALA A 18 4.23 10.88 -10.54
CA ALA A 18 3.13 11.82 -10.43
C ALA A 18 2.84 12.16 -8.97
N LEU A 19 2.83 11.13 -8.12
CA LEU A 19 2.57 11.32 -6.70
C LEU A 19 3.60 12.27 -6.10
N ALA A 20 4.85 12.15 -6.53
CA ALA A 20 5.92 13.00 -6.04
C ALA A 20 5.57 14.47 -6.27
N ALA A 21 5.20 14.80 -7.50
CA ALA A 21 4.82 16.16 -7.87
C ALA A 21 3.48 16.53 -7.27
N LEU A 22 2.63 15.54 -7.11
CA LEU A 22 1.30 15.75 -6.56
C LEU A 22 1.35 16.33 -5.15
N GLN A 23 2.36 15.91 -4.38
CA GLN A 23 2.50 16.39 -3.01
C GLN A 23 3.45 17.59 -2.92
N GLY A 24 3.62 18.30 -4.04
CA GLY A 24 4.47 19.48 -4.05
C GLY A 24 5.95 19.19 -3.95
N LYS A 25 6.42 18.14 -4.62
CA LYS A 25 7.84 17.80 -4.59
C LYS A 25 8.21 16.91 -5.77
N THR A 26 9.50 16.62 -5.91
CA THR A 26 9.97 15.77 -6.99
C THR A 26 10.20 14.35 -6.49
N ILE A 27 9.95 13.36 -7.35
CA ILE A 27 10.13 11.97 -6.97
C ILE A 27 11.46 11.77 -6.24
N LYS A 28 12.49 12.46 -6.69
CA LYS A 28 13.80 12.36 -6.07
C LYS A 28 13.70 12.51 -4.54
N GLN A 29 12.62 13.14 -4.10
CA GLN A 29 12.37 13.34 -2.68
C GLN A 29 11.34 12.33 -2.18
N TYR A 30 10.24 12.24 -2.92
CA TYR A 30 9.15 11.34 -2.59
C TYR A 30 9.55 9.87 -2.66
N ALA A 31 10.14 9.47 -3.79
CA ALA A 31 10.59 8.09 -3.96
C ALA A 31 11.72 7.80 -3.00
N LEU A 32 12.58 8.79 -2.86
CA LEU A 32 13.74 8.68 -1.99
C LEU A 32 13.32 8.33 -0.57
N GLU A 33 12.36 9.09 -0.04
CA GLU A 33 11.87 8.88 1.31
C GLU A 33 11.11 7.58 1.45
N ARG A 34 10.52 7.12 0.35
CA ARG A 34 9.74 5.87 0.35
C ARG A 34 10.63 4.64 0.53
N LEU A 35 11.89 4.74 0.11
CA LEU A 35 12.84 3.65 0.23
C LEU A 35 13.42 3.53 1.63
N PHE A 36 13.44 4.65 2.37
CA PHE A 36 14.05 4.64 3.71
C PHE A 36 13.07 4.48 4.88
N PRO A 37 11.75 4.24 4.66
CA PRO A 37 10.79 4.09 5.75
C PRO A 37 10.67 2.64 6.23
N GLY A 38 9.88 2.44 7.27
CA GLY A 38 9.69 1.09 7.80
C GLY A 38 8.52 0.39 7.14
N ASP A 39 7.32 0.94 7.32
CA ASP A 39 6.12 0.35 6.75
C ASP A 39 5.05 1.42 6.54
N ALA A 40 4.89 1.88 5.30
CA ALA A 40 3.91 2.89 4.99
C ALA A 40 2.52 2.28 4.78
N ASP A 41 2.41 0.97 4.98
CA ASP A 41 1.13 0.27 4.81
C ASP A 41 0.68 -0.40 6.10
N ALA A 42 1.64 -0.71 6.97
CA ALA A 42 1.33 -1.36 8.24
C ALA A 42 0.81 -0.37 9.28
N ASP A 43 1.57 0.71 9.49
CA ASP A 43 1.19 1.72 10.45
C ASP A 43 0.72 3.01 9.76
N GLN A 44 1.53 3.51 8.84
CA GLN A 44 1.20 4.74 8.12
C GLN A 44 -0.19 4.66 7.50
N ALA A 45 -0.59 3.45 7.09
CA ALA A 45 -1.90 3.25 6.48
C ALA A 45 -3.02 3.59 7.46
N TRP A 46 -3.04 2.89 8.59
CA TRP A 46 -4.07 3.11 9.60
C TRP A 46 -3.92 4.48 10.25
N GLN A 47 -2.75 5.09 10.10
CA GLN A 47 -2.49 6.41 10.68
C GLN A 47 -2.86 7.52 9.71
N GLU A 48 -2.97 7.19 8.42
CA GLU A 48 -3.31 8.17 7.40
C GLU A 48 -4.68 7.87 6.79
N LEU A 49 -5.19 6.66 7.02
CA LEU A 49 -6.49 6.28 6.48
C LEU A 49 -7.57 7.19 7.03
N LYS A 50 -7.38 7.65 8.27
CA LYS A 50 -8.32 8.55 8.92
C LYS A 50 -7.69 9.93 9.11
N THR A 51 -6.37 9.98 9.17
CA THR A 51 -5.66 11.24 9.35
C THR A 51 -4.71 11.50 8.19
N MET A 52 -5.26 11.93 7.07
CA MET A 52 -4.46 12.22 5.88
C MET A 52 -3.80 13.59 6.00
N LEU A 53 -2.57 13.69 5.51
CA LEU A 53 -1.82 14.94 5.55
C LEU A 53 -2.23 15.86 4.40
N GLY A 54 -1.49 16.95 4.23
CA GLY A 54 -1.78 17.89 3.16
C GLY A 54 -3.00 18.73 3.47
N ASN A 55 -3.00 19.37 4.64
CA ASN A 55 -4.12 20.21 5.05
C ASN A 55 -3.63 21.51 5.67
N ARG A 56 -4.36 22.59 5.45
CA ARG A 56 -3.99 23.90 5.99
C ARG A 56 -5.21 24.63 6.52
N ILE A 57 -5.11 25.12 7.76
CA ILE A 57 -6.21 25.85 8.38
C ILE A 57 -5.73 27.14 9.01
N ASN A 58 -5.96 28.26 8.32
CA ASN A 58 -5.54 29.57 8.82
C ASN A 58 -6.21 29.86 10.16
N ASP A 59 -5.88 31.02 10.73
CA ASP A 59 -6.44 31.43 12.01
C ASP A 59 -7.96 31.56 11.92
N GLY A 60 -8.65 30.44 12.11
CA GLY A 60 -10.09 30.44 12.06
C GLY A 60 -10.72 29.61 13.17
N LEU A 61 -11.06 30.27 14.27
CA LEU A 61 -11.67 29.60 15.41
C LEU A 61 -12.33 30.60 16.34
N ALA A 62 -13.56 30.30 16.74
CA ALA A 62 -14.31 31.18 17.64
C ALA A 62 -15.65 30.55 18.03
N GLY A 63 -16.40 30.10 17.03
CA GLY A 63 -17.69 29.49 17.28
C GLY A 63 -17.76 28.06 16.79
N LYS A 64 -16.61 27.42 16.70
CA LYS A 64 -16.53 26.04 16.25
C LYS A 64 -16.81 25.07 17.39
N VAL A 65 -16.29 25.40 18.58
CA VAL A 65 -16.47 24.57 19.77
C VAL A 65 -16.29 23.09 19.45
N SER A 66 -15.24 22.77 18.69
CA SER A 66 -14.95 21.39 18.32
C SER A 66 -13.46 21.18 18.15
N THR A 67 -12.91 20.25 18.92
CA THR A 67 -11.48 19.93 18.85
C THR A 67 -11.11 19.38 17.48
N LYS A 68 -12.09 18.91 16.72
CA LYS A 68 -11.86 18.37 15.39
C LYS A 68 -11.02 19.32 14.55
N SER A 69 -10.37 18.77 13.52
CA SER A 69 -9.53 19.57 12.64
C SER A 69 -9.40 18.90 11.26
N VAL A 70 -8.79 17.72 11.24
CA VAL A 70 -8.61 16.99 10.00
C VAL A 70 -9.92 16.85 9.23
N GLY A 71 -9.85 16.27 8.04
CA GLY A 71 -11.04 16.08 7.23
C GLY A 71 -10.80 15.17 6.04
N GLU A 72 -11.56 15.38 4.98
CA GLU A 72 -11.43 14.56 3.77
C GLU A 72 -11.48 15.43 2.52
N ILE A 73 -11.38 14.79 1.36
CA ILE A 73 -11.41 15.50 0.09
C ILE A 73 -12.71 15.21 -0.66
N LEU A 74 -13.03 16.05 -1.64
CA LEU A 74 -14.24 15.89 -2.43
C LEU A 74 -13.91 15.47 -3.86
N ASP A 75 -14.94 15.04 -4.59
CA ASP A 75 -14.77 14.61 -5.97
C ASP A 75 -14.46 15.79 -6.89
N GLU A 76 -14.64 17.01 -6.39
CA GLU A 76 -14.38 18.21 -7.17
C GLU A 76 -14.20 19.42 -6.27
N GLU A 77 -13.22 20.26 -6.61
CA GLU A 77 -12.94 21.46 -5.84
C GLU A 77 -14.10 22.46 -5.93
N LEU A 78 -15.18 22.18 -5.20
CA LEU A 78 -16.35 23.05 -5.21
C LEU A 78 -16.35 23.97 -3.99
N SER A 79 -16.22 23.38 -2.81
CA SER A 79 -16.20 24.15 -1.57
C SER A 79 -14.86 23.98 -0.85
N GLY A 80 -14.70 24.69 0.26
CA GLY A 80 -13.47 24.61 1.03
C GLY A 80 -13.68 24.02 2.41
N ASP A 81 -13.60 24.87 3.43
CA ASP A 81 -13.78 24.44 4.80
C ASP A 81 -12.70 23.44 5.21
N ARG A 82 -12.87 22.19 4.80
CA ARG A 82 -11.90 21.14 5.11
C ARG A 82 -10.89 20.97 3.97
N ALA A 83 -11.25 21.48 2.80
CA ALA A 83 -10.38 21.38 1.63
C ALA A 83 -10.14 19.93 1.24
N MET B 1 13.09 4.50 -21.77
CA MET B 1 12.67 3.70 -20.60
C MET B 1 12.36 4.58 -19.41
N SER B 2 11.64 4.03 -18.43
CA SER B 2 11.28 4.78 -17.23
C SER B 2 12.28 4.51 -16.11
N ARG B 3 13.54 4.85 -16.37
CA ARG B 3 14.61 4.66 -15.39
C ARG B 3 14.96 5.98 -14.72
N LEU B 4 14.86 6.03 -13.39
CA LEU B 4 15.15 7.26 -12.66
C LEU B 4 16.41 7.11 -11.82
N THR B 5 17.24 8.16 -11.81
CA THR B 5 18.45 8.15 -11.02
C THR B 5 18.20 8.91 -9.72
N ILE B 6 18.37 8.21 -8.59
CA ILE B 6 18.14 8.83 -7.30
C ILE B 6 19.42 9.02 -6.52
N ASP B 7 19.50 10.15 -5.81
CA ASP B 7 20.66 10.46 -4.99
C ASP B 7 20.38 10.07 -3.56
N MET B 8 21.25 9.23 -3.02
CA MET B 8 21.10 8.74 -1.65
C MET B 8 22.38 8.94 -0.86
N THR B 9 22.27 8.96 0.46
CA THR B 9 23.43 9.14 1.32
C THR B 9 24.11 7.80 1.58
N ASP B 10 25.43 7.83 1.71
CA ASP B 10 26.23 6.63 1.93
C ASP B 10 25.55 5.63 2.87
N GLN B 11 25.24 6.08 4.08
CA GLN B 11 24.59 5.23 5.06
C GLN B 11 23.26 4.68 4.56
N GLN B 12 22.44 5.56 4.00
CA GLN B 12 21.12 5.17 3.50
C GLN B 12 21.25 4.14 2.37
N HIS B 13 22.11 4.43 1.41
CA HIS B 13 22.29 3.52 0.28
C HIS B 13 22.83 2.16 0.74
N GLN B 14 23.36 2.12 1.95
CA GLN B 14 23.89 0.88 2.51
C GLN B 14 22.78 0.06 3.14
N SER B 15 21.93 0.73 3.92
CA SER B 15 20.83 0.06 4.59
C SER B 15 19.80 -0.48 3.60
N LEU B 16 19.39 0.35 2.64
CA LEU B 16 18.41 -0.06 1.65
C LEU B 16 18.98 -1.13 0.73
N LYS B 17 20.21 -0.94 0.27
CA LYS B 17 20.84 -1.91 -0.63
C LYS B 17 21.08 -3.19 0.14
N ALA B 18 21.31 -3.00 1.43
CA ALA B 18 21.53 -4.11 2.34
C ALA B 18 20.28 -4.98 2.42
N LEU B 19 19.14 -4.31 2.57
CA LEU B 19 17.86 -4.99 2.65
C LEU B 19 17.48 -5.55 1.28
N ALA B 20 17.80 -4.79 0.24
CA ALA B 20 17.53 -5.21 -1.13
C ALA B 20 18.21 -6.54 -1.42
N ALA B 21 19.47 -6.64 -1.02
CA ALA B 21 20.26 -7.85 -1.21
C ALA B 21 19.79 -8.94 -0.26
N LEU B 22 19.34 -8.54 0.91
CA LEU B 22 18.87 -9.48 1.92
C LEU B 22 17.52 -10.08 1.53
N GLN B 23 16.75 -9.34 0.75
CA GLN B 23 15.43 -9.82 0.32
C GLN B 23 15.52 -10.61 -0.99
N GLY B 24 16.53 -11.47 -1.09
CA GLY B 24 16.71 -12.28 -2.29
C GLY B 24 16.55 -11.50 -3.56
N LYS B 25 17.05 -10.26 -3.58
CA LYS B 25 16.96 -9.41 -4.76
C LYS B 25 18.00 -8.30 -4.70
N THR B 26 17.85 -7.30 -5.57
CA THR B 26 18.76 -6.17 -5.61
C THR B 26 17.99 -4.88 -5.40
N ILE B 27 18.67 -3.85 -4.90
CA ILE B 27 18.00 -2.57 -4.66
C ILE B 27 17.25 -2.12 -5.90
N LYS B 28 17.83 -2.37 -7.07
CA LYS B 28 17.18 -2.01 -8.33
C LYS B 28 15.75 -2.56 -8.37
N GLN B 29 15.52 -3.61 -7.56
CA GLN B 29 14.21 -4.25 -7.47
C GLN B 29 13.54 -3.87 -6.17
N TYR B 30 14.30 -4.02 -5.08
CA TYR B 30 13.80 -3.74 -3.74
C TYR B 30 13.33 -2.29 -3.60
N ALA B 31 14.18 -1.35 -4.00
CA ALA B 31 13.83 0.06 -3.93
C ALA B 31 12.70 0.35 -4.88
N LEU B 32 12.78 -0.28 -6.04
CA LEU B 32 11.77 -0.10 -7.06
C LEU B 32 10.39 -0.43 -6.53
N GLU B 33 10.26 -1.61 -5.92
CA GLU B 33 9.00 -2.06 -5.37
C GLU B 33 8.61 -1.28 -4.11
N ARG B 34 9.61 -0.82 -3.38
CA ARG B 34 9.38 -0.07 -2.15
C ARG B 34 8.56 1.18 -2.42
N LEU B 35 8.76 1.76 -3.60
CA LEU B 35 8.04 2.95 -4.00
C LEU B 35 6.62 2.58 -4.41
N PHE B 36 6.41 1.31 -4.73
CA PHE B 36 5.10 0.81 -5.12
C PHE B 36 4.75 -0.47 -4.36
N PRO B 37 4.71 -0.42 -3.01
CA PRO B 37 4.39 -1.59 -2.19
C PRO B 37 2.98 -2.11 -2.45
N GLY B 38 2.09 -1.20 -2.86
CA GLY B 38 0.72 -1.58 -3.13
C GLY B 38 0.39 -1.57 -4.61
N ASP B 39 0.64 -2.70 -5.28
CA ASP B 39 0.37 -2.83 -6.70
C ASP B 39 -0.52 -4.03 -6.98
N ALA B 40 -1.14 -4.04 -8.16
CA ALA B 40 -2.02 -5.13 -8.56
C ALA B 40 -1.27 -6.46 -8.59
N ASP B 41 0.02 -6.40 -8.91
CA ASP B 41 0.85 -7.60 -8.98
C ASP B 41 1.13 -8.15 -7.59
N ALA B 42 1.49 -7.25 -6.66
CA ALA B 42 1.79 -7.65 -5.29
C ALA B 42 0.56 -8.29 -4.63
N ASP B 43 -0.61 -7.74 -4.92
CA ASP B 43 -1.86 -8.26 -4.35
C ASP B 43 -2.17 -9.66 -4.86
N GLN B 44 -1.47 -10.09 -5.91
CA GLN B 44 -1.68 -11.41 -6.49
C GLN B 44 -0.53 -12.35 -6.15
N ALA B 45 0.66 -11.79 -5.96
CA ALA B 45 1.84 -12.56 -5.64
C ALA B 45 1.73 -13.24 -4.27
N TRP B 46 1.84 -12.44 -3.21
CA TRP B 46 1.76 -12.98 -1.87
C TRP B 46 0.34 -13.46 -1.54
N GLN B 47 -0.61 -13.18 -2.42
CA GLN B 47 -1.99 -13.61 -2.22
C GLN B 47 -2.03 -15.12 -2.02
N GLU B 48 -1.01 -15.80 -2.52
CA GLU B 48 -0.91 -17.25 -2.41
C GLU B 48 -0.11 -17.65 -1.16
N LEU B 49 0.51 -16.66 -0.51
CA LEU B 49 1.30 -16.93 0.69
C LEU B 49 0.42 -17.52 1.79
N LYS B 50 -0.87 -17.17 1.76
CA LYS B 50 -1.82 -17.68 2.74
C LYS B 50 -2.68 -18.78 2.11
N THR B 51 -2.80 -18.74 0.80
CA THR B 51 -3.59 -19.73 0.07
C THR B 51 -2.95 -21.11 0.17
N MET B 52 -1.66 -21.19 -0.15
CA MET B 52 -0.93 -22.45 -0.11
C MET B 52 -1.70 -23.57 -0.77
N LEU B 53 -1.22 -24.81 -0.61
CA LEU B 53 -1.88 -25.97 -1.19
C LEU B 53 -3.08 -26.40 -0.35
N GLY B 54 -2.82 -26.84 0.87
CA GLY B 54 -3.88 -27.26 1.75
C GLY B 54 -3.41 -28.22 2.83
N ASN B 55 -4.21 -29.24 3.10
CA ASN B 55 -3.87 -30.24 4.12
C ASN B 55 -3.78 -29.59 5.50
N ARG B 56 -4.57 -30.11 6.43
CA ARG B 56 -4.58 -29.58 7.78
C ARG B 56 -5.42 -30.48 8.71
N ILE B 57 -5.33 -30.22 10.01
CA ILE B 57 -6.07 -31.01 10.99
C ILE B 57 -6.75 -30.11 12.01
N ASN B 58 -6.08 -29.03 12.40
CA ASN B 58 -6.63 -28.09 13.37
C ASN B 58 -6.93 -28.79 14.69
N ASP B 59 -7.44 -28.04 15.66
CA ASP B 59 -7.77 -28.58 16.96
C ASP B 59 -8.76 -27.68 17.69
N GLY B 60 -9.88 -27.38 17.04
CA GLY B 60 -10.89 -26.53 17.64
C GLY B 60 -12.24 -27.21 17.72
N LEU B 61 -12.29 -28.32 18.45
CA LEU B 61 -13.54 -29.07 18.62
C LEU B 61 -14.61 -28.20 19.28
N ALA B 62 -15.52 -27.69 18.46
CA ALA B 62 -16.60 -26.85 18.96
C ALA B 62 -17.57 -26.46 17.84
N GLY B 63 -18.22 -27.47 17.26
CA GLY B 63 -19.16 -27.22 16.19
C GLY B 63 -18.67 -27.76 14.85
N LYS B 64 -17.85 -28.81 14.90
CA LYS B 64 -17.31 -29.42 13.69
C LYS B 64 -16.41 -28.44 12.94
N VAL B 65 -17.01 -27.50 12.24
CA VAL B 65 -16.26 -26.50 11.47
C VAL B 65 -16.75 -25.09 11.79
N SER B 66 -15.80 -24.18 11.97
CA SER B 66 -16.13 -22.79 12.27
C SER B 66 -14.91 -21.89 12.10
N THR B 67 -13.76 -22.35 12.58
CA THR B 67 -12.52 -21.59 12.46
C THR B 67 -12.19 -21.30 11.01
N LYS B 68 -11.92 -20.04 10.70
CA LYS B 68 -11.58 -19.64 9.34
C LYS B 68 -10.06 -19.65 9.13
N SER B 69 -9.57 -20.70 8.48
CA SER B 69 -8.14 -20.82 8.21
C SER B 69 -7.83 -20.57 6.74
N VAL B 70 -8.45 -21.37 5.87
CA VAL B 70 -8.25 -21.22 4.44
C VAL B 70 -9.54 -21.48 3.66
N GLY B 71 -9.61 -20.99 2.44
CA GLY B 71 -10.79 -21.18 1.62
C GLY B 71 -10.66 -22.36 0.68
N GLU B 72 -9.87 -23.35 1.07
CA GLU B 72 -9.66 -24.55 0.27
C GLU B 72 -9.08 -24.21 -1.11
N ILE B 73 -9.92 -23.69 -2.00
CA ILE B 73 -9.49 -23.33 -3.35
C ILE B 73 -9.68 -21.85 -3.61
N LEU B 74 -8.86 -21.29 -4.50
CA LEU B 74 -8.94 -19.87 -4.83
C LEU B 74 -9.43 -19.67 -6.26
N ASP B 75 -9.13 -20.63 -7.13
CA ASP B 75 -9.54 -20.56 -8.52
C ASP B 75 -9.92 -21.93 -9.06
N GLU B 76 -11.20 -22.28 -8.90
CA GLU B 76 -11.70 -23.57 -9.37
C GLU B 76 -13.19 -23.72 -9.06
N GLU B 77 -13.50 -23.94 -7.78
CA GLU B 77 -14.88 -24.09 -7.34
C GLU B 77 -15.44 -22.77 -6.83
N LEU B 78 -16.62 -22.84 -6.25
CA LEU B 78 -17.27 -21.64 -5.71
C LEU B 78 -18.56 -22.00 -4.99
N SER B 79 -18.51 -22.02 -3.65
CA SER B 79 -19.68 -22.35 -2.85
C SER B 79 -19.62 -21.63 -1.51
N GLY B 80 -19.02 -20.44 -1.50
CA GLY B 80 -18.92 -19.67 -0.28
C GLY B 80 -17.53 -19.70 0.32
N ASP B 81 -17.33 -20.53 1.33
CA ASP B 81 -16.03 -20.64 1.98
C ASP B 81 -15.67 -19.33 2.68
N ARG B 82 -15.21 -18.36 1.90
CA ARG B 82 -14.83 -17.06 2.43
C ARG B 82 -15.94 -16.02 2.19
N ALA B 83 -16.85 -16.35 1.27
CA ALA B 83 -17.96 -15.45 0.95
C ALA B 83 -17.44 -14.14 0.33
N MET A 1 28.96 9.63 -4.22
CA MET A 1 27.52 9.92 -4.33
C MET A 1 26.68 8.64 -4.18
N SER A 2 25.71 8.68 -3.29
CA SER A 2 24.84 7.52 -3.06
C SER A 2 23.57 7.62 -3.90
N ARG A 3 23.75 7.91 -5.18
CA ARG A 3 22.63 8.03 -6.11
C ARG A 3 22.42 6.72 -6.85
N LEU A 4 21.23 6.12 -6.70
CA LEU A 4 20.96 4.86 -7.37
C LEU A 4 20.08 5.05 -8.60
N THR A 5 20.41 4.32 -9.66
CA THR A 5 19.64 4.38 -10.90
C THR A 5 18.65 3.22 -10.94
N ILE A 6 17.41 3.51 -11.30
CA ILE A 6 16.39 2.48 -11.35
C ILE A 6 15.63 2.48 -12.66
N ASP A 7 15.39 1.29 -13.19
CA ASP A 7 14.64 1.15 -14.44
C ASP A 7 13.19 0.83 -14.11
N MET A 8 12.29 1.64 -14.63
CA MET A 8 10.87 1.48 -14.38
C MET A 8 10.08 1.50 -15.68
N THR A 9 8.84 1.00 -15.64
CA THR A 9 8.00 0.99 -16.83
C THR A 9 7.25 2.32 -16.96
N ASP A 10 7.10 2.77 -18.19
CA ASP A 10 6.43 4.05 -18.48
C ASP A 10 5.31 4.39 -17.50
N GLN A 11 4.37 3.46 -17.33
CA GLN A 11 3.24 3.69 -16.43
C GLN A 11 3.68 3.88 -14.98
N GLN A 12 4.61 3.04 -14.53
CA GLN A 12 5.10 3.10 -13.15
C GLN A 12 5.84 4.41 -12.86
N HIS A 13 6.78 4.77 -13.72
CA HIS A 13 7.55 5.99 -13.53
C HIS A 13 6.64 7.22 -13.48
N GLN A 14 5.42 7.06 -13.96
CA GLN A 14 4.45 8.15 -13.98
C GLN A 14 3.71 8.24 -12.64
N SER A 15 3.24 7.11 -12.15
CA SER A 15 2.48 7.06 -10.91
C SER A 15 3.29 7.57 -9.72
N LEU A 16 4.51 7.06 -9.58
CA LEU A 16 5.37 7.47 -8.47
C LEU A 16 5.82 8.90 -8.64
N LYS A 17 6.25 9.26 -9.85
CA LYS A 17 6.72 10.62 -10.10
C LYS A 17 5.57 11.59 -10.02
N ALA A 18 4.41 11.08 -10.38
CA ALA A 18 3.19 11.89 -10.35
C ALA A 18 2.77 12.16 -8.93
N LEU A 19 2.75 11.11 -8.12
CA LEU A 19 2.40 11.21 -6.73
C LEU A 19 3.51 11.89 -5.93
N ALA A 20 4.75 11.68 -6.36
CA ALA A 20 5.91 12.28 -5.71
C ALA A 20 5.75 13.80 -5.69
N ALA A 21 5.15 14.33 -6.77
CA ALA A 21 4.92 15.76 -6.91
C ALA A 21 3.82 16.22 -5.98
N LEU A 22 2.87 15.33 -5.70
CA LEU A 22 1.74 15.66 -4.84
C LEU A 22 2.22 16.06 -3.44
N GLN A 23 3.26 15.39 -2.97
CA GLN A 23 3.82 15.68 -1.65
C GLN A 23 4.47 17.05 -1.61
N GLY A 24 4.70 17.64 -2.78
CA GLY A 24 5.32 18.96 -2.85
C GLY A 24 6.80 18.87 -3.10
N LYS A 25 7.21 17.87 -3.87
CA LYS A 25 8.62 17.67 -4.19
C LYS A 25 8.76 16.79 -5.43
N THR A 26 9.97 16.26 -5.65
CA THR A 26 10.22 15.40 -6.80
C THR A 26 10.35 13.96 -6.34
N ILE A 27 10.14 13.02 -7.25
CA ILE A 27 10.25 11.60 -6.91
C ILE A 27 11.54 11.33 -6.14
N LYS A 28 12.66 11.88 -6.60
CA LYS A 28 13.93 11.66 -5.91
C LYS A 28 13.80 11.90 -4.42
N GLN A 29 12.85 12.76 -4.06
CA GLN A 29 12.58 13.05 -2.66
C GLN A 29 11.60 12.04 -2.09
N TYR A 30 10.48 11.91 -2.78
CA TYR A 30 9.42 11.00 -2.38
C TYR A 30 9.86 9.54 -2.46
N ALA A 31 10.41 9.13 -3.60
CA ALA A 31 10.87 7.77 -3.80
C ALA A 31 11.90 7.42 -2.76
N LEU A 32 12.73 8.40 -2.45
CA LEU A 32 13.78 8.24 -1.47
C LEU A 32 13.21 7.76 -0.15
N GLU A 33 12.15 8.41 0.30
CA GLU A 33 11.51 8.07 1.56
C GLU A 33 10.74 6.75 1.45
N ARG A 34 10.29 6.44 0.24
CA ARG A 34 9.54 5.21 0.01
C ARG A 34 10.43 3.98 0.17
N LEU A 35 11.72 4.16 -0.11
CA LEU A 35 12.68 3.09 0.01
C LEU A 35 12.91 2.77 1.48
N PHE A 36 12.56 3.71 2.35
CA PHE A 36 12.73 3.52 3.78
C PHE A 36 11.42 3.73 4.53
N PRO A 37 10.37 2.93 4.24
CA PRO A 37 9.08 3.04 4.89
C PRO A 37 8.96 2.13 6.11
N GLY A 38 7.73 1.96 6.60
CA GLY A 38 7.51 1.11 7.75
C GLY A 38 6.11 0.52 7.77
N ASP A 39 6.02 -0.79 7.54
CA ASP A 39 4.74 -1.47 7.54
C ASP A 39 4.92 -2.97 7.78
N ALA A 40 3.93 -3.58 8.43
CA ALA A 40 3.98 -5.01 8.73
C ALA A 40 3.43 -5.84 7.58
N ASP A 41 3.16 -5.20 6.45
CA ASP A 41 2.63 -5.90 5.27
C ASP A 41 3.53 -7.07 4.88
N ALA A 42 4.84 -6.92 5.10
CA ALA A 42 5.80 -7.96 4.78
C ALA A 42 5.48 -9.24 5.53
N ASP A 43 5.11 -9.10 6.80
CA ASP A 43 4.78 -10.25 7.64
C ASP A 43 3.45 -10.86 7.23
N GLN A 44 2.47 -10.00 6.94
CA GLN A 44 1.15 -10.45 6.54
C GLN A 44 1.11 -10.83 5.06
N ALA A 45 2.24 -10.66 4.38
CA ALA A 45 2.32 -10.97 2.95
C ALA A 45 1.99 -12.44 2.69
N TRP A 46 2.63 -13.33 3.45
CA TRP A 46 2.40 -14.76 3.32
C TRP A 46 1.08 -15.18 3.95
N GLN A 47 0.58 -14.35 4.86
CA GLN A 47 -0.68 -14.64 5.53
C GLN A 47 -1.88 -14.33 4.64
N GLU A 48 -1.65 -13.51 3.62
CA GLU A 48 -2.71 -13.14 2.69
C GLU A 48 -2.81 -14.13 1.53
N LEU A 49 -1.73 -14.87 1.31
CA LEU A 49 -1.70 -15.86 0.23
C LEU A 49 -2.76 -16.93 0.43
N LYS A 50 -3.03 -17.26 1.69
CA LYS A 50 -4.03 -18.27 2.02
C LYS A 50 -5.34 -17.62 2.48
N THR A 51 -5.22 -16.42 3.07
CA THR A 51 -6.39 -15.70 3.55
C THR A 51 -6.06 -14.23 3.80
N MET A 52 -6.43 -13.38 2.86
CA MET A 52 -6.18 -11.95 2.98
C MET A 52 -7.32 -11.25 3.70
N LEU A 53 -7.53 -11.60 4.97
CA LEU A 53 -8.59 -11.01 5.77
C LEU A 53 -8.08 -9.79 6.54
N GLY A 54 -8.58 -8.62 6.18
CA GLY A 54 -8.15 -7.40 6.85
C GLY A 54 -9.11 -6.99 7.96
N ASN A 55 -9.06 -7.68 9.08
CA ASN A 55 -9.93 -7.38 10.21
C ASN A 55 -9.16 -6.67 11.32
N ARG A 56 -9.15 -5.35 11.28
CA ARG A 56 -8.45 -4.56 12.27
C ARG A 56 -9.40 -4.07 13.36
N ILE A 57 -8.84 -3.49 14.41
CA ILE A 57 -9.65 -2.97 15.52
C ILE A 57 -9.59 -1.44 15.58
N ASN A 58 -10.76 -0.81 15.50
CA ASN A 58 -10.84 0.64 15.56
C ASN A 58 -12.29 1.10 15.55
N ASP A 59 -12.68 1.83 16.58
CA ASP A 59 -14.04 2.33 16.70
C ASP A 59 -14.36 3.31 15.57
N GLY A 60 -14.99 2.80 14.52
CA GLY A 60 -15.34 3.64 13.38
C GLY A 60 -16.11 2.88 12.32
N LEU A 61 -16.94 1.94 12.74
CA LEU A 61 -17.73 1.14 11.82
C LEU A 61 -18.91 1.94 11.27
N ALA A 62 -19.39 1.55 10.10
CA ALA A 62 -20.52 2.21 9.47
C ALA A 62 -20.92 1.50 8.19
N GLY A 63 -21.60 0.36 8.34
CA GLY A 63 -22.02 -0.40 7.18
C GLY A 63 -20.90 -1.22 6.59
N LYS A 64 -19.95 -0.55 5.94
CA LYS A 64 -18.81 -1.21 5.34
C LYS A 64 -19.26 -2.24 4.30
N VAL A 65 -18.34 -2.60 3.40
CA VAL A 65 -18.65 -3.57 2.35
C VAL A 65 -17.91 -4.89 2.60
N SER A 66 -18.47 -5.98 2.10
CA SER A 66 -17.86 -7.29 2.27
C SER A 66 -17.57 -7.94 0.92
N THR A 67 -17.16 -9.21 0.95
CA THR A 67 -16.85 -9.94 -0.27
C THR A 67 -16.68 -11.43 0.02
N LYS A 68 -17.16 -12.25 -0.91
CA LYS A 68 -17.05 -13.70 -0.76
C LYS A 68 -16.03 -14.29 -1.73
N SER A 69 -14.95 -13.56 -1.94
CA SER A 69 -13.89 -14.00 -2.84
C SER A 69 -12.81 -14.77 -2.08
N VAL A 70 -11.93 -15.44 -2.83
CA VAL A 70 -10.85 -16.21 -2.22
C VAL A 70 -9.53 -16.00 -2.97
N GLY A 71 -8.73 -15.05 -2.49
CA GLY A 71 -7.47 -14.77 -3.12
C GLY A 71 -7.56 -13.65 -4.14
N GLU A 72 -7.23 -13.96 -5.38
CA GLU A 72 -7.28 -12.97 -6.46
C GLU A 72 -8.73 -12.56 -6.76
N ILE A 73 -8.91 -11.79 -7.83
CA ILE A 73 -10.23 -11.35 -8.22
C ILE A 73 -10.47 -11.54 -9.72
N LEU A 74 -11.65 -11.18 -10.18
CA LEU A 74 -11.99 -11.32 -11.59
C LEU A 74 -13.13 -10.36 -11.97
N ASP A 75 -13.57 -10.43 -13.22
CA ASP A 75 -14.64 -9.58 -13.70
C ASP A 75 -15.50 -10.32 -14.73
N GLU A 76 -16.34 -9.58 -15.44
CA GLU A 76 -17.21 -10.16 -16.45
C GLU A 76 -18.20 -11.13 -15.83
N GLU A 77 -19.46 -11.04 -16.25
CA GLU A 77 -20.51 -11.90 -15.72
C GLU A 77 -20.26 -13.36 -16.11
N LEU A 78 -20.01 -14.19 -15.12
CA LEU A 78 -19.76 -15.61 -15.34
C LEU A 78 -18.49 -15.82 -16.15
N SER A 79 -17.35 -15.75 -15.48
CA SER A 79 -16.06 -15.93 -16.14
C SER A 79 -15.37 -17.20 -15.67
N GLY A 80 -15.75 -17.69 -14.49
CA GLY A 80 -15.16 -18.90 -13.96
C GLY A 80 -15.20 -18.96 -12.44
N ASP A 81 -15.34 -17.78 -11.80
CA ASP A 81 -15.39 -17.70 -10.34
C ASP A 81 -14.32 -18.59 -9.70
N ARG A 82 -13.10 -18.06 -9.62
CA ARG A 82 -11.98 -18.80 -9.04
C ARG A 82 -11.64 -20.00 -9.91
N ALA A 83 -12.00 -19.93 -11.19
CA ALA A 83 -11.73 -21.01 -12.13
C ALA A 83 -12.34 -22.33 -11.64
N MET B 1 13.15 6.01 -21.06
CA MET B 1 12.80 7.28 -20.37
C MET B 1 12.09 7.01 -19.04
N SER B 2 11.59 5.79 -18.87
CA SER B 2 10.89 5.43 -17.65
C SER B 2 11.86 5.03 -16.54
N ARG B 3 13.16 5.16 -16.80
CA ARG B 3 14.18 4.83 -15.83
C ARG B 3 14.58 6.09 -15.07
N LEU B 4 14.49 6.06 -13.74
CA LEU B 4 14.81 7.22 -12.94
C LEU B 4 16.07 7.01 -12.11
N THR B 5 16.89 8.04 -12.03
CA THR B 5 18.10 7.99 -11.23
C THR B 5 17.86 8.82 -9.98
N ILE B 6 17.97 8.19 -8.81
CA ILE B 6 17.72 8.88 -7.56
C ILE B 6 18.99 9.12 -6.76
N ASP B 7 19.08 10.31 -6.16
CA ASP B 7 20.24 10.65 -5.35
C ASP B 7 19.94 10.42 -3.87
N MET B 8 20.80 9.61 -3.26
CA MET B 8 20.65 9.28 -1.85
C MET B 8 21.95 9.52 -1.10
N THR B 9 21.87 9.59 0.22
CA THR B 9 23.06 9.82 1.03
C THR B 9 23.79 8.50 1.29
N ASP B 10 25.10 8.58 1.50
CA ASP B 10 25.94 7.41 1.73
C ASP B 10 25.28 6.37 2.65
N GLN B 11 25.03 6.77 3.89
CA GLN B 11 24.42 5.86 4.87
C GLN B 11 23.07 5.32 4.43
N GLN B 12 22.24 6.17 3.81
CA GLN B 12 20.92 5.75 3.37
C GLN B 12 20.99 4.69 2.28
N HIS B 13 21.80 4.95 1.24
CA HIS B 13 21.94 4.01 0.14
C HIS B 13 22.38 2.63 0.63
N GLN B 14 23.23 2.62 1.65
CA GLN B 14 23.73 1.38 2.22
C GLN B 14 22.63 0.69 3.01
N SER B 15 21.78 1.49 3.62
CA SER B 15 20.67 0.97 4.41
C SER B 15 19.67 0.26 3.50
N LEU B 16 19.31 0.91 2.40
CA LEU B 16 18.36 0.33 1.45
C LEU B 16 19.02 -0.69 0.53
N LYS B 17 20.21 -0.35 0.03
CA LYS B 17 20.93 -1.25 -0.86
C LYS B 17 21.19 -2.58 -0.17
N ALA B 18 21.75 -2.51 1.04
CA ALA B 18 22.05 -3.70 1.83
C ALA B 18 20.75 -4.45 2.14
N LEU B 19 19.71 -3.70 2.49
CA LEU B 19 18.41 -4.28 2.79
C LEU B 19 17.86 -5.01 1.58
N ALA B 20 18.20 -4.51 0.39
CA ALA B 20 17.74 -5.11 -0.85
C ALA B 20 18.15 -6.58 -0.93
N ALA B 21 19.44 -6.84 -0.70
CA ALA B 21 19.97 -8.18 -0.73
C ALA B 21 19.50 -8.97 0.48
N LEU B 22 19.30 -8.26 1.59
CA LEU B 22 18.84 -8.89 2.81
C LEU B 22 17.45 -9.47 2.66
N GLN B 23 16.55 -8.67 2.10
CA GLN B 23 15.16 -9.10 1.89
C GLN B 23 15.11 -10.34 1.01
N GLY B 24 16.08 -10.47 0.11
CA GLY B 24 16.12 -11.63 -0.78
C GLY B 24 16.01 -11.25 -2.24
N LYS B 25 16.52 -10.07 -2.59
CA LYS B 25 16.48 -9.59 -3.96
C LYS B 25 17.52 -8.50 -4.19
N THR B 26 17.54 -7.94 -5.39
CA THR B 26 18.50 -6.88 -5.73
C THR B 26 17.90 -5.52 -5.49
N ILE B 27 18.72 -4.59 -5.02
CA ILE B 27 18.29 -3.22 -4.73
C ILE B 27 17.56 -2.62 -5.93
N LYS B 28 18.05 -2.87 -7.13
CA LYS B 28 17.40 -2.36 -8.33
C LYS B 28 15.98 -2.94 -8.43
N GLN B 29 15.72 -3.99 -7.66
CA GLN B 29 14.41 -4.64 -7.63
C GLN B 29 13.60 -4.26 -6.41
N TYR B 30 14.21 -4.45 -5.24
CA TYR B 30 13.54 -4.15 -3.97
C TYR B 30 13.15 -2.68 -3.92
N ALA B 31 14.05 -1.81 -4.33
CA ALA B 31 13.79 -0.38 -4.35
C ALA B 31 12.71 -0.07 -5.35
N LEU B 32 12.75 -0.78 -6.46
CA LEU B 32 11.79 -0.59 -7.52
C LEU B 32 10.37 -0.76 -7.01
N GLU B 33 10.12 -1.87 -6.32
CA GLU B 33 8.80 -2.17 -5.77
C GLU B 33 8.46 -1.29 -4.57
N ARG B 34 9.43 -1.12 -3.69
CA ARG B 34 9.24 -0.32 -2.48
C ARG B 34 8.69 1.07 -2.79
N LEU B 35 9.07 1.62 -3.94
CA LEU B 35 8.60 2.93 -4.33
C LEU B 35 7.12 2.86 -4.60
N PHE B 36 6.62 1.66 -4.85
CA PHE B 36 5.22 1.44 -5.13
C PHE B 36 4.65 0.36 -4.20
N PRO B 37 4.53 0.64 -2.90
CA PRO B 37 3.99 -0.31 -1.92
C PRO B 37 2.62 -0.82 -2.33
N GLY B 38 1.65 0.08 -2.37
CA GLY B 38 0.30 -0.31 -2.77
C GLY B 38 -0.77 0.54 -2.12
N ASP B 39 -0.50 1.08 -0.95
CA ASP B 39 -1.49 1.91 -0.25
C ASP B 39 -1.65 3.26 -0.90
N ALA B 40 -2.81 3.87 -0.68
CA ALA B 40 -3.13 5.17 -1.22
C ALA B 40 -4.30 5.81 -0.48
N ASP B 41 -4.52 5.35 0.75
CA ASP B 41 -5.61 5.87 1.57
C ASP B 41 -5.38 7.32 1.96
N ALA B 42 -4.38 7.56 2.80
CA ALA B 42 -4.07 8.91 3.26
C ALA B 42 -3.91 9.87 2.09
N ASP B 43 -3.54 9.34 0.93
CA ASP B 43 -3.34 10.15 -0.25
C ASP B 43 -4.66 10.49 -0.94
N GLN B 44 -5.60 9.55 -0.90
CA GLN B 44 -6.91 9.75 -1.53
C GLN B 44 -8.01 9.97 -0.50
N ALA B 45 -8.29 8.94 0.29
CA ALA B 45 -9.33 9.01 1.32
C ALA B 45 -9.26 10.31 2.12
N TRP B 46 -8.09 10.57 2.70
CA TRP B 46 -7.90 11.78 3.50
C TRP B 46 -7.98 13.04 2.64
N GLN B 47 -7.83 12.88 1.33
CA GLN B 47 -7.87 14.01 0.41
C GLN B 47 -9.31 14.48 0.20
N GLU B 48 -10.27 13.58 0.40
CA GLU B 48 -11.68 13.91 0.23
C GLU B 48 -12.46 13.71 1.52
N LEU B 49 -11.82 13.07 2.51
CA LEU B 49 -12.48 12.85 3.79
C LEU B 49 -12.84 14.16 4.45
N LYS B 50 -12.05 15.19 4.16
CA LYS B 50 -12.29 16.52 4.72
C LYS B 50 -13.07 17.38 3.73
N THR B 51 -12.80 17.18 2.44
CA THR B 51 -13.47 17.95 1.40
C THR B 51 -13.34 17.25 0.03
N MET B 52 -14.47 16.88 -0.53
CA MET B 52 -14.51 16.21 -1.83
C MET B 52 -15.14 17.12 -2.88
N LEU B 53 -14.46 17.28 -4.01
CA LEU B 53 -14.96 18.11 -5.10
C LEU B 53 -15.09 17.30 -6.39
N GLY B 54 -16.22 17.49 -7.07
CA GLY B 54 -16.45 16.77 -8.32
C GLY B 54 -17.75 17.18 -8.99
N ASN B 55 -18.61 16.20 -9.26
CA ASN B 55 -19.89 16.46 -9.91
C ASN B 55 -20.92 16.93 -8.89
N ARG B 56 -21.77 17.87 -9.31
CA ARG B 56 -22.81 18.40 -8.43
C ARG B 56 -24.20 18.08 -8.97
N ILE B 57 -24.34 18.11 -10.29
CA ILE B 57 -25.61 17.82 -10.93
C ILE B 57 -25.73 16.34 -11.29
N ASN B 58 -25.45 15.48 -10.33
CA ASN B 58 -25.53 14.03 -10.55
C ASN B 58 -26.95 13.62 -10.93
N ASP B 59 -27.04 12.72 -11.90
CA ASP B 59 -28.35 12.24 -12.37
C ASP B 59 -29.12 11.57 -11.23
N GLY B 60 -28.61 10.44 -10.76
CA GLY B 60 -29.26 9.72 -9.68
C GLY B 60 -29.84 8.40 -10.12
N LEU B 61 -29.24 7.80 -11.15
CA LEU B 61 -29.70 6.52 -11.67
C LEU B 61 -29.69 5.44 -10.59
N ALA B 62 -28.90 5.67 -9.55
CA ALA B 62 -28.80 4.71 -8.46
C ALA B 62 -28.13 5.35 -7.23
N GLY B 63 -27.04 6.06 -7.47
CA GLY B 63 -26.33 6.71 -6.38
C GLY B 63 -27.17 7.75 -5.68
N LYS B 64 -27.70 8.70 -6.44
CA LYS B 64 -28.52 9.76 -5.88
C LYS B 64 -27.75 10.57 -4.85
N VAL B 65 -28.22 11.78 -4.59
CA VAL B 65 -27.57 12.66 -3.61
C VAL B 65 -27.60 12.05 -2.22
N SER B 66 -26.57 11.30 -1.88
CA SER B 66 -26.47 10.65 -0.57
C SER B 66 -25.39 11.32 0.28
N THR B 67 -25.55 12.62 0.51
CA THR B 67 -24.58 13.38 1.31
C THR B 67 -23.19 13.32 0.69
N LYS B 68 -22.92 14.27 -0.20
CA LYS B 68 -21.63 14.33 -0.87
C LYS B 68 -20.64 15.18 -0.07
N SER B 69 -19.87 14.53 0.80
CA SER B 69 -18.89 15.22 1.62
C SER B 69 -19.56 16.27 2.51
N VAL B 70 -18.75 17.04 3.22
CA VAL B 70 -19.27 18.08 4.11
C VAL B 70 -19.03 19.46 3.52
N GLY B 71 -19.19 19.58 2.21
CA GLY B 71 -18.99 20.85 1.55
C GLY B 71 -20.15 21.80 1.74
N GLU B 72 -20.87 22.08 0.66
CA GLU B 72 -22.02 22.99 0.72
C GLU B 72 -23.32 22.21 0.56
N ILE B 73 -24.05 22.03 1.67
CA ILE B 73 -25.31 21.31 1.65
C ILE B 73 -26.43 22.18 1.06
N LEU B 74 -27.36 21.54 0.38
CA LEU B 74 -28.49 22.23 -0.23
C LEU B 74 -29.82 21.65 0.24
N ASP B 75 -30.88 22.45 0.11
CA ASP B 75 -32.21 22.01 0.53
C ASP B 75 -32.65 20.77 -0.24
N GLU B 76 -33.33 19.86 0.44
CA GLU B 76 -33.81 18.64 -0.19
C GLU B 76 -34.61 17.80 0.80
N GLU B 77 -35.03 16.61 0.36
CA GLU B 77 -35.81 15.72 1.20
C GLU B 77 -34.95 15.15 2.34
N LEU B 78 -34.68 15.99 3.33
CA LEU B 78 -33.88 15.57 4.48
C LEU B 78 -34.52 16.03 5.79
N SER B 79 -34.38 15.21 6.83
CA SER B 79 -34.95 15.53 8.13
C SER B 79 -33.93 15.30 9.24
N GLY B 80 -32.64 15.39 8.89
CA GLY B 80 -31.60 15.18 9.88
C GLY B 80 -30.62 16.34 9.93
N ASP B 81 -30.36 16.96 8.78
CA ASP B 81 -29.43 18.08 8.71
C ASP B 81 -28.07 17.66 9.26
N ARG B 82 -27.28 17.01 8.42
CA ARG B 82 -25.95 16.54 8.81
C ARG B 82 -26.07 15.44 9.86
N ALA B 83 -27.23 14.79 9.91
CA ALA B 83 -27.48 13.72 10.87
C ALA B 83 -27.25 14.19 12.30
N MET A 1 28.22 11.48 -3.65
CA MET A 1 26.95 11.08 -2.99
C MET A 1 26.55 9.66 -3.39
N SER A 2 25.67 9.05 -2.59
CA SER A 2 25.21 7.69 -2.86
C SER A 2 24.00 7.71 -3.79
N ARG A 3 24.25 7.83 -5.09
CA ARG A 3 23.18 7.86 -6.08
C ARG A 3 22.94 6.47 -6.64
N LEU A 4 21.67 6.05 -6.65
CA LEU A 4 21.32 4.74 -7.16
C LEU A 4 20.38 4.86 -8.37
N THR A 5 20.61 4.03 -9.38
CA THR A 5 19.76 4.03 -10.56
C THR A 5 18.77 2.88 -10.47
N ILE A 6 17.48 3.21 -10.48
CA ILE A 6 16.44 2.19 -10.38
C ILE A 6 15.65 2.10 -11.67
N ASP A 7 15.35 0.87 -12.11
CA ASP A 7 14.60 0.67 -13.34
C ASP A 7 13.13 0.45 -13.02
N MET A 8 12.29 1.28 -13.62
CA MET A 8 10.85 1.20 -13.42
C MET A 8 10.12 1.17 -14.76
N THR A 9 8.86 0.75 -14.75
CA THR A 9 8.07 0.70 -15.98
C THR A 9 7.47 2.07 -16.27
N ASP A 10 7.37 2.40 -17.55
CA ASP A 10 6.85 3.69 -17.98
C ASP A 10 5.56 4.09 -17.25
N GLN A 11 4.52 3.26 -17.37
CA GLN A 11 3.24 3.54 -16.75
C GLN A 11 3.34 3.70 -15.23
N GLN A 12 4.00 2.74 -14.57
CA GLN A 12 4.15 2.79 -13.12
C GLN A 12 5.00 3.98 -12.68
N HIS A 13 6.13 4.17 -13.34
CA HIS A 13 7.04 5.28 -13.01
C HIS A 13 6.26 6.60 -12.92
N GLN A 14 5.21 6.71 -13.71
CA GLN A 14 4.39 7.91 -13.73
C GLN A 14 3.54 7.98 -12.49
N SER A 15 3.15 6.83 -11.97
CA SER A 15 2.33 6.78 -10.77
C SER A 15 3.04 7.43 -9.59
N LEU A 16 4.29 7.04 -9.37
CA LEU A 16 5.09 7.60 -8.28
C LEU A 16 5.70 8.93 -8.69
N LYS A 17 6.10 9.06 -9.95
CA LYS A 17 6.68 10.29 -10.43
C LYS A 17 5.66 11.41 -10.33
N ALA A 18 4.43 11.10 -10.74
CA ALA A 18 3.32 12.06 -10.71
C ALA A 18 2.92 12.44 -9.30
N LEU A 19 2.78 11.44 -8.45
CA LEU A 19 2.38 11.67 -7.07
C LEU A 19 3.48 12.35 -6.28
N ALA A 20 4.72 12.09 -6.63
CA ALA A 20 5.85 12.73 -5.96
C ALA A 20 5.70 14.24 -6.04
N ALA A 21 5.14 14.70 -7.16
CA ALA A 21 4.91 16.12 -7.39
C ALA A 21 3.79 16.65 -6.50
N LEU A 22 2.84 15.77 -6.18
CA LEU A 22 1.71 16.15 -5.36
C LEU A 22 2.16 16.65 -3.99
N GLN A 23 3.05 15.89 -3.35
CA GLN A 23 3.57 16.26 -2.03
C GLN A 23 4.14 17.68 -2.05
N GLY A 24 4.55 18.14 -3.24
CA GLY A 24 5.13 19.46 -3.36
C GLY A 24 6.62 19.41 -3.62
N LYS A 25 7.05 18.38 -4.34
CA LYS A 25 8.46 18.20 -4.67
C LYS A 25 8.61 17.27 -5.88
N THR A 26 9.72 16.54 -5.95
CA THR A 26 9.96 15.62 -7.05
C THR A 26 10.18 14.22 -6.52
N ILE A 27 9.98 13.20 -7.35
CA ILE A 27 10.17 11.82 -6.92
C ILE A 27 11.52 11.66 -6.23
N LYS A 28 12.49 12.46 -6.63
CA LYS A 28 13.81 12.41 -6.02
C LYS A 28 13.71 12.56 -4.50
N GLN A 29 12.58 13.09 -4.04
CA GLN A 29 12.31 13.28 -2.62
C GLN A 29 11.36 12.21 -2.12
N TYR A 30 10.20 12.14 -2.77
CA TYR A 30 9.16 11.20 -2.41
C TYR A 30 9.64 9.76 -2.49
N ALA A 31 10.24 9.40 -3.62
CA ALA A 31 10.76 8.05 -3.80
C ALA A 31 11.89 7.78 -2.84
N LEU A 32 12.65 8.83 -2.56
CA LEU A 32 13.78 8.72 -1.67
C LEU A 32 13.37 8.21 -0.30
N GLU A 33 12.36 8.86 0.28
CA GLU A 33 11.86 8.49 1.59
C GLU A 33 11.07 7.18 1.52
N ARG A 34 10.44 6.93 0.38
CA ARG A 34 9.64 5.73 0.20
C ARG A 34 10.43 4.55 -0.37
N LEU A 35 11.71 4.75 -0.68
CA LEU A 35 12.53 3.69 -1.23
C LEU A 35 12.96 2.72 -0.15
N PHE A 36 13.06 3.21 1.09
CA PHE A 36 13.47 2.37 2.20
C PHE A 36 12.26 1.70 2.87
N PRO A 37 11.26 2.49 3.27
CA PRO A 37 10.06 2.00 3.92
C PRO A 37 8.93 1.69 2.94
N GLY A 38 7.83 1.14 3.46
CA GLY A 38 6.70 0.82 2.60
C GLY A 38 5.87 2.03 2.25
N ASP A 39 4.67 2.10 2.78
CA ASP A 39 3.77 3.22 2.52
C ASP A 39 3.67 4.14 3.73
N ALA A 40 3.20 5.37 3.50
CA ALA A 40 3.08 6.34 4.56
C ALA A 40 1.97 7.36 4.26
N ASP A 41 1.13 7.05 3.29
CA ASP A 41 0.03 7.93 2.91
C ASP A 41 -0.89 8.19 4.09
N ALA A 42 -1.81 7.26 4.34
CA ALA A 42 -2.75 7.39 5.44
C ALA A 42 -2.05 7.29 6.79
N ASP A 43 -0.99 6.49 6.84
CA ASP A 43 -0.24 6.30 8.07
C ASP A 43 0.30 7.62 8.60
N GLN A 44 0.43 8.61 7.71
CA GLN A 44 0.94 9.92 8.09
C GLN A 44 -0.18 10.95 8.15
N ALA A 45 -0.89 11.09 7.04
CA ALA A 45 -2.00 12.05 6.95
C ALA A 45 -3.04 11.78 8.03
N TRP A 46 -3.63 10.59 8.00
CA TRP A 46 -4.65 10.21 8.96
C TRP A 46 -4.10 10.19 10.38
N GLN A 47 -2.78 10.15 10.50
CA GLN A 47 -2.13 10.12 11.80
C GLN A 47 -2.12 11.51 12.44
N GLU A 48 -2.25 12.54 11.62
CA GLU A 48 -2.26 13.92 12.10
C GLU A 48 -3.58 14.60 11.81
N LEU A 49 -4.44 13.96 11.02
CA LEU A 49 -5.74 14.53 10.68
C LEU A 49 -6.57 14.74 11.95
N LYS A 50 -6.33 13.89 12.94
CA LYS A 50 -7.04 13.99 14.21
C LYS A 50 -6.16 14.64 15.26
N THR A 51 -4.83 14.55 15.06
CA THR A 51 -3.87 15.13 15.99
C THR A 51 -3.88 16.66 15.91
N MET A 52 -3.44 17.18 14.76
CA MET A 52 -3.41 18.62 14.54
C MET A 52 -4.73 19.12 13.96
N LEU A 53 -5.17 20.28 14.44
CA LEU A 53 -6.42 20.87 13.97
C LEU A 53 -6.19 21.70 12.70
N GLY A 54 -7.27 22.24 12.16
CA GLY A 54 -7.17 23.06 10.96
C GLY A 54 -7.11 24.54 11.26
N ASN A 55 -8.26 25.19 11.21
CA ASN A 55 -8.34 26.63 11.48
C ASN A 55 -7.95 26.93 12.92
N ARG A 56 -6.88 27.71 13.08
CA ARG A 56 -6.39 28.08 14.40
C ARG A 56 -6.98 29.42 14.84
N ILE A 57 -6.96 29.67 16.15
CA ILE A 57 -7.48 30.91 16.70
C ILE A 57 -6.51 31.52 17.70
N ASN A 58 -6.07 32.75 17.43
CA ASN A 58 -5.14 33.44 18.30
C ASN A 58 -4.85 34.84 17.79
N ASP A 59 -4.50 35.75 18.70
CA ASP A 59 -4.20 37.12 18.34
C ASP A 59 -3.38 37.81 19.43
N GLY A 60 -2.46 37.05 20.02
CA GLY A 60 -1.62 37.61 21.08
C GLY A 60 -2.40 37.88 22.35
N LEU A 61 -3.25 36.93 22.74
CA LEU A 61 -4.05 37.09 23.95
C LEU A 61 -3.17 37.23 25.18
N ALA A 62 -1.99 36.61 25.13
CA ALA A 62 -1.05 36.68 26.24
C ALA A 62 0.25 35.97 25.89
N GLY A 63 0.17 34.67 25.67
CA GLY A 63 1.36 33.89 25.33
C GLY A 63 1.07 32.83 24.29
N LYS A 64 0.59 33.25 23.13
CA LYS A 64 0.28 32.31 22.05
C LYS A 64 -0.79 31.32 22.48
N VAL A 65 -1.34 30.59 21.52
CA VAL A 65 -2.38 29.60 21.80
C VAL A 65 -1.80 28.20 21.86
N SER A 66 -2.11 27.47 22.93
CA SER A 66 -1.61 26.11 23.09
C SER A 66 -2.43 25.12 22.28
N THR A 67 -1.74 24.27 21.52
CA THR A 67 -2.41 23.28 20.69
C THR A 67 -1.39 22.38 20.00
N LYS A 68 -0.30 22.98 19.53
CA LYS A 68 0.75 22.23 18.85
C LYS A 68 1.57 21.41 19.84
N SER A 69 0.94 20.41 20.44
CA SER A 69 1.61 19.55 21.42
C SER A 69 0.78 18.31 21.70
N VAL A 70 -0.46 18.51 22.15
CA VAL A 70 -1.34 17.40 22.45
C VAL A 70 -2.69 17.56 21.74
N GLY A 71 -2.95 16.66 20.80
CA GLY A 71 -4.20 16.72 20.05
C GLY A 71 -4.95 15.41 20.08
N GLU A 72 -5.11 14.83 21.26
CA GLU A 72 -5.80 13.56 21.42
C GLU A 72 -6.42 13.44 22.82
N ILE A 73 -7.40 12.56 22.95
CA ILE A 73 -8.06 12.35 24.24
C ILE A 73 -7.56 11.08 24.91
N LEU A 74 -6.93 11.24 26.07
CA LEU A 74 -6.40 10.11 26.82
C LEU A 74 -6.28 10.44 28.30
N ASP A 75 -5.89 9.44 29.09
CA ASP A 75 -5.73 9.63 30.52
C ASP A 75 -4.89 8.51 31.13
N GLU A 76 -4.00 7.93 30.31
CA GLU A 76 -3.13 6.85 30.76
C GLU A 76 -2.40 6.24 29.57
N GLU A 77 -1.08 6.36 29.56
CA GLU A 77 -0.26 5.81 28.49
C GLU A 77 1.17 5.58 28.96
N LEU A 78 1.83 4.58 28.37
CA LEU A 78 3.20 4.25 28.72
C LEU A 78 4.09 4.25 27.48
N SER A 79 5.32 3.76 27.64
CA SER A 79 6.27 3.71 26.53
C SER A 79 6.57 5.10 26.01
N GLY A 80 7.21 5.18 24.85
CA GLY A 80 7.55 6.46 24.26
C GLY A 80 6.34 7.28 23.89
N ASP A 81 5.16 6.65 23.86
CA ASP A 81 3.93 7.33 23.51
C ASP A 81 3.77 8.61 24.32
N ARG A 82 4.11 9.75 23.70
CA ARG A 82 4.02 11.04 24.37
C ARG A 82 4.99 11.11 25.55
N ALA A 83 6.06 10.32 25.48
CA ALA A 83 7.05 10.29 26.54
C ALA A 83 6.42 9.95 27.89
N MET B 1 11.08 1.10 -20.73
CA MET B 1 12.39 1.38 -20.08
C MET B 1 12.35 2.69 -19.30
N SER B 2 11.69 2.66 -18.14
CA SER B 2 11.58 3.84 -17.30
C SER B 2 12.52 3.75 -16.10
N ARG B 3 13.80 4.02 -16.34
CA ARG B 3 14.81 3.97 -15.29
C ARG B 3 15.06 5.36 -14.71
N LEU B 4 14.85 5.51 -13.40
CA LEU B 4 15.05 6.79 -12.74
C LEU B 4 16.30 6.77 -11.88
N THR B 5 17.06 7.86 -11.91
CA THR B 5 18.27 7.99 -11.11
C THR B 5 17.96 8.76 -9.85
N ILE B 6 18.41 8.25 -8.71
CA ILE B 6 18.14 8.90 -7.43
C ILE B 6 19.41 9.08 -6.60
N ASP B 7 19.56 10.25 -6.00
CA ASP B 7 20.72 10.51 -5.15
C ASP B 7 20.35 10.30 -3.69
N MET B 8 21.12 9.45 -3.02
CA MET B 8 20.89 9.13 -1.62
C MET B 8 22.17 9.28 -0.82
N THR B 9 22.05 9.38 0.50
CA THR B 9 23.21 9.51 1.36
C THR B 9 23.80 8.14 1.66
N ASP B 10 25.13 8.05 1.63
CA ASP B 10 25.85 6.80 1.87
C ASP B 10 25.14 5.88 2.86
N GLN B 11 24.81 6.41 4.05
CA GLN B 11 24.16 5.62 5.08
C GLN B 11 22.82 5.06 4.61
N GLN B 12 21.99 5.91 4.02
CA GLN B 12 20.67 5.50 3.53
C GLN B 12 20.79 4.51 2.38
N HIS B 13 21.60 4.84 1.38
CA HIS B 13 21.77 3.98 0.23
C HIS B 13 22.28 2.60 0.62
N GLN B 14 23.21 2.55 1.57
CA GLN B 14 23.77 1.28 2.02
C GLN B 14 22.74 0.55 2.87
N SER B 15 21.97 1.32 3.63
CA SER B 15 20.95 0.76 4.49
C SER B 15 19.84 0.09 3.67
N LEU B 16 19.36 0.81 2.66
CA LEU B 16 18.30 0.30 1.81
C LEU B 16 18.85 -0.65 0.73
N LYS B 17 20.01 -0.31 0.17
CA LYS B 17 20.62 -1.14 -0.87
C LYS B 17 21.01 -2.50 -0.29
N ALA B 18 21.44 -2.50 0.97
CA ALA B 18 21.83 -3.74 1.63
C ALA B 18 20.63 -4.65 1.85
N LEU B 19 19.51 -4.07 2.25
CA LEU B 19 18.29 -4.83 2.49
C LEU B 19 17.87 -5.58 1.23
N ALA B 20 18.14 -4.97 0.09
CA ALA B 20 17.80 -5.57 -1.20
C ALA B 20 18.43 -6.95 -1.35
N ALA B 21 19.74 -7.02 -1.13
CA ALA B 21 20.46 -8.27 -1.23
C ALA B 21 20.11 -9.20 -0.07
N LEU B 22 19.90 -8.60 1.09
CA LEU B 22 19.55 -9.36 2.28
C LEU B 22 18.22 -10.06 2.08
N GLN B 23 17.38 -9.51 1.21
CA GLN B 23 16.08 -10.09 0.93
C GLN B 23 16.19 -11.15 -0.17
N GLY B 24 17.17 -10.98 -1.05
CA GLY B 24 17.37 -11.94 -2.13
C GLY B 24 17.18 -11.31 -3.50
N LYS B 25 17.46 -10.02 -3.62
CA LYS B 25 17.30 -9.33 -4.88
C LYS B 25 18.12 -8.03 -4.90
N THR B 26 18.02 -7.30 -6.01
CA THR B 26 18.75 -6.04 -6.16
C THR B 26 17.92 -4.88 -5.63
N ILE B 27 18.58 -3.87 -5.07
CA ILE B 27 17.87 -2.73 -4.52
C ILE B 27 17.01 -2.06 -5.58
N LYS B 28 17.44 -2.14 -6.83
CA LYS B 28 16.68 -1.56 -7.95
C LYS B 28 15.30 -2.22 -8.01
N GLN B 29 15.19 -3.39 -7.38
CA GLN B 29 13.95 -4.15 -7.35
C GLN B 29 13.20 -3.87 -6.05
N TYR B 30 13.87 -4.15 -4.94
CA TYR B 30 13.30 -3.96 -3.61
C TYR B 30 12.89 -2.50 -3.39
N ALA B 31 13.82 -1.58 -3.67
CA ALA B 31 13.56 -0.16 -3.53
C ALA B 31 12.50 0.29 -4.50
N LEU B 32 12.48 -0.36 -5.66
CA LEU B 32 11.52 -0.04 -6.69
C LEU B 32 10.10 -0.34 -6.23
N GLU B 33 9.89 -1.55 -5.73
CA GLU B 33 8.57 -1.96 -5.26
C GLU B 33 8.15 -1.16 -4.03
N ARG B 34 9.15 -0.72 -3.26
CA ARG B 34 8.88 0.07 -2.06
C ARG B 34 8.09 1.32 -2.39
N LEU B 35 8.31 1.84 -3.59
CA LEU B 35 7.61 3.03 -4.06
C LEU B 35 6.19 2.69 -4.50
N PHE B 36 5.96 1.40 -4.79
CA PHE B 36 4.65 0.95 -5.23
C PHE B 36 4.17 -0.26 -4.42
N PRO B 37 4.19 -0.19 -3.07
CA PRO B 37 3.75 -1.28 -2.22
C PRO B 37 2.28 -1.17 -1.85
N GLY B 38 1.68 -0.02 -2.10
CA GLY B 38 0.27 0.18 -1.78
C GLY B 38 -0.61 -0.96 -2.24
N ASP B 39 -1.58 -1.32 -1.40
CA ASP B 39 -2.50 -2.41 -1.72
C ASP B 39 -3.79 -1.88 -2.33
N ALA B 40 -4.19 -2.47 -3.45
CA ALA B 40 -5.41 -2.06 -4.14
C ALA B 40 -6.64 -2.21 -3.24
N ASP B 41 -6.53 -3.06 -2.22
CA ASP B 41 -7.64 -3.29 -1.31
C ASP B 41 -7.50 -2.44 -0.05
N ALA B 42 -6.31 -1.89 0.18
CA ALA B 42 -6.06 -1.06 1.35
C ALA B 42 -6.83 0.25 1.28
N ASP B 43 -6.72 0.93 0.15
CA ASP B 43 -7.40 2.21 -0.06
C ASP B 43 -8.91 2.07 0.13
N GLN B 44 -9.44 0.92 -0.29
CA GLN B 44 -10.87 0.67 -0.18
C GLN B 44 -11.22 -0.08 1.11
N ALA B 45 -10.21 -0.69 1.73
CA ALA B 45 -10.40 -1.44 2.96
C ALA B 45 -10.99 -0.55 4.06
N TRP B 46 -10.39 0.62 4.26
CA TRP B 46 -10.85 1.55 5.28
C TRP B 46 -12.08 2.34 4.81
N GLN B 47 -12.30 2.36 3.50
CA GLN B 47 -13.42 3.08 2.92
C GLN B 47 -14.70 2.24 2.95
N GLU B 48 -14.61 1.03 3.49
CA GLU B 48 -15.77 0.14 3.57
C GLU B 48 -16.11 -0.20 5.02
N LEU B 49 -15.17 0.05 5.92
CA LEU B 49 -15.39 -0.24 7.34
C LEU B 49 -16.57 0.57 7.88
N LYS B 50 -16.75 1.77 7.33
CA LYS B 50 -17.84 2.64 7.75
C LYS B 50 -18.87 2.80 6.63
N THR B 51 -18.92 1.80 5.75
CA THR B 51 -19.86 1.83 4.64
C THR B 51 -21.07 0.96 4.93
N MET B 52 -20.85 -0.11 5.70
CA MET B 52 -21.93 -1.02 6.06
C MET B 52 -22.46 -0.72 7.47
N LEU B 53 -21.54 -0.55 8.41
CA LEU B 53 -21.92 -0.25 9.79
C LEU B 53 -21.55 1.18 10.16
N GLY B 54 -21.91 1.58 11.37
CA GLY B 54 -21.61 2.93 11.83
C GLY B 54 -22.41 3.32 13.05
N ASN B 55 -21.99 4.39 13.71
CA ASN B 55 -22.68 4.88 14.91
C ASN B 55 -23.39 6.19 14.62
N ARG B 56 -24.56 6.37 15.24
CA ARG B 56 -25.34 7.59 15.05
C ARG B 56 -25.99 8.03 16.36
N ILE B 57 -26.30 9.31 16.47
CA ILE B 57 -26.93 9.85 17.66
C ILE B 57 -28.44 9.66 17.64
N ASN B 58 -29.09 9.97 18.75
CA ASN B 58 -30.54 9.84 18.84
C ASN B 58 -31.24 10.73 17.83
N ASP B 59 -32.53 10.46 17.59
CA ASP B 59 -33.30 11.25 16.65
C ASP B 59 -33.37 12.71 17.07
N GLY B 60 -34.18 13.50 16.37
CA GLY B 60 -34.32 14.90 16.69
C GLY B 60 -34.93 15.70 15.56
N LEU B 61 -34.66 15.28 14.32
CA LEU B 61 -35.18 15.95 13.14
C LEU B 61 -34.92 17.46 13.20
N ALA B 62 -33.74 17.86 12.75
CA ALA B 62 -33.37 19.28 12.75
C ALA B 62 -32.00 19.49 12.09
N GLY B 63 -32.01 19.69 10.78
CA GLY B 63 -30.78 19.89 10.06
C GLY B 63 -30.14 18.59 9.60
N LYS B 64 -29.48 17.91 10.53
CA LYS B 64 -28.83 16.63 10.22
C LYS B 64 -27.76 16.81 9.14
N VAL B 65 -26.89 15.82 9.01
CA VAL B 65 -25.83 15.86 8.01
C VAL B 65 -26.32 15.33 6.67
N SER B 66 -25.62 15.71 5.60
CA SER B 66 -25.99 15.26 4.26
C SER B 66 -25.70 13.77 4.08
N THR B 67 -26.40 12.94 4.84
CA THR B 67 -26.22 11.50 4.76
C THR B 67 -27.28 10.87 3.86
N LYS B 68 -26.96 10.77 2.57
CA LYS B 68 -27.88 10.18 1.60
C LYS B 68 -28.11 8.70 1.90
N SER B 69 -27.02 7.97 2.11
CA SER B 69 -27.11 6.54 2.40
C SER B 69 -25.76 5.99 2.86
N VAL B 70 -24.69 6.41 2.19
CA VAL B 70 -23.35 5.97 2.53
C VAL B 70 -22.72 6.86 3.60
N GLY B 71 -21.65 6.37 4.21
CA GLY B 71 -20.98 7.13 5.25
C GLY B 71 -20.10 8.25 4.70
N GLU B 72 -20.46 9.49 5.00
CA GLU B 72 -19.70 10.65 4.55
C GLU B 72 -19.37 10.56 3.05
N ILE B 73 -18.19 10.02 2.73
CA ILE B 73 -17.77 9.89 1.34
C ILE B 73 -17.67 11.26 0.66
N LEU B 74 -16.78 11.36 -0.32
CA LEU B 74 -16.58 12.61 -1.04
C LEU B 74 -16.95 12.45 -2.52
N ASP B 75 -16.54 13.41 -3.34
CA ASP B 75 -16.82 13.38 -4.77
C ASP B 75 -18.28 13.00 -5.04
N GLU B 76 -18.58 12.67 -6.30
CA GLU B 76 -19.92 12.29 -6.70
C GLU B 76 -19.89 11.09 -7.65
N GLU B 77 -21.06 10.51 -7.89
CA GLU B 77 -21.17 9.36 -8.78
C GLU B 77 -20.10 8.32 -8.49
N LEU B 78 -20.31 7.54 -7.43
CA LEU B 78 -19.35 6.51 -7.04
C LEU B 78 -19.67 5.19 -7.72
N SER B 79 -20.81 4.60 -7.38
CA SER B 79 -21.23 3.33 -7.96
C SER B 79 -22.75 3.25 -8.06
N GLY B 80 -23.24 2.49 -9.03
CA GLY B 80 -24.67 2.35 -9.22
C GLY B 80 -25.33 1.59 -8.08
N ASP B 81 -24.52 0.92 -7.27
CA ASP B 81 -25.03 0.15 -6.14
C ASP B 81 -25.89 1.02 -5.22
N ARG B 82 -25.52 2.29 -5.11
CA ARG B 82 -26.25 3.23 -4.26
C ARG B 82 -27.01 4.25 -5.11
N ALA B 83 -26.58 4.43 -6.35
CA ALA B 83 -27.22 5.38 -7.27
C ALA B 83 -27.17 6.79 -6.70
N MET A 1 26.06 11.48 -1.94
CA MET A 1 26.59 11.19 -3.29
C MET A 1 26.07 9.85 -3.82
N SER A 2 25.76 8.93 -2.91
CA SER A 2 25.25 7.62 -3.28
C SER A 2 23.96 7.74 -4.05
N ARG A 3 24.06 7.90 -5.37
CA ARG A 3 22.89 8.05 -6.22
C ARG A 3 22.60 6.75 -6.97
N LEU A 4 21.41 6.20 -6.74
CA LEU A 4 21.00 4.95 -7.38
C LEU A 4 20.10 5.22 -8.59
N THR A 5 20.31 4.47 -9.66
CA THR A 5 19.51 4.60 -10.86
C THR A 5 18.59 3.40 -10.99
N ILE A 6 17.28 3.66 -11.01
CA ILE A 6 16.30 2.59 -11.11
C ILE A 6 15.53 2.62 -12.43
N ASP A 7 15.27 1.45 -12.99
CA ASP A 7 14.54 1.34 -14.24
C ASP A 7 13.08 1.00 -13.95
N MET A 8 12.18 1.84 -14.45
CA MET A 8 10.75 1.65 -14.25
C MET A 8 10.02 1.72 -15.59
N THR A 9 8.79 1.23 -15.63
CA THR A 9 8.01 1.26 -16.87
C THR A 9 7.33 2.62 -17.05
N ASP A 10 7.07 2.96 -18.30
CA ASP A 10 6.45 4.24 -18.65
C ASP A 10 5.20 4.54 -17.82
N GLN A 11 4.18 3.71 -17.96
CA GLN A 11 2.92 3.91 -17.24
C GLN A 11 3.12 3.95 -15.72
N GLN A 12 3.82 2.97 -15.19
CA GLN A 12 4.06 2.90 -13.74
C GLN A 12 4.90 4.08 -13.25
N HIS A 13 6.00 4.37 -13.96
CA HIS A 13 6.89 5.47 -13.59
C HIS A 13 6.12 6.78 -13.45
N GLN A 14 4.94 6.85 -14.02
CA GLN A 14 4.12 8.05 -13.97
C GLN A 14 3.32 8.12 -12.67
N SER A 15 2.84 6.98 -12.22
CA SER A 15 2.03 6.92 -10.99
C SER A 15 2.82 7.42 -9.78
N LEU A 16 4.03 6.90 -9.61
CA LEU A 16 4.87 7.30 -8.50
C LEU A 16 5.60 8.60 -8.74
N LYS A 17 6.08 8.79 -9.96
CA LYS A 17 6.79 10.01 -10.31
C LYS A 17 5.86 11.21 -10.20
N ALA A 18 4.66 11.05 -10.73
CA ALA A 18 3.64 12.09 -10.70
C ALA A 18 3.26 12.47 -9.28
N LEU A 19 3.01 11.46 -8.46
CA LEU A 19 2.61 11.68 -7.09
C LEU A 19 3.75 12.30 -6.28
N ALA A 20 4.97 11.97 -6.65
CA ALA A 20 6.15 12.49 -5.99
C ALA A 20 6.18 14.02 -5.99
N ALA A 21 5.63 14.62 -7.05
CA ALA A 21 5.62 16.07 -7.22
C ALA A 21 4.68 16.76 -6.27
N LEU A 22 3.48 16.23 -6.17
CA LEU A 22 2.48 16.85 -5.31
C LEU A 22 2.79 16.64 -3.84
N GLN A 23 3.61 15.64 -3.54
CA GLN A 23 4.01 15.38 -2.17
C GLN A 23 4.80 16.56 -1.61
N GLY A 24 5.33 17.38 -2.53
CA GLY A 24 6.09 18.54 -2.14
C GLY A 24 7.58 18.37 -2.37
N LYS A 25 7.93 17.45 -3.25
CA LYS A 25 9.33 17.18 -3.57
C LYS A 25 9.45 16.47 -4.91
N THR A 26 10.67 16.08 -5.26
CA THR A 26 10.91 15.37 -6.50
C THR A 26 10.83 13.88 -6.28
N ILE A 27 10.42 13.15 -7.30
CA ILE A 27 10.28 11.70 -7.22
C ILE A 27 11.48 11.06 -6.53
N LYS A 28 12.68 11.28 -7.05
CA LYS A 28 13.87 10.70 -6.41
C LYS A 28 13.89 11.00 -4.92
N GLN A 29 13.17 12.05 -4.52
CA GLN A 29 13.08 12.46 -3.13
C GLN A 29 11.99 11.66 -2.42
N TYR A 30 10.76 11.75 -2.95
CA TYR A 30 9.63 11.03 -2.36
C TYR A 30 9.90 9.53 -2.34
N ALA A 31 10.36 9.01 -3.47
CA ALA A 31 10.66 7.59 -3.59
C ALA A 31 11.75 7.21 -2.62
N LEU A 32 12.67 8.14 -2.40
CA LEU A 32 13.78 7.92 -1.50
C LEU A 32 13.28 7.48 -0.12
N GLU A 33 12.23 8.14 0.32
CA GLU A 33 11.63 7.87 1.62
C GLU A 33 10.88 6.54 1.65
N ARG A 34 10.40 6.09 0.49
CA ARG A 34 9.60 4.86 0.41
C ARG A 34 10.42 3.56 0.35
N LEU A 35 11.65 3.59 -0.18
CA LEU A 35 12.45 2.37 -0.29
C LEU A 35 12.86 1.84 1.06
N PHE A 36 12.86 2.71 2.04
CA PHE A 36 13.30 2.33 3.37
C PHE A 36 12.18 1.75 4.23
N PRO A 37 11.03 2.44 4.33
CA PRO A 37 9.89 1.99 5.14
C PRO A 37 8.87 1.24 4.29
N GLY A 38 7.66 1.09 4.84
CA GLY A 38 6.60 0.40 4.11
C GLY A 38 5.64 1.37 3.46
N ASP A 39 4.81 2.01 4.28
CA ASP A 39 3.84 2.99 3.77
C ASP A 39 3.41 3.95 4.87
N ALA A 40 2.85 5.08 4.48
CA ALA A 40 2.40 6.08 5.43
C ALA A 40 1.39 7.03 4.81
N ASP A 41 0.80 6.62 3.69
CA ASP A 41 -0.19 7.46 3.01
C ASP A 41 -1.41 6.65 2.58
N ALA A 42 -1.16 5.47 2.00
CA ALA A 42 -2.24 4.62 1.54
C ALA A 42 -3.17 4.23 2.69
N ASP A 43 -2.65 4.25 3.91
CA ASP A 43 -3.42 3.90 5.09
C ASP A 43 -4.19 5.10 5.63
N GLN A 44 -3.51 6.24 5.72
CA GLN A 44 -4.13 7.45 6.24
C GLN A 44 -4.61 8.36 5.11
N ALA A 45 -3.67 8.81 4.28
CA ALA A 45 -3.99 9.69 3.17
C ALA A 45 -5.18 9.17 2.35
N TRP A 46 -4.99 8.02 1.73
CA TRP A 46 -6.04 7.41 0.91
C TRP A 46 -7.36 7.30 1.68
N GLN A 47 -7.28 7.26 3.00
CA GLN A 47 -8.47 7.16 3.83
C GLN A 47 -9.34 8.41 3.69
N GLU A 48 -8.73 9.50 3.26
CA GLU A 48 -9.45 10.76 3.07
C GLU A 48 -9.66 11.06 1.58
N LEU A 49 -9.01 10.29 0.71
CA LEU A 49 -9.15 10.47 -0.72
C LEU A 49 -10.60 10.28 -1.14
N LYS A 50 -11.31 9.44 -0.40
CA LYS A 50 -12.72 9.18 -0.67
C LYS A 50 -13.58 9.52 0.54
N THR A 51 -13.00 10.25 1.49
CA THR A 51 -13.71 10.65 2.70
C THR A 51 -13.00 11.79 3.40
N MET A 52 -13.21 13.01 2.90
CA MET A 52 -12.58 14.19 3.49
C MET A 52 -13.46 15.42 3.31
N LEU A 53 -13.92 15.99 4.41
CA LEU A 53 -14.78 17.18 4.37
C LEU A 53 -13.94 18.44 4.14
N GLY A 54 -14.62 19.57 4.06
CA GLY A 54 -13.93 20.84 3.84
C GLY A 54 -14.46 21.59 2.64
N ASN A 55 -13.76 22.65 2.25
CA ASN A 55 -14.17 23.46 1.11
C ASN A 55 -12.95 23.89 0.28
N ARG A 56 -13.04 23.69 -1.03
CA ARG A 56 -11.95 24.05 -1.93
C ARG A 56 -12.50 24.57 -3.26
N ILE A 57 -13.34 25.58 -3.19
CA ILE A 57 -13.92 26.18 -4.40
C ILE A 57 -14.80 25.17 -5.12
N ASN A 58 -15.68 25.66 -5.99
CA ASN A 58 -16.58 24.81 -6.75
C ASN A 58 -17.10 25.54 -7.99
N ASP A 59 -16.60 25.13 -9.15
CA ASP A 59 -17.02 25.75 -10.41
C ASP A 59 -18.52 25.59 -10.63
N GLY A 60 -19.17 26.68 -11.02
CA GLY A 60 -20.60 26.64 -11.26
C GLY A 60 -20.94 26.42 -12.72
N LEU A 61 -20.27 25.48 -13.35
CA LEU A 61 -20.50 25.18 -14.75
C LEU A 61 -19.98 23.78 -15.12
N ALA A 62 -20.70 22.76 -14.67
CA ALA A 62 -20.31 21.38 -14.94
C ALA A 62 -21.35 20.40 -14.40
N GLY A 63 -22.60 20.61 -14.78
CA GLY A 63 -23.67 19.74 -14.33
C GLY A 63 -24.77 20.50 -13.61
N LYS A 64 -25.73 21.02 -14.36
CA LYS A 64 -26.84 21.77 -13.79
C LYS A 64 -27.60 20.92 -12.76
N VAL A 65 -27.62 19.62 -12.98
CA VAL A 65 -28.30 18.70 -12.07
C VAL A 65 -27.75 18.80 -10.66
N SER A 66 -28.57 18.44 -9.68
CA SER A 66 -28.16 18.49 -8.28
C SER A 66 -27.26 17.32 -7.93
N THR A 67 -26.46 17.48 -6.88
CA THR A 67 -25.55 16.43 -6.44
C THR A 67 -25.04 16.71 -5.03
N LYS A 68 -24.64 15.65 -4.34
CA LYS A 68 -24.13 15.78 -2.97
C LYS A 68 -22.71 16.32 -2.98
N SER A 69 -22.28 16.88 -1.85
CA SER A 69 -20.93 17.43 -1.73
C SER A 69 -19.95 16.37 -1.24
N VAL A 70 -20.40 15.52 -0.34
CA VAL A 70 -19.57 14.45 0.20
C VAL A 70 -19.91 13.10 -0.42
N GLY A 71 -18.92 12.22 -0.49
CA GLY A 71 -19.13 10.91 -1.08
C GLY A 71 -18.82 10.87 -2.56
N GLU A 72 -17.94 9.94 -2.94
CA GLU A 72 -17.55 9.80 -4.35
C GLU A 72 -18.53 8.90 -5.09
N ILE A 73 -19.41 9.52 -5.88
CA ILE A 73 -20.40 8.79 -6.66
C ILE A 73 -20.07 8.84 -8.15
N LEU A 74 -19.66 7.70 -8.70
CA LEU A 74 -19.32 7.60 -10.11
C LEU A 74 -18.10 8.45 -10.45
N ASP A 75 -18.28 9.78 -10.40
CA ASP A 75 -17.19 10.71 -10.69
C ASP A 75 -16.53 10.38 -12.03
N GLU A 76 -15.42 11.04 -12.31
CA GLU A 76 -14.69 10.82 -13.56
C GLU A 76 -13.38 11.60 -13.57
N GLU A 77 -12.38 11.04 -14.23
CA GLU A 77 -11.07 11.69 -14.32
C GLU A 77 -11.14 12.96 -15.17
N LEU A 78 -11.78 13.98 -14.64
CA LEU A 78 -11.92 15.25 -15.35
C LEU A 78 -10.94 16.29 -14.80
N SER A 79 -11.01 17.50 -15.34
CA SER A 79 -10.14 18.58 -14.90
C SER A 79 -10.58 19.14 -13.56
N GLY A 80 -9.89 18.73 -12.50
CA GLY A 80 -10.23 19.20 -11.16
C GLY A 80 -10.94 18.14 -10.33
N ASP A 81 -11.62 17.22 -11.01
CA ASP A 81 -12.35 16.15 -10.33
C ASP A 81 -13.45 16.74 -9.44
N ARG A 82 -13.06 17.20 -8.27
CA ARG A 82 -14.02 17.79 -7.33
C ARG A 82 -13.94 19.32 -7.38
N ALA A 83 -13.39 19.85 -8.46
CA ALA A 83 -13.25 21.29 -8.64
C ALA A 83 -12.49 21.91 -7.47
N MET B 1 12.46 3.71 -22.15
CA MET B 1 12.60 3.12 -20.79
C MET B 1 12.37 4.17 -19.71
N SER B 2 11.43 3.89 -18.81
CA SER B 2 11.11 4.81 -17.73
C SER B 2 12.02 4.59 -16.53
N ARG B 3 13.30 4.90 -16.72
CA ARG B 3 14.29 4.73 -15.66
C ARG B 3 14.47 6.03 -14.89
N LEU B 4 14.23 5.99 -13.58
CA LEU B 4 14.37 7.19 -12.76
C LEU B 4 15.65 7.14 -11.94
N THR B 5 16.33 8.29 -11.85
CA THR B 5 17.56 8.39 -11.09
C THR B 5 17.30 8.99 -9.72
N ILE B 6 17.77 8.31 -8.68
CA ILE B 6 17.57 8.78 -7.32
C ILE B 6 18.90 8.99 -6.59
N ASP B 7 19.08 10.18 -6.04
CA ASP B 7 20.31 10.51 -5.32
C ASP B 7 20.12 10.34 -3.82
N MET B 8 20.98 9.52 -3.22
CA MET B 8 20.93 9.27 -1.78
C MET B 8 22.31 9.47 -1.16
N THR B 9 22.35 9.63 0.16
CA THR B 9 23.63 9.82 0.84
C THR B 9 24.26 8.48 1.19
N ASP B 10 25.58 8.46 1.32
CA ASP B 10 26.32 7.24 1.64
C ASP B 10 25.60 6.33 2.63
N GLN B 11 25.53 6.77 3.88
CA GLN B 11 24.90 5.98 4.93
C GLN B 11 23.44 5.66 4.61
N GLN B 12 22.74 6.61 4.01
CA GLN B 12 21.32 6.43 3.67
C GLN B 12 21.14 5.32 2.63
N HIS B 13 21.90 5.39 1.54
CA HIS B 13 21.79 4.40 0.49
C HIS B 13 22.19 3.01 0.98
N GLN B 14 23.01 2.97 2.03
CA GLN B 14 23.46 1.71 2.60
C GLN B 14 22.32 1.04 3.35
N SER B 15 21.44 1.86 3.92
CA SER B 15 20.30 1.36 4.66
C SER B 15 19.34 0.63 3.73
N LEU B 16 18.99 1.27 2.62
CA LEU B 16 18.08 0.67 1.65
C LEU B 16 18.80 -0.32 0.74
N LYS B 17 20.01 0.03 0.29
CA LYS B 17 20.76 -0.86 -0.59
C LYS B 17 20.98 -2.21 0.07
N ALA B 18 21.40 -2.19 1.33
CA ALA B 18 21.64 -3.41 2.08
C ALA B 18 20.35 -4.22 2.24
N LEU B 19 19.25 -3.54 2.52
CA LEU B 19 17.96 -4.20 2.70
C LEU B 19 17.59 -4.99 1.45
N ALA B 20 17.88 -4.43 0.28
CA ALA B 20 17.58 -5.10 -0.98
C ALA B 20 18.24 -6.47 -1.03
N ALA B 21 19.51 -6.53 -0.62
CA ALA B 21 20.26 -7.77 -0.61
C ALA B 21 19.77 -8.67 0.52
N LEU B 22 19.44 -8.05 1.64
CA LEU B 22 18.96 -8.79 2.79
C LEU B 22 17.68 -9.55 2.44
N GLN B 23 16.89 -8.95 1.57
CA GLN B 23 15.64 -9.56 1.12
C GLN B 23 15.90 -10.65 0.08
N GLY B 24 17.14 -10.71 -0.41
CA GLY B 24 17.49 -11.71 -1.40
C GLY B 24 17.41 -11.18 -2.83
N LYS B 25 17.67 -9.90 -3.00
CA LYS B 25 17.62 -9.28 -4.31
C LYS B 25 18.42 -7.97 -4.34
N THR B 26 18.34 -7.26 -5.46
CA THR B 26 19.04 -5.98 -5.60
C THR B 26 18.05 -4.84 -5.39
N ILE B 27 18.53 -3.72 -4.87
CA ILE B 27 17.65 -2.57 -4.62
C ILE B 27 16.80 -2.26 -5.85
N LYS B 28 17.32 -2.56 -7.03
CA LYS B 28 16.58 -2.31 -8.26
C LYS B 28 15.18 -2.95 -8.18
N GLN B 29 15.07 -3.96 -7.32
CA GLN B 29 13.80 -4.66 -7.11
C GLN B 29 13.15 -4.19 -5.81
N TYR B 30 13.97 -4.14 -4.76
CA TYR B 30 13.51 -3.75 -3.45
C TYR B 30 13.04 -2.30 -3.40
N ALA B 31 13.88 -1.39 -3.89
CA ALA B 31 13.53 0.03 -3.91
C ALA B 31 12.35 0.27 -4.82
N LEU B 32 12.35 -0.47 -5.92
CA LEU B 32 11.31 -0.33 -6.91
C LEU B 32 9.97 -0.82 -6.37
N GLU B 33 9.96 -2.02 -5.81
CA GLU B 33 8.74 -2.60 -5.26
C GLU B 33 8.21 -1.79 -4.08
N ARG B 34 9.12 -1.12 -3.38
CA ARG B 34 8.74 -0.31 -2.23
C ARG B 34 7.83 0.84 -2.66
N LEU B 35 8.11 1.41 -3.82
CA LEU B 35 7.32 2.50 -4.36
C LEU B 35 5.97 1.96 -4.82
N PHE B 36 5.93 0.65 -5.06
CA PHE B 36 4.71 0.01 -5.52
C PHE B 36 4.46 -1.30 -4.76
N PRO B 37 4.28 -1.24 -3.43
CA PRO B 37 4.03 -2.42 -2.61
C PRO B 37 2.64 -2.99 -2.83
N GLY B 38 1.62 -2.16 -2.63
CA GLY B 38 0.24 -2.59 -2.81
C GLY B 38 -0.76 -1.62 -2.23
N ASP B 39 -2.00 -1.69 -2.71
CA ASP B 39 -3.05 -0.81 -2.23
C ASP B 39 -4.03 -1.55 -1.31
N ALA B 40 -4.89 -0.80 -0.64
CA ALA B 40 -5.87 -1.39 0.27
C ALA B 40 -6.79 -2.36 -0.47
N ASP B 41 -7.37 -1.90 -1.58
CA ASP B 41 -8.26 -2.73 -2.38
C ASP B 41 -7.48 -3.76 -3.19
N ALA B 42 -6.34 -3.33 -3.73
CA ALA B 42 -5.49 -4.20 -4.53
C ALA B 42 -4.97 -5.37 -3.70
N ASP B 43 -4.82 -5.15 -2.39
CA ASP B 43 -4.33 -6.19 -1.50
C ASP B 43 -5.49 -6.93 -0.82
N GLN B 44 -6.65 -6.94 -1.49
CA GLN B 44 -7.82 -7.62 -0.95
C GLN B 44 -8.19 -8.83 -1.80
N ALA B 45 -8.05 -8.68 -3.11
CA ALA B 45 -8.38 -9.77 -4.04
C ALA B 45 -7.47 -10.96 -3.80
N TRP B 46 -6.16 -10.73 -3.79
CA TRP B 46 -5.19 -11.79 -3.57
C TRP B 46 -5.25 -12.32 -2.14
N GLN B 47 -5.80 -11.50 -1.24
CA GLN B 47 -5.92 -11.87 0.16
C GLN B 47 -7.36 -12.25 0.49
N GLU B 48 -8.06 -12.83 -0.49
CA GLU B 48 -9.45 -13.24 -0.31
C GLU B 48 -9.85 -14.30 -1.33
N LEU B 49 -9.31 -14.18 -2.54
CA LEU B 49 -9.63 -15.14 -3.59
C LEU B 49 -9.22 -16.55 -3.18
N LYS B 50 -8.18 -16.63 -2.35
CA LYS B 50 -7.70 -17.91 -1.85
C LYS B 50 -8.13 -18.11 -0.41
N THR B 51 -8.42 -17.01 0.29
CA THR B 51 -8.85 -17.06 1.68
C THR B 51 -10.14 -17.86 1.82
N MET B 52 -11.12 -17.51 1.00
CA MET B 52 -12.42 -18.19 1.03
C MET B 52 -12.26 -19.69 0.74
N LEU B 53 -13.37 -20.41 0.77
CA LEU B 53 -13.35 -21.85 0.51
C LEU B 53 -13.59 -22.13 -0.97
N GLY B 54 -13.42 -23.39 -1.35
CA GLY B 54 -13.63 -23.77 -2.73
C GLY B 54 -13.63 -25.28 -2.92
N ASN B 55 -14.19 -25.73 -4.05
CA ASN B 55 -14.26 -27.16 -4.34
C ASN B 55 -15.06 -27.90 -3.28
N ARG B 56 -15.49 -29.11 -3.60
CA ARG B 56 -16.27 -29.92 -2.67
C ARG B 56 -15.45 -30.24 -1.42
N ILE B 57 -14.30 -30.87 -1.62
CA ILE B 57 -13.42 -31.23 -0.50
C ILE B 57 -11.96 -31.18 -0.91
N ASN B 58 -11.08 -31.46 0.04
CA ASN B 58 -9.64 -31.45 -0.22
C ASN B 58 -8.85 -31.88 1.01
N ASP B 59 -7.76 -32.60 0.79
CA ASP B 59 -6.93 -33.08 1.88
C ASP B 59 -6.38 -31.92 2.70
N GLY B 60 -6.88 -31.77 3.92
CA GLY B 60 -6.43 -30.69 4.78
C GLY B 60 -7.59 -29.96 5.44
N LEU B 61 -8.56 -30.73 5.94
CA LEU B 61 -9.72 -30.15 6.60
C LEU B 61 -10.42 -31.18 7.48
N ALA B 62 -11.43 -30.73 8.22
CA ALA B 62 -12.18 -31.62 9.10
C ALA B 62 -13.37 -30.90 9.72
N GLY B 63 -13.07 -29.94 10.60
CA GLY B 63 -14.13 -29.19 11.25
C GLY B 63 -14.72 -28.12 10.35
N LYS B 64 -14.52 -26.87 10.73
CA LYS B 64 -15.03 -25.73 9.95
C LYS B 64 -14.59 -24.41 10.56
N VAL B 65 -13.31 -24.31 10.89
CA VAL B 65 -12.76 -23.10 11.48
C VAL B 65 -12.10 -22.21 10.42
N SER B 66 -11.76 -21.00 10.81
CA SER B 66 -11.13 -20.05 9.90
C SER B 66 -10.30 -19.02 10.66
N THR B 67 -9.14 -19.45 11.14
CA THR B 67 -8.25 -18.57 11.89
C THR B 67 -7.81 -17.38 11.04
N LYS B 68 -7.12 -16.44 11.67
CA LYS B 68 -6.63 -15.26 10.96
C LYS B 68 -5.52 -15.62 9.98
N SER B 69 -4.97 -14.61 9.33
CA SER B 69 -3.89 -14.82 8.36
C SER B 69 -4.37 -15.68 7.20
N VAL B 70 -3.50 -15.85 6.20
CA VAL B 70 -3.84 -16.66 5.03
C VAL B 70 -3.94 -18.14 5.39
N GLY B 71 -5.14 -18.56 5.78
CA GLY B 71 -5.35 -19.94 6.15
C GLY B 71 -4.73 -20.30 7.48
N GLU B 72 -4.17 -21.50 7.58
CA GLU B 72 -3.54 -21.95 8.80
C GLU B 72 -2.20 -21.26 9.01
N ILE B 73 -1.56 -21.57 10.15
CA ILE B 73 -0.26 -20.98 10.46
C ILE B 73 0.85 -22.03 10.40
N LEU B 74 1.64 -21.98 9.34
CA LEU B 74 2.75 -22.92 9.16
C LEU B 74 4.01 -22.21 8.70
N ASP B 75 3.94 -21.60 7.51
CA ASP B 75 5.08 -20.88 6.96
C ASP B 75 5.48 -19.72 7.86
N GLU B 76 6.77 -19.61 8.14
CA GLU B 76 7.29 -18.54 8.98
C GLU B 76 7.01 -17.18 8.36
N GLU B 77 7.55 -16.12 9.00
CA GLU B 77 7.38 -14.76 8.52
C GLU B 77 5.95 -14.51 8.01
N LEU B 78 5.08 -14.05 8.90
CA LEU B 78 3.70 -13.76 8.53
C LEU B 78 3.16 -12.58 9.33
N SER B 79 3.36 -11.37 8.80
CA SER B 79 2.90 -10.16 9.46
C SER B 79 1.78 -9.50 8.67
N GLY B 80 0.87 -8.84 9.36
CA GLY B 80 -0.24 -8.17 8.71
C GLY B 80 -1.45 -9.06 8.58
N ASP B 81 -2.42 -8.89 9.47
CA ASP B 81 -3.65 -9.68 9.43
C ASP B 81 -4.30 -9.61 8.06
N ARG B 82 -4.09 -10.65 7.26
CA ARG B 82 -4.65 -10.69 5.91
C ARG B 82 -4.08 -9.56 5.05
N ALA B 83 -2.89 -9.08 5.43
CA ALA B 83 -2.23 -8.00 4.70
C ALA B 83 -3.12 -6.76 4.64
N MET A 1 29.01 9.19 -4.49
CA MET A 1 28.31 8.37 -5.51
C MET A 1 27.16 7.57 -4.89
N SER A 2 26.46 8.20 -3.94
CA SER A 2 25.34 7.55 -3.26
C SER A 2 24.03 7.83 -3.99
N ARG A 3 24.02 7.63 -5.29
CA ARG A 3 22.84 7.84 -6.12
C ARG A 3 22.27 6.50 -6.57
N LEU A 4 20.99 6.29 -6.36
CA LEU A 4 20.36 5.03 -6.73
C LEU A 4 19.75 5.10 -8.13
N THR A 5 20.05 4.11 -8.93
CA THR A 5 19.49 4.02 -10.27
C THR A 5 18.64 2.76 -10.39
N ILE A 6 17.37 2.94 -10.70
CA ILE A 6 16.45 1.83 -10.80
C ILE A 6 15.66 1.89 -12.11
N ASP A 7 15.36 0.72 -12.66
CA ASP A 7 14.60 0.67 -13.90
C ASP A 7 13.14 0.33 -13.63
N MET A 8 12.24 1.18 -14.09
CA MET A 8 10.82 0.99 -13.89
C MET A 8 10.07 1.10 -15.21
N THR A 9 8.84 0.61 -15.25
CA THR A 9 8.04 0.68 -16.46
C THR A 9 7.34 2.04 -16.55
N ASP A 10 7.39 2.63 -17.74
CA ASP A 10 6.81 3.95 -18.00
C ASP A 10 5.50 4.17 -17.23
N GLN A 11 4.63 3.16 -17.21
CA GLN A 11 3.35 3.29 -16.52
C GLN A 11 3.52 3.37 -15.00
N GLN A 12 4.27 2.44 -14.44
CA GLN A 12 4.50 2.42 -12.99
C GLN A 12 5.32 3.63 -12.53
N HIS A 13 6.33 3.99 -13.30
CA HIS A 13 7.21 5.12 -12.95
C HIS A 13 6.44 6.45 -12.86
N GLN A 14 5.44 6.62 -13.71
CA GLN A 14 4.66 7.85 -13.72
C GLN A 14 3.76 7.91 -12.50
N SER A 15 3.31 6.75 -12.05
CA SER A 15 2.43 6.68 -10.89
C SER A 15 3.12 7.25 -9.65
N LEU A 16 4.34 6.80 -9.39
CA LEU A 16 5.10 7.28 -8.24
C LEU A 16 5.79 8.60 -8.56
N LYS A 17 6.21 8.76 -9.81
CA LYS A 17 6.89 10.00 -10.23
C LYS A 17 5.91 11.17 -10.18
N ALA A 18 4.67 10.90 -10.57
CA ALA A 18 3.63 11.93 -10.55
C ALA A 18 3.29 12.32 -9.13
N LEU A 19 3.19 11.32 -8.25
CA LEU A 19 2.87 11.55 -6.85
C LEU A 19 3.91 12.47 -6.21
N ALA A 20 5.17 12.30 -6.62
CA ALA A 20 6.25 13.11 -6.10
C ALA A 20 5.95 14.59 -6.32
N ALA A 21 5.61 14.94 -7.56
CA ALA A 21 5.28 16.31 -7.92
C ALA A 21 3.95 16.71 -7.33
N LEU A 22 3.03 15.75 -7.27
CA LEU A 22 1.71 16.00 -6.73
C LEU A 22 1.80 16.43 -5.27
N GLN A 23 2.77 15.87 -4.56
CA GLN A 23 2.97 16.18 -3.16
C GLN A 23 3.65 17.54 -2.99
N GLY A 24 4.36 17.98 -4.03
CA GLY A 24 5.03 19.27 -3.98
C GLY A 24 6.55 19.14 -4.01
N LYS A 25 7.03 18.07 -4.63
CA LYS A 25 8.47 17.82 -4.74
C LYS A 25 8.77 16.85 -5.87
N THR A 26 10.03 16.46 -6.00
CA THR A 26 10.43 15.52 -7.03
C THR A 26 10.58 14.11 -6.46
N ILE A 27 10.36 13.10 -7.29
CA ILE A 27 10.46 11.71 -6.84
C ILE A 27 11.76 11.48 -6.07
N LYS A 28 12.81 12.21 -6.43
CA LYS A 28 14.09 12.07 -5.74
C LYS A 28 13.91 12.30 -4.24
N GLN A 29 12.80 12.93 -3.87
CA GLN A 29 12.49 13.21 -2.48
C GLN A 29 11.40 12.26 -2.00
N TYR A 30 10.31 12.24 -2.76
CA TYR A 30 9.16 11.41 -2.45
C TYR A 30 9.54 9.93 -2.39
N ALA A 31 10.21 9.45 -3.43
CA ALA A 31 10.64 8.05 -3.48
C ALA A 31 11.66 7.78 -2.40
N LEU A 32 12.45 8.79 -2.09
CA LEU A 32 13.49 8.69 -1.08
C LEU A 32 12.93 8.21 0.25
N GLU A 33 11.82 8.80 0.66
CA GLU A 33 11.19 8.47 1.93
C GLU A 33 10.52 7.10 1.90
N ARG A 34 10.09 6.67 0.73
CA ARG A 34 9.41 5.39 0.59
C ARG A 34 10.38 4.22 0.48
N LEU A 35 11.58 4.48 0.01
CA LEU A 35 12.58 3.42 -0.09
C LEU A 35 12.98 2.97 1.30
N PHE A 36 12.72 3.84 2.27
CA PHE A 36 13.04 3.55 3.65
C PHE A 36 12.03 4.23 4.60
N PRO A 37 10.78 3.75 4.60
CA PRO A 37 9.73 4.31 5.45
C PRO A 37 9.65 3.64 6.83
N GLY A 38 9.51 2.32 6.83
CA GLY A 38 9.43 1.58 8.08
C GLY A 38 9.68 0.10 7.91
N ASP A 39 8.62 -0.67 7.71
CA ASP A 39 8.73 -2.11 7.52
C ASP A 39 8.07 -2.56 6.22
N ALA A 40 8.80 -3.33 5.43
CA ALA A 40 8.29 -3.83 4.17
C ALA A 40 7.52 -5.14 4.33
N ASP A 41 7.29 -5.54 5.58
CA ASP A 41 6.56 -6.78 5.86
C ASP A 41 5.11 -6.66 5.44
N ALA A 42 4.52 -5.50 5.65
CA ALA A 42 3.13 -5.26 5.29
C ALA A 42 2.91 -5.39 3.78
N ASP A 43 3.96 -5.18 3.01
CA ASP A 43 3.89 -5.26 1.56
C ASP A 43 3.57 -6.69 1.11
N GLN A 44 3.72 -7.65 2.01
CA GLN A 44 3.44 -9.04 1.68
C GLN A 44 2.13 -9.51 2.31
N ALA A 45 2.00 -9.32 3.61
CA ALA A 45 0.79 -9.72 4.33
C ALA A 45 -0.44 -8.98 3.80
N TRP A 46 -0.45 -7.67 3.96
CA TRP A 46 -1.56 -6.85 3.49
C TRP A 46 -1.82 -7.04 2.01
N GLN A 47 -0.82 -7.52 1.29
CA GLN A 47 -0.94 -7.75 -0.15
C GLN A 47 -2.12 -8.66 -0.48
N GLU A 48 -2.52 -9.46 0.51
CA GLU A 48 -3.64 -10.39 0.32
C GLU A 48 -4.94 -9.81 0.87
N LEU A 49 -4.84 -8.71 1.62
CA LEU A 49 -6.02 -8.07 2.18
C LEU A 49 -6.95 -7.63 1.07
N LYS A 50 -6.36 -7.25 -0.07
CA LYS A 50 -7.13 -6.84 -1.23
C LYS A 50 -7.14 -7.94 -2.29
N THR A 51 -6.15 -8.82 -2.21
CA THR A 51 -6.03 -9.94 -3.14
C THR A 51 -6.60 -11.22 -2.55
N MET A 52 -7.58 -11.06 -1.65
CA MET A 52 -8.21 -12.20 -1.00
C MET A 52 -9.23 -12.85 -1.93
N LEU A 53 -8.91 -14.04 -2.42
CA LEU A 53 -9.80 -14.77 -3.31
C LEU A 53 -10.56 -15.86 -2.56
N GLY A 54 -11.88 -15.90 -2.75
CA GLY A 54 -12.70 -16.88 -2.07
C GLY A 54 -14.14 -16.83 -2.52
N ASN A 55 -15.03 -17.37 -1.69
CA ASN A 55 -16.46 -17.39 -2.00
C ASN A 55 -17.13 -16.09 -1.57
N ARG A 56 -18.44 -16.02 -1.75
CA ARG A 56 -19.19 -14.82 -1.37
C ARG A 56 -19.83 -15.01 0.01
N ILE A 57 -19.23 -14.39 1.02
CA ILE A 57 -19.74 -14.48 2.38
C ILE A 57 -20.70 -13.33 2.69
N ASN A 58 -20.43 -12.16 2.12
CA ASN A 58 -21.26 -10.99 2.33
C ASN A 58 -20.68 -9.77 1.62
N ASP A 59 -19.36 -9.68 1.58
CA ASP A 59 -18.68 -8.57 0.93
C ASP A 59 -19.19 -7.23 1.46
N GLY A 60 -18.42 -6.63 2.36
CA GLY A 60 -18.80 -5.35 2.93
C GLY A 60 -17.69 -4.32 2.81
N LEU A 61 -16.59 -4.56 3.51
CA LEU A 61 -15.45 -3.64 3.49
C LEU A 61 -14.22 -4.29 4.08
N ALA A 62 -13.08 -4.09 3.43
CA ALA A 62 -11.82 -4.66 3.88
C ALA A 62 -11.31 -3.94 5.13
N GLY A 63 -10.71 -2.78 4.94
CA GLY A 63 -10.20 -2.01 6.06
C GLY A 63 -10.50 -0.53 5.93
N LYS A 64 -11.55 -0.21 5.18
CA LYS A 64 -11.95 1.18 4.97
C LYS A 64 -10.78 2.00 4.44
N VAL A 65 -9.93 1.37 3.65
CA VAL A 65 -8.77 2.05 3.06
C VAL A 65 -9.02 2.41 1.61
N SER A 66 -10.29 2.60 1.25
CA SER A 66 -10.66 2.95 -0.12
C SER A 66 -10.13 1.92 -1.11
N THR A 67 -10.95 0.92 -1.40
CA THR A 67 -10.57 -0.14 -2.33
C THR A 67 -10.28 0.44 -3.73
N LYS A 68 -9.74 -0.39 -4.60
CA LYS A 68 -9.42 0.03 -5.96
C LYS A 68 -8.91 -1.15 -6.79
N SER A 69 -9.32 -1.20 -8.05
CA SER A 69 -8.90 -2.26 -8.95
C SER A 69 -9.32 -3.63 -8.41
N VAL A 70 -9.21 -4.65 -9.26
CA VAL A 70 -9.58 -6.00 -8.87
C VAL A 70 -8.36 -6.80 -8.41
N GLY A 71 -8.59 -7.77 -7.54
CA GLY A 71 -7.49 -8.59 -7.05
C GLY A 71 -7.21 -9.78 -7.94
N GLU A 72 -7.90 -10.89 -7.68
CA GLU A 72 -7.72 -12.10 -8.48
C GLU A 72 -9.03 -12.88 -8.60
N ILE A 73 -9.69 -12.74 -9.74
CA ILE A 73 -10.95 -13.43 -9.98
C ILE A 73 -10.80 -14.51 -11.04
N LEU A 74 -11.44 -15.65 -10.82
CA LEU A 74 -11.37 -16.76 -11.75
C LEU A 74 -12.72 -16.98 -12.44
N ASP A 75 -13.71 -17.41 -11.67
CA ASP A 75 -15.04 -17.66 -12.21
C ASP A 75 -15.95 -16.45 -11.97
N GLU A 76 -15.68 -15.72 -10.91
CA GLU A 76 -16.48 -14.53 -10.57
C GLU A 76 -17.92 -14.93 -10.24
N GLU A 77 -18.43 -14.39 -9.14
CA GLU A 77 -19.79 -14.68 -8.72
C GLU A 77 -20.80 -14.13 -9.72
N LEU A 78 -22.07 -14.06 -9.29
CA LEU A 78 -23.12 -13.55 -10.15
C LEU A 78 -23.90 -12.44 -9.45
N SER A 79 -24.61 -11.64 -10.24
CA SER A 79 -25.40 -10.54 -9.70
C SER A 79 -24.51 -9.54 -8.96
N GLY A 80 -24.37 -8.35 -9.53
CA GLY A 80 -23.54 -7.32 -8.92
C GLY A 80 -22.10 -7.41 -9.35
N ASP A 81 -21.60 -6.33 -9.94
CA ASP A 81 -20.21 -6.30 -10.41
C ASP A 81 -19.24 -6.54 -9.25
N ARG A 82 -19.61 -6.07 -8.07
CA ARG A 82 -18.79 -6.23 -6.89
C ARG A 82 -19.64 -6.54 -5.66
N ALA A 83 -20.80 -7.15 -5.89
CA ALA A 83 -21.71 -7.51 -4.81
C ALA A 83 -22.14 -6.26 -4.04
N MET B 1 14.39 1.88 -20.84
CA MET B 1 13.28 1.75 -19.86
C MET B 1 13.28 2.92 -18.87
N SER B 2 12.10 3.29 -18.41
CA SER B 2 11.96 4.40 -17.46
C SER B 2 12.77 4.13 -16.20
N ARG B 3 14.01 4.60 -16.18
CA ARG B 3 14.89 4.42 -15.04
C ARG B 3 14.92 5.66 -14.16
N LEU B 4 14.76 5.48 -12.85
CA LEU B 4 14.77 6.60 -11.92
C LEU B 4 16.13 6.76 -11.24
N THR B 5 16.62 7.99 -11.20
CA THR B 5 17.89 8.28 -10.54
C THR B 5 17.66 9.22 -9.37
N ILE B 6 18.07 8.79 -8.18
CA ILE B 6 17.87 9.60 -6.98
C ILE B 6 19.15 9.74 -6.18
N ASP B 7 19.26 10.85 -5.45
CA ASP B 7 20.43 11.10 -4.63
C ASP B 7 20.15 10.68 -3.19
N MET B 8 21.00 9.82 -2.67
CA MET B 8 20.86 9.29 -1.33
C MET B 8 22.14 9.45 -0.53
N THR B 9 22.05 9.31 0.78
CA THR B 9 23.22 9.44 1.64
C THR B 9 23.97 8.11 1.69
N ASP B 10 25.29 8.18 1.52
CA ASP B 10 26.14 6.98 1.53
C ASP B 10 25.63 5.91 2.48
N GLN B 11 25.59 6.22 3.77
CA GLN B 11 25.11 5.27 4.77
C GLN B 11 23.68 4.84 4.48
N GLN B 12 22.86 5.78 4.06
CA GLN B 12 21.45 5.50 3.76
C GLN B 12 21.33 4.55 2.57
N HIS B 13 22.04 4.87 1.48
CA HIS B 13 21.99 4.04 0.28
C HIS B 13 22.37 2.60 0.58
N GLN B 14 23.32 2.42 1.49
CA GLN B 14 23.77 1.08 1.86
C GLN B 14 22.69 0.37 2.66
N SER B 15 21.91 1.15 3.39
CA SER B 15 20.84 0.60 4.20
C SER B 15 19.77 -0.04 3.32
N LEU B 16 19.35 0.69 2.30
CA LEU B 16 18.34 0.18 1.38
C LEU B 16 18.95 -0.73 0.33
N LYS B 17 20.18 -0.40 -0.11
CA LYS B 17 20.87 -1.21 -1.11
C LYS B 17 21.13 -2.60 -0.55
N ALA B 18 21.68 -2.65 0.66
CA ALA B 18 21.98 -3.92 1.31
C ALA B 18 20.72 -4.74 1.54
N LEU B 19 19.64 -4.07 1.94
CA LEU B 19 18.37 -4.73 2.19
C LEU B 19 17.89 -5.44 0.93
N ALA B 20 18.10 -4.81 -0.21
CA ALA B 20 17.70 -5.38 -1.49
C ALA B 20 18.35 -6.75 -1.68
N ALA B 21 19.67 -6.79 -1.53
CA ALA B 21 20.45 -8.02 -1.68
C ALA B 21 20.20 -8.95 -0.50
N LEU B 22 19.93 -8.36 0.66
CA LEU B 22 19.70 -9.15 1.87
C LEU B 22 18.51 -10.09 1.69
N GLN B 23 17.40 -9.56 1.19
CA GLN B 23 16.19 -10.37 1.00
C GLN B 23 16.35 -11.31 -0.20
N GLY B 24 17.41 -11.11 -1.00
CA GLY B 24 17.64 -11.96 -2.15
C GLY B 24 17.26 -11.31 -3.47
N LYS B 25 17.56 -10.02 -3.61
CA LYS B 25 17.25 -9.30 -4.84
C LYS B 25 18.09 -8.02 -4.95
N THR B 26 17.84 -7.26 -6.01
CA THR B 26 18.56 -6.01 -6.23
C THR B 26 17.68 -4.83 -5.85
N ILE B 27 18.28 -3.74 -5.37
CA ILE B 27 17.51 -2.57 -4.98
C ILE B 27 16.55 -2.16 -6.09
N LYS B 28 16.99 -2.27 -7.34
CA LYS B 28 16.13 -1.93 -8.47
C LYS B 28 14.82 -2.72 -8.40
N GLN B 29 14.83 -3.78 -7.59
CA GLN B 29 13.65 -4.62 -7.41
C GLN B 29 12.98 -4.26 -6.09
N TYR B 30 13.78 -4.28 -5.03
CA TYR B 30 13.32 -3.99 -3.69
C TYR B 30 12.83 -2.54 -3.56
N ALA B 31 13.67 -1.61 -4.01
CA ALA B 31 13.34 -0.20 -3.96
C ALA B 31 12.16 0.10 -4.87
N LEU B 32 12.08 -0.66 -5.96
CA LEU B 32 11.01 -0.48 -6.92
C LEU B 32 9.65 -0.57 -6.26
N GLU B 33 9.43 -1.64 -5.51
CA GLU B 33 8.17 -1.85 -4.83
C GLU B 33 8.00 -0.91 -3.64
N ARG B 34 9.11 -0.53 -3.04
CA ARG B 34 9.08 0.36 -1.89
C ARG B 34 8.51 1.74 -2.27
N LEU B 35 8.61 2.08 -3.55
CA LEU B 35 8.09 3.35 -4.04
C LEU B 35 6.58 3.24 -4.21
N PHE B 36 6.08 2.01 -4.29
CA PHE B 36 4.65 1.78 -4.46
C PHE B 36 4.06 0.91 -3.34
N PRO B 37 4.32 1.27 -2.06
CA PRO B 37 3.81 0.51 -0.92
C PRO B 37 2.43 0.98 -0.49
N GLY B 38 2.01 0.57 0.70
CA GLY B 38 0.70 0.96 1.20
C GLY B 38 0.45 0.48 2.61
N ASP B 39 0.95 1.22 3.60
CA ASP B 39 0.78 0.86 4.99
C ASP B 39 -0.31 1.71 5.65
N ALA B 40 -1.00 1.13 6.62
CA ALA B 40 -2.05 1.83 7.32
C ALA B 40 -2.04 1.50 8.82
N ASP B 41 -0.97 0.86 9.27
CA ASP B 41 -0.84 0.49 10.68
C ASP B 41 -0.83 1.73 11.57
N ALA B 42 -0.22 2.81 11.06
CA ALA B 42 -0.15 4.05 11.82
C ALA B 42 -1.52 4.68 12.00
N ASP B 43 -2.41 4.45 11.02
CA ASP B 43 -3.75 5.00 11.07
C ASP B 43 -4.66 4.18 11.97
N GLN B 44 -4.40 2.86 12.03
CA GLN B 44 -5.20 1.97 12.85
C GLN B 44 -4.45 1.54 14.11
N ALA B 45 -3.38 0.78 13.91
CA ALA B 45 -2.57 0.29 15.04
C ALA B 45 -2.26 1.41 16.03
N TRP B 46 -1.45 2.37 15.60
CA TRP B 46 -1.08 3.50 16.46
C TRP B 46 -2.31 4.19 17.02
N GLN B 47 -3.42 4.09 16.30
CA GLN B 47 -4.67 4.72 16.74
C GLN B 47 -5.25 3.96 17.93
N GLU B 48 -4.98 2.66 17.97
CA GLU B 48 -5.46 1.82 19.06
C GLU B 48 -4.53 1.93 20.26
N LEU B 49 -3.24 2.12 20.00
CA LEU B 49 -2.26 2.23 21.06
C LEU B 49 -2.54 3.45 21.94
N LYS B 50 -3.13 4.48 21.33
CA LYS B 50 -3.46 5.71 22.06
C LYS B 50 -4.95 5.77 22.38
N THR B 51 -5.77 5.28 21.45
CA THR B 51 -7.22 5.29 21.63
C THR B 51 -7.91 4.36 20.64
N MET B 52 -8.13 3.11 21.07
CA MET B 52 -8.78 2.12 20.22
C MET B 52 -10.28 2.36 20.16
N LEU B 53 -10.85 2.22 18.97
CA LEU B 53 -12.28 2.42 18.77
C LEU B 53 -13.07 1.23 19.30
N GLY B 54 -14.20 1.51 19.93
CA GLY B 54 -15.03 0.45 20.48
C GLY B 54 -16.40 0.96 20.92
N ASN B 55 -16.96 0.32 21.94
CA ASN B 55 -18.27 0.73 22.46
C ASN B 55 -18.12 1.54 23.74
N ARG B 56 -16.92 2.07 23.98
CA ARG B 56 -16.67 2.87 25.17
C ARG B 56 -16.91 2.06 26.44
N ILE B 57 -16.25 0.90 26.53
CA ILE B 57 -16.40 0.02 27.70
C ILE B 57 -15.10 -0.69 28.00
N ASN B 58 -14.86 -0.95 29.28
CA ASN B 58 -13.64 -1.62 29.72
C ASN B 58 -13.59 -3.05 29.15
N ASP B 59 -12.51 -3.34 28.43
CA ASP B 59 -12.34 -4.66 27.83
C ASP B 59 -12.27 -5.74 28.92
N GLY B 60 -12.75 -6.93 28.58
CA GLY B 60 -12.74 -8.02 29.53
C GLY B 60 -12.18 -9.31 28.94
N LEU B 61 -12.80 -9.78 27.87
CA LEU B 61 -12.36 -11.00 27.20
C LEU B 61 -12.91 -11.08 25.79
N ALA B 62 -12.15 -11.67 24.88
CA ALA B 62 -12.55 -11.82 23.50
C ALA B 62 -11.55 -12.65 22.71
N GLY B 63 -10.30 -12.21 22.69
CA GLY B 63 -9.27 -12.92 21.97
C GLY B 63 -7.95 -12.94 22.70
N LYS B 64 -8.01 -12.84 24.03
CA LYS B 64 -6.80 -12.84 24.86
C LYS B 64 -5.85 -11.72 24.44
N VAL B 65 -6.37 -10.50 24.39
CA VAL B 65 -5.57 -9.34 24.00
C VAL B 65 -4.46 -9.10 25.01
N SER B 66 -3.29 -8.69 24.51
CA SER B 66 -2.14 -8.42 25.36
C SER B 66 -1.97 -6.92 25.57
N THR B 67 -2.08 -6.48 26.83
CA THR B 67 -1.94 -5.07 27.17
C THR B 67 -2.92 -4.21 26.37
N LYS B 68 -3.98 -3.78 27.04
CA LYS B 68 -4.99 -2.95 26.39
C LYS B 68 -5.65 -1.99 27.39
N SER B 69 -5.93 -0.78 26.94
CA SER B 69 -6.55 0.22 27.79
C SER B 69 -7.79 0.82 27.13
N VAL B 70 -8.35 1.86 27.74
CA VAL B 70 -9.53 2.51 27.21
C VAL B 70 -9.36 4.02 27.17
N GLY B 71 -10.16 4.69 26.35
CA GLY B 71 -10.07 6.13 26.23
C GLY B 71 -11.13 6.85 27.04
N GLU B 72 -12.35 6.34 26.99
CA GLU B 72 -13.47 6.93 27.73
C GLU B 72 -14.46 5.86 28.15
N ILE B 73 -14.65 5.71 29.46
CA ILE B 73 -15.57 4.72 29.99
C ILE B 73 -16.99 5.30 30.10
N LEU B 74 -17.89 4.77 29.28
CA LEU B 74 -19.28 5.24 29.28
C LEU B 74 -20.23 4.12 28.85
N ASP B 75 -21.53 4.40 28.94
CA ASP B 75 -22.55 3.43 28.58
C ASP B 75 -22.46 3.07 27.09
N GLU B 76 -23.62 2.97 26.42
CA GLU B 76 -23.66 2.64 25.00
C GLU B 76 -23.39 1.15 24.78
N GLU B 77 -24.24 0.51 23.99
CA GLU B 77 -24.11 -0.91 23.70
C GLU B 77 -24.71 -1.25 22.35
N LEU B 78 -23.86 -1.31 21.32
CA LEU B 78 -24.31 -1.62 19.97
C LEU B 78 -23.29 -2.47 19.24
N SER B 79 -23.77 -3.35 18.35
CA SER B 79 -22.89 -4.22 17.58
C SER B 79 -22.11 -5.16 18.49
N GLY B 80 -21.04 -4.65 19.09
CA GLY B 80 -20.23 -5.46 19.98
C GLY B 80 -18.90 -4.82 20.30
N ASP B 81 -17.86 -5.19 19.57
CA ASP B 81 -16.53 -4.64 19.80
C ASP B 81 -16.02 -5.00 21.19
N ARG B 82 -16.48 -4.25 22.19
CA ARG B 82 -16.09 -4.49 23.57
C ARG B 82 -17.28 -4.96 24.40
N ALA B 83 -18.30 -5.50 23.72
CA ALA B 83 -19.49 -5.99 24.39
C ALA B 83 -20.14 -4.90 25.25
N MET A 1 28.28 10.77 -2.85
CA MET A 1 27.05 10.90 -3.67
C MET A 1 26.37 9.54 -3.88
N SER A 2 25.62 9.10 -2.87
CA SER A 2 24.93 7.82 -2.94
C SER A 2 23.68 7.93 -3.81
N ARG A 3 23.89 8.04 -5.12
CA ARG A 3 22.78 8.13 -6.06
C ARG A 3 22.43 6.76 -6.60
N LEU A 4 21.19 6.35 -6.37
CA LEU A 4 20.72 5.04 -6.81
C LEU A 4 19.97 5.14 -8.13
N THR A 5 20.31 4.29 -9.08
CA THR A 5 19.63 4.25 -10.35
C THR A 5 18.63 3.11 -10.33
N ILE A 6 17.36 3.43 -10.51
CA ILE A 6 16.32 2.42 -10.47
C ILE A 6 15.55 2.32 -11.77
N ASP A 7 15.26 1.09 -12.20
CA ASP A 7 14.51 0.88 -13.43
C ASP A 7 13.03 0.67 -13.09
N MET A 8 12.19 1.49 -13.68
CA MET A 8 10.75 1.41 -13.45
C MET A 8 9.99 1.38 -14.77
N THR A 9 8.73 0.96 -14.71
CA THR A 9 7.91 0.87 -15.92
C THR A 9 7.29 2.24 -16.26
N ASP A 10 6.97 2.42 -17.53
CA ASP A 10 6.40 3.68 -18.01
C ASP A 10 5.19 4.13 -17.18
N GLN A 11 4.10 3.36 -17.28
CA GLN A 11 2.87 3.69 -16.56
C GLN A 11 3.10 3.74 -15.05
N GLN A 12 3.83 2.77 -14.53
CA GLN A 12 4.10 2.70 -13.09
C GLN A 12 4.95 3.89 -12.62
N HIS A 13 6.05 4.14 -13.34
CA HIS A 13 6.95 5.23 -12.99
C HIS A 13 6.24 6.58 -12.92
N GLN A 14 5.29 6.81 -13.83
CA GLN A 14 4.56 8.06 -13.87
C GLN A 14 3.60 8.13 -12.70
N SER A 15 3.07 6.98 -12.30
CA SER A 15 2.13 6.91 -11.19
C SER A 15 2.79 7.41 -9.91
N LEU A 16 3.98 6.90 -9.63
CA LEU A 16 4.71 7.30 -8.43
C LEU A 16 5.46 8.61 -8.67
N LYS A 17 6.04 8.77 -9.86
CA LYS A 17 6.77 9.98 -10.19
C LYS A 17 5.84 11.19 -10.14
N ALA A 18 4.57 10.96 -10.46
CA ALA A 18 3.57 12.02 -10.43
C ALA A 18 3.26 12.43 -9.00
N LEU A 19 3.15 11.43 -8.12
CA LEU A 19 2.86 11.68 -6.71
C LEU A 19 3.94 12.57 -6.10
N ALA A 20 5.17 12.39 -6.57
CA ALA A 20 6.29 13.18 -6.07
C ALA A 20 6.02 14.67 -6.25
N ALA A 21 5.65 15.05 -7.47
CA ALA A 21 5.35 16.44 -7.79
C ALA A 21 4.04 16.85 -7.15
N LEU A 22 3.10 15.91 -7.10
CA LEU A 22 1.80 16.17 -6.53
C LEU A 22 1.93 16.56 -5.06
N GLN A 23 2.91 15.96 -4.38
CA GLN A 23 3.15 16.24 -2.98
C GLN A 23 3.85 17.59 -2.80
N GLY A 24 4.54 18.03 -3.84
CA GLY A 24 5.25 19.31 -3.78
C GLY A 24 6.75 19.15 -3.84
N LYS A 25 7.21 18.09 -4.51
CA LYS A 25 8.63 17.83 -4.64
C LYS A 25 8.91 16.89 -5.81
N THR A 26 10.17 16.53 -5.99
CA THR A 26 10.57 15.62 -7.06
C THR A 26 10.65 14.21 -6.54
N ILE A 27 10.35 13.24 -7.39
CA ILE A 27 10.39 11.83 -6.99
C ILE A 27 11.71 11.50 -6.29
N LYS A 28 12.78 12.17 -6.68
CA LYS A 28 14.07 11.91 -6.05
C LYS A 28 13.96 12.11 -4.55
N GLN A 29 12.95 12.87 -4.13
CA GLN A 29 12.70 13.13 -2.72
C GLN A 29 11.59 12.20 -2.21
N TYR A 30 10.52 12.14 -2.99
CA TYR A 30 9.37 11.31 -2.65
C TYR A 30 9.72 9.83 -2.66
N ALA A 31 10.34 9.39 -3.75
CA ALA A 31 10.76 7.99 -3.88
C ALA A 31 11.84 7.68 -2.87
N LEU A 32 12.69 8.67 -2.64
CA LEU A 32 13.77 8.54 -1.70
C LEU A 32 13.25 8.12 -0.34
N GLU A 33 12.27 8.85 0.16
CA GLU A 33 11.67 8.55 1.45
C GLU A 33 10.82 7.29 1.38
N ARG A 34 10.29 7.01 0.20
CA ARG A 34 9.46 5.83 -0.01
C ARG A 34 10.28 4.55 0.15
N LEU A 35 11.58 4.66 -0.07
CA LEU A 35 12.48 3.50 0.06
C LEU A 35 12.76 3.23 1.53
N PHE A 36 12.61 4.27 2.37
CA PHE A 36 12.86 4.13 3.80
C PHE A 36 11.67 4.63 4.63
N PRO A 37 10.44 4.16 4.33
CA PRO A 37 9.24 4.58 5.04
C PRO A 37 8.91 3.67 6.22
N GLY A 38 9.46 2.46 6.22
CA GLY A 38 9.19 1.51 7.28
C GLY A 38 7.98 0.64 6.98
N ASP A 39 7.01 0.63 7.88
CA ASP A 39 5.80 -0.17 7.67
C ASP A 39 4.64 0.37 8.49
N ALA A 40 3.43 0.15 7.98
CA ALA A 40 2.23 0.61 8.67
C ALA A 40 1.05 -0.31 8.34
N ASP A 41 1.35 -1.49 7.81
CA ASP A 41 0.32 -2.46 7.45
C ASP A 41 -0.49 -2.89 8.67
N ALA A 42 0.21 -3.26 9.74
CA ALA A 42 -0.44 -3.70 10.96
C ALA A 42 -1.40 -2.64 11.49
N ASP A 43 -1.13 -1.38 11.18
CA ASP A 43 -1.96 -0.27 11.63
C ASP A 43 -2.80 0.30 10.50
N GLN A 44 -2.57 -0.17 9.27
CA GLN A 44 -3.32 0.31 8.12
C GLN A 44 -4.05 -0.83 7.42
N ALA A 45 -3.29 -1.81 6.94
CA ALA A 45 -3.88 -2.96 6.25
C ALA A 45 -5.00 -3.59 7.07
N TRP A 46 -4.76 -3.76 8.36
CA TRP A 46 -5.77 -4.35 9.25
C TRP A 46 -6.76 -3.29 9.73
N GLN A 47 -6.39 -2.03 9.61
CA GLN A 47 -7.25 -0.93 10.04
C GLN A 47 -8.44 -0.76 9.10
N GLU A 48 -8.31 -1.28 7.88
CA GLU A 48 -9.38 -1.17 6.89
C GLU A 48 -9.83 -2.54 6.38
N LEU A 49 -8.97 -3.55 6.55
CA LEU A 49 -9.29 -4.89 6.10
C LEU A 49 -10.53 -5.40 6.83
N LYS A 50 -10.73 -4.90 8.05
CA LYS A 50 -11.88 -5.28 8.85
C LYS A 50 -12.79 -4.09 9.13
N THR A 51 -12.32 -2.88 8.76
CA THR A 51 -13.10 -1.67 8.98
C THR A 51 -13.17 -0.80 7.72
N MET A 52 -12.27 0.17 7.62
CA MET A 52 -12.24 1.07 6.45
C MET A 52 -13.42 2.04 6.48
N LEU A 53 -14.63 1.49 6.37
CA LEU A 53 -15.84 2.31 6.38
C LEU A 53 -15.90 3.18 7.63
N GLY A 54 -17.01 3.87 7.81
CA GLY A 54 -17.17 4.74 8.96
C GLY A 54 -17.37 6.20 8.58
N ASN A 55 -18.05 6.42 7.46
CA ASN A 55 -18.31 7.79 6.99
C ASN A 55 -16.99 8.52 6.70
N ARG A 56 -17.07 9.51 5.83
CA ARG A 56 -15.89 10.30 5.46
C ARG A 56 -16.05 11.75 5.90
N ILE A 57 -16.91 12.49 5.21
CA ILE A 57 -17.16 13.88 5.54
C ILE A 57 -18.55 14.33 5.05
N ASN A 58 -19.47 13.38 4.95
CA ASN A 58 -20.82 13.67 4.51
C ASN A 58 -21.63 14.32 5.62
N ASP A 59 -21.51 13.77 6.83
CA ASP A 59 -22.24 14.30 7.98
C ASP A 59 -23.68 14.63 7.65
N GLY A 60 -24.27 13.83 6.74
CA GLY A 60 -25.65 14.05 6.35
C GLY A 60 -26.30 12.80 5.83
N LEU A 61 -26.94 12.04 6.71
CA LEU A 61 -27.61 10.81 6.34
C LEU A 61 -28.79 10.52 7.27
N ALA A 62 -29.44 9.39 7.05
CA ALA A 62 -30.57 9.00 7.87
C ALA A 62 -31.04 7.58 7.52
N GLY A 63 -31.05 7.27 6.23
CA GLY A 63 -31.47 5.95 5.79
C GLY A 63 -30.59 4.85 6.34
N LYS A 64 -29.28 5.10 6.39
CA LYS A 64 -28.32 4.13 6.90
C LYS A 64 -28.24 2.91 5.99
N VAL A 65 -29.29 2.09 6.01
CA VAL A 65 -29.33 0.89 5.18
C VAL A 65 -28.28 -0.11 5.63
N SER A 66 -28.51 -1.39 5.32
CA SER A 66 -27.57 -2.44 5.68
C SER A 66 -26.87 -3.00 4.45
N THR A 67 -26.18 -2.14 3.72
CA THR A 67 -25.46 -2.55 2.52
C THR A 67 -24.32 -3.49 2.87
N LYS A 68 -24.00 -4.40 1.95
CA LYS A 68 -22.93 -5.35 2.15
C LYS A 68 -21.56 -4.68 2.05
N SER A 69 -21.12 -4.08 3.16
CA SER A 69 -19.84 -3.39 3.20
C SER A 69 -19.09 -3.72 4.49
N VAL A 70 -19.79 -3.61 5.61
CA VAL A 70 -19.20 -3.89 6.91
C VAL A 70 -18.65 -5.31 6.98
N GLY A 71 -17.33 -5.43 6.95
CA GLY A 71 -16.71 -6.74 7.01
C GLY A 71 -16.16 -7.18 5.66
N GLU A 72 -14.86 -7.46 5.62
CA GLU A 72 -14.21 -7.89 4.39
C GLU A 72 -13.73 -9.33 4.49
N ILE A 73 -13.38 -9.92 3.35
CA ILE A 73 -12.91 -11.29 3.32
C ILE A 73 -11.43 -11.36 2.96
N LEU A 74 -10.80 -12.49 3.27
CA LEU A 74 -9.38 -12.66 2.98
C LEU A 74 -9.15 -13.88 2.09
N ASP A 75 -9.48 -15.07 2.60
CA ASP A 75 -9.31 -16.30 1.86
C ASP A 75 -10.08 -17.44 2.50
N GLU A 76 -10.29 -18.51 1.75
CA GLU A 76 -11.02 -19.68 2.25
C GLU A 76 -12.45 -19.30 2.64
N GLU A 77 -13.41 -19.85 1.90
CA GLU A 77 -14.82 -19.58 2.17
C GLU A 77 -15.20 -20.02 3.57
N LEU A 78 -15.41 -19.04 4.45
CA LEU A 78 -15.78 -19.32 5.83
C LEU A 78 -17.29 -19.46 5.97
N SER A 79 -17.75 -19.70 7.19
CA SER A 79 -19.18 -19.85 7.46
C SER A 79 -19.82 -18.49 7.74
N GLY A 80 -19.27 -17.77 8.70
CA GLY A 80 -19.81 -16.46 9.05
C GLY A 80 -19.27 -15.37 8.17
N ASP A 81 -17.99 -15.46 7.81
CA ASP A 81 -17.35 -14.45 6.97
C ASP A 81 -17.35 -13.10 7.66
N ARG A 82 -18.49 -12.40 7.63
CA ARG A 82 -18.61 -11.10 8.27
C ARG A 82 -19.24 -11.24 9.65
N ALA A 83 -19.30 -12.48 10.16
CA ALA A 83 -19.88 -12.74 11.47
C ALA A 83 -21.31 -12.23 11.56
N MET B 1 10.53 1.05 -20.49
CA MET B 1 11.86 1.28 -19.89
C MET B 1 11.94 2.65 -19.21
N SER B 2 11.28 2.76 -18.07
CA SER B 2 11.25 4.01 -17.31
C SER B 2 12.22 3.94 -16.13
N ARG B 3 13.50 4.17 -16.39
CA ARG B 3 14.52 4.14 -15.35
C ARG B 3 14.79 5.53 -14.79
N LEU B 4 14.80 5.62 -13.46
CA LEU B 4 15.04 6.91 -12.80
C LEU B 4 16.29 6.85 -11.92
N THR B 5 17.07 7.91 -11.96
CA THR B 5 18.27 8.00 -11.13
C THR B 5 18.01 8.90 -9.95
N ILE B 6 18.15 8.37 -8.74
CA ILE B 6 17.88 9.13 -7.54
C ILE B 6 19.13 9.39 -6.70
N ASP B 7 19.16 10.54 -6.02
CA ASP B 7 20.28 10.89 -5.17
C ASP B 7 20.00 10.52 -3.72
N MET B 8 20.89 9.73 -3.15
CA MET B 8 20.75 9.26 -1.78
C MET B 8 22.02 9.48 -0.97
N THR B 9 21.90 9.41 0.35
CA THR B 9 23.03 9.60 1.23
C THR B 9 23.81 8.29 1.36
N ASP B 10 25.06 8.39 1.79
CA ASP B 10 25.92 7.22 1.93
C ASP B 10 25.44 6.23 2.99
N GLN B 11 25.01 6.74 4.15
CA GLN B 11 24.56 5.89 5.24
C GLN B 11 23.26 5.14 4.93
N GLN B 12 22.25 5.88 4.48
CA GLN B 12 20.95 5.27 4.17
C GLN B 12 21.02 4.31 2.98
N HIS B 13 21.60 4.77 1.89
CA HIS B 13 21.71 3.96 0.68
C HIS B 13 22.31 2.58 0.93
N GLN B 14 23.29 2.50 1.82
CA GLN B 14 23.92 1.23 2.14
C GLN B 14 22.98 0.35 2.93
N SER B 15 22.19 0.97 3.78
CA SER B 15 21.23 0.24 4.60
C SER B 15 20.24 -0.51 3.73
N LEU B 16 19.66 0.20 2.76
CA LEU B 16 18.68 -0.39 1.85
C LEU B 16 19.36 -1.16 0.73
N LYS B 17 20.45 -0.62 0.19
CA LYS B 17 21.17 -1.30 -0.89
C LYS B 17 21.63 -2.67 -0.39
N ALA B 18 22.14 -2.70 0.83
CA ALA B 18 22.62 -3.92 1.46
C ALA B 18 21.51 -4.92 1.73
N LEU B 19 20.42 -4.44 2.30
CA LEU B 19 19.29 -5.30 2.64
C LEU B 19 18.56 -5.78 1.39
N ALA B 20 18.54 -4.96 0.35
CA ALA B 20 17.91 -5.33 -0.90
C ALA B 20 18.52 -6.63 -1.42
N ALA B 21 19.82 -6.77 -1.21
CA ALA B 21 20.55 -7.96 -1.63
C ALA B 21 20.20 -9.14 -0.74
N LEU B 22 19.88 -8.83 0.52
CA LEU B 22 19.54 -9.85 1.49
C LEU B 22 18.20 -10.52 1.15
N GLN B 23 17.39 -9.85 0.34
CA GLN B 23 16.10 -10.38 -0.04
C GLN B 23 16.17 -11.12 -1.38
N GLY B 24 17.33 -11.70 -1.67
CA GLY B 24 17.50 -12.42 -2.92
C GLY B 24 17.22 -11.57 -4.14
N LYS B 25 17.40 -10.26 -4.01
CA LYS B 25 17.16 -9.34 -5.11
C LYS B 25 18.03 -8.09 -4.96
N THR B 26 17.82 -7.11 -5.83
CA THR B 26 18.59 -5.88 -5.80
C THR B 26 17.72 -4.71 -5.36
N ILE B 27 18.34 -3.65 -4.84
CA ILE B 27 17.60 -2.49 -4.38
C ILE B 27 16.69 -1.96 -5.48
N LYS B 28 17.11 -2.13 -6.72
CA LYS B 28 16.30 -1.70 -7.86
C LYS B 28 14.96 -2.43 -7.85
N GLN B 29 14.91 -3.51 -7.06
CA GLN B 29 13.71 -4.33 -6.93
C GLN B 29 13.02 -4.04 -5.60
N TYR B 30 13.75 -4.32 -4.53
CA TYR B 30 13.25 -4.14 -3.18
C TYR B 30 12.82 -2.69 -2.92
N ALA B 31 13.72 -1.74 -3.20
CA ALA B 31 13.42 -0.33 -3.01
C ALA B 31 12.34 0.11 -3.96
N LEU B 32 12.41 -0.41 -5.17
CA LEU B 32 11.46 -0.09 -6.20
C LEU B 32 10.05 -0.47 -5.77
N GLU B 33 9.90 -1.71 -5.32
CA GLU B 33 8.59 -2.22 -4.90
C GLU B 33 7.98 -1.36 -3.79
N ARG B 34 8.83 -0.73 -3.00
CA ARG B 34 8.35 0.11 -1.92
C ARG B 34 7.52 1.27 -2.47
N LEU B 35 7.91 1.75 -3.64
CA LEU B 35 7.20 2.82 -4.30
C LEU B 35 5.94 2.27 -4.95
N PHE B 36 5.91 0.96 -5.17
CA PHE B 36 4.76 0.32 -5.79
C PHE B 36 4.39 -1.00 -5.11
N PRO B 37 4.24 -1.01 -3.77
CA PRO B 37 3.88 -2.19 -3.02
C PRO B 37 2.36 -2.34 -2.84
N GLY B 38 1.61 -1.75 -3.76
CA GLY B 38 0.16 -1.82 -3.68
C GLY B 38 -0.52 -0.64 -4.37
N ASP B 39 -0.84 -0.81 -5.64
CA ASP B 39 -1.48 0.25 -6.42
C ASP B 39 -2.93 -0.11 -6.73
N ALA B 40 -3.60 0.76 -7.47
CA ALA B 40 -4.99 0.54 -7.84
C ALA B 40 -5.28 1.00 -9.26
N ASP B 41 -4.23 1.32 -10.02
CA ASP B 41 -4.39 1.77 -11.40
C ASP B 41 -5.13 0.73 -12.24
N ALA B 42 -5.06 -0.53 -11.81
CA ALA B 42 -5.72 -1.62 -12.53
C ALA B 42 -7.21 -1.34 -12.70
N ASP B 43 -7.76 -0.51 -11.82
CA ASP B 43 -9.18 -0.15 -11.88
C ASP B 43 -9.55 0.39 -13.25
N GLN B 44 -8.59 0.98 -13.95
CA GLN B 44 -8.83 1.54 -15.28
C GLN B 44 -8.03 0.80 -16.35
N ALA B 45 -6.98 0.09 -15.92
CA ALA B 45 -6.15 -0.67 -16.85
C ALA B 45 -6.93 -1.77 -17.55
N TRP B 46 -7.28 -2.79 -16.78
CA TRP B 46 -7.99 -3.94 -17.31
C TRP B 46 -9.50 -3.68 -17.42
N GLN B 47 -9.95 -2.54 -16.91
CA GLN B 47 -11.37 -2.20 -16.97
C GLN B 47 -11.66 -1.28 -18.16
N GLU B 48 -10.83 -1.36 -19.19
CA GLU B 48 -11.01 -0.52 -20.38
C GLU B 48 -10.95 -1.38 -21.65
N LEU B 49 -10.02 -2.32 -21.68
CA LEU B 49 -9.87 -3.20 -22.84
C LEU B 49 -11.16 -4.00 -23.08
N LYS B 50 -11.88 -4.27 -22.01
CA LYS B 50 -13.13 -5.02 -22.09
C LYS B 50 -14.33 -4.07 -22.12
N THR B 51 -14.10 -2.81 -21.79
CA THR B 51 -15.16 -1.81 -21.78
C THR B 51 -15.88 -1.77 -23.13
N MET B 52 -15.11 -1.69 -24.20
CA MET B 52 -15.67 -1.63 -25.55
C MET B 52 -16.01 -3.03 -26.04
N LEU B 53 -17.12 -3.15 -26.76
CA LEU B 53 -17.56 -4.44 -27.29
C LEU B 53 -17.61 -4.41 -28.82
N GLY B 54 -17.97 -5.53 -29.42
CA GLY B 54 -18.04 -5.62 -30.87
C GLY B 54 -19.34 -6.22 -31.34
N ASN B 55 -20.33 -5.37 -31.59
CA ASN B 55 -21.64 -5.83 -32.05
C ASN B 55 -22.28 -6.77 -31.05
N ARG B 56 -23.57 -7.05 -31.23
CA ARG B 56 -24.29 -7.94 -30.34
C ARG B 56 -24.56 -9.29 -31.01
N ILE B 57 -23.75 -10.28 -30.66
CA ILE B 57 -23.90 -11.61 -31.22
C ILE B 57 -22.98 -12.61 -30.53
N ASN B 58 -21.75 -12.19 -30.25
CA ASN B 58 -20.77 -13.04 -29.58
C ASN B 58 -21.28 -13.49 -28.22
N ASP B 59 -21.40 -14.80 -28.05
CA ASP B 59 -21.89 -15.37 -26.79
C ASP B 59 -20.96 -14.97 -25.63
N GLY B 60 -21.29 -15.46 -24.44
CA GLY B 60 -20.49 -15.14 -23.27
C GLY B 60 -20.59 -16.21 -22.20
N LEU B 61 -21.78 -16.34 -21.61
CA LEU B 61 -22.00 -17.31 -20.57
C LEU B 61 -23.50 -17.59 -20.40
N ALA B 62 -24.29 -16.53 -20.36
CA ALA B 62 -25.73 -16.65 -20.21
C ALA B 62 -26.42 -15.29 -20.29
N GLY B 63 -25.83 -14.30 -19.64
CA GLY B 63 -26.40 -12.96 -19.65
C GLY B 63 -25.35 -11.89 -19.47
N LYS B 64 -24.33 -11.91 -20.32
CA LYS B 64 -23.25 -10.93 -20.25
C LYS B 64 -22.54 -10.99 -18.91
N VAL B 65 -21.33 -11.54 -18.91
CA VAL B 65 -20.55 -11.65 -17.68
C VAL B 65 -19.72 -10.39 -17.44
N SER B 66 -20.10 -9.64 -16.41
CA SER B 66 -19.40 -8.40 -16.07
C SER B 66 -19.58 -8.07 -14.59
N THR B 67 -19.23 -6.85 -14.21
CA THR B 67 -19.35 -6.41 -12.83
C THR B 67 -19.01 -4.93 -12.70
N LYS B 68 -19.41 -4.33 -11.58
CA LYS B 68 -19.15 -2.92 -11.33
C LYS B 68 -19.87 -2.04 -12.35
N SER B 69 -19.69 -0.73 -12.23
CA SER B 69 -20.32 0.21 -13.15
C SER B 69 -19.76 0.05 -14.56
N VAL B 70 -18.47 -0.25 -14.64
CA VAL B 70 -17.81 -0.42 -15.94
C VAL B 70 -18.41 -1.59 -16.71
N GLY B 71 -19.12 -1.29 -17.79
CA GLY B 71 -19.73 -2.32 -18.59
C GLY B 71 -21.12 -1.95 -19.06
N GLU B 72 -21.93 -2.96 -19.37
CA GLU B 72 -23.29 -2.73 -19.84
C GLU B 72 -24.30 -3.44 -18.94
N ILE B 73 -23.97 -3.56 -17.66
CA ILE B 73 -24.84 -4.22 -16.70
C ILE B 73 -25.60 -3.19 -15.86
N LEU B 74 -26.70 -3.64 -15.25
CA LEU B 74 -27.51 -2.75 -14.41
C LEU B 74 -28.25 -1.73 -15.27
N ASP B 75 -27.49 -0.85 -15.91
CA ASP B 75 -28.08 0.19 -16.76
C ASP B 75 -28.97 -0.42 -17.83
N GLU B 76 -30.26 -0.54 -17.53
CA GLU B 76 -31.21 -1.12 -18.48
C GLU B 76 -31.26 -0.32 -19.77
N GLU B 77 -30.87 0.96 -19.69
CA GLU B 77 -30.87 1.82 -20.85
C GLU B 77 -29.82 2.92 -20.72
N LEU B 78 -28.86 2.92 -21.63
CA LEU B 78 -27.79 3.92 -21.61
C LEU B 78 -27.65 4.59 -22.97
N SER B 79 -27.79 5.91 -22.99
CA SER B 79 -27.68 6.68 -24.24
C SER B 79 -26.23 6.75 -24.69
N GLY B 80 -25.31 6.74 -23.73
CA GLY B 80 -23.89 6.81 -24.07
C GLY B 80 -23.01 6.30 -22.95
N ASP B 81 -22.23 5.27 -23.24
CA ASP B 81 -21.33 4.69 -22.26
C ASP B 81 -20.40 5.76 -21.68
N ARG B 82 -20.75 6.27 -20.50
CA ARG B 82 -19.96 7.31 -19.85
C ARG B 82 -19.98 8.60 -20.68
N ALA B 83 -21.01 8.75 -21.50
CA ALA B 83 -21.14 9.93 -22.35
C ALA B 83 -19.91 10.12 -23.22
N MET A 1 29.15 10.23 -3.61
CA MET A 1 27.77 10.17 -3.04
C MET A 1 27.14 8.80 -3.27
N SER A 2 25.90 8.64 -2.83
CA SER A 2 25.19 7.37 -2.98
C SER A 2 24.00 7.53 -3.94
N ARG A 3 24.32 7.76 -5.20
CA ARG A 3 23.30 7.92 -6.23
C ARG A 3 23.03 6.57 -6.92
N LEU A 4 21.81 6.10 -6.83
CA LEU A 4 21.42 4.84 -7.43
C LEU A 4 20.43 5.05 -8.55
N THR A 5 20.60 4.32 -9.64
CA THR A 5 19.68 4.40 -10.75
C THR A 5 18.58 3.36 -10.57
N ILE A 6 17.36 3.83 -10.50
CA ILE A 6 16.21 2.98 -10.30
C ILE A 6 15.48 2.74 -11.61
N ASP A 7 15.34 1.47 -12.01
CA ASP A 7 14.66 1.13 -13.26
C ASP A 7 13.23 0.65 -13.03
N MET A 8 12.29 1.34 -13.69
CA MET A 8 10.87 1.01 -13.58
C MET A 8 10.24 0.89 -14.97
N THR A 9 9.06 0.27 -15.03
CA THR A 9 8.37 0.14 -16.31
C THR A 9 7.58 1.41 -16.62
N ASP A 10 7.23 1.59 -17.88
CA ASP A 10 6.51 2.79 -18.35
C ASP A 10 5.62 3.42 -17.28
N GLN A 11 4.52 2.76 -16.95
CA GLN A 11 3.57 3.29 -15.96
C GLN A 11 4.19 3.36 -14.55
N GLN A 12 5.07 2.42 -14.24
CA GLN A 12 5.70 2.35 -12.92
C GLN A 12 6.41 3.66 -12.54
N HIS A 13 7.24 4.18 -13.43
CA HIS A 13 8.00 5.40 -13.15
C HIS A 13 7.12 6.66 -13.13
N GLN A 14 6.06 6.66 -13.92
CA GLN A 14 5.17 7.80 -13.99
C GLN A 14 4.15 7.78 -12.86
N SER A 15 3.73 6.58 -12.49
CA SER A 15 2.75 6.42 -11.42
C SER A 15 3.29 6.98 -10.11
N LEU A 16 4.51 6.60 -9.78
CA LEU A 16 5.15 7.06 -8.55
C LEU A 16 5.74 8.45 -8.69
N LYS A 17 6.36 8.74 -9.84
CA LYS A 17 6.97 10.04 -10.05
C LYS A 17 5.91 11.14 -10.11
N ALA A 18 4.77 10.80 -10.71
CA ALA A 18 3.67 11.75 -10.81
C ALA A 18 3.13 12.12 -9.44
N LEU A 19 3.20 11.17 -8.51
CA LEU A 19 2.72 11.39 -7.14
C LEU A 19 3.63 12.35 -6.39
N ALA A 20 4.92 12.27 -6.68
CA ALA A 20 5.91 13.14 -6.03
C ALA A 20 5.56 14.61 -6.25
N ALA A 21 5.30 14.97 -7.49
CA ALA A 21 4.95 16.33 -7.84
C ALA A 21 3.55 16.67 -7.34
N LEU A 22 2.69 15.65 -7.31
CA LEU A 22 1.33 15.84 -6.85
C LEU A 22 1.30 16.15 -5.35
N GLN A 23 2.18 15.50 -4.61
CA GLN A 23 2.27 15.71 -3.16
C GLN A 23 2.88 17.06 -2.85
N GLY A 24 3.71 17.57 -3.76
CA GLY A 24 4.35 18.85 -3.55
C GLY A 24 5.86 18.75 -3.46
N LYS A 25 6.44 17.78 -4.17
CA LYS A 25 7.87 17.58 -4.16
C LYS A 25 8.31 16.77 -5.38
N THR A 26 9.59 16.39 -5.42
CA THR A 26 10.11 15.62 -6.54
C THR A 26 10.26 14.14 -6.15
N ILE A 27 10.05 13.26 -7.13
CA ILE A 27 10.16 11.83 -6.90
C ILE A 27 11.48 11.47 -6.22
N LYS A 28 12.55 12.14 -6.64
CA LYS A 28 13.86 11.89 -6.04
C LYS A 28 13.82 12.19 -4.54
N GLN A 29 12.77 12.87 -4.11
CA GLN A 29 12.57 13.22 -2.72
C GLN A 29 11.53 12.31 -2.09
N TYR A 30 10.33 12.39 -2.65
CA TYR A 30 9.20 11.61 -2.17
C TYR A 30 9.47 10.11 -2.25
N ALA A 31 9.92 9.65 -3.41
CA ALA A 31 10.23 8.23 -3.60
C ALA A 31 11.42 7.85 -2.74
N LEU A 32 12.35 8.78 -2.64
CA LEU A 32 13.57 8.58 -1.87
C LEU A 32 13.25 8.27 -0.41
N GLU A 33 12.42 9.10 0.20
CA GLU A 33 12.04 8.94 1.59
C GLU A 33 11.38 7.60 1.86
N ARG A 34 10.72 7.05 0.84
CA ARG A 34 10.03 5.78 0.98
C ARG A 34 10.98 4.60 0.86
N LEU A 35 12.17 4.84 0.32
CA LEU A 35 13.16 3.80 0.19
C LEU A 35 13.83 3.53 1.54
N PHE A 36 13.78 4.53 2.42
CA PHE A 36 14.37 4.41 3.74
C PHE A 36 13.45 5.00 4.82
N PRO A 37 12.17 4.60 4.87
CA PRO A 37 11.22 5.09 5.85
C PRO A 37 11.16 4.23 7.10
N GLY A 38 10.27 4.59 8.03
CA GLY A 38 10.14 3.84 9.26
C GLY A 38 10.37 4.69 10.48
N ASP A 39 9.36 5.43 10.90
CA ASP A 39 9.47 6.30 12.07
C ASP A 39 8.09 6.65 12.61
N ALA A 40 8.06 7.17 13.84
CA ALA A 40 6.80 7.55 14.48
C ALA A 40 6.09 8.66 13.70
N ASP A 41 6.84 9.34 12.83
CA ASP A 41 6.27 10.43 12.04
C ASP A 41 5.05 9.96 11.24
N ALA A 42 5.12 8.72 10.75
CA ALA A 42 4.01 8.16 9.98
C ALA A 42 2.81 7.86 10.86
N ASP A 43 3.07 7.61 12.14
CA ASP A 43 2.00 7.31 13.09
C ASP A 43 0.96 8.43 13.13
N GLN A 44 1.38 9.64 12.80
CA GLN A 44 0.49 10.80 12.82
C GLN A 44 0.28 11.34 11.41
N ALA A 45 1.28 11.16 10.54
CA ALA A 45 1.20 11.63 9.17
C ALA A 45 -0.01 11.07 8.45
N TRP A 46 0.10 9.80 8.07
CA TRP A 46 -0.96 9.11 7.35
C TRP A 46 -2.16 8.82 8.24
N GLN A 47 -1.95 8.91 9.56
CA GLN A 47 -3.04 8.65 10.50
C GLN A 47 -4.11 9.73 10.42
N GLU A 48 -3.73 10.90 9.91
CA GLU A 48 -4.67 12.01 9.76
C GLU A 48 -5.45 11.93 8.45
N LEU A 49 -5.05 10.99 7.59
CA LEU A 49 -5.73 10.80 6.31
C LEU A 49 -7.20 10.46 6.52
N LYS A 50 -7.47 9.74 7.61
CA LYS A 50 -8.83 9.35 7.95
C LYS A 50 -9.51 10.43 8.78
N THR A 51 -8.71 11.27 9.43
CA THR A 51 -9.23 12.35 10.26
C THR A 51 -10.18 13.24 9.45
N MET A 52 -9.84 13.46 8.19
CA MET A 52 -10.65 14.28 7.30
C MET A 52 -11.75 13.45 6.65
N LEU A 53 -13.00 13.80 6.94
CA LEU A 53 -14.14 13.09 6.38
C LEU A 53 -14.97 14.01 5.49
N GLY A 54 -15.12 15.26 5.93
CA GLY A 54 -15.90 16.22 5.16
C GLY A 54 -15.26 17.60 5.15
N ASN A 55 -15.32 18.30 6.28
CA ASN A 55 -14.74 19.63 6.40
C ASN A 55 -15.34 20.58 5.37
N ARG A 56 -16.28 21.41 5.82
CA ARG A 56 -16.94 22.38 4.94
C ARG A 56 -16.37 23.78 5.15
N ILE A 57 -15.04 23.88 5.15
CA ILE A 57 -14.37 25.16 5.33
C ILE A 57 -14.62 25.71 6.73
N ASN A 58 -14.45 24.85 7.73
CA ASN A 58 -14.66 25.24 9.12
C ASN A 58 -13.72 26.38 9.50
N ASP A 59 -14.24 27.60 9.51
CA ASP A 59 -13.45 28.77 9.85
C ASP A 59 -12.93 28.68 11.29
N GLY A 60 -11.61 28.79 11.45
CA GLY A 60 -11.01 28.72 12.77
C GLY A 60 -9.56 29.13 12.76
N LEU A 61 -9.24 30.17 11.98
CA LEU A 61 -7.87 30.66 11.89
C LEU A 61 -7.38 31.17 13.23
N ALA A 62 -6.81 30.27 14.03
CA ALA A 62 -6.31 30.62 15.34
C ALA A 62 -4.80 30.86 15.30
N GLY A 63 -4.04 29.78 15.14
CA GLY A 63 -2.60 29.88 15.09
C GLY A 63 -1.95 28.63 14.52
N LYS A 64 -2.68 27.94 13.64
CA LYS A 64 -2.19 26.72 13.03
C LYS A 64 -1.76 25.70 14.09
N VAL A 65 -2.72 24.95 14.59
CA VAL A 65 -2.46 23.94 15.61
C VAL A 65 -3.54 22.86 15.62
N SER A 66 -4.58 23.07 16.41
CA SER A 66 -5.68 22.12 16.51
C SER A 66 -5.17 20.70 16.74
N THR A 67 -4.25 20.55 17.69
CA THR A 67 -3.68 19.25 18.00
C THR A 67 -4.71 18.34 18.65
N LYS A 68 -5.72 17.93 17.89
CA LYS A 68 -6.77 17.06 18.39
C LYS A 68 -7.12 15.98 17.37
N SER A 69 -7.28 16.38 16.12
CA SER A 69 -7.63 15.44 15.05
C SER A 69 -9.01 14.84 15.28
N VAL A 70 -9.31 13.78 14.53
CA VAL A 70 -10.60 13.12 14.64
C VAL A 70 -10.46 11.61 14.48
N GLY A 71 -11.45 10.87 14.96
CA GLY A 71 -11.41 9.42 14.86
C GLY A 71 -12.39 8.74 15.80
N GLU A 72 -12.80 7.53 15.44
CA GLU A 72 -13.74 6.78 16.27
C GLU A 72 -13.03 5.65 17.00
N ILE A 73 -12.00 5.10 16.37
CA ILE A 73 -11.24 4.01 16.97
C ILE A 73 -9.91 4.50 17.52
N LEU A 74 -9.47 3.90 18.62
CA LEU A 74 -8.21 4.28 19.26
C LEU A 74 -7.13 3.25 18.98
N ASP A 75 -6.00 3.37 19.66
CA ASP A 75 -4.89 2.46 19.48
C ASP A 75 -3.90 2.57 20.64
N GLU A 76 -2.89 1.69 20.64
CA GLU A 76 -1.88 1.70 21.69
C GLU A 76 -1.14 3.03 21.72
N GLU A 77 -1.55 3.91 22.64
CA GLU A 77 -0.93 5.21 22.78
C GLU A 77 -1.17 5.77 24.18
N LEU A 78 -0.09 5.93 24.94
CA LEU A 78 -0.17 6.46 26.29
C LEU A 78 -0.65 7.91 26.29
N SER A 79 0.03 8.74 25.52
CA SER A 79 -0.34 10.15 25.43
C SER A 79 -0.93 10.48 24.06
N GLY A 80 -1.86 11.43 24.05
CA GLY A 80 -2.49 11.82 22.80
C GLY A 80 -3.92 11.35 22.69
N ASP A 81 -4.37 11.08 21.47
CA ASP A 81 -5.74 10.62 21.24
C ASP A 81 -6.74 11.55 21.95
N ARG A 82 -7.02 12.69 21.33
CA ARG A 82 -7.94 13.66 21.91
C ARG A 82 -7.32 14.28 23.16
N ALA A 83 -6.00 14.24 23.24
CA ALA A 83 -5.28 14.80 24.38
C ALA A 83 -5.76 14.18 25.69
N MET B 1 13.46 3.36 -20.12
CA MET B 1 12.55 4.53 -20.28
C MET B 1 12.03 5.01 -18.92
N SER B 2 11.31 4.13 -18.23
CA SER B 2 10.76 4.46 -16.92
C SER B 2 11.75 4.14 -15.80
N ARG B 3 12.97 4.65 -15.95
CA ARG B 3 14.01 4.44 -14.96
C ARG B 3 14.37 5.76 -14.28
N LEU B 4 14.18 5.82 -12.96
CA LEU B 4 14.48 7.03 -12.21
C LEU B 4 15.86 6.98 -11.58
N THR B 5 16.58 8.09 -11.62
CA THR B 5 17.90 8.18 -11.01
C THR B 5 17.86 9.17 -9.85
N ILE B 6 18.30 8.74 -8.67
CA ILE B 6 18.27 9.58 -7.49
C ILE B 6 19.61 9.63 -6.76
N ASP B 7 19.87 10.75 -6.11
CA ASP B 7 21.08 10.90 -5.32
C ASP B 7 20.75 10.57 -3.87
N MET B 8 21.48 9.63 -3.32
CA MET B 8 21.23 9.19 -1.95
C MET B 8 22.50 9.20 -1.12
N THR B 9 22.35 9.16 0.20
CA THR B 9 23.48 9.16 1.10
C THR B 9 24.04 7.76 1.26
N ASP B 10 25.35 7.68 1.49
CA ASP B 10 26.06 6.42 1.62
C ASP B 10 25.45 5.51 2.70
N GLN B 11 25.36 6.00 3.92
CA GLN B 11 24.84 5.20 5.03
C GLN B 11 23.43 4.70 4.78
N GLN B 12 22.52 5.61 4.41
CA GLN B 12 21.14 5.21 4.15
C GLN B 12 21.03 4.31 2.93
N HIS B 13 21.79 4.61 1.89
CA HIS B 13 21.78 3.82 0.66
C HIS B 13 22.20 2.38 0.94
N GLN B 14 22.85 2.16 2.08
CA GLN B 14 23.30 0.83 2.45
C GLN B 14 22.18 0.03 3.09
N SER B 15 21.39 0.70 3.93
CA SER B 15 20.28 0.06 4.61
C SER B 15 19.27 -0.49 3.60
N LEU B 16 18.96 0.32 2.59
CA LEU B 16 18.01 -0.09 1.56
C LEU B 16 18.67 -0.98 0.51
N LYS B 17 19.82 -0.55 0.00
CA LYS B 17 20.54 -1.32 -1.01
C LYS B 17 20.91 -2.70 -0.47
N ALA B 18 21.30 -2.76 0.79
CA ALA B 18 21.66 -4.02 1.42
C ALA B 18 20.44 -4.90 1.59
N LEU B 19 19.33 -4.29 2.02
CA LEU B 19 18.09 -5.02 2.21
C LEU B 19 17.63 -5.64 0.90
N ALA B 20 17.88 -4.94 -0.20
CA ALA B 20 17.51 -5.41 -1.52
C ALA B 20 18.15 -6.77 -1.81
N ALA B 21 19.47 -6.84 -1.62
CA ALA B 21 20.21 -8.06 -1.84
C ALA B 21 19.92 -9.07 -0.75
N LEU B 22 19.70 -8.58 0.46
CA LEU B 22 19.40 -9.44 1.60
C LEU B 22 18.13 -10.25 1.34
N GLN B 23 17.12 -9.60 0.78
CA GLN B 23 15.86 -10.26 0.48
C GLN B 23 16.03 -11.28 -0.63
N GLY B 24 17.03 -11.08 -1.48
CA GLY B 24 17.29 -11.99 -2.58
C GLY B 24 17.06 -11.35 -3.93
N LYS B 25 17.32 -10.05 -4.02
CA LYS B 25 17.12 -9.31 -5.27
C LYS B 25 17.95 -8.03 -5.27
N THR B 26 17.81 -7.24 -6.33
CA THR B 26 18.54 -5.98 -6.45
C THR B 26 17.66 -4.81 -6.03
N ILE B 27 18.28 -3.81 -5.42
CA ILE B 27 17.54 -2.63 -4.96
C ILE B 27 16.59 -2.13 -6.04
N LYS B 28 17.02 -2.21 -7.29
CA LYS B 28 16.18 -1.77 -8.40
C LYS B 28 14.76 -2.33 -8.25
N GLN B 29 14.67 -3.48 -7.58
CA GLN B 29 13.39 -4.12 -7.31
C GLN B 29 12.90 -3.78 -5.92
N TYR B 30 13.77 -3.96 -4.94
CA TYR B 30 13.45 -3.71 -3.55
C TYR B 30 13.04 -2.25 -3.31
N ALA B 31 13.87 -1.32 -3.80
CA ALA B 31 13.58 0.09 -3.65
C ALA B 31 12.29 0.42 -4.37
N LEU B 32 12.10 -0.24 -5.49
CA LEU B 32 10.91 -0.05 -6.29
C LEU B 32 9.65 -0.34 -5.48
N GLU B 33 9.62 -1.50 -4.84
CA GLU B 33 8.47 -1.91 -4.05
C GLU B 33 8.15 -0.90 -2.95
N ARG B 34 9.17 -0.19 -2.48
CA ARG B 34 8.99 0.79 -1.43
C ARG B 34 8.46 2.12 -1.97
N LEU B 35 8.57 2.32 -3.28
CA LEU B 35 8.08 3.53 -3.91
C LEU B 35 6.56 3.47 -4.08
N PHE B 36 6.01 2.26 -4.04
CA PHE B 36 4.57 2.07 -4.19
C PHE B 36 3.98 1.24 -3.04
N PRO B 37 4.29 1.58 -1.77
CA PRO B 37 3.76 0.85 -0.62
C PRO B 37 2.43 1.41 -0.14
N GLY B 38 1.57 0.53 0.36
CA GLY B 38 0.27 0.95 0.84
C GLY B 38 -0.86 0.10 0.32
N ASP B 39 -1.08 -1.04 0.97
CA ASP B 39 -2.14 -1.96 0.56
C ASP B 39 -2.85 -2.53 1.78
N ALA B 40 -4.13 -2.85 1.62
CA ALA B 40 -4.93 -3.40 2.70
C ALA B 40 -5.69 -4.65 2.26
N ASP B 41 -5.40 -5.13 1.05
CA ASP B 41 -6.06 -6.32 0.52
C ASP B 41 -5.55 -7.58 1.23
N ALA B 42 -4.32 -7.52 1.72
CA ALA B 42 -3.73 -8.66 2.42
C ALA B 42 -4.51 -8.99 3.69
N ASP B 43 -5.09 -7.97 4.31
CA ASP B 43 -5.86 -8.15 5.53
C ASP B 43 -7.33 -8.43 5.23
N GLN B 44 -7.81 -7.86 4.13
CA GLN B 44 -9.20 -8.04 3.73
C GLN B 44 -9.39 -9.33 2.92
N ALA B 45 -8.65 -9.44 1.82
CA ALA B 45 -8.74 -10.61 0.96
C ALA B 45 -8.59 -11.91 1.77
N TRP B 46 -7.50 -12.00 2.53
CA TRP B 46 -7.25 -13.18 3.35
C TRP B 46 -8.30 -13.34 4.44
N GLN B 47 -9.01 -12.25 4.75
CA GLN B 47 -10.04 -12.29 5.77
C GLN B 47 -11.25 -13.10 5.31
N GLU B 48 -11.42 -13.20 4.00
CA GLU B 48 -12.53 -13.95 3.42
C GLU B 48 -12.10 -15.37 3.04
N LEU B 49 -10.82 -15.68 3.25
CA LEU B 49 -10.31 -17.01 2.94
C LEU B 49 -11.06 -18.06 3.75
N LYS B 50 -11.49 -17.68 4.93
CA LYS B 50 -12.24 -18.56 5.81
C LYS B 50 -13.71 -18.14 5.89
N THR B 51 -13.99 -16.89 5.53
CA THR B 51 -15.35 -16.37 5.55
C THR B 51 -16.00 -16.50 4.18
N MET B 52 -15.54 -15.70 3.22
CA MET B 52 -16.08 -15.72 1.87
C MET B 52 -17.59 -15.55 1.88
N LEU B 53 -18.05 -14.33 1.63
CA LEU B 53 -19.49 -14.03 1.62
C LEU B 53 -20.00 -13.94 0.19
N GLY B 54 -21.27 -14.29 -0.01
CA GLY B 54 -21.87 -14.23 -1.33
C GLY B 54 -23.28 -14.78 -1.35
N ASN B 55 -24.15 -14.22 -0.52
CA ASN B 55 -25.54 -14.67 -0.45
C ASN B 55 -26.50 -13.50 -0.64
N ARG B 56 -27.71 -13.81 -1.08
CA ARG B 56 -28.72 -12.78 -1.31
C ARG B 56 -28.26 -11.77 -2.35
N ILE B 57 -28.76 -11.92 -3.58
CA ILE B 57 -28.39 -11.02 -4.67
C ILE B 57 -29.63 -10.58 -5.45
N ASN B 58 -30.24 -11.51 -6.15
CA ASN B 58 -31.43 -11.21 -6.95
C ASN B 58 -32.61 -10.87 -6.04
N ASP B 59 -33.48 -9.99 -6.53
CA ASP B 59 -34.65 -9.57 -5.77
C ASP B 59 -35.56 -10.76 -5.48
N GLY B 60 -35.57 -11.20 -4.22
CA GLY B 60 -36.40 -12.33 -3.83
C GLY B 60 -36.27 -12.67 -2.36
N LEU B 61 -35.22 -13.40 -2.02
CA LEU B 61 -34.97 -13.80 -0.64
C LEU B 61 -34.81 -12.58 0.26
N ALA B 62 -35.00 -12.77 1.56
CA ALA B 62 -34.87 -11.69 2.52
C ALA B 62 -35.04 -12.20 3.95
N GLY B 63 -34.52 -13.40 4.20
CA GLY B 63 -34.62 -13.97 5.53
C GLY B 63 -34.64 -15.48 5.51
N LYS B 64 -33.77 -16.07 4.69
CA LYS B 64 -33.68 -17.52 4.58
C LYS B 64 -33.12 -18.13 5.85
N VAL B 65 -31.82 -17.92 6.07
CA VAL B 65 -31.15 -18.45 7.26
C VAL B 65 -29.71 -17.95 7.33
N SER B 66 -29.29 -17.55 8.53
CA SER B 66 -27.95 -17.04 8.75
C SER B 66 -27.17 -17.94 9.71
N THR B 67 -26.06 -18.49 9.22
CA THR B 67 -25.23 -19.37 10.04
C THR B 67 -23.98 -19.81 9.28
N LYS B 68 -22.89 -19.09 9.50
CA LYS B 68 -21.63 -19.40 8.83
C LYS B 68 -20.73 -20.24 9.73
N SER B 69 -20.34 -21.42 9.25
CA SER B 69 -19.47 -22.31 10.00
C SER B 69 -18.14 -22.51 9.30
N VAL B 70 -18.20 -22.98 8.05
CA VAL B 70 -17.00 -23.21 7.26
C VAL B 70 -17.21 -22.85 5.80
N GLY B 71 -16.37 -21.96 5.28
CA GLY B 71 -16.49 -21.55 3.90
C GLY B 71 -15.15 -21.46 3.20
N GLU B 72 -14.86 -22.43 2.34
CA GLU B 72 -13.60 -22.45 1.61
C GLU B 72 -13.85 -22.49 0.10
N ILE B 73 -14.24 -21.35 -0.46
CA ILE B 73 -14.50 -21.24 -1.89
C ILE B 73 -13.49 -20.34 -2.57
N LEU B 74 -12.41 -20.94 -3.08
CA LEU B 74 -11.36 -20.20 -3.76
C LEU B 74 -10.40 -21.15 -4.47
N ASP B 75 -9.59 -21.86 -3.69
CA ASP B 75 -8.62 -22.80 -4.23
C ASP B 75 -9.30 -24.08 -4.71
N GLU B 76 -9.60 -24.95 -3.75
CA GLU B 76 -10.25 -26.22 -4.06
C GLU B 76 -11.68 -26.00 -4.56
N GLU B 77 -11.81 -25.52 -5.79
CA GLU B 77 -13.11 -25.27 -6.38
C GLU B 77 -13.77 -26.57 -6.84
N LEU B 78 -14.04 -27.45 -5.88
CA LEU B 78 -14.66 -28.74 -6.18
C LEU B 78 -16.14 -28.56 -6.48
N SER B 79 -16.92 -28.22 -5.46
CA SER B 79 -18.35 -28.01 -5.62
C SER B 79 -18.80 -26.73 -4.94
N GLY B 80 -18.63 -26.69 -3.61
CA GLY B 80 -19.01 -25.51 -2.86
C GLY B 80 -19.19 -25.80 -1.39
N ASP B 81 -18.11 -25.68 -0.62
CA ASP B 81 -18.15 -25.92 0.82
C ASP B 81 -19.26 -25.10 1.47
N ARG B 82 -20.39 -25.75 1.74
CA ARG B 82 -21.52 -25.08 2.36
C ARG B 82 -22.11 -24.04 1.40
N ALA B 83 -21.87 -24.23 0.11
CA ALA B 83 -22.37 -23.30 -0.91
C ALA B 83 -21.90 -21.88 -0.63
N MET A 1 27.75 11.81 -2.80
CA MET A 1 26.29 11.50 -2.78
C MET A 1 26.03 10.12 -3.35
N SER A 2 25.31 9.29 -2.59
CA SER A 2 24.99 7.93 -3.03
C SER A 2 23.73 7.94 -3.90
N ARG A 3 23.92 8.13 -5.21
CA ARG A 3 22.82 8.15 -6.15
C ARG A 3 22.60 6.78 -6.78
N LEU A 4 21.41 6.22 -6.62
CA LEU A 4 21.11 4.91 -7.17
C LEU A 4 20.17 5.02 -8.37
N THR A 5 20.51 4.32 -9.45
CA THR A 5 19.69 4.33 -10.66
C THR A 5 18.77 3.13 -10.67
N ILE A 6 17.49 3.37 -10.96
CA ILE A 6 16.51 2.30 -10.98
C ILE A 6 15.69 2.29 -12.27
N ASP A 7 15.34 1.10 -12.75
CA ASP A 7 14.57 0.97 -13.96
C ASP A 7 13.11 0.66 -13.63
N MET A 8 12.21 1.50 -14.12
CA MET A 8 10.78 1.33 -13.88
C MET A 8 10.00 1.39 -15.20
N THR A 9 8.78 0.90 -15.19
CA THR A 9 7.95 0.93 -16.40
C THR A 9 7.24 2.28 -16.52
N ASP A 10 6.97 2.67 -17.76
CA ASP A 10 6.33 3.95 -18.06
C ASP A 10 5.15 4.25 -17.13
N GLN A 11 4.13 3.40 -17.16
CA GLN A 11 2.95 3.60 -16.33
C GLN A 11 3.27 3.66 -14.84
N GLN A 12 4.04 2.69 -14.36
CA GLN A 12 4.40 2.63 -12.95
C GLN A 12 5.18 3.88 -12.52
N HIS A 13 6.18 4.25 -13.30
CA HIS A 13 7.00 5.42 -13.00
C HIS A 13 6.16 6.70 -12.97
N GLN A 14 4.97 6.64 -13.56
CA GLN A 14 4.08 7.81 -13.58
C GLN A 14 3.27 7.90 -12.30
N SER A 15 2.87 6.75 -11.76
CA SER A 15 2.08 6.70 -10.54
C SER A 15 2.81 7.33 -9.37
N LEU A 16 4.06 6.94 -9.17
CA LEU A 16 4.85 7.46 -8.06
C LEU A 16 5.45 8.82 -8.38
N LYS A 17 5.81 9.04 -9.65
CA LYS A 17 6.38 10.33 -10.05
C LYS A 17 5.31 11.38 -9.94
N ALA A 18 4.10 10.94 -10.15
CA ALA A 18 2.92 11.79 -10.05
C ALA A 18 2.75 12.25 -8.62
N LEU A 19 2.87 11.31 -7.69
CA LEU A 19 2.76 11.61 -6.27
C LEU A 19 3.93 12.45 -5.82
N ALA A 20 5.12 12.11 -6.34
CA ALA A 20 6.33 12.84 -6.00
C ALA A 20 6.16 14.32 -6.32
N ALA A 21 5.56 14.59 -7.48
CA ALA A 21 5.32 15.96 -7.93
C ALA A 21 4.21 16.59 -7.12
N LEU A 22 3.23 15.78 -6.75
CA LEU A 22 2.09 16.25 -5.98
C LEU A 22 2.49 16.50 -4.52
N GLN A 23 3.59 15.89 -4.10
CA GLN A 23 4.07 16.05 -2.74
C GLN A 23 5.00 17.26 -2.59
N GLY A 24 4.80 18.27 -3.44
CA GLY A 24 5.62 19.47 -3.39
C GLY A 24 7.09 19.19 -3.60
N LYS A 25 7.40 18.16 -4.37
CA LYS A 25 8.78 17.79 -4.65
C LYS A 25 8.86 16.92 -5.90
N THR A 26 9.99 16.25 -6.08
CA THR A 26 10.18 15.37 -7.23
C THR A 26 10.44 13.94 -6.76
N ILE A 27 10.15 12.96 -7.62
CA ILE A 27 10.35 11.56 -7.26
C ILE A 27 11.75 11.35 -6.69
N LYS A 28 12.71 12.18 -7.11
CA LYS A 28 14.06 12.12 -6.61
C LYS A 28 14.08 12.17 -5.09
N GLN A 29 13.05 12.79 -4.52
CA GLN A 29 12.91 12.94 -3.07
C GLN A 29 11.81 12.03 -2.55
N TYR A 30 10.69 12.05 -3.24
CA TYR A 30 9.53 11.27 -2.85
C TYR A 30 9.86 9.77 -2.77
N ALA A 31 10.44 9.25 -3.84
CA ALA A 31 10.81 7.83 -3.88
C ALA A 31 11.91 7.53 -2.89
N LEU A 32 12.76 8.52 -2.67
CA LEU A 32 13.87 8.37 -1.75
C LEU A 32 13.37 7.95 -0.37
N GLU A 33 12.39 8.68 0.14
CA GLU A 33 11.82 8.39 1.44
C GLU A 33 10.96 7.13 1.41
N ARG A 34 10.39 6.85 0.24
CA ARG A 34 9.54 5.67 0.07
C ARG A 34 10.30 4.38 0.39
N LEU A 35 11.60 4.38 0.10
CA LEU A 35 12.43 3.22 0.39
C LEU A 35 12.69 3.14 1.89
N PHE A 36 12.50 4.26 2.58
CA PHE A 36 12.70 4.31 4.03
C PHE A 36 11.50 4.94 4.73
N PRO A 37 10.28 4.37 4.60
CA PRO A 37 9.09 4.89 5.24
C PRO A 37 9.08 4.66 6.75
N GLY A 38 8.98 3.40 7.14
CA GLY A 38 8.95 3.04 8.53
C GLY A 38 7.70 2.28 8.91
N ASP A 39 6.58 2.65 8.30
CA ASP A 39 5.31 2.00 8.57
C ASP A 39 4.33 2.25 7.42
N ALA A 40 3.45 1.29 7.18
CA ALA A 40 2.45 1.41 6.12
C ALA A 40 1.07 0.95 6.59
N ASP A 41 0.93 0.72 7.89
CA ASP A 41 -0.35 0.28 8.45
C ASP A 41 -0.98 1.39 9.29
N ALA A 42 -0.14 2.20 9.91
CA ALA A 42 -0.61 3.30 10.75
C ALA A 42 -1.39 4.32 9.92
N ASP A 43 -0.67 5.10 9.11
CA ASP A 43 -1.28 6.12 8.28
C ASP A 43 -2.27 5.49 7.29
N GLN A 44 -1.90 4.33 6.75
CA GLN A 44 -2.75 3.63 5.79
C GLN A 44 -4.07 3.20 6.44
N ALA A 45 -4.07 3.08 7.77
CA ALA A 45 -5.28 2.69 8.49
C ALA A 45 -6.46 3.58 8.14
N TRP A 46 -6.34 4.86 8.45
CA TRP A 46 -7.40 5.83 8.17
C TRP A 46 -7.71 5.87 6.68
N GLN A 47 -6.75 5.46 5.86
CA GLN A 47 -6.93 5.44 4.41
C GLN A 47 -7.27 4.04 3.92
N GLU A 48 -7.96 3.28 4.77
CA GLU A 48 -8.34 1.91 4.44
C GLU A 48 -9.68 1.56 5.07
N LEU A 49 -9.87 1.96 6.33
CA LEU A 49 -11.11 1.68 7.04
C LEU A 49 -12.30 2.31 6.32
N LYS A 50 -12.10 3.54 5.86
CA LYS A 50 -13.15 4.26 5.15
C LYS A 50 -13.09 3.97 3.66
N THR A 51 -11.88 3.94 3.11
CA THR A 51 -11.68 3.67 1.70
C THR A 51 -10.22 3.31 1.42
N MET A 52 -9.97 2.02 1.17
CA MET A 52 -8.63 1.54 0.89
C MET A 52 -8.37 1.51 -0.62
N LEU A 53 -7.24 2.08 -1.02
CA LEU A 53 -6.88 2.11 -2.44
C LEU A 53 -5.73 1.15 -2.73
N GLY A 54 -6.04 0.06 -3.42
CA GLY A 54 -5.02 -0.92 -3.74
C GLY A 54 -4.22 -0.54 -4.98
N ASN A 55 -4.87 -0.55 -6.13
CA ASN A 55 -4.22 -0.20 -7.39
C ASN A 55 -3.15 -1.23 -7.76
N ARG A 56 -2.05 -1.22 -7.04
CA ARG A 56 -0.96 -2.15 -7.29
C ARG A 56 -1.22 -3.51 -6.63
N ILE A 57 -0.34 -4.47 -6.87
CA ILE A 57 -0.49 -5.80 -6.30
C ILE A 57 0.78 -6.22 -5.57
N ASN A 58 0.61 -7.05 -4.54
CA ASN A 58 1.74 -7.53 -3.75
C ASN A 58 2.72 -8.30 -4.63
N ASP A 59 3.91 -8.56 -4.10
CA ASP A 59 4.93 -9.29 -4.83
C ASP A 59 4.45 -10.69 -5.21
N GLY A 60 4.31 -11.55 -4.20
CA GLY A 60 3.85 -12.90 -4.43
C GLY A 60 2.86 -13.38 -3.40
N LEU A 61 2.45 -12.48 -2.50
CA LEU A 61 1.49 -12.83 -1.45
C LEU A 61 1.98 -14.00 -0.60
N ALA A 62 1.44 -14.11 0.61
CA ALA A 62 1.83 -15.19 1.51
C ALA A 62 1.04 -15.12 2.82
N GLY A 63 1.36 -14.13 3.63
CA GLY A 63 0.67 -13.97 4.91
C GLY A 63 0.03 -12.59 5.04
N LYS A 64 -0.34 -12.00 3.92
CA LYS A 64 -0.97 -10.68 3.92
C LYS A 64 -2.25 -10.68 4.74
N VAL A 65 -2.80 -9.50 4.97
CA VAL A 65 -4.03 -9.35 5.74
C VAL A 65 -5.12 -8.68 4.92
N SER A 66 -6.11 -9.46 4.51
CA SER A 66 -7.22 -8.95 3.72
C SER A 66 -8.45 -8.72 4.58
N THR A 67 -9.11 -7.57 4.39
CA THR A 67 -10.30 -7.24 5.15
C THR A 67 -10.88 -5.90 4.69
N LYS A 68 -12.18 -5.91 4.42
CA LYS A 68 -12.87 -4.70 3.97
C LYS A 68 -12.30 -4.22 2.64
N SER A 69 -13.15 -4.20 1.61
CA SER A 69 -12.73 -3.76 0.28
C SER A 69 -13.49 -2.51 -0.14
N VAL A 70 -13.33 -2.12 -1.40
CA VAL A 70 -13.99 -0.94 -1.93
C VAL A 70 -15.51 -1.12 -1.93
N GLY A 71 -16.15 -0.68 -0.85
CA GLY A 71 -17.59 -0.80 -0.75
C GLY A 71 -18.06 -2.24 -0.69
N GLU A 72 -19.32 -2.47 -1.07
CA GLU A 72 -19.89 -3.80 -1.05
C GLU A 72 -20.77 -4.03 -2.28
N ILE A 73 -21.63 -5.03 -2.22
CA ILE A 73 -22.53 -5.33 -3.33
C ILE A 73 -23.90 -4.69 -3.12
N LEU A 74 -24.02 -3.44 -3.56
CA LEU A 74 -25.27 -2.70 -3.43
C LEU A 74 -25.25 -1.46 -4.32
N ASP A 75 -26.24 -0.59 -4.13
CA ASP A 75 -26.34 0.65 -4.90
C ASP A 75 -26.29 0.37 -6.40
N GLU A 76 -27.45 0.46 -7.05
CA GLU A 76 -27.53 0.22 -8.50
C GLU A 76 -26.51 1.06 -9.26
N GLU A 77 -25.97 0.49 -10.33
CA GLU A 77 -24.98 1.17 -11.14
C GLU A 77 -25.59 2.39 -11.83
N LEU A 78 -25.76 3.47 -11.07
CA LEU A 78 -26.33 4.70 -11.61
C LEU A 78 -25.24 5.75 -11.83
N SER A 79 -24.21 5.70 -11.00
CA SER A 79 -23.10 6.65 -11.09
C SER A 79 -21.79 6.00 -10.65
N GLY A 80 -20.68 6.65 -11.00
CA GLY A 80 -19.37 6.12 -10.63
C GLY A 80 -19.18 6.04 -9.13
N ASP A 81 -20.01 6.76 -8.37
CA ASP A 81 -19.92 6.75 -6.92
C ASP A 81 -19.89 5.32 -6.39
N ARG A 82 -18.70 4.86 -6.00
CA ARG A 82 -18.54 3.51 -5.48
C ARG A 82 -18.89 2.48 -6.54
N ALA A 83 -18.78 2.87 -7.81
CA ALA A 83 -19.07 1.99 -8.93
C ALA A 83 -20.49 1.42 -8.82
N MET B 1 13.53 1.11 -20.49
CA MET B 1 12.31 1.39 -19.69
C MET B 1 12.48 2.66 -18.86
N SER B 2 11.38 3.13 -18.28
CA SER B 2 11.40 4.34 -17.46
C SER B 2 12.36 4.18 -16.28
N ARG B 3 13.63 4.49 -16.51
CA ARG B 3 14.63 4.38 -15.46
C ARG B 3 14.84 5.72 -14.76
N LEU B 4 14.67 5.74 -13.44
CA LEU B 4 14.83 6.98 -12.68
C LEU B 4 16.05 6.92 -11.77
N THR B 5 16.78 8.03 -11.70
CA THR B 5 17.96 8.12 -10.86
C THR B 5 17.59 8.81 -9.56
N ILE B 6 18.01 8.24 -8.43
CA ILE B 6 17.71 8.80 -7.13
C ILE B 6 18.97 9.05 -6.31
N ASP B 7 18.99 10.19 -5.61
CA ASP B 7 20.13 10.53 -4.78
C ASP B 7 19.86 10.17 -3.32
N MET B 8 20.77 9.38 -2.75
CA MET B 8 20.64 8.93 -1.37
C MET B 8 21.93 9.20 -0.61
N THR B 9 21.83 9.18 0.72
CA THR B 9 22.99 9.41 1.56
C THR B 9 23.79 8.13 1.75
N ASP B 10 25.09 8.26 1.95
CA ASP B 10 25.98 7.12 2.12
C ASP B 10 25.39 6.07 3.07
N GLN B 11 25.05 6.50 4.28
CA GLN B 11 24.49 5.61 5.28
C GLN B 11 23.08 5.16 4.90
N GLN B 12 22.28 6.09 4.37
CA GLN B 12 20.91 5.78 3.97
C GLN B 12 20.87 4.74 2.87
N HIS B 13 21.65 4.95 1.82
CA HIS B 13 21.69 4.02 0.69
C HIS B 13 22.14 2.63 1.14
N GLN B 14 22.92 2.58 2.20
CA GLN B 14 23.42 1.31 2.71
C GLN B 14 22.30 0.55 3.41
N SER B 15 21.39 1.29 4.02
CA SER B 15 20.27 0.69 4.72
C SER B 15 19.37 -0.06 3.73
N LEU B 16 19.02 0.62 2.63
CA LEU B 16 18.16 0.03 1.61
C LEU B 16 18.97 -0.86 0.67
N LYS B 17 20.13 -0.37 0.23
CA LYS B 17 20.96 -1.15 -0.68
C LYS B 17 21.29 -2.51 -0.06
N ALA B 18 21.72 -2.49 1.20
CA ALA B 18 22.05 -3.71 1.91
C ALA B 18 20.82 -4.60 2.03
N LEU B 19 19.70 -3.99 2.42
CA LEU B 19 18.44 -4.71 2.56
C LEU B 19 18.02 -5.30 1.22
N ALA B 20 18.33 -4.59 0.15
CA ALA B 20 18.01 -5.04 -1.20
C ALA B 20 18.62 -6.40 -1.47
N ALA B 21 19.92 -6.52 -1.22
CA ALA B 21 20.64 -7.77 -1.41
C ALA B 21 20.25 -8.79 -0.35
N LEU B 22 19.91 -8.29 0.83
CA LEU B 22 19.53 -9.15 1.94
C LEU B 22 18.21 -9.86 1.66
N GLN B 23 17.37 -9.23 0.85
CA GLN B 23 16.07 -9.80 0.51
C GLN B 23 16.15 -10.70 -0.72
N GLY B 24 17.29 -11.36 -0.91
CA GLY B 24 17.47 -12.25 -2.04
C GLY B 24 17.16 -11.59 -3.37
N LYS B 25 17.50 -10.31 -3.49
CA LYS B 25 17.26 -9.56 -4.71
C LYS B 25 18.15 -8.33 -4.78
N THR B 26 17.93 -7.49 -5.79
CA THR B 26 18.71 -6.28 -5.95
C THR B 26 17.83 -5.04 -5.77
N ILE B 27 18.39 -3.99 -5.19
CA ILE B 27 17.65 -2.75 -4.96
C ILE B 27 16.92 -2.32 -6.23
N LYS B 28 17.53 -2.62 -7.38
CA LYS B 28 16.92 -2.29 -8.67
C LYS B 28 15.46 -2.78 -8.71
N GLN B 29 15.18 -3.81 -7.92
CA GLN B 29 13.84 -4.38 -7.85
C GLN B 29 13.20 -4.09 -6.49
N TYR B 30 13.99 -4.30 -5.44
CA TYR B 30 13.52 -4.10 -4.08
C TYR B 30 13.04 -2.66 -3.86
N ALA B 31 13.90 -1.70 -4.20
CA ALA B 31 13.55 -0.29 -4.06
C ALA B 31 12.42 0.06 -5.00
N LEU B 32 12.45 -0.56 -6.17
CA LEU B 32 11.45 -0.31 -7.18
C LEU B 32 10.06 -0.56 -6.63
N GLU B 33 9.87 -1.73 -6.02
CA GLU B 33 8.59 -2.08 -5.45
C GLU B 33 8.30 -1.30 -4.17
N ARG B 34 9.36 -0.89 -3.48
CA ARG B 34 9.23 -0.13 -2.25
C ARG B 34 8.47 1.18 -2.49
N LEU B 35 8.60 1.72 -3.69
CA LEU B 35 7.92 2.95 -4.05
C LEU B 35 6.45 2.67 -4.32
N PHE B 36 6.14 1.40 -4.60
CA PHE B 36 4.77 0.99 -4.88
C PHE B 36 4.36 -0.20 -4.01
N PRO B 37 4.47 -0.09 -2.68
CA PRO B 37 4.10 -1.18 -1.77
C PRO B 37 2.64 -1.10 -1.34
N GLY B 38 1.78 -1.84 -2.02
CA GLY B 38 0.37 -1.85 -1.70
C GLY B 38 -0.15 -3.23 -1.33
N ASP B 39 -1.46 -3.42 -1.46
CA ASP B 39 -2.07 -4.71 -1.14
C ASP B 39 -2.55 -5.42 -2.41
N ALA B 40 -2.81 -6.71 -2.29
CA ALA B 40 -3.26 -7.52 -3.42
C ALA B 40 -4.78 -7.47 -3.57
N ASP B 41 -5.43 -6.60 -2.80
CA ASP B 41 -6.88 -6.46 -2.87
C ASP B 41 -7.36 -6.24 -4.30
N ALA B 42 -6.55 -5.54 -5.08
CA ALA B 42 -6.88 -5.26 -6.47
C ALA B 42 -7.00 -6.55 -7.28
N ASP B 43 -6.07 -7.48 -7.04
CA ASP B 43 -6.06 -8.75 -7.75
C ASP B 43 -7.27 -9.60 -7.35
N GLN B 44 -7.75 -9.42 -6.13
CA GLN B 44 -8.89 -10.17 -5.63
C GLN B 44 -10.14 -9.88 -6.46
N ALA B 45 -10.21 -8.70 -7.05
CA ALA B 45 -11.35 -8.30 -7.86
C ALA B 45 -11.57 -9.29 -9.01
N TRP B 46 -10.48 -9.81 -9.55
CA TRP B 46 -10.57 -10.76 -10.66
C TRP B 46 -10.65 -12.20 -10.16
N GLN B 47 -10.94 -12.37 -8.87
CA GLN B 47 -11.03 -13.70 -8.28
C GLN B 47 -12.46 -14.01 -7.85
N GLU B 48 -13.28 -12.98 -7.72
CA GLU B 48 -14.68 -13.15 -7.32
C GLU B 48 -15.61 -13.16 -8.53
N LEU B 49 -15.06 -12.92 -9.72
CA LEU B 49 -15.86 -12.93 -10.94
C LEU B 49 -16.50 -14.29 -11.15
N LYS B 50 -15.80 -15.33 -10.71
CA LYS B 50 -16.29 -16.70 -10.84
C LYS B 50 -16.63 -17.27 -9.46
N THR B 51 -15.99 -16.74 -8.42
CA THR B 51 -16.22 -17.20 -7.06
C THR B 51 -16.55 -16.02 -6.14
N MET B 52 -17.79 -15.57 -6.21
CA MET B 52 -18.24 -14.45 -5.38
C MET B 52 -18.99 -14.94 -4.15
N LEU B 53 -18.67 -16.16 -3.71
CA LEU B 53 -19.32 -16.75 -2.55
C LEU B 53 -18.45 -16.56 -1.30
N GLY B 54 -18.58 -15.41 -0.66
CA GLY B 54 -17.82 -15.13 0.54
C GLY B 54 -16.84 -13.99 0.35
N ASN B 55 -17.30 -12.78 0.67
CA ASN B 55 -16.47 -11.59 0.54
C ASN B 55 -16.32 -10.87 1.89
N ARG B 56 -16.32 -11.65 2.97
CA ARG B 56 -16.18 -11.08 4.31
C ARG B 56 -15.23 -11.93 5.15
N ILE B 57 -14.63 -11.31 6.16
CA ILE B 57 -13.69 -12.00 7.04
C ILE B 57 -14.38 -13.16 7.75
N ASN B 58 -13.69 -14.30 7.79
CA ASN B 58 -14.22 -15.49 8.44
C ASN B 58 -13.21 -16.64 8.40
N ASP B 59 -12.90 -17.18 9.57
CA ASP B 59 -11.95 -18.28 9.67
C ASP B 59 -12.43 -19.49 8.87
N GLY B 60 -11.50 -20.15 8.19
CA GLY B 60 -11.85 -21.31 7.39
C GLY B 60 -12.47 -22.42 8.23
N LEU B 61 -11.70 -22.93 9.18
CA LEU B 61 -12.18 -24.01 10.05
C LEU B 61 -11.26 -24.17 11.26
N ALA B 62 -9.96 -24.29 11.00
CA ALA B 62 -8.98 -24.44 12.07
C ALA B 62 -7.56 -24.46 11.50
N GLY B 63 -6.95 -23.28 11.42
CA GLY B 63 -5.60 -23.19 10.91
C GLY B 63 -5.53 -23.40 9.40
N LYS B 64 -6.53 -22.89 8.69
CA LYS B 64 -6.59 -23.03 7.24
C LYS B 64 -6.65 -24.49 6.84
N VAL B 65 -7.85 -24.97 6.54
CA VAL B 65 -8.04 -26.36 6.14
C VAL B 65 -7.75 -26.55 4.65
N SER B 66 -7.89 -27.78 4.19
CA SER B 66 -7.63 -28.11 2.79
C SER B 66 -8.91 -28.58 2.10
N THR B 67 -9.79 -27.65 1.77
CA THR B 67 -11.04 -27.97 1.11
C THR B 67 -11.69 -26.72 0.53
N LYS B 68 -11.59 -26.56 -0.79
CA LYS B 68 -12.17 -25.41 -1.47
C LYS B 68 -13.69 -25.51 -1.52
N SER B 69 -14.34 -24.43 -1.93
CA SER B 69 -15.80 -24.40 -2.02
C SER B 69 -16.26 -24.73 -3.43
N VAL B 70 -15.95 -23.84 -4.37
CA VAL B 70 -16.32 -24.03 -5.77
C VAL B 70 -17.77 -24.49 -5.90
N GLY B 71 -18.67 -23.52 -6.07
CA GLY B 71 -20.08 -23.84 -6.21
C GLY B 71 -20.63 -23.50 -7.58
N GLU B 72 -19.76 -23.54 -8.58
CA GLU B 72 -20.17 -23.23 -9.95
C GLU B 72 -21.29 -24.15 -10.42
N ILE B 73 -20.92 -25.35 -10.88
CA ILE B 73 -21.90 -26.33 -11.34
C ILE B 73 -22.88 -25.70 -12.34
N LEU B 74 -22.59 -25.85 -13.63
CA LEU B 74 -23.44 -25.29 -14.67
C LEU B 74 -23.18 -26.00 -16.00
N ASP B 75 -24.16 -25.92 -16.90
CA ASP B 75 -24.04 -26.55 -18.21
C ASP B 75 -23.03 -25.82 -19.08
N GLU B 76 -21.77 -25.85 -18.66
CA GLU B 76 -20.70 -25.19 -19.40
C GLU B 76 -20.42 -25.91 -20.71
N GLU B 77 -20.71 -25.24 -21.82
CA GLU B 77 -20.49 -25.81 -23.14
C GLU B 77 -19.01 -26.11 -23.35
N LEU B 78 -18.58 -27.29 -22.93
CA LEU B 78 -17.19 -27.70 -23.08
C LEU B 78 -16.26 -26.75 -22.34
N SER B 79 -14.99 -27.11 -22.27
CA SER B 79 -13.99 -26.29 -21.59
C SER B 79 -14.35 -26.11 -20.12
N GLY B 80 -13.92 -27.06 -19.29
CA GLY B 80 -14.21 -26.99 -17.86
C GLY B 80 -13.00 -26.56 -17.05
N ASP B 81 -13.03 -25.30 -16.59
CA ASP B 81 -11.93 -24.77 -15.80
C ASP B 81 -11.71 -25.60 -14.53
N ARG B 82 -12.79 -26.17 -14.01
CA ARG B 82 -12.72 -27.00 -12.82
C ARG B 82 -13.60 -28.24 -12.97
N ALA B 83 -13.76 -28.69 -14.20
CA ALA B 83 -14.56 -29.88 -14.49
C ALA B 83 -16.00 -29.71 -13.98
N MET A 1 28.30 11.12 -3.77
CA MET A 1 27.12 10.69 -2.97
C MET A 1 26.61 9.33 -3.41
N SER A 2 25.92 8.63 -2.51
CA SER A 2 25.39 7.32 -2.80
C SER A 2 24.12 7.42 -3.64
N ARG A 3 24.29 7.65 -4.94
CA ARG A 3 23.17 7.78 -5.86
C ARG A 3 22.96 6.48 -6.63
N LEU A 4 21.72 5.96 -6.59
CA LEU A 4 21.42 4.72 -7.29
C LEU A 4 20.48 4.97 -8.46
N THR A 5 20.73 4.30 -9.57
CA THR A 5 19.88 4.43 -10.75
C THR A 5 18.90 3.26 -10.77
N ILE A 6 17.61 3.57 -10.74
CA ILE A 6 16.59 2.53 -10.76
C ILE A 6 15.85 2.49 -12.08
N ASP A 7 15.58 1.28 -12.56
CA ASP A 7 14.86 1.10 -13.82
C ASP A 7 13.39 0.85 -13.54
N MET A 8 12.55 1.68 -14.14
CA MET A 8 11.10 1.58 -13.95
C MET A 8 10.38 1.56 -15.29
N THR A 9 9.12 1.11 -15.27
CA THR A 9 8.33 1.05 -16.50
C THR A 9 7.62 2.37 -16.76
N ASP A 10 7.20 2.58 -18.00
CA ASP A 10 6.52 3.82 -18.39
C ASP A 10 5.26 4.05 -17.57
N GLN A 11 4.37 3.06 -17.55
CA GLN A 11 3.10 3.19 -16.83
C GLN A 11 3.27 3.21 -15.31
N GLN A 12 4.02 2.27 -14.76
CA GLN A 12 4.22 2.20 -13.31
C GLN A 12 4.98 3.42 -12.78
N HIS A 13 6.01 3.85 -13.50
CA HIS A 13 6.81 4.99 -13.06
C HIS A 13 5.94 6.24 -12.92
N GLN A 14 4.78 6.26 -13.58
CA GLN A 14 3.88 7.39 -13.53
C GLN A 14 3.07 7.40 -12.25
N SER A 15 2.75 6.20 -11.75
CA SER A 15 1.96 6.09 -10.54
C SER A 15 2.67 6.73 -9.35
N LEU A 16 3.93 6.36 -9.15
CA LEU A 16 4.71 6.92 -8.06
C LEU A 16 5.30 8.27 -8.41
N LYS A 17 5.72 8.46 -9.66
CA LYS A 17 6.29 9.74 -10.10
C LYS A 17 5.30 10.87 -9.83
N ALA A 18 4.04 10.63 -10.18
CA ALA A 18 2.98 11.62 -9.98
C ALA A 18 2.82 11.95 -8.51
N LEU A 19 2.88 10.93 -7.66
CA LEU A 19 2.73 11.13 -6.22
C LEU A 19 3.79 12.09 -5.70
N ALA A 20 4.96 12.04 -6.33
CA ALA A 20 6.07 12.91 -5.94
C ALA A 20 5.66 14.38 -6.11
N ALA A 21 5.17 14.72 -7.30
CA ALA A 21 4.74 16.06 -7.60
C ALA A 21 3.45 16.39 -6.88
N LEU A 22 2.60 15.38 -6.73
CA LEU A 22 1.33 15.56 -6.04
C LEU A 22 1.57 16.01 -4.60
N GLN A 23 2.65 15.51 -4.01
CA GLN A 23 2.99 15.85 -2.64
C GLN A 23 3.57 17.26 -2.57
N GLY A 24 4.17 17.72 -3.67
CA GLY A 24 4.74 19.05 -3.70
C GLY A 24 6.24 19.05 -3.95
N LYS A 25 6.74 17.99 -4.58
CA LYS A 25 8.16 17.88 -4.88
C LYS A 25 8.41 16.86 -5.99
N THR A 26 9.68 16.60 -6.28
CA THR A 26 10.05 15.64 -7.31
C THR A 26 10.28 14.26 -6.70
N ILE A 27 10.05 13.21 -7.50
CA ILE A 27 10.24 11.85 -7.01
C ILE A 27 11.63 11.68 -6.40
N LYS A 28 12.60 12.41 -6.92
CA LYS A 28 13.97 12.34 -6.41
C LYS A 28 13.99 12.46 -4.89
N GLN A 29 12.97 13.11 -4.34
CA GLN A 29 12.84 13.28 -2.90
C GLN A 29 11.81 12.32 -2.34
N TYR A 30 10.66 12.31 -2.99
CA TYR A 30 9.55 11.47 -2.59
C TYR A 30 9.94 9.99 -2.59
N ALA A 31 10.50 9.54 -3.70
CA ALA A 31 10.94 8.16 -3.83
C ALA A 31 12.07 7.85 -2.87
N LEU A 32 12.88 8.88 -2.63
CA LEU A 32 14.02 8.74 -1.75
C LEU A 32 13.59 8.25 -0.37
N GLU A 33 12.61 8.93 0.20
CA GLU A 33 12.10 8.58 1.51
C GLU A 33 11.25 7.31 1.48
N ARG A 34 10.61 7.07 0.35
CA ARG A 34 9.76 5.89 0.19
C ARG A 34 10.52 4.62 0.50
N LEU A 35 11.83 4.63 0.25
CA LEU A 35 12.67 3.48 0.53
C LEU A 35 12.97 3.40 2.02
N PHE A 36 12.79 4.53 2.71
CA PHE A 36 13.03 4.61 4.14
C PHE A 36 11.82 5.18 4.88
N PRO A 37 10.63 4.59 4.71
CA PRO A 37 9.42 5.06 5.36
C PRO A 37 9.21 4.44 6.74
N GLY A 38 9.25 3.11 6.80
CA GLY A 38 9.06 2.42 8.06
C GLY A 38 8.83 0.93 7.88
N ASP A 39 7.57 0.56 7.66
CA ASP A 39 7.21 -0.84 7.47
C ASP A 39 6.77 -1.11 6.03
N ALA A 40 7.09 -2.30 5.53
CA ALA A 40 6.74 -2.68 4.17
C ALA A 40 5.35 -3.30 4.11
N ASP A 41 4.61 -3.24 5.22
CA ASP A 41 3.27 -3.79 5.27
C ASP A 41 2.38 -3.23 4.16
N ALA A 42 2.74 -2.05 3.66
CA ALA A 42 1.98 -1.42 2.60
C ALA A 42 2.11 -2.19 1.28
N ASP A 43 3.17 -2.98 1.16
CA ASP A 43 3.41 -3.77 -0.04
C ASP A 43 2.25 -4.73 -0.31
N GLN A 44 1.63 -5.22 0.74
CA GLN A 44 0.52 -6.15 0.61
C GLN A 44 -0.82 -5.42 0.66
N ALA A 45 -0.81 -4.17 1.13
CA ALA A 45 -2.02 -3.38 1.23
C ALA A 45 -2.73 -3.28 -0.12
N TRP A 46 -1.94 -3.19 -1.18
CA TRP A 46 -2.49 -3.09 -2.53
C TRP A 46 -2.94 -4.45 -3.05
N GLN A 47 -2.42 -5.51 -2.45
CA GLN A 47 -2.78 -6.87 -2.84
C GLN A 47 -4.07 -7.32 -2.18
N GLU A 48 -4.68 -6.43 -1.39
CA GLU A 48 -5.93 -6.76 -0.70
C GLU A 48 -7.08 -5.92 -1.24
N LEU A 49 -6.76 -4.85 -1.96
CA LEU A 49 -7.78 -3.96 -2.52
C LEU A 49 -8.67 -4.74 -3.49
N LYS A 50 -8.09 -5.73 -4.15
CA LYS A 50 -8.84 -6.54 -5.10
C LYS A 50 -9.27 -7.87 -4.46
N THR A 51 -8.57 -8.27 -3.40
CA THR A 51 -8.89 -9.51 -2.70
C THR A 51 -10.35 -9.51 -2.23
N MET A 52 -10.86 -8.33 -1.90
CA MET A 52 -12.24 -8.19 -1.44
C MET A 52 -13.22 -8.40 -2.59
N LEU A 53 -14.40 -8.93 -2.27
CA LEU A 53 -15.42 -9.18 -3.27
C LEU A 53 -16.68 -8.38 -2.97
N GLY A 54 -16.54 -7.05 -2.93
CA GLY A 54 -17.67 -6.19 -2.66
C GLY A 54 -18.31 -6.49 -1.31
N ASN A 55 -17.73 -5.94 -0.25
CA ASN A 55 -18.24 -6.17 1.10
C ASN A 55 -18.29 -4.86 1.88
N ARG A 56 -19.28 -4.03 1.60
CA ARG A 56 -19.44 -2.75 2.29
C ARG A 56 -20.91 -2.49 2.63
N ILE A 57 -21.64 -1.90 1.69
CA ILE A 57 -23.05 -1.61 1.90
C ILE A 57 -23.24 -0.53 2.96
N ASN A 58 -22.90 -0.86 4.20
CA ASN A 58 -23.02 0.08 5.31
C ASN A 58 -22.32 -0.46 6.55
N ASP A 59 -22.50 -1.75 6.81
CA ASP A 59 -21.88 -2.39 7.97
C ASP A 59 -22.16 -1.62 9.25
N GLY A 60 -21.61 -2.10 10.37
CA GLY A 60 -21.80 -1.44 11.64
C GLY A 60 -20.52 -0.84 12.18
N LEU A 61 -19.40 -1.47 11.87
CA LEU A 61 -18.09 -1.00 12.32
C LEU A 61 -18.05 -0.87 13.84
N ALA A 62 -16.86 -0.66 14.38
CA ALA A 62 -16.68 -0.52 15.82
C ALA A 62 -15.23 -0.25 16.17
N GLY A 63 -14.85 1.02 16.22
CA GLY A 63 -13.48 1.39 16.54
C GLY A 63 -12.49 0.88 15.51
N LYS A 64 -12.10 -0.38 15.63
CA LYS A 64 -11.15 -0.99 14.72
C LYS A 64 -11.34 -2.50 14.65
N VAL A 65 -10.72 -3.12 13.66
CA VAL A 65 -10.81 -4.57 13.49
C VAL A 65 -9.49 -5.16 13.01
N SER A 66 -9.23 -6.41 13.36
CA SER A 66 -8.00 -7.08 12.97
C SER A 66 -8.29 -8.20 11.98
N THR A 67 -7.45 -8.31 10.95
CA THR A 67 -7.61 -9.35 9.94
C THR A 67 -7.41 -10.73 10.54
N LYS A 68 -7.50 -11.76 9.70
CA LYS A 68 -7.33 -13.14 10.15
C LYS A 68 -7.35 -14.11 8.97
N SER A 69 -8.19 -13.82 7.99
CA SER A 69 -8.31 -14.67 6.81
C SER A 69 -8.21 -13.84 5.53
N VAL A 70 -8.45 -14.48 4.39
CA VAL A 70 -8.38 -13.81 3.10
C VAL A 70 -9.73 -13.86 2.39
N GLY A 71 -9.91 -13.00 1.39
CA GLY A 71 -11.16 -12.97 0.64
C GLY A 71 -11.56 -14.33 0.12
N GLU A 72 -11.07 -14.68 -1.07
CA GLU A 72 -11.38 -15.97 -1.68
C GLU A 72 -10.93 -17.12 -0.79
N ILE A 73 -11.52 -18.29 -1.01
CA ILE A 73 -11.18 -19.47 -0.22
C ILE A 73 -11.00 -20.68 -1.11
N LEU A 74 -10.64 -21.82 -0.51
CA LEU A 74 -10.43 -23.05 -1.25
C LEU A 74 -11.46 -24.10 -0.86
N ASP A 75 -11.70 -24.25 0.43
CA ASP A 75 -12.66 -25.21 0.93
C ASP A 75 -13.09 -24.86 2.36
N GLU A 76 -13.93 -25.72 2.95
CA GLU A 76 -14.43 -25.50 4.30
C GLU A 76 -13.31 -25.70 5.32
N GLU A 77 -12.30 -24.85 5.27
CA GLU A 77 -11.18 -24.92 6.18
C GLU A 77 -11.47 -24.17 7.47
N LEU A 78 -11.46 -24.90 8.58
CA LEU A 78 -11.73 -24.32 9.89
C LEU A 78 -10.83 -23.11 10.15
N SER A 79 -11.17 -22.33 11.18
CA SER A 79 -10.39 -21.14 11.52
C SER A 79 -8.96 -21.52 11.90
N GLY A 80 -8.12 -20.51 12.10
CA GLY A 80 -6.74 -20.75 12.46
C GLY A 80 -5.84 -20.94 11.25
N ASP A 81 -6.30 -20.51 10.09
CA ASP A 81 -5.53 -20.65 8.86
C ASP A 81 -4.27 -19.80 8.92
N ARG A 82 -4.46 -18.50 9.14
CA ARG A 82 -3.33 -17.57 9.23
C ARG A 82 -2.90 -17.38 10.68
N ALA A 83 -3.79 -17.74 11.62
CA ALA A 83 -3.50 -17.61 13.03
C ALA A 83 -3.31 -16.14 13.42
N MET B 1 14.52 3.53 -20.17
CA MET B 1 13.06 3.30 -20.11
C MET B 1 12.53 3.56 -18.70
N SER B 2 11.88 4.70 -18.52
CA SER B 2 11.31 5.08 -17.24
C SER B 2 12.26 4.78 -16.08
N ARG B 3 13.56 4.89 -16.36
CA ARG B 3 14.57 4.63 -15.34
C ARG B 3 14.98 5.95 -14.69
N LEU B 4 14.77 6.06 -13.38
CA LEU B 4 15.10 7.29 -12.67
C LEU B 4 16.37 7.13 -11.84
N THR B 5 17.20 8.17 -11.83
CA THR B 5 18.41 8.16 -11.05
C THR B 5 18.17 8.89 -9.74
N ILE B 6 18.36 8.20 -8.64
CA ILE B 6 18.13 8.77 -7.31
C ILE B 6 19.43 8.92 -6.53
N ASP B 7 19.57 10.07 -5.88
CA ASP B 7 20.75 10.35 -5.08
C ASP B 7 20.45 10.05 -3.61
N MET B 8 21.26 9.19 -3.01
CA MET B 8 21.07 8.82 -1.62
C MET B 8 22.37 8.98 -0.83
N THR B 9 22.26 9.03 0.49
CA THR B 9 23.44 9.16 1.34
C THR B 9 24.10 7.81 1.56
N ASP B 10 25.43 7.79 1.57
CA ASP B 10 26.19 6.57 1.75
C ASP B 10 25.63 5.70 2.87
N GLN B 11 25.39 6.30 4.03
CA GLN B 11 24.87 5.57 5.18
C GLN B 11 23.48 5.02 4.93
N GLN B 12 22.58 5.86 4.44
CA GLN B 12 21.21 5.43 4.17
C GLN B 12 21.15 4.39 3.05
N HIS B 13 21.92 4.61 1.99
CA HIS B 13 21.95 3.69 0.87
C HIS B 13 22.39 2.29 1.31
N GLN B 14 23.15 2.24 2.39
CA GLN B 14 23.63 0.97 2.91
C GLN B 14 22.49 0.21 3.56
N SER B 15 21.56 0.96 4.16
CA SER B 15 20.42 0.35 4.81
C SER B 15 19.47 -0.25 3.79
N LEU B 16 19.14 0.53 2.76
CA LEU B 16 18.22 0.06 1.72
C LEU B 16 18.93 -0.82 0.69
N LYS B 17 20.12 -0.41 0.25
CA LYS B 17 20.86 -1.19 -0.74
C LYS B 17 21.12 -2.59 -0.19
N ALA B 18 21.60 -2.67 1.04
CA ALA B 18 21.89 -3.95 1.68
C ALA B 18 20.61 -4.77 1.84
N LEU B 19 19.53 -4.11 2.24
CA LEU B 19 18.25 -4.79 2.44
C LEU B 19 17.78 -5.45 1.14
N ALA B 20 17.93 -4.74 0.04
CA ALA B 20 17.53 -5.28 -1.27
C ALA B 20 18.25 -6.60 -1.53
N ALA B 21 19.54 -6.64 -1.22
CA ALA B 21 20.34 -7.83 -1.41
C ALA B 21 19.95 -8.90 -0.41
N LEU B 22 19.57 -8.46 0.78
CA LEU B 22 19.19 -9.37 1.85
C LEU B 22 17.82 -9.98 1.56
N GLN B 23 17.04 -9.32 0.70
CA GLN B 23 15.71 -9.79 0.36
C GLN B 23 15.74 -10.71 -0.87
N GLY B 24 16.90 -11.32 -1.13
CA GLY B 24 17.03 -12.22 -2.27
C GLY B 24 16.80 -11.52 -3.59
N LYS B 25 17.18 -10.25 -3.68
CA LYS B 25 17.01 -9.48 -4.91
C LYS B 25 17.93 -8.26 -4.92
N THR B 26 17.71 -7.36 -5.86
CA THR B 26 18.51 -6.15 -5.97
C THR B 26 17.66 -4.91 -5.69
N ILE B 27 18.29 -3.88 -5.12
CA ILE B 27 17.57 -2.65 -4.81
C ILE B 27 16.75 -2.17 -6.00
N LYS B 28 17.27 -2.36 -7.20
CA LYS B 28 16.55 -1.97 -8.41
C LYS B 28 15.14 -2.53 -8.39
N GLN B 29 14.97 -3.63 -7.66
CA GLN B 29 13.68 -4.29 -7.51
C GLN B 29 13.04 -3.92 -6.18
N TYR B 30 13.79 -4.15 -5.11
CA TYR B 30 13.33 -3.89 -3.76
C TYR B 30 12.94 -2.42 -3.58
N ALA B 31 13.83 -1.52 -3.95
CA ALA B 31 13.57 -0.09 -3.84
C ALA B 31 12.46 0.30 -4.78
N LEU B 32 12.53 -0.24 -5.98
CA LEU B 32 11.56 0.04 -7.01
C LEU B 32 10.14 -0.25 -6.50
N GLU B 33 9.98 -1.40 -5.86
CA GLU B 33 8.69 -1.81 -5.32
C GLU B 33 8.31 -0.99 -4.10
N ARG B 34 9.31 -0.48 -3.39
CA ARG B 34 9.08 0.31 -2.19
C ARG B 34 8.79 1.78 -2.51
N LEU B 35 9.02 2.18 -3.76
CA LEU B 35 8.77 3.55 -4.19
C LEU B 35 7.29 3.81 -4.42
N PHE B 36 6.51 2.74 -4.57
CA PHE B 36 5.09 2.87 -4.83
C PHE B 36 4.25 2.94 -3.55
N PRO B 37 4.52 2.04 -2.57
CA PRO B 37 3.78 2.02 -1.31
C PRO B 37 4.24 3.11 -0.35
N GLY B 38 3.98 2.91 0.94
CA GLY B 38 4.38 3.88 1.93
C GLY B 38 4.74 3.23 3.26
N ASP B 39 4.45 3.94 4.36
CA ASP B 39 4.77 3.43 5.68
C ASP B 39 3.59 2.66 6.27
N ALA B 40 3.86 1.81 7.25
CA ALA B 40 2.84 1.02 7.90
C ALA B 40 3.26 0.59 9.30
N ASP B 41 4.28 1.25 9.84
CA ASP B 41 4.79 0.92 11.17
C ASP B 41 4.19 1.83 12.23
N ALA B 42 4.03 3.11 11.89
CA ALA B 42 3.47 4.09 12.81
C ALA B 42 2.01 3.78 13.13
N ASP B 43 1.16 3.90 12.12
CA ASP B 43 -0.27 3.63 12.28
C ASP B 43 -0.52 2.22 12.82
N GLN B 44 0.40 1.31 12.53
CA GLN B 44 0.27 -0.07 12.97
C GLN B 44 0.96 -0.29 14.32
N ALA B 45 1.82 0.66 14.71
CA ALA B 45 2.55 0.56 15.96
C ALA B 45 1.59 0.43 17.15
N TRP B 46 0.88 1.50 17.47
CA TRP B 46 -0.05 1.51 18.58
C TRP B 46 -1.35 0.78 18.23
N GLN B 47 -1.53 0.48 16.94
CA GLN B 47 -2.74 -0.21 16.48
C GLN B 47 -2.58 -1.73 16.59
N GLU B 48 -1.48 -2.18 17.20
CA GLU B 48 -1.22 -3.60 17.36
C GLU B 48 -0.87 -3.95 18.80
N LEU B 49 -0.68 -2.93 19.64
CA LEU B 49 -0.35 -3.16 21.04
C LEU B 49 -1.47 -3.93 21.72
N LYS B 50 -2.69 -3.72 21.23
CA LYS B 50 -3.87 -4.39 21.77
C LYS B 50 -4.36 -5.46 20.81
N THR B 51 -3.97 -5.36 19.54
CA THR B 51 -4.38 -6.30 18.52
C THR B 51 -3.37 -7.45 18.40
N MET B 52 -2.10 -7.10 18.26
CA MET B 52 -1.04 -8.10 18.14
C MET B 52 -1.13 -8.84 16.82
N LEU B 53 -0.05 -8.80 16.04
CA LEU B 53 -0.01 -9.47 14.74
C LEU B 53 -0.27 -10.97 14.89
N GLY B 54 -0.36 -11.66 13.76
CA GLY B 54 -0.61 -13.09 13.78
C GLY B 54 -0.35 -13.73 12.44
N ASN B 55 0.89 -13.67 11.97
CA ASN B 55 1.26 -14.26 10.69
C ASN B 55 1.97 -15.59 10.89
N ARG B 56 2.61 -16.09 9.83
CA ARG B 56 3.32 -17.35 9.88
C ARG B 56 2.36 -18.51 10.14
N ILE B 57 2.86 -19.73 10.01
CA ILE B 57 2.05 -20.92 10.23
C ILE B 57 0.93 -21.02 9.20
N ASN B 58 1.06 -21.95 8.27
CA ASN B 58 0.07 -22.14 7.22
C ASN B 58 -0.08 -20.88 6.37
N ASP B 59 -1.07 -20.88 5.48
CA ASP B 59 -1.31 -19.74 4.61
C ASP B 59 -2.75 -19.73 4.12
N GLY B 60 -3.46 -18.63 4.39
CA GLY B 60 -4.84 -18.51 3.97
C GLY B 60 -4.99 -18.42 2.46
N LEU B 61 -4.38 -17.38 1.87
CA LEU B 61 -4.45 -17.19 0.44
C LEU B 61 -3.36 -16.23 -0.03
N ALA B 62 -3.50 -14.96 0.32
CA ALA B 62 -2.52 -13.95 -0.07
C ALA B 62 -2.91 -12.57 0.46
N GLY B 63 -3.99 -12.02 -0.09
CA GLY B 63 -4.46 -10.72 0.34
C GLY B 63 -4.88 -10.72 1.80
N LYS B 64 -6.15 -10.39 2.04
CA LYS B 64 -6.67 -10.36 3.40
C LYS B 64 -8.16 -10.01 3.41
N VAL B 65 -8.84 -10.35 4.49
CA VAL B 65 -10.27 -10.07 4.62
C VAL B 65 -10.59 -9.51 6.00
N SER B 66 -11.73 -8.83 6.11
CA SER B 66 -12.15 -8.26 7.38
C SER B 66 -13.64 -8.52 7.62
N THR B 67 -14.05 -8.42 8.89
CA THR B 67 -15.44 -8.64 9.26
C THR B 67 -15.65 -8.38 10.75
N LYS B 68 -15.21 -9.32 11.57
CA LYS B 68 -15.35 -9.20 13.02
C LYS B 68 -14.63 -10.33 13.74
N SER B 69 -13.36 -10.12 14.04
CA SER B 69 -12.55 -11.12 14.73
C SER B 69 -11.94 -10.55 16.00
N VAL B 70 -11.04 -9.60 15.85
CA VAL B 70 -10.38 -8.97 16.99
C VAL B 70 -10.55 -7.46 16.96
N GLY B 71 -10.46 -6.84 18.14
CA GLY B 71 -10.61 -5.40 18.22
C GLY B 71 -11.12 -4.95 19.57
N GLU B 72 -10.96 -3.67 19.87
CA GLU B 72 -11.42 -3.11 21.14
C GLU B 72 -12.94 -3.03 21.18
N ILE B 73 -13.52 -3.45 22.29
CA ILE B 73 -14.97 -3.42 22.46
C ILE B 73 -15.40 -2.21 23.29
N LEU B 74 -16.59 -1.69 22.98
CA LEU B 74 -17.11 -0.53 23.69
C LEU B 74 -18.52 -0.81 24.23
N ASP B 75 -19.00 0.07 25.09
CA ASP B 75 -20.33 -0.08 25.68
C ASP B 75 -20.53 -1.49 26.25
N GLU B 76 -19.64 -1.87 27.18
CA GLU B 76 -19.71 -3.18 27.81
C GLU B 76 -18.69 -3.29 28.93
N GLU B 77 -18.57 -4.49 29.49
CA GLU B 77 -17.63 -4.73 30.58
C GLU B 77 -16.18 -4.52 30.11
N LEU B 78 -15.23 -5.01 30.89
CA LEU B 78 -13.82 -4.87 30.55
C LEU B 78 -13.46 -5.74 29.36
N SER B 79 -12.37 -5.39 28.68
CA SER B 79 -11.93 -6.13 27.50
C SER B 79 -10.81 -7.11 27.88
N GLY B 80 -10.52 -8.04 26.98
CA GLY B 80 -9.47 -9.01 27.24
C GLY B 80 -9.88 -10.42 26.84
N ASP B 81 -10.60 -10.54 25.72
CA ASP B 81 -11.04 -11.84 25.24
C ASP B 81 -9.86 -12.63 24.68
N ARG B 82 -8.95 -11.93 24.01
CA ARG B 82 -7.77 -12.55 23.42
C ARG B 82 -6.49 -11.95 24.00
N ALA B 83 -6.65 -11.01 24.94
CA ALA B 83 -5.51 -10.36 25.56
C ALA B 83 -4.66 -9.62 24.52
N MET A 1 26.91 11.21 -1.62
CA MET A 1 27.70 10.52 -2.68
C MET A 1 27.20 9.09 -2.89
N SER A 2 25.89 8.90 -2.70
CA SER A 2 25.29 7.58 -2.89
C SER A 2 24.03 7.68 -3.75
N ARG A 3 24.23 7.99 -5.03
CA ARG A 3 23.13 8.12 -5.97
C ARG A 3 22.90 6.83 -6.73
N LEU A 4 21.66 6.34 -6.75
CA LEU A 4 21.34 5.09 -7.44
C LEU A 4 20.42 5.33 -8.63
N THR A 5 20.69 4.64 -9.73
CA THR A 5 19.86 4.75 -10.91
C THR A 5 18.92 3.55 -10.96
N ILE A 6 17.61 3.83 -10.97
CA ILE A 6 16.62 2.77 -10.98
C ILE A 6 15.80 2.76 -12.27
N ASP A 7 15.56 1.56 -12.79
CA ASP A 7 14.76 1.41 -14.00
C ASP A 7 13.32 1.05 -13.62
N MET A 8 12.37 1.84 -14.11
CA MET A 8 10.96 1.60 -13.81
C MET A 8 10.14 1.59 -15.09
N THR A 9 8.93 1.04 -15.01
CA THR A 9 8.05 0.97 -16.18
C THR A 9 7.29 2.28 -16.35
N ASP A 10 6.77 2.50 -17.55
CA ASP A 10 6.04 3.72 -17.88
C ASP A 10 4.96 4.08 -16.85
N GLN A 11 3.88 3.30 -16.82
CA GLN A 11 2.77 3.57 -15.91
C GLN A 11 3.19 3.58 -14.45
N GLN A 12 3.92 2.55 -14.02
CA GLN A 12 4.35 2.46 -12.63
C GLN A 12 5.15 3.68 -12.21
N HIS A 13 6.13 4.06 -13.01
CA HIS A 13 6.97 5.22 -12.72
C HIS A 13 6.14 6.48 -12.57
N GLN A 14 5.07 6.56 -13.35
CA GLN A 14 4.18 7.72 -13.33
C GLN A 14 3.34 7.72 -12.07
N SER A 15 3.05 6.53 -11.55
CA SER A 15 2.24 6.42 -10.36
C SER A 15 2.94 7.13 -9.19
N LEU A 16 4.20 6.81 -8.98
CA LEU A 16 4.98 7.44 -7.92
C LEU A 16 5.52 8.79 -8.36
N LYS A 17 5.99 8.86 -9.60
CA LYS A 17 6.54 10.11 -10.12
C LYS A 17 5.49 11.20 -10.12
N ALA A 18 4.29 10.87 -10.59
CA ALA A 18 3.20 11.83 -10.60
C ALA A 18 2.87 12.25 -9.18
N LEU A 19 2.78 11.26 -8.29
CA LEU A 19 2.50 11.53 -6.89
C LEU A 19 3.62 12.38 -6.29
N ALA A 20 4.84 12.13 -6.75
CA ALA A 20 6.00 12.88 -6.30
C ALA A 20 5.83 14.36 -6.61
N ALA A 21 5.46 14.65 -7.85
CA ALA A 21 5.26 16.02 -8.31
C ALA A 21 3.98 16.60 -7.70
N LEU A 22 3.00 15.73 -7.50
CA LEU A 22 1.72 16.14 -6.94
C LEU A 22 1.85 16.42 -5.44
N GLN A 23 2.90 15.88 -4.82
CA GLN A 23 3.11 16.07 -3.39
C GLN A 23 3.94 17.33 -3.11
N GLY A 24 3.85 18.31 -4.00
CA GLY A 24 4.59 19.56 -3.83
C GLY A 24 6.09 19.35 -3.74
N LYS A 25 6.59 18.33 -4.43
CA LYS A 25 8.01 18.02 -4.43
C LYS A 25 8.39 17.18 -5.63
N THR A 26 9.62 16.69 -5.65
CA THR A 26 10.09 15.86 -6.76
C THR A 26 10.37 14.45 -6.27
N ILE A 27 10.11 13.47 -7.13
CA ILE A 27 10.32 12.07 -6.78
C ILE A 27 11.68 11.88 -6.11
N LYS A 28 12.65 12.71 -6.48
CA LYS A 28 13.97 12.64 -5.89
C LYS A 28 13.90 12.68 -4.36
N GLN A 29 12.75 13.13 -3.83
CA GLN A 29 12.54 13.20 -2.40
C GLN A 29 11.48 12.19 -1.97
N TYR A 30 10.35 12.24 -2.66
CA TYR A 30 9.22 11.37 -2.36
C TYR A 30 9.61 9.89 -2.47
N ALA A 31 10.19 9.52 -3.61
CA ALA A 31 10.63 8.15 -3.82
C ALA A 31 11.77 7.83 -2.87
N LEU A 32 12.64 8.81 -2.70
CA LEU A 32 13.80 8.68 -1.85
C LEU A 32 13.41 8.26 -0.44
N GLU A 33 12.40 8.93 0.10
CA GLU A 33 11.94 8.64 1.46
C GLU A 33 11.20 7.30 1.53
N ARG A 34 10.60 6.89 0.42
CA ARG A 34 9.84 5.64 0.37
C ARG A 34 10.70 4.44 -0.06
N LEU A 35 11.94 4.69 -0.47
CA LEU A 35 12.82 3.62 -0.91
C LEU A 35 13.42 2.82 0.24
N PHE A 36 13.51 3.46 1.41
CA PHE A 36 14.11 2.81 2.56
C PHE A 36 13.07 2.14 3.46
N PRO A 37 11.97 2.84 3.79
CA PRO A 37 10.93 2.31 4.65
C PRO A 37 9.87 1.52 3.87
N GLY A 38 9.15 0.66 4.57
CA GLY A 38 8.12 -0.14 3.92
C GLY A 38 6.80 0.60 3.84
N ASP A 39 6.01 0.52 4.91
CA ASP A 39 4.72 1.17 4.96
C ASP A 39 4.30 1.46 6.39
N ALA A 40 3.55 2.53 6.58
CA ALA A 40 3.08 2.92 7.90
C ALA A 40 1.67 3.50 7.85
N ASP A 41 1.00 3.31 6.72
CA ASP A 41 -0.36 3.82 6.53
C ASP A 41 -1.38 2.70 6.66
N ALA A 42 -1.11 1.58 5.99
CA ALA A 42 -2.02 0.44 6.02
C ALA A 42 -2.25 -0.05 7.45
N ASP A 43 -1.28 0.19 8.32
CA ASP A 43 -1.37 -0.21 9.71
C ASP A 43 -2.49 0.53 10.43
N GLN A 44 -2.73 1.77 10.01
CA GLN A 44 -3.77 2.60 10.63
C GLN A 44 -4.92 2.87 9.66
N ALA A 45 -4.58 3.47 8.52
CA ALA A 45 -5.58 3.79 7.50
C ALA A 45 -6.45 2.58 7.17
N TRP A 46 -5.81 1.49 6.73
CA TRP A 46 -6.53 0.28 6.39
C TRP A 46 -7.17 -0.35 7.62
N GLN A 47 -6.64 -0.04 8.80
CA GLN A 47 -7.16 -0.57 10.05
C GLN A 47 -8.61 -0.13 10.27
N GLU A 48 -8.99 0.96 9.62
CA GLU A 48 -10.35 1.49 9.75
C GLU A 48 -11.20 1.15 8.54
N LEU A 49 -10.55 0.66 7.47
CA LEU A 49 -11.27 0.30 6.26
C LEU A 49 -12.28 -0.80 6.54
N LYS A 50 -11.99 -1.64 7.52
CA LYS A 50 -12.87 -2.73 7.90
C LYS A 50 -13.57 -2.43 9.23
N THR A 51 -12.90 -1.67 10.08
CA THR A 51 -13.46 -1.31 11.38
C THR A 51 -12.90 0.02 11.87
N MET A 52 -13.69 1.09 11.71
CA MET A 52 -13.28 2.41 12.13
C MET A 52 -13.72 2.70 13.56
N LEU A 53 -15.03 2.81 13.76
CA LEU A 53 -15.58 3.09 15.09
C LEU A 53 -15.23 1.96 16.06
N GLY A 54 -14.07 2.09 16.70
CA GLY A 54 -13.64 1.09 17.66
C GLY A 54 -13.43 1.64 19.05
N ASN A 55 -13.19 2.95 19.14
CA ASN A 55 -12.97 3.59 20.43
C ASN A 55 -14.12 4.53 20.79
N ARG A 56 -15.00 4.80 19.83
CA ARG A 56 -16.14 5.68 20.06
C ARG A 56 -15.67 7.11 20.38
N ILE A 57 -16.27 8.09 19.71
CA ILE A 57 -15.91 9.48 19.93
C ILE A 57 -17.15 10.36 20.05
N ASN A 58 -17.21 11.15 21.12
CA ASN A 58 -18.34 12.03 21.35
C ASN A 58 -18.29 13.25 20.43
N ASP A 59 -19.06 13.20 19.36
CA ASP A 59 -19.09 14.30 18.39
C ASP A 59 -19.57 15.59 19.05
N GLY A 60 -20.70 15.52 19.73
CA GLY A 60 -21.23 16.69 20.40
C GLY A 60 -21.77 17.72 19.43
N LEU A 61 -22.12 17.28 18.23
CA LEU A 61 -22.64 18.18 17.20
C LEU A 61 -23.99 18.75 17.62
N ALA A 62 -25.03 17.92 17.52
CA ALA A 62 -26.37 18.35 17.89
C ALA A 62 -27.36 17.19 17.76
N GLY A 63 -27.31 16.26 18.71
CA GLY A 63 -28.21 15.12 18.68
C GLY A 63 -27.70 14.00 17.78
N LYS A 64 -26.94 13.09 18.36
CA LYS A 64 -26.39 11.96 17.61
C LYS A 64 -27.49 11.13 16.98
N VAL A 65 -27.12 10.29 16.02
CA VAL A 65 -28.08 9.43 15.34
C VAL A 65 -27.42 8.17 14.81
N SER A 66 -28.08 7.04 15.01
CA SER A 66 -27.55 5.75 14.56
C SER A 66 -27.76 5.57 13.07
N THR A 67 -27.07 4.60 12.48
CA THR A 67 -27.17 4.32 11.06
C THR A 67 -26.33 3.10 10.68
N LYS A 68 -27.01 2.05 10.24
CA LYS A 68 -26.32 0.81 9.84
C LYS A 68 -25.55 0.22 11.01
N SER A 69 -24.93 -0.92 10.77
CA SER A 69 -24.14 -1.60 11.81
C SER A 69 -22.72 -1.85 11.33
N VAL A 70 -22.58 -2.42 10.14
CA VAL A 70 -21.26 -2.71 9.57
C VAL A 70 -20.81 -1.59 8.64
N GLY A 71 -19.54 -1.24 8.72
CA GLY A 71 -19.00 -0.19 7.88
C GLY A 71 -18.07 -0.72 6.81
N GLU A 72 -18.66 -1.32 5.76
CA GLU A 72 -17.88 -1.87 4.67
C GLU A 72 -18.00 -1.00 3.42
N ILE A 73 -18.03 0.32 3.63
CA ILE A 73 -18.15 1.26 2.53
C ILE A 73 -16.77 1.62 1.97
N LEU A 74 -16.71 1.85 0.66
CA LEU A 74 -15.46 2.20 0.01
C LEU A 74 -15.46 3.67 -0.40
N ASP A 75 -16.34 4.02 -1.34
CA ASP A 75 -16.44 5.39 -1.82
C ASP A 75 -17.76 5.60 -2.56
N GLU A 76 -17.81 5.15 -3.81
CA GLU A 76 -19.01 5.30 -4.62
C GLU A 76 -20.13 4.39 -4.11
N GLU A 77 -20.62 4.69 -2.91
CA GLU A 77 -21.70 3.90 -2.31
C GLU A 77 -22.95 3.95 -3.16
N LEU A 78 -23.20 2.88 -3.90
CA LEU A 78 -24.37 2.79 -4.77
C LEU A 78 -25.55 2.17 -4.03
N SER A 79 -25.25 1.26 -3.11
CA SER A 79 -26.29 0.58 -2.34
C SER A 79 -25.86 0.41 -0.88
N GLY A 80 -26.81 0.05 -0.03
CA GLY A 80 -26.51 -0.15 1.38
C GLY A 80 -25.98 -1.53 1.67
N ASP A 81 -24.98 -1.62 2.55
CA ASP A 81 -24.39 -2.89 2.92
C ASP A 81 -25.45 -3.85 3.46
N ARG A 82 -26.18 -3.39 4.47
CA ARG A 82 -27.24 -4.20 5.08
C ARG A 82 -28.60 -3.53 4.91
N ALA A 83 -28.71 -2.67 3.90
CA ALA A 83 -29.96 -1.97 3.64
C ALA A 83 -30.42 -1.18 4.85
N MET B 1 13.71 3.83 -21.35
CA MET B 1 12.57 3.40 -20.51
C MET B 1 12.31 4.39 -19.37
N SER B 2 11.40 4.03 -18.47
CA SER B 2 11.06 4.88 -17.34
C SER B 2 12.03 4.66 -16.19
N ARG B 3 13.31 4.90 -16.44
CA ARG B 3 14.35 4.73 -15.43
C ARG B 3 14.65 6.06 -14.75
N LEU B 4 14.53 6.09 -13.42
CA LEU B 4 14.78 7.31 -12.67
C LEU B 4 16.08 7.23 -11.88
N THR B 5 16.83 8.34 -11.88
CA THR B 5 18.07 8.42 -11.13
C THR B 5 17.79 9.11 -9.80
N ILE B 6 18.30 8.54 -8.72
CA ILE B 6 18.06 9.09 -7.39
C ILE B 6 19.35 9.26 -6.59
N ASP B 7 19.42 10.33 -5.81
CA ASP B 7 20.59 10.60 -4.99
C ASP B 7 20.31 10.19 -3.55
N MET B 8 21.17 9.34 -3.01
CA MET B 8 21.02 8.85 -1.64
C MET B 8 22.32 9.03 -0.87
N THR B 9 22.23 8.98 0.47
CA THR B 9 23.40 9.12 1.32
C THR B 9 24.14 7.80 1.44
N ASP B 10 25.46 7.87 1.59
CA ASP B 10 26.29 6.67 1.71
C ASP B 10 25.74 5.70 2.75
N GLN B 11 25.74 6.12 4.01
CA GLN B 11 25.25 5.28 5.09
C GLN B 11 23.80 4.87 4.89
N GLN B 12 22.97 5.82 4.45
CA GLN B 12 21.55 5.55 4.24
C GLN B 12 21.33 4.55 3.10
N HIS B 13 21.98 4.80 1.96
CA HIS B 13 21.84 3.93 0.79
C HIS B 13 22.05 2.46 1.17
N GLN B 14 22.88 2.23 2.17
CA GLN B 14 23.18 0.88 2.63
C GLN B 14 21.96 0.28 3.33
N SER B 15 21.11 1.14 3.86
CA SER B 15 19.92 0.68 4.55
C SER B 15 18.99 -0.05 3.58
N LEU B 16 18.71 0.60 2.45
CA LEU B 16 17.86 0.00 1.43
C LEU B 16 18.65 -0.94 0.54
N LYS B 17 19.91 -0.58 0.26
CA LYS B 17 20.77 -1.40 -0.59
C LYS B 17 20.97 -2.76 0.05
N ALA B 18 21.33 -2.76 1.34
CA ALA B 18 21.56 -3.99 2.08
C ALA B 18 20.28 -4.82 2.16
N LEU B 19 19.17 -4.17 2.48
CA LEU B 19 17.89 -4.86 2.59
C LEU B 19 17.54 -5.54 1.28
N ALA B 20 17.95 -4.93 0.17
CA ALA B 20 17.69 -5.48 -1.15
C ALA B 20 18.38 -6.84 -1.31
N ALA B 21 19.65 -6.89 -0.90
CA ALA B 21 20.43 -8.11 -0.99
C ALA B 21 19.96 -9.13 0.04
N LEU B 22 19.48 -8.63 1.16
CA LEU B 22 18.99 -9.49 2.23
C LEU B 22 17.69 -10.19 1.83
N GLN B 23 16.99 -9.62 0.85
CA GLN B 23 15.74 -10.19 0.39
C GLN B 23 15.95 -11.11 -0.82
N GLY B 24 17.21 -11.53 -1.02
CA GLY B 24 17.53 -12.40 -2.13
C GLY B 24 17.38 -11.71 -3.48
N LYS B 25 17.57 -10.40 -3.50
CA LYS B 25 17.46 -9.63 -4.74
C LYS B 25 18.35 -8.40 -4.70
N THR B 26 18.19 -7.52 -5.68
CA THR B 26 18.97 -6.29 -5.76
C THR B 26 18.07 -5.09 -5.50
N ILE B 27 18.65 -4.01 -4.99
CA ILE B 27 17.88 -2.81 -4.68
C ILE B 27 16.99 -2.42 -5.87
N LYS B 28 17.47 -2.67 -7.08
CA LYS B 28 16.68 -2.35 -8.27
C LYS B 28 15.27 -2.93 -8.16
N GLN B 29 15.15 -3.99 -7.36
CA GLN B 29 13.86 -4.64 -7.14
C GLN B 29 13.21 -4.11 -5.87
N TYR B 30 13.95 -4.24 -4.77
CA TYR B 30 13.49 -3.81 -3.47
C TYR B 30 13.15 -2.32 -3.43
N ALA B 31 14.08 -1.48 -3.90
CA ALA B 31 13.86 -0.04 -3.93
C ALA B 31 12.75 0.30 -4.90
N LEU B 32 12.70 -0.45 -5.98
CA LEU B 32 11.70 -0.24 -6.99
C LEU B 32 10.29 -0.46 -6.45
N GLU B 33 10.09 -1.61 -5.81
CA GLU B 33 8.78 -1.95 -5.24
C GLU B 33 8.47 -1.12 -4.01
N ARG B 34 9.50 -0.68 -3.30
CA ARG B 34 9.32 0.12 -2.09
C ARG B 34 8.46 1.34 -2.38
N LEU B 35 8.57 1.87 -3.59
CA LEU B 35 7.81 3.03 -4.01
C LEU B 35 6.37 2.61 -4.33
N PHE B 36 6.20 1.33 -4.64
CA PHE B 36 4.90 0.79 -4.97
C PHE B 36 4.61 -0.48 -4.16
N PRO B 37 4.63 -0.39 -2.83
CA PRO B 37 4.37 -1.53 -1.96
C PRO B 37 2.90 -1.65 -1.58
N GLY B 38 2.37 -2.87 -1.63
CA GLY B 38 0.99 -3.10 -1.30
C GLY B 38 0.14 -3.43 -2.51
N ASP B 39 -0.29 -4.69 -2.61
CA ASP B 39 -1.12 -5.12 -3.72
C ASP B 39 -2.04 -6.27 -3.30
N ALA B 40 -3.19 -6.35 -3.95
CA ALA B 40 -4.17 -7.38 -3.65
C ALA B 40 -4.73 -8.02 -4.93
N ASP B 41 -4.14 -7.68 -6.08
CA ASP B 41 -4.59 -8.22 -7.34
C ASP B 41 -3.64 -9.31 -7.84
N ALA B 42 -2.35 -9.12 -7.57
CA ALA B 42 -1.34 -10.09 -7.98
C ALA B 42 -1.57 -11.45 -7.33
N ASP B 43 -2.19 -11.43 -6.15
CA ASP B 43 -2.46 -12.66 -5.42
C ASP B 43 -3.85 -13.21 -5.77
N GLN B 44 -4.44 -12.72 -6.85
CA GLN B 44 -5.75 -13.16 -7.29
C GLN B 44 -5.70 -13.74 -8.70
N ALA B 45 -5.28 -12.92 -9.65
CA ALA B 45 -5.19 -13.35 -11.04
C ALA B 45 -4.19 -14.49 -11.18
N TRP B 46 -3.14 -14.47 -10.37
CA TRP B 46 -2.11 -15.51 -10.41
C TRP B 46 -2.52 -16.71 -9.55
N GLN B 47 -3.41 -16.48 -8.60
CA GLN B 47 -3.88 -17.54 -7.72
C GLN B 47 -4.89 -18.44 -8.43
N GLU B 48 -5.50 -17.92 -9.49
CA GLU B 48 -6.50 -18.68 -10.24
C GLU B 48 -5.91 -19.20 -11.55
N LEU B 49 -4.66 -18.83 -11.85
CA LEU B 49 -4.00 -19.28 -13.07
C LEU B 49 -3.90 -20.81 -13.08
N LYS B 50 -3.78 -21.39 -11.89
CA LYS B 50 -3.68 -22.84 -11.76
C LYS B 50 -5.03 -23.43 -11.37
N THR B 51 -5.87 -22.62 -10.72
CA THR B 51 -7.19 -23.06 -10.30
C THR B 51 -8.07 -23.37 -11.50
N MET B 52 -8.60 -22.34 -12.14
CA MET B 52 -9.45 -22.50 -13.31
C MET B 52 -10.75 -23.24 -12.94
N LEU B 53 -11.13 -23.17 -11.67
CA LEU B 53 -12.34 -23.82 -11.20
C LEU B 53 -13.27 -22.83 -10.50
N GLY B 54 -14.57 -23.07 -10.58
CA GLY B 54 -15.53 -22.19 -9.95
C GLY B 54 -16.95 -22.72 -10.03
N ASN B 55 -17.64 -22.72 -8.90
CA ASN B 55 -19.02 -23.21 -8.85
C ASN B 55 -20.01 -22.05 -8.82
N ARG B 56 -20.69 -21.84 -9.94
CA ARG B 56 -21.66 -20.76 -10.05
C ARG B 56 -23.06 -21.23 -9.65
N ILE B 57 -23.91 -20.29 -9.28
CA ILE B 57 -25.28 -20.61 -8.87
C ILE B 57 -26.23 -20.53 -10.06
N ASN B 58 -26.64 -21.68 -10.57
CA ASN B 58 -27.56 -21.74 -11.71
C ASN B 58 -28.06 -23.16 -11.91
N ASP B 59 -27.15 -24.12 -11.87
CA ASP B 59 -27.50 -25.52 -12.06
C ASP B 59 -26.40 -26.43 -11.50
N GLY B 60 -25.16 -26.08 -11.79
CA GLY B 60 -24.04 -26.88 -11.32
C GLY B 60 -24.09 -28.31 -11.83
N LEU B 61 -24.26 -28.45 -13.14
CA LEU B 61 -24.32 -29.77 -13.75
C LEU B 61 -23.65 -29.76 -15.12
N ALA B 62 -22.40 -30.22 -15.16
CA ALA B 62 -21.65 -30.27 -16.41
C ALA B 62 -20.29 -30.93 -16.21
N GLY B 63 -19.45 -30.31 -15.37
CA GLY B 63 -18.13 -30.86 -15.11
C GLY B 63 -17.97 -31.31 -13.67
N LYS B 64 -18.92 -32.08 -13.17
CA LYS B 64 -18.88 -32.57 -11.81
C LYS B 64 -17.72 -33.55 -11.62
N VAL B 65 -16.82 -33.23 -10.71
CA VAL B 65 -15.67 -34.08 -10.43
C VAL B 65 -15.42 -34.19 -8.93
N SER B 66 -14.71 -35.25 -8.54
CA SER B 66 -14.40 -35.48 -7.13
C SER B 66 -12.92 -35.19 -6.85
N THR B 67 -12.57 -35.14 -5.57
CA THR B 67 -11.20 -34.89 -5.16
C THR B 67 -10.73 -33.54 -5.67
N LYS B 68 -10.89 -32.50 -4.85
CA LYS B 68 -10.49 -31.15 -5.22
C LYS B 68 -9.90 -30.42 -4.02
N SER B 69 -9.09 -29.40 -4.30
CA SER B 69 -8.46 -28.61 -3.25
C SER B 69 -7.96 -27.27 -3.79
N VAL B 70 -8.05 -26.24 -2.97
CA VAL B 70 -7.61 -24.90 -3.37
C VAL B 70 -6.08 -24.84 -3.50
N GLY B 71 -5.62 -24.35 -4.64
CA GLY B 71 -4.19 -24.25 -4.87
C GLY B 71 -3.50 -23.37 -3.85
N GLU B 72 -3.02 -23.98 -2.77
CA GLU B 72 -2.33 -23.25 -1.72
C GLU B 72 -1.28 -24.13 -1.05
N ILE B 73 -0.81 -23.70 0.12
CA ILE B 73 0.20 -24.45 0.86
C ILE B 73 -0.38 -25.04 2.14
N LEU B 74 0.29 -26.05 2.69
CA LEU B 74 -0.16 -26.69 3.91
C LEU B 74 0.81 -26.44 5.05
N ASP B 75 0.35 -26.65 6.28
CA ASP B 75 1.17 -26.44 7.47
C ASP B 75 1.87 -25.09 7.43
N GLU B 76 1.12 -24.03 7.74
CA GLU B 76 1.66 -22.68 7.75
C GLU B 76 0.72 -21.72 8.46
N GLU B 77 1.25 -20.56 8.84
CA GLU B 77 0.46 -19.54 9.53
C GLU B 77 -0.59 -18.94 8.59
N LEU B 78 -1.84 -19.34 8.77
CA LEU B 78 -2.93 -18.84 7.95
C LEU B 78 -4.28 -19.18 8.56
N SER B 79 -5.33 -18.48 8.11
CA SER B 79 -6.67 -18.71 8.62
C SER B 79 -7.69 -18.66 7.48
N GLY B 80 -8.12 -19.83 7.02
CA GLY B 80 -9.09 -19.90 5.95
C GLY B 80 -8.50 -20.49 4.68
N ASP B 81 -7.49 -21.33 4.83
CA ASP B 81 -6.84 -21.96 3.69
C ASP B 81 -7.84 -22.78 2.88
N ARG B 82 -8.74 -23.47 3.58
CA ARG B 82 -9.75 -24.29 2.92
C ARG B 82 -11.15 -23.90 3.40
N ALA B 83 -11.27 -22.71 3.96
CA ALA B 83 -12.55 -22.22 4.46
C ALA B 83 -13.18 -23.20 5.45
N MET A 1 26.17 11.85 -1.54
CA MET A 1 26.40 11.76 -3.01
C MET A 1 26.15 10.34 -3.51
N SER A 2 25.26 9.63 -2.84
CA SER A 2 24.94 8.25 -3.23
C SER A 2 23.66 8.20 -4.06
N ARG A 3 23.81 8.33 -5.37
CA ARG A 3 22.67 8.30 -6.28
C ARG A 3 22.46 6.91 -6.83
N LEU A 4 21.23 6.39 -6.71
CA LEU A 4 20.92 5.06 -7.19
C LEU A 4 20.02 5.13 -8.42
N THR A 5 20.45 4.51 -9.51
CA THR A 5 19.65 4.48 -10.72
C THR A 5 18.72 3.28 -10.69
N ILE A 6 17.46 3.50 -11.04
CA ILE A 6 16.47 2.44 -11.02
C ILE A 6 15.69 2.39 -12.32
N ASP A 7 15.44 1.18 -12.83
CA ASP A 7 14.68 1.03 -14.06
C ASP A 7 13.23 0.71 -13.73
N MET A 8 12.33 1.53 -14.24
CA MET A 8 10.90 1.34 -14.01
C MET A 8 10.13 1.40 -15.32
N THR A 9 8.90 0.90 -15.32
CA THR A 9 8.08 0.91 -16.51
C THR A 9 7.38 2.26 -16.66
N ASP A 10 6.97 2.59 -17.88
CA ASP A 10 6.32 3.86 -18.16
C ASP A 10 5.19 4.19 -17.18
N GLN A 11 4.15 3.36 -17.17
CA GLN A 11 2.99 3.59 -16.30
C GLN A 11 3.36 3.64 -14.82
N GLN A 12 4.12 2.65 -14.34
CA GLN A 12 4.50 2.60 -12.93
C GLN A 12 5.37 3.80 -12.53
N HIS A 13 6.29 4.17 -13.41
CA HIS A 13 7.18 5.31 -13.14
C HIS A 13 6.39 6.61 -13.04
N GLN A 14 5.21 6.63 -13.64
CA GLN A 14 4.36 7.82 -13.63
C GLN A 14 3.55 7.90 -12.34
N SER A 15 3.10 6.75 -11.85
CA SER A 15 2.31 6.69 -10.63
C SER A 15 3.11 7.23 -9.45
N LEU A 16 4.36 6.79 -9.35
CA LEU A 16 5.23 7.21 -8.26
C LEU A 16 5.84 8.58 -8.55
N LYS A 17 6.33 8.76 -9.77
CA LYS A 17 6.96 10.02 -10.14
C LYS A 17 5.94 11.16 -10.08
N ALA A 18 4.69 10.84 -10.38
CA ALA A 18 3.62 11.83 -10.34
C ALA A 18 3.31 12.24 -8.91
N LEU A 19 3.21 11.25 -8.01
CA LEU A 19 2.91 11.53 -6.61
C LEU A 19 3.97 12.45 -6.01
N ALA A 20 5.19 12.31 -6.47
CA ALA A 20 6.28 13.14 -6.00
C ALA A 20 5.96 14.61 -6.20
N ALA A 21 5.20 14.90 -7.26
CA ALA A 21 4.82 16.26 -7.63
C ALA A 21 3.82 16.85 -6.66
N LEU A 22 2.81 16.07 -6.34
CA LEU A 22 1.78 16.52 -5.45
C LEU A 22 2.25 16.52 -4.00
N GLN A 23 3.31 15.75 -3.74
CA GLN A 23 3.87 15.67 -2.40
C GLN A 23 4.65 16.95 -2.05
N GLY A 24 4.85 17.81 -3.05
CA GLY A 24 5.55 19.05 -2.82
C GLY A 24 7.03 18.99 -3.16
N LYS A 25 7.42 18.00 -3.97
CA LYS A 25 8.81 17.85 -4.36
C LYS A 25 8.94 16.97 -5.62
N THR A 26 10.11 16.37 -5.81
CA THR A 26 10.35 15.51 -6.96
C THR A 26 10.51 14.07 -6.49
N ILE A 27 10.26 13.10 -7.36
CA ILE A 27 10.38 11.70 -6.96
C ILE A 27 11.73 11.44 -6.32
N LYS A 28 12.76 12.15 -6.76
CA LYS A 28 14.07 11.98 -6.17
C LYS A 28 13.99 12.10 -4.66
N GLN A 29 12.97 12.84 -4.21
CA GLN A 29 12.73 13.03 -2.78
C GLN A 29 11.64 12.08 -2.30
N TYR A 30 10.51 12.09 -3.02
CA TYR A 30 9.37 11.25 -2.68
C TYR A 30 9.74 9.78 -2.69
N ALA A 31 10.37 9.34 -3.79
CA ALA A 31 10.80 7.95 -3.90
C ALA A 31 11.87 7.67 -2.87
N LEU A 32 12.67 8.71 -2.60
CA LEU A 32 13.74 8.62 -1.63
C LEU A 32 13.21 8.14 -0.29
N GLU A 33 12.17 8.80 0.19
CA GLU A 33 11.54 8.46 1.46
C GLU A 33 10.75 7.16 1.36
N ARG A 34 10.27 6.86 0.17
CA ARG A 34 9.48 5.65 -0.05
C ARG A 34 10.36 4.40 0.06
N LEU A 35 11.62 4.53 -0.32
CA LEU A 35 12.54 3.42 -0.22
C LEU A 35 12.99 3.23 1.23
N PHE A 36 12.88 4.30 2.01
CA PHE A 36 13.25 4.25 3.42
C PHE A 36 12.08 4.65 4.32
N PRO A 37 10.90 4.02 4.16
CA PRO A 37 9.74 4.32 4.97
C PRO A 37 9.69 3.51 6.26
N GLY A 38 10.25 4.06 7.33
CA GLY A 38 10.26 3.37 8.61
C GLY A 38 9.17 3.85 9.54
N ASP A 39 9.14 5.15 9.81
CA ASP A 39 8.14 5.73 10.69
C ASP A 39 7.49 6.95 10.04
N ALA A 40 6.33 7.35 10.56
CA ALA A 40 5.61 8.50 10.04
C ALA A 40 5.08 9.39 11.17
N ASP A 41 5.48 9.10 12.39
CA ASP A 41 5.03 9.87 13.55
C ASP A 41 5.48 11.33 13.42
N ALA A 42 6.75 11.57 13.68
CA ALA A 42 7.30 12.91 13.60
C ALA A 42 7.16 13.48 12.19
N ASP A 43 7.14 12.59 11.20
CA ASP A 43 7.01 13.00 9.81
C ASP A 43 5.76 13.84 9.59
N GLN A 44 4.75 13.64 10.45
CA GLN A 44 3.50 14.38 10.36
C GLN A 44 3.32 15.30 11.55
N ALA A 45 3.79 14.85 12.72
CA ALA A 45 3.68 15.63 13.94
C ALA A 45 4.53 16.90 13.88
N TRP A 46 5.84 16.72 13.99
CA TRP A 46 6.77 17.84 13.96
C TRP A 46 6.65 18.63 12.67
N GLN A 47 6.27 17.94 11.60
CA GLN A 47 6.11 18.57 10.30
C GLN A 47 4.99 19.59 10.33
N GLU A 48 4.09 19.45 11.29
CA GLU A 48 2.97 20.37 11.43
C GLU A 48 3.36 21.55 12.30
N LEU A 49 4.16 21.30 13.32
CA LEU A 49 4.61 22.37 14.20
C LEU A 49 5.39 23.39 13.38
N LYS A 50 6.03 22.89 12.32
CA LYS A 50 6.81 23.74 11.43
C LYS A 50 5.91 24.31 10.34
N THR A 51 4.93 23.52 9.89
CA THR A 51 4.01 23.96 8.86
C THR A 51 2.75 23.10 8.78
N MET A 52 2.92 21.83 8.46
CA MET A 52 1.80 20.89 8.34
C MET A 52 1.29 20.84 6.90
N LEU A 53 1.47 19.69 6.25
CA LEU A 53 1.04 19.51 4.87
C LEU A 53 -0.33 18.84 4.82
N GLY A 54 -1.02 19.00 3.70
CA GLY A 54 -2.33 18.40 3.54
C GLY A 54 -2.31 17.17 2.67
N ASN A 55 -2.75 16.04 3.21
CA ASN A 55 -2.78 14.78 2.47
C ASN A 55 -4.19 14.50 1.95
N ARG A 56 -4.26 13.72 0.87
CA ARG A 56 -5.54 13.38 0.26
C ARG A 56 -6.26 12.31 1.09
N ILE A 57 -5.77 11.07 0.99
CA ILE A 57 -6.36 9.95 1.72
C ILE A 57 -6.55 10.30 3.20
N ASN A 58 -5.70 11.17 3.72
CA ASN A 58 -5.77 11.60 5.12
C ASN A 58 -5.99 10.41 6.05
N ASP A 59 -6.36 10.69 7.30
CA ASP A 59 -6.60 9.64 8.28
C ASP A 59 -7.83 9.96 9.12
N GLY A 60 -7.91 11.19 9.60
CA GLY A 60 -9.04 11.60 10.42
C GLY A 60 -8.70 11.68 11.89
N LEU A 61 -7.43 11.95 12.18
CA LEU A 61 -6.97 12.05 13.55
C LEU A 61 -5.61 12.74 13.64
N ALA A 62 -5.57 13.88 14.32
CA ALA A 62 -4.34 14.65 14.47
C ALA A 62 -4.55 15.85 15.39
N GLY A 63 -4.74 15.58 16.67
CA GLY A 63 -4.95 16.64 17.64
C GLY A 63 -6.30 17.29 17.49
N LYS A 64 -7.25 16.56 16.91
CA LYS A 64 -8.60 17.07 16.71
C LYS A 64 -8.58 18.47 16.11
N VAL A 65 -7.58 18.74 15.28
CA VAL A 65 -7.45 20.05 14.64
C VAL A 65 -7.31 21.14 15.68
N SER A 66 -6.70 20.81 16.82
CA SER A 66 -6.50 21.77 17.89
C SER A 66 -5.01 22.04 18.11
N THR A 67 -4.63 23.31 18.09
CA THR A 67 -3.24 23.71 18.28
C THR A 67 -3.10 25.23 18.24
N LYS A 68 -3.87 25.87 17.37
CA LYS A 68 -3.83 27.32 17.22
C LYS A 68 -2.39 27.84 17.14
N SER A 69 -1.56 27.11 16.41
CA SER A 69 -0.16 27.49 16.24
C SER A 69 0.01 28.45 15.06
N VAL A 70 -0.38 27.99 13.88
CA VAL A 70 -0.29 28.79 12.66
C VAL A 70 1.07 29.49 12.55
N GLY A 71 1.99 28.85 11.85
CA GLY A 71 3.32 29.42 11.68
C GLY A 71 3.47 30.16 10.37
N GLU A 72 3.00 31.41 10.34
CA GLU A 72 3.09 32.23 9.14
C GLU A 72 4.09 33.37 9.32
N ILE A 73 5.25 33.04 9.89
CA ILE A 73 6.29 34.03 10.12
C ILE A 73 7.11 34.28 8.86
N LEU A 74 6.74 35.31 8.12
CA LEU A 74 7.44 35.66 6.88
C LEU A 74 7.49 37.17 6.68
N ASP A 75 8.59 37.64 6.11
CA ASP A 75 8.77 39.07 5.87
C ASP A 75 7.73 39.59 4.88
N GLU A 76 7.42 38.79 3.87
CA GLU A 76 6.45 39.18 2.86
C GLU A 76 6.33 38.11 1.77
N GLU A 77 7.45 37.45 1.47
CA GLU A 77 7.48 36.41 0.44
C GLU A 77 6.34 35.41 0.64
N LEU A 78 5.23 35.64 -0.07
CA LEU A 78 4.07 34.77 0.02
C LEU A 78 4.21 33.58 -0.94
N SER A 79 3.52 32.49 -0.61
CA SER A 79 3.59 31.28 -1.44
C SER A 79 2.25 30.53 -1.39
N GLY A 80 1.76 30.27 -0.19
CA GLY A 80 0.51 29.57 -0.03
C GLY A 80 0.38 28.91 1.33
N ASP A 81 1.51 28.56 1.92
CA ASP A 81 1.52 27.91 3.24
C ASP A 81 0.83 26.56 3.17
N ARG A 82 -0.51 26.59 3.20
CA ARG A 82 -1.29 25.36 3.13
C ARG A 82 -1.91 25.19 1.75
N ALA A 83 -1.32 25.86 0.75
CA ALA A 83 -1.80 25.80 -0.62
C ALA A 83 -3.27 26.20 -0.71
N MET B 1 12.21 1.22 -19.94
CA MET B 1 12.56 2.54 -20.54
C MET B 1 12.41 3.66 -19.52
N SER B 2 11.53 3.48 -18.55
CA SER B 2 11.30 4.48 -17.51
C SER B 2 12.24 4.25 -16.33
N ARG B 3 13.52 4.55 -16.54
CA ARG B 3 14.53 4.39 -15.50
C ARG B 3 14.81 5.72 -14.81
N LEU B 4 14.63 5.77 -13.49
CA LEU B 4 14.87 7.00 -12.74
C LEU B 4 16.12 6.89 -11.87
N THR B 5 16.89 7.96 -11.83
CA THR B 5 18.07 8.02 -10.99
C THR B 5 17.76 8.86 -9.76
N ILE B 6 17.87 8.28 -8.59
CA ILE B 6 17.56 8.99 -7.36
C ILE B 6 18.80 9.25 -6.51
N ASP B 7 18.79 10.35 -5.78
CA ASP B 7 19.92 10.71 -4.92
C ASP B 7 19.65 10.30 -3.47
N MET B 8 20.57 9.52 -2.92
CA MET B 8 20.44 9.05 -1.54
C MET B 8 21.73 9.35 -0.76
N THR B 9 21.63 9.30 0.57
CA THR B 9 22.79 9.56 1.41
C THR B 9 23.63 8.29 1.57
N ASP B 10 24.92 8.47 1.85
CA ASP B 10 25.84 7.34 2.01
C ASP B 10 25.24 6.24 2.87
N GLN B 11 24.97 6.55 4.14
CA GLN B 11 24.39 5.58 5.06
C GLN B 11 22.98 5.15 4.63
N GLN B 12 22.23 6.08 4.08
CA GLN B 12 20.87 5.82 3.64
C GLN B 12 20.84 4.80 2.49
N HIS B 13 21.66 5.04 1.47
CA HIS B 13 21.72 4.16 0.31
C HIS B 13 22.11 2.74 0.71
N GLN B 14 23.10 2.62 1.58
CA GLN B 14 23.56 1.32 2.02
C GLN B 14 22.50 0.63 2.85
N SER B 15 21.73 1.43 3.57
CA SER B 15 20.67 0.91 4.40
C SER B 15 19.66 0.14 3.56
N LEU B 16 19.20 0.77 2.48
CA LEU B 16 18.24 0.15 1.57
C LEU B 16 18.94 -0.80 0.61
N LYS B 17 20.17 -0.47 0.25
CA LYS B 17 20.94 -1.31 -0.68
C LYS B 17 21.13 -2.70 -0.10
N ALA B 18 21.58 -2.76 1.15
CA ALA B 18 21.79 -4.03 1.83
C ALA B 18 20.48 -4.79 2.00
N LEU B 19 19.41 -4.05 2.32
CA LEU B 19 18.10 -4.64 2.51
C LEU B 19 17.64 -5.39 1.26
N ALA B 20 17.90 -4.79 0.10
CA ALA B 20 17.54 -5.42 -1.16
C ALA B 20 18.15 -6.80 -1.27
N ALA B 21 19.44 -6.89 -0.98
CA ALA B 21 20.16 -8.15 -1.04
C ALA B 21 19.74 -9.05 0.11
N LEU B 22 19.47 -8.43 1.25
CA LEU B 22 19.05 -9.18 2.43
C LEU B 22 17.74 -9.90 2.16
N GLN B 23 16.89 -9.26 1.37
CA GLN B 23 15.60 -9.82 1.01
C GLN B 23 15.76 -10.97 0.01
N GLY B 24 16.84 -10.93 -0.76
CA GLY B 24 17.10 -11.97 -1.74
C GLY B 24 17.10 -11.45 -3.16
N LYS B 25 17.40 -10.16 -3.34
CA LYS B 25 17.44 -9.56 -4.66
C LYS B 25 18.25 -8.27 -4.64
N THR B 26 18.28 -7.57 -5.77
CA THR B 26 19.03 -6.33 -5.88
C THR B 26 18.09 -5.14 -5.69
N ILE B 27 18.58 -4.07 -5.06
CA ILE B 27 17.76 -2.88 -4.82
C ILE B 27 16.98 -2.50 -6.06
N LYS B 28 17.57 -2.72 -7.23
CA LYS B 28 16.91 -2.41 -8.50
C LYS B 28 15.49 -2.96 -8.50
N GLN B 29 15.28 -4.03 -7.73
CA GLN B 29 13.96 -4.66 -7.61
C GLN B 29 13.30 -4.26 -6.30
N TYR B 30 14.06 -4.41 -5.22
CA TYR B 30 13.56 -4.12 -3.89
C TYR B 30 13.10 -2.66 -3.76
N ALA B 31 13.96 -1.72 -4.15
CA ALA B 31 13.62 -0.31 -4.10
C ALA B 31 12.51 -0.01 -5.07
N LEU B 32 12.56 -0.70 -6.21
CA LEU B 32 11.57 -0.52 -7.24
C LEU B 32 10.17 -0.72 -6.67
N GLU B 33 9.97 -1.85 -6.01
CA GLU B 33 8.69 -2.17 -5.41
C GLU B 33 8.43 -1.34 -4.16
N ARG B 34 9.49 -1.00 -3.46
CA ARG B 34 9.39 -0.21 -2.23
C ARG B 34 8.64 1.09 -2.46
N LEU B 35 8.82 1.68 -3.64
CA LEU B 35 8.13 2.91 -3.99
C LEU B 35 6.66 2.62 -4.24
N PHE B 36 6.35 1.34 -4.49
CA PHE B 36 4.99 0.91 -4.73
C PHE B 36 4.58 -0.23 -3.79
N PRO B 37 4.59 0.00 -2.47
CA PRO B 37 4.22 -1.01 -1.50
C PRO B 37 2.74 -0.96 -1.13
N GLY B 38 1.92 -0.45 -2.04
CA GLY B 38 0.50 -0.35 -1.80
C GLY B 38 -0.24 0.35 -2.92
N ASP B 39 -1.57 0.24 -2.91
CA ASP B 39 -2.40 0.87 -3.94
C ASP B 39 -3.68 1.42 -3.34
N ALA B 40 -4.10 2.58 -3.82
CA ALA B 40 -5.32 3.22 -3.34
C ALA B 40 -6.54 2.37 -3.64
N ASP B 41 -6.57 1.79 -4.84
CA ASP B 41 -7.69 0.94 -5.25
C ASP B 41 -7.61 -0.43 -4.59
N ALA B 42 -6.41 -0.99 -4.53
CA ALA B 42 -6.19 -2.29 -3.93
C ALA B 42 -6.59 -2.29 -2.45
N ASP B 43 -6.19 -1.25 -1.73
CA ASP B 43 -6.51 -1.12 -0.32
C ASP B 43 -8.01 -1.12 -0.10
N GLN B 44 -8.74 -0.47 -1.00
CA GLN B 44 -10.19 -0.38 -0.89
C GLN B 44 -10.83 -1.73 -1.22
N ALA B 45 -10.17 -2.51 -2.07
CA ALA B 45 -10.67 -3.82 -2.47
C ALA B 45 -10.87 -4.73 -1.26
N TRP B 46 -9.88 -4.72 -0.36
CA TRP B 46 -9.95 -5.55 0.84
C TRP B 46 -10.60 -4.80 2.00
N GLN B 47 -11.43 -3.81 1.68
CA GLN B 47 -12.11 -3.02 2.70
C GLN B 47 -13.60 -3.33 2.74
N GLU B 48 -14.12 -3.87 1.63
CA GLU B 48 -15.53 -4.21 1.53
C GLU B 48 -15.74 -5.72 1.63
N LEU B 49 -14.66 -6.48 1.49
CA LEU B 49 -14.75 -7.94 1.58
C LEU B 49 -15.26 -8.37 2.95
N LYS B 50 -14.95 -7.56 3.97
CA LYS B 50 -15.37 -7.85 5.33
C LYS B 50 -16.64 -7.06 5.68
N THR B 51 -16.86 -5.96 4.97
CA THR B 51 -18.03 -5.12 5.20
C THR B 51 -19.33 -5.94 5.10
N MET B 52 -19.31 -6.93 4.22
CA MET B 52 -20.47 -7.79 4.01
C MET B 52 -20.49 -8.94 5.02
N LEU B 53 -21.61 -9.10 5.71
CA LEU B 53 -21.75 -10.16 6.70
C LEU B 53 -22.81 -11.17 6.26
N GLY B 54 -24.06 -10.75 6.25
CA GLY B 54 -25.14 -11.63 5.85
C GLY B 54 -25.47 -11.52 4.38
N ASN B 55 -26.62 -12.05 3.98
CA ASN B 55 -27.06 -12.01 2.59
C ASN B 55 -28.20 -11.02 2.41
N ARG B 56 -29.03 -10.88 3.43
CA ARG B 56 -30.17 -9.98 3.38
C ARG B 56 -29.73 -8.54 3.66
N ILE B 57 -29.50 -8.22 4.93
CA ILE B 57 -29.07 -6.89 5.35
C ILE B 57 -29.96 -5.79 4.75
N ASN B 58 -29.79 -4.57 5.26
CA ASN B 58 -30.57 -3.44 4.78
C ASN B 58 -29.75 -2.15 4.82
N ASP B 59 -29.30 -1.70 3.66
CA ASP B 59 -28.50 -0.49 3.57
C ASP B 59 -29.27 0.72 4.11
N GLY B 60 -30.38 1.06 3.47
CA GLY B 60 -31.17 2.18 3.90
C GLY B 60 -31.81 1.95 5.26
N LEU B 61 -31.02 2.09 6.32
CA LEU B 61 -31.52 1.89 7.67
C LEU B 61 -32.69 2.81 7.96
N ALA B 62 -32.46 4.12 7.94
CA ALA B 62 -33.51 5.09 8.20
C ALA B 62 -33.00 6.52 8.03
N GLY B 63 -32.12 6.73 7.07
CA GLY B 63 -31.58 8.05 6.84
C GLY B 63 -30.16 8.03 6.28
N LYS B 64 -29.87 7.06 5.42
CA LYS B 64 -28.54 6.93 4.81
C LYS B 64 -27.43 7.09 5.85
N VAL B 65 -26.96 5.96 6.38
CA VAL B 65 -25.90 5.98 7.38
C VAL B 65 -24.90 4.84 7.14
N SER B 66 -23.78 5.17 6.51
CA SER B 66 -22.75 4.17 6.22
C SER B 66 -21.66 4.18 7.29
N THR B 67 -21.57 5.28 8.03
CA THR B 67 -20.55 5.42 9.08
C THR B 67 -20.57 4.21 10.02
N LYS B 68 -19.42 3.88 10.59
CA LYS B 68 -19.30 2.75 11.50
C LYS B 68 -19.65 1.45 10.80
N SER B 69 -18.64 0.84 10.15
CA SER B 69 -18.85 -0.41 9.44
C SER B 69 -18.21 -1.57 10.20
N VAL B 70 -18.54 -2.79 9.79
CA VAL B 70 -18.01 -3.98 10.42
C VAL B 70 -17.01 -4.69 9.51
N GLY B 71 -15.74 -4.37 9.67
CA GLY B 71 -14.70 -4.98 8.85
C GLY B 71 -14.00 -3.99 7.96
N GLU B 72 -13.88 -2.75 8.43
CA GLU B 72 -13.22 -1.70 7.65
C GLU B 72 -11.74 -1.60 8.03
N ILE B 73 -11.42 -1.92 9.28
CA ILE B 73 -10.05 -1.86 9.75
C ILE B 73 -9.33 -3.17 9.48
N LEU B 74 -8.10 -3.08 8.95
CA LEU B 74 -7.30 -4.26 8.64
C LEU B 74 -5.87 -4.09 9.14
N ASP B 75 -4.99 -4.98 8.71
CA ASP B 75 -3.60 -4.93 9.12
C ASP B 75 -2.69 -5.60 8.09
N GLU B 76 -1.40 -5.33 8.16
CA GLU B 76 -0.43 -5.92 7.24
C GLU B 76 -0.46 -7.45 7.31
N GLU B 77 -0.61 -7.98 8.52
CA GLU B 77 -0.66 -9.41 8.73
C GLU B 77 -1.67 -9.78 9.80
N LEU B 78 -2.32 -10.93 9.63
CA LEU B 78 -3.33 -11.39 10.58
C LEU B 78 -3.82 -12.79 10.21
N SER B 79 -4.19 -13.57 11.22
CA SER B 79 -4.68 -14.92 11.00
C SER B 79 -6.18 -15.01 11.26
N GLY B 80 -6.94 -15.24 10.19
CA GLY B 80 -8.39 -15.32 10.32
C GLY B 80 -9.03 -13.99 10.62
N ASP B 81 -9.64 -13.87 11.79
CA ASP B 81 -10.30 -12.63 12.19
C ASP B 81 -11.31 -12.19 11.13
N ARG B 82 -12.49 -12.80 11.16
CA ARG B 82 -13.54 -12.48 10.20
C ARG B 82 -13.11 -12.87 8.79
N ALA B 83 -12.19 -13.81 8.70
CA ALA B 83 -11.69 -14.29 7.41
C ALA B 83 -11.13 -13.13 6.58
N MET A 1 29.67 9.32 -4.38
CA MET A 1 28.21 9.60 -4.23
C MET A 1 27.41 8.31 -4.17
N SER A 2 26.47 8.25 -3.23
CA SER A 2 25.64 7.07 -3.06
C SER A 2 24.35 7.19 -3.88
N ARG A 3 24.51 7.50 -5.16
CA ARG A 3 23.38 7.65 -6.07
C ARG A 3 23.12 6.34 -6.83
N LEU A 4 21.89 5.85 -6.78
CA LEU A 4 21.56 4.61 -7.46
C LEU A 4 20.62 4.87 -8.62
N THR A 5 20.86 4.20 -9.74
CA THR A 5 20.00 4.34 -10.92
C THR A 5 19.07 3.15 -11.02
N ILE A 6 17.81 3.43 -11.31
CA ILE A 6 16.80 2.38 -11.41
C ILE A 6 16.01 2.51 -12.70
N ASP A 7 15.96 1.45 -13.50
CA ASP A 7 15.20 1.48 -14.74
C ASP A 7 13.82 0.85 -14.52
N MET A 8 12.79 1.63 -14.80
CA MET A 8 11.41 1.19 -14.60
C MET A 8 10.55 1.48 -15.85
N THR A 9 9.36 0.86 -15.92
CA THR A 9 8.48 1.06 -17.08
C THR A 9 7.65 2.35 -16.94
N ASP A 10 7.80 3.21 -17.94
CA ASP A 10 7.13 4.52 -17.97
C ASP A 10 5.68 4.54 -17.47
N GLN A 11 4.94 3.45 -17.68
CA GLN A 11 3.53 3.43 -17.26
C GLN A 11 3.35 3.66 -15.76
N GLN A 12 4.10 2.93 -14.96
CA GLN A 12 4.04 3.06 -13.50
C GLN A 12 4.55 4.42 -13.02
N HIS A 13 5.59 4.93 -13.68
CA HIS A 13 6.21 6.21 -13.31
C HIS A 13 5.16 7.30 -13.09
N GLN A 14 4.01 7.14 -13.71
CA GLN A 14 2.94 8.10 -13.56
C GLN A 14 2.32 7.98 -12.17
N SER A 15 2.30 6.76 -11.65
CA SER A 15 1.74 6.52 -10.34
C SER A 15 2.60 7.12 -9.23
N LEU A 16 3.91 6.80 -9.25
CA LEU A 16 4.83 7.32 -8.23
C LEU A 16 5.33 8.72 -8.57
N LYS A 17 5.77 8.92 -9.81
CA LYS A 17 6.30 10.21 -10.20
C LYS A 17 5.27 11.31 -10.03
N ALA A 18 4.08 11.09 -10.55
CA ALA A 18 3.00 12.05 -10.44
C ALA A 18 2.66 12.29 -8.98
N LEU A 19 2.71 11.22 -8.17
CA LEU A 19 2.44 11.34 -6.74
C LEU A 19 3.59 12.08 -6.07
N ALA A 20 4.79 11.89 -6.60
CA ALA A 20 5.98 12.55 -6.08
C ALA A 20 5.82 14.06 -6.16
N ALA A 21 5.41 14.54 -7.33
CA ALA A 21 5.20 15.96 -7.56
C ALA A 21 3.95 16.43 -6.84
N LEU A 22 2.98 15.52 -6.73
CA LEU A 22 1.71 15.84 -6.07
C LEU A 22 1.90 15.99 -4.56
N GLN A 23 2.64 15.07 -3.96
CA GLN A 23 2.90 15.10 -2.52
C GLN A 23 3.45 16.45 -2.08
N GLY A 24 4.06 17.18 -3.02
CA GLY A 24 4.63 18.48 -2.70
C GLY A 24 6.14 18.46 -2.73
N LYS A 25 6.70 17.58 -3.54
CA LYS A 25 8.15 17.44 -3.66
C LYS A 25 8.50 16.74 -4.97
N THR A 26 9.79 16.44 -5.15
CA THR A 26 10.25 15.76 -6.35
C THR A 26 10.46 14.28 -6.08
N ILE A 27 10.09 13.46 -7.06
CA ILE A 27 10.24 12.01 -6.93
C ILE A 27 11.62 11.65 -6.39
N LYS A 28 12.63 12.42 -6.77
CA LYS A 28 13.99 12.18 -6.30
C LYS A 28 14.03 12.11 -4.77
N GLN A 29 13.02 12.70 -4.13
CA GLN A 29 12.92 12.70 -2.67
C GLN A 29 11.78 11.80 -2.23
N TYR A 30 10.64 11.96 -2.88
CA TYR A 30 9.45 11.20 -2.55
C TYR A 30 9.70 9.70 -2.67
N ALA A 31 10.24 9.28 -3.82
CA ALA A 31 10.54 7.88 -4.05
C ALA A 31 11.64 7.44 -3.10
N LEU A 32 12.58 8.35 -2.89
CA LEU A 32 13.72 8.11 -2.01
C LEU A 32 13.29 7.78 -0.58
N GLU A 33 12.42 8.62 -0.02
CA GLU A 33 11.95 8.44 1.34
C GLU A 33 11.27 7.08 1.52
N ARG A 34 10.62 6.62 0.46
CA ARG A 34 9.92 5.35 0.51
C ARG A 34 10.81 4.18 0.07
N LEU A 35 12.05 4.48 -0.30
CA LEU A 35 12.97 3.43 -0.73
C LEU A 35 13.52 2.66 0.45
N PHE A 36 13.45 3.26 1.64
CA PHE A 36 13.95 2.61 2.84
C PHE A 36 12.84 1.90 3.62
N PRO A 37 11.72 2.60 3.89
CA PRO A 37 10.59 2.04 4.63
C PRO A 37 9.52 1.42 3.73
N GLY A 38 8.57 2.23 3.27
CA GLY A 38 7.51 1.73 2.41
C GLY A 38 6.52 2.82 2.05
N ASP A 39 5.23 2.50 2.11
CA ASP A 39 4.19 3.47 1.78
C ASP A 39 3.73 4.22 3.02
N ALA A 40 3.20 5.43 2.80
CA ALA A 40 2.70 6.26 3.88
C ALA A 40 1.60 7.20 3.40
N ASP A 41 1.04 6.92 2.24
CA ASP A 41 -0.01 7.74 1.67
C ASP A 41 -1.40 7.24 2.10
N ALA A 42 -1.52 5.93 2.27
CA ALA A 42 -2.78 5.32 2.68
C ALA A 42 -3.34 5.99 3.93
N ASP A 43 -2.47 6.58 4.74
CA ASP A 43 -2.87 7.24 5.96
C ASP A 43 -3.70 8.49 5.67
N GLN A 44 -3.39 9.15 4.55
CA GLN A 44 -4.11 10.36 4.16
C GLN A 44 -4.91 10.14 2.89
N ALA A 45 -4.23 9.70 1.83
CA ALA A 45 -4.88 9.45 0.55
C ALA A 45 -6.14 8.61 0.71
N TRP A 46 -6.05 7.56 1.51
CA TRP A 46 -7.18 6.66 1.75
C TRP A 46 -8.18 7.30 2.72
N GLN A 47 -7.74 8.30 3.46
CA GLN A 47 -8.60 8.99 4.42
C GLN A 47 -9.62 9.87 3.70
N GLU A 48 -9.30 10.27 2.47
CA GLU A 48 -10.19 11.12 1.69
C GLU A 48 -10.75 10.36 0.49
N LEU A 49 -10.10 9.26 0.12
CA LEU A 49 -10.55 8.45 -1.01
C LEU A 49 -11.97 7.92 -0.75
N LYS A 50 -12.29 7.71 0.52
CA LYS A 50 -13.59 7.21 0.90
C LYS A 50 -14.34 8.23 1.76
N THR A 51 -13.60 9.11 2.43
CA THR A 51 -14.20 10.13 3.28
C THR A 51 -13.49 11.47 3.13
N MET A 52 -13.95 12.28 2.18
CA MET A 52 -13.35 13.59 1.94
C MET A 52 -14.38 14.70 2.17
N LEU A 53 -13.90 15.88 2.53
CA LEU A 53 -14.78 17.02 2.77
C LEU A 53 -14.74 18.00 1.60
N GLY A 54 -15.91 18.49 1.22
CA GLY A 54 -16.00 19.43 0.11
C GLY A 54 -17.40 19.54 -0.45
N ASN A 55 -18.25 20.30 0.23
CA ASN A 55 -19.62 20.49 -0.21
C ASN A 55 -19.94 21.97 -0.39
N ARG A 56 -20.32 22.36 -1.61
CA ARG A 56 -20.64 23.74 -1.91
C ARG A 56 -22.00 23.84 -2.61
N ILE A 57 -23.02 23.27 -1.99
CA ILE A 57 -24.37 23.31 -2.54
C ILE A 57 -25.37 23.88 -1.54
N ASN A 58 -26.36 24.61 -2.04
CA ASN A 58 -27.37 25.21 -1.19
C ASN A 58 -26.73 26.21 -0.21
N ASP A 59 -25.74 26.96 -0.72
CA ASP A 59 -25.05 27.95 0.09
C ASP A 59 -24.52 27.34 1.39
N GLY A 60 -24.32 26.02 1.40
CA GLY A 60 -23.82 25.34 2.57
C GLY A 60 -24.51 25.77 3.85
N LEU A 61 -25.76 26.21 3.73
CA LEU A 61 -26.52 26.66 4.88
C LEU A 61 -27.99 26.87 4.52
N ALA A 62 -28.88 26.31 5.33
CA ALA A 62 -30.32 26.44 5.09
C ALA A 62 -31.12 25.72 6.16
N GLY A 63 -30.64 24.56 6.58
CA GLY A 63 -31.33 23.80 7.60
C GLY A 63 -30.53 23.66 8.88
N LYS A 64 -29.20 23.69 8.74
CA LYS A 64 -28.31 23.57 9.90
C LYS A 64 -28.48 22.21 10.56
N VAL A 65 -28.78 21.19 9.76
CA VAL A 65 -28.95 19.84 10.28
C VAL A 65 -28.09 18.84 9.52
N SER A 66 -26.95 19.31 9.02
CA SER A 66 -26.03 18.45 8.28
C SER A 66 -24.82 18.09 9.12
N THR A 67 -23.86 17.41 8.50
CA THR A 67 -22.64 17.00 9.20
C THR A 67 -21.61 16.45 8.22
N LYS A 68 -20.38 16.95 8.31
CA LYS A 68 -19.31 16.50 7.44
C LYS A 68 -18.44 15.46 8.12
N SER A 69 -19.06 14.63 8.96
CA SER A 69 -18.34 13.59 9.68
C SER A 69 -18.35 12.29 8.89
N VAL A 70 -19.50 11.93 8.34
CA VAL A 70 -19.63 10.72 7.55
C VAL A 70 -19.88 11.03 6.08
N GLY A 71 -18.87 10.80 5.25
CA GLY A 71 -19.01 11.06 3.83
C GLY A 71 -19.89 10.05 3.14
N GLU A 72 -20.98 10.51 2.55
CA GLU A 72 -21.91 9.64 1.83
C GLU A 72 -21.26 9.07 0.57
N ILE A 73 -20.59 9.94 -0.18
CA ILE A 73 -19.93 9.52 -1.41
C ILE A 73 -20.93 8.95 -2.40
N LEU A 74 -21.36 9.78 -3.35
CA LEU A 74 -22.32 9.36 -4.37
C LEU A 74 -23.68 9.05 -3.74
N ASP A 75 -23.76 7.94 -3.00
CA ASP A 75 -24.99 7.54 -2.35
C ASP A 75 -24.71 6.52 -1.25
N GLU A 76 -25.76 6.16 -0.51
CA GLU A 76 -25.62 5.19 0.58
C GLU A 76 -26.98 4.87 1.18
N GLU A 77 -27.30 3.58 1.25
CA GLU A 77 -28.56 3.13 1.81
C GLU A 77 -28.67 3.50 3.29
N LEU A 78 -29.57 4.43 3.62
CA LEU A 78 -29.77 4.86 4.99
C LEU A 78 -30.11 3.68 5.89
N SER A 79 -30.40 3.98 7.16
CA SER A 79 -30.75 2.94 8.12
C SER A 79 -29.55 2.04 8.42
N GLY A 80 -28.99 2.21 9.62
CA GLY A 80 -27.84 1.41 10.01
C GLY A 80 -26.53 1.96 9.46
N ASP A 81 -25.64 1.06 9.07
CA ASP A 81 -24.34 1.46 8.52
C ASP A 81 -23.54 2.23 9.56
N ARG A 82 -23.86 3.51 9.73
CA ARG A 82 -23.18 4.36 10.70
C ARG A 82 -24.10 4.64 11.88
N ALA A 83 -25.08 3.77 12.09
CA ALA A 83 -26.03 3.92 13.18
C ALA A 83 -26.74 5.27 13.11
N MET B 1 7.68 2.37 -13.66
CA MET B 1 8.10 3.56 -12.87
C MET B 1 9.13 4.40 -13.64
N SER B 2 9.28 4.10 -14.93
CA SER B 2 10.26 4.78 -15.80
C SER B 2 11.64 4.67 -15.17
N ARG B 3 12.67 5.04 -15.91
CA ARG B 3 14.01 4.96 -15.35
C ARG B 3 14.38 6.28 -14.73
N LEU B 4 14.61 6.27 -13.42
CA LEU B 4 14.96 7.49 -12.70
C LEU B 4 16.24 7.30 -11.89
N THR B 5 17.14 8.27 -12.00
CA THR B 5 18.38 8.21 -11.26
C THR B 5 18.18 8.86 -9.90
N ILE B 6 18.42 8.08 -8.85
CA ILE B 6 18.23 8.57 -7.50
C ILE B 6 19.54 8.75 -6.75
N ASP B 7 19.72 9.92 -6.16
CA ASP B 7 20.93 10.21 -5.40
C ASP B 7 20.66 9.99 -3.92
N MET B 8 21.48 9.15 -3.30
CA MET B 8 21.32 8.85 -1.88
C MET B 8 22.65 9.02 -1.16
N THR B 9 22.58 9.12 0.17
CA THR B 9 23.78 9.29 0.97
C THR B 9 24.44 7.95 1.24
N ASP B 10 25.75 7.98 1.51
CA ASP B 10 26.51 6.77 1.77
C ASP B 10 25.86 5.89 2.84
N GLN B 11 25.69 6.43 4.03
CA GLN B 11 25.09 5.69 5.14
C GLN B 11 23.67 5.25 4.81
N GLN B 12 22.84 6.17 4.33
CA GLN B 12 21.46 5.87 3.99
C GLN B 12 21.37 4.82 2.87
N HIS B 13 22.12 5.05 1.79
CA HIS B 13 22.12 4.12 0.66
C HIS B 13 22.48 2.71 1.10
N GLN B 14 23.08 2.58 2.27
CA GLN B 14 23.47 1.28 2.79
C GLN B 14 22.30 0.59 3.49
N SER B 15 21.46 1.38 4.14
CA SER B 15 20.31 0.84 4.85
C SER B 15 19.29 0.21 3.90
N LEU B 16 18.92 0.95 2.86
CA LEU B 16 17.95 0.45 1.89
C LEU B 16 18.60 -0.47 0.85
N LYS B 17 19.79 -0.11 0.39
CA LYS B 17 20.49 -0.93 -0.60
C LYS B 17 20.80 -2.31 -0.03
N ALA B 18 21.38 -2.33 1.17
CA ALA B 18 21.71 -3.58 1.83
C ALA B 18 20.45 -4.39 2.07
N LEU B 19 19.38 -3.72 2.51
CA LEU B 19 18.11 -4.38 2.76
C LEU B 19 17.61 -5.04 1.49
N ALA B 20 17.92 -4.41 0.35
CA ALA B 20 17.52 -4.94 -0.94
C ALA B 20 18.06 -6.35 -1.12
N ALA B 21 19.37 -6.50 -0.86
CA ALA B 21 20.04 -7.78 -0.97
C ALA B 21 19.62 -8.72 0.15
N LEU B 22 19.43 -8.13 1.34
CA LEU B 22 19.04 -8.90 2.51
C LEU B 22 17.64 -9.49 2.34
N GLN B 23 16.83 -8.85 1.51
CA GLN B 23 15.47 -9.31 1.27
C GLN B 23 15.44 -10.49 0.30
N GLY B 24 16.58 -10.78 -0.33
CA GLY B 24 16.65 -11.88 -1.27
C GLY B 24 16.54 -11.43 -2.71
N LYS B 25 17.02 -10.21 -2.99
CA LYS B 25 16.97 -9.65 -4.33
C LYS B 25 17.99 -8.52 -4.47
N THR B 26 17.72 -7.56 -5.37
CA THR B 26 18.62 -6.44 -5.57
C THR B 26 17.89 -5.13 -5.36
N ILE B 27 18.63 -4.09 -4.95
CA ILE B 27 18.02 -2.78 -4.71
C ILE B 27 17.27 -2.29 -5.95
N LYS B 28 17.66 -2.81 -7.12
CA LYS B 28 16.97 -2.45 -8.35
C LYS B 28 15.53 -2.97 -8.30
N GLN B 29 15.30 -3.93 -7.39
CA GLN B 29 13.98 -4.54 -7.21
C GLN B 29 13.35 -4.06 -5.92
N TYR B 30 14.14 -4.07 -4.85
CA TYR B 30 13.69 -3.67 -3.54
C TYR B 30 13.18 -2.24 -3.55
N ALA B 31 13.98 -1.33 -4.09
CA ALA B 31 13.59 0.07 -4.18
C ALA B 31 12.41 0.23 -5.11
N LEU B 32 12.36 -0.63 -6.11
CA LEU B 32 11.30 -0.59 -7.11
C LEU B 32 9.93 -0.73 -6.47
N GLU B 33 9.77 -1.77 -5.65
CA GLU B 33 8.51 -2.06 -5.00
C GLU B 33 8.15 -1.09 -3.89
N ARG B 34 9.12 -0.79 -3.04
CA ARG B 34 8.89 0.09 -1.90
C ARG B 34 8.22 1.40 -2.31
N LEU B 35 8.40 1.79 -3.56
CA LEU B 35 7.80 3.00 -4.08
C LEU B 35 6.32 2.77 -4.38
N PHE B 36 5.95 1.50 -4.53
CA PHE B 36 4.57 1.13 -4.82
C PHE B 36 4.15 -0.12 -4.03
N PRO B 37 4.28 -0.08 -2.69
CA PRO B 37 3.91 -1.22 -1.84
C PRO B 37 2.49 -1.70 -2.12
N GLY B 38 1.62 -0.76 -2.50
CA GLY B 38 0.24 -1.10 -2.79
C GLY B 38 -0.15 -0.78 -4.23
N ASP B 39 0.04 -1.76 -5.11
CA ASP B 39 -0.29 -1.57 -6.52
C ASP B 39 -1.58 -2.30 -6.89
N ALA B 40 -1.96 -2.24 -8.15
CA ALA B 40 -3.18 -2.89 -8.63
C ALA B 40 -2.98 -3.50 -10.01
N ASP B 41 -1.74 -3.56 -10.48
CA ASP B 41 -1.43 -4.11 -11.79
C ASP B 41 -1.88 -5.57 -11.88
N ALA B 42 -1.76 -6.29 -10.76
CA ALA B 42 -2.15 -7.69 -10.71
C ALA B 42 -3.63 -7.86 -11.02
N ASP B 43 -4.44 -6.92 -10.56
CA ASP B 43 -5.88 -6.96 -10.78
C ASP B 43 -6.20 -6.99 -12.28
N GLN B 44 -5.30 -6.44 -13.09
CA GLN B 44 -5.50 -6.41 -14.54
C GLN B 44 -5.71 -7.82 -15.10
N ALA B 45 -5.09 -8.80 -14.44
CA ALA B 45 -5.21 -10.18 -14.88
C ALA B 45 -6.66 -10.66 -14.83
N TRP B 46 -7.31 -10.39 -13.71
CA TRP B 46 -8.71 -10.79 -13.53
C TRP B 46 -9.61 -10.10 -14.54
N GLN B 47 -9.14 -9.00 -15.10
CA GLN B 47 -9.91 -8.24 -16.08
C GLN B 47 -9.64 -8.74 -17.49
N GLU B 48 -8.50 -9.41 -17.68
CA GLU B 48 -8.13 -9.94 -18.98
C GLU B 48 -8.28 -11.46 -19.03
N LEU B 49 -8.55 -12.07 -17.88
CA LEU B 49 -8.73 -13.52 -17.82
C LEU B 49 -9.90 -13.96 -18.70
N LYS B 50 -10.91 -13.09 -18.80
CA LYS B 50 -12.08 -13.37 -19.61
C LYS B 50 -12.09 -12.47 -20.86
N THR B 51 -10.95 -11.87 -21.16
CA THR B 51 -10.83 -10.99 -22.32
C THR B 51 -10.06 -11.68 -23.44
N MET B 52 -10.13 -13.00 -23.48
CA MET B 52 -9.43 -13.77 -24.50
C MET B 52 -10.23 -13.80 -25.80
N LEU B 53 -9.63 -13.25 -26.87
CA LEU B 53 -10.29 -13.21 -28.17
C LEU B 53 -9.48 -13.99 -29.20
N GLY B 54 -9.85 -15.25 -29.40
CA GLY B 54 -9.14 -16.09 -30.36
C GLY B 54 -9.78 -16.04 -31.74
N ASN B 55 -9.00 -16.37 -32.76
CA ASN B 55 -9.49 -16.36 -34.13
C ASN B 55 -10.21 -17.67 -34.45
N ARG B 56 -11.53 -17.62 -34.49
CA ARG B 56 -12.33 -18.80 -34.79
C ARG B 56 -13.65 -18.41 -35.45
N ILE B 57 -14.56 -17.85 -34.66
CA ILE B 57 -15.86 -17.43 -35.17
C ILE B 57 -15.74 -16.18 -36.04
N ASN B 58 -15.71 -16.37 -37.35
CA ASN B 58 -15.60 -15.26 -38.28
C ASN B 58 -16.89 -14.45 -38.32
N ASP B 59 -17.20 -13.80 -37.20
CA ASP B 59 -18.41 -12.99 -37.10
C ASP B 59 -18.38 -11.84 -38.11
N GLY B 60 -17.18 -11.37 -38.42
CA GLY B 60 -17.03 -10.28 -39.36
C GLY B 60 -16.46 -9.03 -38.72
N LEU B 61 -16.79 -8.82 -37.44
CA LEU B 61 -16.31 -7.65 -36.71
C LEU B 61 -16.55 -6.36 -37.49
N ALA B 62 -15.91 -5.29 -37.06
CA ALA B 62 -16.05 -3.99 -37.71
C ALA B 62 -15.10 -2.97 -37.11
N GLY B 63 -13.81 -3.16 -37.35
CA GLY B 63 -12.81 -2.24 -36.83
C GLY B 63 -12.18 -2.75 -35.55
N LYS B 64 -12.63 -2.20 -34.42
CA LYS B 64 -12.11 -2.60 -33.11
C LYS B 64 -13.14 -2.33 -32.02
N VAL B 65 -13.61 -3.41 -31.40
CA VAL B 65 -14.59 -3.30 -30.33
C VAL B 65 -14.06 -2.46 -29.18
N SER B 66 -14.88 -2.30 -28.14
CA SER B 66 -14.49 -1.52 -26.98
C SER B 66 -14.95 -2.19 -25.68
N THR B 67 -14.90 -3.53 -25.67
CA THR B 67 -15.33 -4.29 -24.50
C THR B 67 -14.47 -3.94 -23.29
N LYS B 68 -15.13 -3.67 -22.16
CA LYS B 68 -14.42 -3.33 -20.93
C LYS B 68 -14.50 -4.47 -19.91
N SER B 69 -14.66 -5.69 -20.42
CA SER B 69 -14.75 -6.86 -19.56
C SER B 69 -14.96 -8.13 -20.38
N VAL B 70 -16.18 -8.30 -20.89
CA VAL B 70 -16.52 -9.47 -21.69
C VAL B 70 -17.15 -9.04 -23.01
N GLY B 71 -17.11 -9.94 -24.00
CA GLY B 71 -17.68 -9.63 -25.30
C GLY B 71 -19.18 -9.88 -25.34
N GLU B 72 -19.82 -9.38 -26.40
CA GLU B 72 -21.25 -9.54 -26.58
C GLU B 72 -22.03 -9.34 -25.27
N ILE B 73 -21.82 -8.19 -24.65
CA ILE B 73 -22.50 -7.88 -23.40
C ILE B 73 -23.54 -6.78 -23.60
N LEU B 74 -24.81 -7.12 -23.41
CA LEU B 74 -25.89 -6.17 -23.58
C LEU B 74 -26.70 -6.02 -22.29
N ASP B 75 -27.38 -7.08 -21.90
CA ASP B 75 -28.20 -7.06 -20.70
C ASP B 75 -28.48 -8.48 -20.20
N GLU B 76 -29.60 -8.66 -19.50
CA GLU B 76 -29.98 -9.97 -18.96
C GLU B 76 -29.21 -10.28 -17.68
N GLU B 77 -29.53 -11.43 -17.08
CA GLU B 77 -28.89 -11.85 -15.85
C GLU B 77 -27.39 -12.09 -16.07
N LEU B 78 -26.75 -12.69 -15.07
CA LEU B 78 -25.33 -12.97 -15.15
C LEU B 78 -25.06 -14.47 -14.99
N SER B 79 -26.01 -15.28 -15.43
CA SER B 79 -25.89 -16.73 -15.34
C SER B 79 -25.01 -17.27 -16.46
N GLY B 80 -23.73 -17.49 -16.16
CA GLY B 80 -22.81 -17.99 -17.16
C GLY B 80 -21.62 -17.08 -17.36
N ASP B 81 -20.41 -17.67 -17.38
CA ASP B 81 -19.19 -16.90 -17.57
C ASP B 81 -19.26 -16.08 -18.86
N ARG B 82 -19.85 -16.67 -19.89
CA ARG B 82 -19.99 -16.00 -21.18
C ARG B 82 -21.31 -16.36 -21.84
N ALA B 83 -22.31 -16.70 -21.03
CA ALA B 83 -23.62 -17.07 -21.52
C ALA B 83 -23.53 -18.26 -22.48
N MET A 1 29.07 10.74 -3.09
CA MET A 1 27.61 10.74 -3.32
C MET A 1 27.12 9.34 -3.71
N SER A 2 25.89 9.02 -3.30
CA SER A 2 25.31 7.71 -3.61
C SER A 2 24.01 7.87 -4.40
N ARG A 3 24.14 7.91 -5.73
CA ARG A 3 22.98 8.05 -6.61
C ARG A 3 22.61 6.70 -7.20
N LEU A 4 21.33 6.32 -7.09
CA LEU A 4 20.89 5.03 -7.62
C LEU A 4 19.94 5.22 -8.80
N THR A 5 20.11 4.37 -9.81
CA THR A 5 19.27 4.42 -11.00
C THR A 5 18.27 3.27 -10.99
N ILE A 6 16.99 3.61 -11.03
CA ILE A 6 15.93 2.59 -11.02
C ILE A 6 15.25 2.50 -12.37
N ASP A 7 15.01 1.28 -12.84
CA ASP A 7 14.31 1.09 -14.09
C ASP A 7 12.84 0.82 -13.81
N MET A 8 11.98 1.64 -14.37
CA MET A 8 10.55 1.50 -14.16
C MET A 8 9.80 1.52 -15.50
N THR A 9 8.56 1.04 -15.47
CA THR A 9 7.75 1.04 -16.69
C THR A 9 7.02 2.38 -16.83
N ASP A 10 6.85 2.82 -18.07
CA ASP A 10 6.20 4.11 -18.36
C ASP A 10 5.13 4.48 -17.33
N GLN A 11 4.20 3.57 -17.08
CA GLN A 11 3.12 3.83 -16.13
C GLN A 11 3.63 3.87 -14.69
N GLN A 12 4.53 2.95 -14.35
CA GLN A 12 5.07 2.89 -12.98
C GLN A 12 5.82 4.16 -12.61
N HIS A 13 6.73 4.59 -13.48
CA HIS A 13 7.50 5.80 -13.22
C HIS A 13 6.59 7.01 -13.06
N GLN A 14 5.39 6.93 -13.61
CA GLN A 14 4.43 8.01 -13.53
C GLN A 14 3.66 7.99 -12.21
N SER A 15 3.46 6.79 -11.66
CA SER A 15 2.72 6.65 -10.41
C SER A 15 3.45 7.36 -9.28
N LEU A 16 4.73 7.10 -9.12
CA LEU A 16 5.50 7.74 -8.07
C LEU A 16 5.97 9.12 -8.47
N LYS A 17 6.16 9.34 -9.77
CA LYS A 17 6.62 10.64 -10.24
C LYS A 17 5.60 11.72 -9.90
N ALA A 18 4.36 11.49 -10.30
CA ALA A 18 3.28 12.43 -10.04
C ALA A 18 3.06 12.59 -8.53
N LEU A 19 3.01 11.46 -7.82
CA LEU A 19 2.82 11.49 -6.38
C LEU A 19 3.94 12.27 -5.71
N ALA A 20 5.14 12.15 -6.28
CA ALA A 20 6.30 12.86 -5.75
C ALA A 20 6.07 14.37 -5.78
N ALA A 21 5.63 14.86 -6.94
CA ALA A 21 5.35 16.28 -7.11
C ALA A 21 4.09 16.68 -6.35
N LEU A 22 3.15 15.76 -6.26
CA LEU A 22 1.91 16.01 -5.56
C LEU A 22 2.15 16.24 -4.08
N GLN A 23 3.01 15.41 -3.49
CA GLN A 23 3.33 15.52 -2.07
C GLN A 23 3.98 16.86 -1.76
N GLY A 24 4.61 17.47 -2.78
CA GLY A 24 5.25 18.75 -2.58
C GLY A 24 6.76 18.67 -2.71
N LYS A 25 7.24 17.72 -3.49
CA LYS A 25 8.67 17.54 -3.70
C LYS A 25 8.94 16.73 -4.96
N THR A 26 10.19 16.34 -5.17
CA THR A 26 10.57 15.56 -6.34
C THR A 26 10.64 14.08 -5.99
N ILE A 27 10.41 13.22 -6.97
CA ILE A 27 10.44 11.78 -6.74
C ILE A 27 11.72 11.38 -6.00
N LYS A 28 12.84 11.97 -6.38
CA LYS A 28 14.10 11.66 -5.73
C LYS A 28 13.97 11.80 -4.21
N GLN A 29 12.92 12.52 -3.78
CA GLN A 29 12.64 12.71 -2.36
C GLN A 29 11.58 11.71 -1.93
N TYR A 30 10.50 11.69 -2.71
CA TYR A 30 9.37 10.81 -2.46
C TYR A 30 9.75 9.34 -2.56
N ALA A 31 10.41 8.98 -3.67
CA ALA A 31 10.85 7.62 -3.89
C ALA A 31 11.88 7.25 -2.85
N LEU A 32 12.72 8.21 -2.53
CA LEU A 32 13.75 8.03 -1.53
C LEU A 32 13.17 7.55 -0.21
N GLU A 33 12.11 8.22 0.23
CA GLU A 33 11.45 7.88 1.48
C GLU A 33 10.70 6.55 1.36
N ARG A 34 10.28 6.21 0.15
CA ARG A 34 9.54 4.98 -0.08
C ARG A 34 10.48 3.81 -0.37
N LEU A 35 11.74 4.12 -0.69
CA LEU A 35 12.75 3.10 -0.98
C LEU A 35 13.27 2.45 0.30
N PHE A 36 13.06 3.11 1.43
CA PHE A 36 13.56 2.61 2.71
C PHE A 36 12.58 1.66 3.39
N PRO A 37 11.30 2.07 3.53
CA PRO A 37 10.28 1.26 4.19
C PRO A 37 9.70 0.21 3.24
N GLY A 38 8.58 -0.38 3.63
CA GLY A 38 7.95 -1.40 2.81
C GLY A 38 6.74 -0.88 2.07
N ASP A 39 5.61 -0.86 2.74
CA ASP A 39 4.36 -0.38 2.12
C ASP A 39 4.18 1.12 2.34
N ALA A 40 3.55 1.77 1.36
CA ALA A 40 3.32 3.20 1.43
C ALA A 40 1.92 3.56 0.92
N ASP A 41 1.09 2.54 0.72
CA ASP A 41 -0.27 2.75 0.23
C ASP A 41 -1.29 2.60 1.37
N ALA A 42 -0.91 1.89 2.42
CA ALA A 42 -1.78 1.67 3.56
C ALA A 42 -2.37 2.98 4.08
N ASP A 43 -1.51 4.00 4.20
CA ASP A 43 -1.95 5.31 4.68
C ASP A 43 -3.03 5.88 3.76
N GLN A 44 -2.98 5.52 2.49
CA GLN A 44 -3.96 5.99 1.51
C GLN A 44 -5.28 5.24 1.65
N ALA A 45 -5.19 3.99 2.09
CA ALA A 45 -6.38 3.16 2.26
C ALA A 45 -7.36 3.81 3.23
N TRP A 46 -6.83 4.53 4.22
CA TRP A 46 -7.66 5.19 5.21
C TRP A 46 -8.03 6.62 4.77
N GLN A 47 -7.77 6.94 3.51
CA GLN A 47 -8.07 8.26 2.98
C GLN A 47 -9.11 8.20 1.86
N GLU A 48 -9.36 7.00 1.34
CA GLU A 48 -10.33 6.81 0.27
C GLU A 48 -11.52 5.98 0.73
N LEU A 49 -11.36 5.26 1.85
CA LEU A 49 -12.44 4.44 2.38
C LEU A 49 -13.64 5.31 2.71
N LYS A 50 -13.36 6.56 3.08
CA LYS A 50 -14.42 7.51 3.42
C LYS A 50 -14.55 8.57 2.33
N THR A 51 -13.47 8.76 1.56
CA THR A 51 -13.46 9.74 0.48
C THR A 51 -13.01 9.10 -0.82
N MET A 52 -13.91 8.39 -1.48
CA MET A 52 -13.60 7.73 -2.75
C MET A 52 -14.26 8.46 -3.91
N LEU A 53 -13.52 8.61 -5.01
CA LEU A 53 -14.04 9.28 -6.19
C LEU A 53 -14.68 8.29 -7.14
N GLY A 54 -15.88 8.61 -7.60
CA GLY A 54 -16.59 7.74 -8.52
C GLY A 54 -15.96 7.71 -9.90
N ASN A 55 -16.69 7.15 -10.86
CA ASN A 55 -16.19 7.07 -12.24
C ASN A 55 -16.18 8.43 -12.89
N ARG A 56 -17.35 8.90 -13.31
CA ARG A 56 -17.48 10.20 -13.96
C ARG A 56 -18.74 10.95 -13.50
N ILE A 57 -19.33 10.48 -12.40
CA ILE A 57 -20.53 11.09 -11.86
C ILE A 57 -21.69 10.99 -12.85
N ASN A 58 -22.85 10.59 -12.34
CA ASN A 58 -24.04 10.45 -13.18
C ASN A 58 -24.45 11.80 -13.77
N ASP A 59 -25.42 11.76 -14.69
CA ASP A 59 -25.89 12.98 -15.33
C ASP A 59 -26.48 13.94 -14.31
N GLY A 60 -26.08 15.20 -14.38
CA GLY A 60 -26.57 16.19 -13.45
C GLY A 60 -26.28 17.62 -13.90
N LEU A 61 -26.25 17.83 -15.21
CA LEU A 61 -25.97 19.15 -15.77
C LEU A 61 -26.95 20.19 -15.22
N ALA A 62 -26.63 21.46 -15.44
CA ALA A 62 -27.48 22.55 -14.97
C ALA A 62 -26.92 23.91 -15.39
N GLY A 63 -26.39 23.97 -16.61
CA GLY A 63 -25.82 25.21 -17.10
C GLY A 63 -24.31 25.23 -17.03
N LYS A 64 -23.76 24.67 -15.95
CA LYS A 64 -22.32 24.63 -15.76
C LYS A 64 -21.96 23.89 -14.47
N VAL A 65 -22.76 24.12 -13.43
CA VAL A 65 -22.54 23.48 -12.13
C VAL A 65 -21.38 24.15 -11.39
N SER A 66 -21.55 24.35 -10.08
CA SER A 66 -20.52 24.97 -9.26
C SER A 66 -19.95 23.98 -8.27
N THR A 67 -20.82 23.37 -7.46
CA THR A 67 -20.40 22.40 -6.46
C THR A 67 -19.65 21.23 -7.11
N LYS A 68 -18.46 20.95 -6.62
CA LYS A 68 -17.66 19.86 -7.14
C LYS A 68 -18.02 18.53 -6.49
N SER A 69 -17.37 17.45 -6.92
CA SER A 69 -17.64 16.13 -6.36
C SER A 69 -17.03 15.99 -4.97
N VAL A 70 -16.97 14.76 -4.48
CA VAL A 70 -16.42 14.48 -3.15
C VAL A 70 -17.17 15.25 -2.08
N GLY A 71 -17.08 14.76 -0.84
CA GLY A 71 -17.77 15.41 0.26
C GLY A 71 -17.84 14.52 1.50
N GLU A 72 -18.53 15.00 2.52
CA GLU A 72 -18.69 14.25 3.76
C GLU A 72 -20.14 14.25 4.23
N ILE A 73 -20.38 13.66 5.39
CA ILE A 73 -21.73 13.60 5.95
C ILE A 73 -21.75 14.08 7.40
N LEU A 74 -22.81 14.79 7.76
CA LEU A 74 -22.95 15.32 9.11
C LEU A 74 -24.38 15.12 9.62
N ASP A 75 -25.28 16.02 9.23
CA ASP A 75 -26.67 15.95 9.64
C ASP A 75 -27.39 14.82 8.91
N GLU A 76 -28.62 14.53 9.35
CA GLU A 76 -29.41 13.47 8.73
C GLU A 76 -29.87 13.87 7.34
N GLU A 77 -28.91 14.05 6.42
CA GLU A 77 -29.22 14.43 5.06
C GLU A 77 -29.62 13.22 4.22
N LEU A 78 -29.72 13.42 2.92
CA LEU A 78 -30.09 12.34 2.00
C LEU A 78 -28.88 11.86 1.20
N SER A 79 -29.11 10.89 0.32
CA SER A 79 -28.04 10.35 -0.50
C SER A 79 -28.01 11.02 -1.87
N GLY A 80 -27.42 12.20 -1.92
CA GLY A 80 -27.33 12.94 -3.18
C GLY A 80 -26.11 13.83 -3.24
N ASP A 81 -25.10 13.53 -2.43
CA ASP A 81 -23.88 14.32 -2.40
C ASP A 81 -23.08 14.13 -3.70
N ARG A 82 -22.89 12.88 -4.08
CA ARG A 82 -22.15 12.57 -5.30
C ARG A 82 -23.11 12.27 -6.45
N ALA A 83 -24.38 12.00 -6.11
CA ALA A 83 -25.39 11.71 -7.12
C ALA A 83 -25.06 10.43 -7.89
N MET B 1 11.68 3.12 -22.09
CA MET B 1 12.59 2.89 -20.93
C MET B 1 12.42 3.97 -19.87
N SER B 2 11.57 3.71 -18.89
CA SER B 2 11.31 4.66 -17.82
C SER B 2 12.26 4.43 -16.64
N ARG B 3 13.52 4.82 -16.82
CA ARG B 3 14.53 4.66 -15.79
C ARG B 3 14.77 5.97 -15.06
N LEU B 4 14.54 5.98 -13.76
CA LEU B 4 14.74 7.19 -12.96
C LEU B 4 15.99 7.06 -12.10
N THR B 5 16.82 8.10 -12.11
CA THR B 5 18.03 8.09 -11.31
C THR B 5 17.86 9.01 -10.11
N ILE B 6 18.00 8.43 -8.93
CA ILE B 6 17.83 9.19 -7.69
C ILE B 6 19.15 9.37 -6.96
N ASP B 7 19.32 10.56 -6.37
CA ASP B 7 20.54 10.86 -5.62
C ASP B 7 20.27 10.65 -4.13
N MET B 8 21.10 9.81 -3.52
CA MET B 8 20.96 9.52 -2.10
C MET B 8 22.29 9.71 -1.37
N THR B 9 22.23 9.81 -0.04
CA THR B 9 23.43 9.98 0.76
C THR B 9 24.11 8.64 1.02
N ASP B 10 25.40 8.69 1.31
CA ASP B 10 26.20 7.48 1.55
C ASP B 10 25.48 6.46 2.45
N GLN B 11 25.40 6.75 3.73
CA GLN B 11 24.79 5.84 4.70
C GLN B 11 23.33 5.49 4.36
N GLN B 12 22.51 6.50 4.08
CA GLN B 12 21.11 6.27 3.80
C GLN B 12 20.89 5.27 2.66
N HIS B 13 21.70 5.34 1.60
CA HIS B 13 21.56 4.40 0.48
C HIS B 13 21.90 2.98 0.93
N GLN B 14 22.81 2.87 1.87
CA GLN B 14 23.22 1.57 2.39
C GLN B 14 22.14 0.95 3.26
N SER B 15 21.32 1.80 3.86
CA SER B 15 20.26 1.31 4.73
C SER B 15 19.24 0.51 3.93
N LEU B 16 18.75 1.10 2.83
CA LEU B 16 17.79 0.41 1.98
C LEU B 16 18.48 -0.51 0.99
N LYS B 17 19.64 -0.09 0.49
CA LYS B 17 20.41 -0.90 -0.46
C LYS B 17 20.72 -2.27 0.13
N ALA B 18 21.27 -2.26 1.34
CA ALA B 18 21.61 -3.50 2.02
C ALA B 18 20.35 -4.31 2.28
N LEU B 19 19.27 -3.61 2.62
CA LEU B 19 17.99 -4.25 2.88
C LEU B 19 17.53 -5.02 1.64
N ALA B 20 17.89 -4.50 0.47
CA ALA B 20 17.54 -5.14 -0.80
C ALA B 20 18.02 -6.58 -0.82
N ALA B 21 19.30 -6.77 -0.52
CA ALA B 21 19.91 -8.08 -0.50
C ALA B 21 19.40 -8.89 0.69
N LEU B 22 19.13 -8.18 1.78
CA LEU B 22 18.65 -8.81 3.00
C LEU B 22 17.24 -9.36 2.80
N GLN B 23 16.49 -8.73 1.89
CA GLN B 23 15.12 -9.16 1.60
C GLN B 23 15.12 -10.40 0.71
N GLY B 24 16.19 -10.58 -0.06
CA GLY B 24 16.29 -11.72 -0.95
C GLY B 24 16.35 -11.33 -2.41
N LYS B 25 16.80 -10.11 -2.68
CA LYS B 25 16.91 -9.61 -4.05
C LYS B 25 17.86 -8.43 -4.13
N THR B 26 18.00 -7.87 -5.32
CA THR B 26 18.89 -6.73 -5.53
C THR B 26 18.13 -5.43 -5.35
N ILE B 27 18.81 -4.42 -4.81
CA ILE B 27 18.20 -3.12 -4.58
C ILE B 27 17.51 -2.60 -5.85
N LYS B 28 18.12 -2.85 -7.00
CA LYS B 28 17.51 -2.43 -8.26
C LYS B 28 16.13 -3.06 -8.39
N GLN B 29 15.90 -4.13 -7.64
CA GLN B 29 14.64 -4.86 -7.63
C GLN B 29 13.82 -4.46 -6.42
N TYR B 30 14.48 -4.50 -5.27
CA TYR B 30 13.85 -4.18 -3.99
C TYR B 30 13.30 -2.76 -3.98
N ALA B 31 14.12 -1.80 -4.37
CA ALA B 31 13.69 -0.40 -4.41
C ALA B 31 12.61 -0.22 -5.44
N LEU B 32 12.71 -0.99 -6.51
CA LEU B 32 11.76 -0.92 -7.59
C LEU B 32 10.34 -1.26 -7.11
N GLU B 33 10.22 -2.37 -6.40
CA GLU B 33 8.92 -2.81 -5.90
C GLU B 33 8.44 -1.94 -4.74
N ARG B 34 9.37 -1.35 -4.01
CA ARG B 34 9.03 -0.50 -2.88
C ARG B 34 8.27 0.75 -3.31
N LEU B 35 8.69 1.35 -4.43
CA LEU B 35 8.03 2.52 -4.93
C LEU B 35 6.66 2.14 -5.48
N PHE B 36 6.50 0.85 -5.78
CA PHE B 36 5.24 0.33 -6.28
C PHE B 36 4.81 -0.91 -5.49
N PRO B 37 4.55 -0.77 -4.17
CA PRO B 37 4.13 -1.87 -3.33
C PRO B 37 2.61 -2.00 -3.24
N GLY B 38 2.15 -3.16 -2.77
CA GLY B 38 0.72 -3.37 -2.65
C GLY B 38 0.37 -4.85 -2.48
N ASP B 39 0.59 -5.36 -1.28
CA ASP B 39 0.30 -6.76 -0.99
C ASP B 39 -1.18 -6.96 -0.72
N ALA B 40 -1.57 -8.20 -0.41
CA ALA B 40 -2.95 -8.52 -0.13
C ALA B 40 -3.09 -9.45 1.07
N ASP B 41 -1.98 -9.68 1.79
CA ASP B 41 -1.99 -10.55 2.95
C ASP B 41 -1.70 -9.77 4.22
N ALA B 42 -0.58 -9.05 4.22
CA ALA B 42 -0.18 -8.26 5.38
C ALA B 42 -1.17 -7.12 5.63
N ASP B 43 -1.41 -6.31 4.61
CA ASP B 43 -2.32 -5.18 4.72
C ASP B 43 -3.73 -5.66 5.08
N GLN B 44 -4.08 -6.84 4.60
CA GLN B 44 -5.40 -7.41 4.86
C GLN B 44 -5.53 -7.81 6.33
N ALA B 45 -4.46 -8.36 6.89
CA ALA B 45 -4.46 -8.78 8.28
C ALA B 45 -4.79 -7.63 9.21
N TRP B 46 -4.15 -6.49 8.98
CA TRP B 46 -4.38 -5.30 9.80
C TRP B 46 -5.51 -4.44 9.26
N GLN B 47 -6.37 -5.04 8.43
CA GLN B 47 -7.49 -4.33 7.85
C GLN B 47 -8.79 -5.08 8.10
N GLU B 48 -8.85 -5.75 9.25
CA GLU B 48 -10.04 -6.52 9.63
C GLU B 48 -9.84 -7.16 11.01
N LEU B 49 -8.60 -7.53 11.32
CA LEU B 49 -8.29 -8.13 12.61
C LEU B 49 -8.64 -7.18 13.75
N LYS B 50 -8.55 -5.89 13.48
CA LYS B 50 -8.87 -4.86 14.47
C LYS B 50 -10.22 -4.23 14.16
N THR B 51 -10.56 -4.16 12.88
CA THR B 51 -11.81 -3.56 12.45
C THR B 51 -12.26 -4.14 11.11
N MET B 52 -13.06 -5.21 11.17
CA MET B 52 -13.55 -5.86 9.96
C MET B 52 -14.84 -5.21 9.49
N LEU B 53 -14.74 -4.40 8.44
CA LEU B 53 -15.90 -3.71 7.88
C LEU B 53 -16.36 -4.38 6.59
N GLY B 54 -15.44 -4.57 5.66
CA GLY B 54 -15.77 -5.21 4.41
C GLY B 54 -15.88 -4.21 3.26
N ASN B 55 -15.81 -4.72 2.04
CA ASN B 55 -15.90 -3.87 0.86
C ASN B 55 -17.04 -4.33 -0.06
N ARG B 56 -18.04 -3.47 -0.24
CA ARG B 56 -19.18 -3.80 -1.09
C ARG B 56 -19.92 -5.02 -0.57
N ILE B 57 -21.19 -5.14 -0.95
CA ILE B 57 -22.01 -6.26 -0.51
C ILE B 57 -21.41 -7.59 -0.97
N ASN B 58 -20.63 -8.22 -0.09
CA ASN B 58 -20.00 -9.50 -0.40
C ASN B 58 -21.05 -10.60 -0.59
N ASP B 59 -20.61 -11.74 -1.09
CA ASP B 59 -21.50 -12.87 -1.32
C ASP B 59 -20.71 -14.18 -1.40
N GLY B 60 -20.11 -14.57 -0.28
CA GLY B 60 -19.34 -15.80 -0.25
C GLY B 60 -17.91 -15.61 -0.72
N LEU B 61 -17.60 -14.42 -1.21
CA LEU B 61 -16.25 -14.11 -1.69
C LEU B 61 -15.22 -14.26 -0.57
N ALA B 62 -15.68 -14.22 0.67
CA ALA B 62 -14.80 -14.35 1.82
C ALA B 62 -15.56 -14.79 3.06
N GLY B 63 -16.56 -15.64 2.86
CA GLY B 63 -17.35 -16.13 3.98
C GLY B 63 -18.42 -15.14 4.40
N LYS B 64 -19.28 -14.76 3.46
CA LYS B 64 -20.36 -13.82 3.74
C LYS B 64 -19.82 -12.41 3.99
N VAL B 65 -19.05 -12.26 5.07
CA VAL B 65 -18.47 -10.98 5.42
C VAL B 65 -19.52 -10.02 5.96
N SER B 66 -19.74 -10.06 7.27
CA SER B 66 -20.72 -9.19 7.91
C SER B 66 -20.17 -8.60 9.20
N THR B 67 -20.77 -7.50 9.65
CA THR B 67 -20.34 -6.84 10.87
C THR B 67 -21.05 -7.41 12.09
N LYS B 68 -21.03 -8.73 12.22
CA LYS B 68 -21.67 -9.40 13.35
C LYS B 68 -20.79 -9.32 14.59
N SER B 69 -19.49 -9.30 14.39
CA SER B 69 -18.53 -9.23 15.48
C SER B 69 -17.56 -8.08 15.29
N VAL B 70 -17.10 -7.50 16.38
CA VAL B 70 -16.16 -6.38 16.33
C VAL B 70 -16.73 -5.21 15.55
N GLY B 71 -16.21 -4.02 15.79
CA GLY B 71 -16.68 -2.83 15.11
C GLY B 71 -16.52 -1.58 15.93
N GLU B 72 -16.91 -1.65 17.21
CA GLU B 72 -16.79 -0.51 18.10
C GLU B 72 -15.77 -0.77 19.20
N ILE B 73 -15.07 0.29 19.61
CA ILE B 73 -14.05 0.17 20.64
C ILE B 73 -14.43 0.99 21.88
N LEU B 74 -14.74 0.29 22.97
CA LEU B 74 -15.12 0.96 24.21
C LEU B 74 -15.19 -0.05 25.36
N ASP B 75 -16.14 -0.98 25.28
CA ASP B 75 -16.31 -1.99 26.32
C ASP B 75 -15.07 -2.85 26.44
N GLU B 76 -14.60 -3.06 27.67
CA GLU B 76 -13.43 -3.85 27.93
C GLU B 76 -13.61 -5.29 27.42
N GLU B 77 -13.00 -5.58 26.29
CA GLU B 77 -13.10 -6.91 25.69
C GLU B 77 -12.30 -7.93 26.48
N LEU B 78 -12.95 -8.58 27.43
CA LEU B 78 -12.29 -9.58 28.27
C LEU B 78 -13.30 -10.58 28.83
N SER B 79 -14.37 -10.82 28.08
CA SER B 79 -15.41 -11.74 28.50
C SER B 79 -16.00 -12.49 27.30
N GLY B 80 -16.73 -11.76 26.46
CA GLY B 80 -17.33 -12.38 25.29
C GLY B 80 -17.49 -11.40 24.15
N ASP B 81 -16.72 -10.31 24.18
CA ASP B 81 -16.79 -9.29 23.13
C ASP B 81 -16.28 -9.86 21.81
N ARG B 82 -15.09 -10.45 21.85
CA ARG B 82 -14.48 -11.04 20.66
C ARG B 82 -14.34 -12.56 20.82
N ALA B 83 -15.14 -13.13 21.71
CA ALA B 83 -15.11 -14.57 21.95
C ALA B 83 -13.70 -15.03 22.33
#